data_8TUN
#
_entry.id   8TUN
#
loop_
_entity.id
_entity.type
_entity.pdbx_description
1 polymer 'ABC transporter ATP-binding protein'
2 polymer 'Transport permease protein'
3 polymer 'Capsular biosynthesis protein'
4 non-polymer '(2R,5S,8S)-2,5-dihydroxy-5,10-dioxo-8-[(undecanoyloxy)methyl]-4,6,9-trioxa-5lambda~5~-phosphahenicosan-1-yl 3-deoxy-alpha-L-altro-oct-2-ulopyranosidonic acid'
#
loop_
_entity_poly.entity_id
_entity_poly.type
_entity_poly.pdbx_seq_one_letter_code
_entity_poly.pdbx_strand_id
1 'polypeptide(L)'
;MIELRNLTKWYPTPHGRRYVFRNLNFRFPDDVSIGLIGRNGAGKSTLMRLLGGIEAPNEGEVVTDVSISWPVGLSGGFQG
SLTARENVKFVCRIYGTSHEDMLRKVRFVEEFAEIGEHFDLPMKTYSSGMRSRVAFGLSMAFDFDYYLIDEAMAVGDAQF
RAKSRAVFDSRVGQANMILVSHNMNDIKEYCDVVVLVDQGQATLYEDVEAGIAAYQGSLKKAAAKPDYKDDDDK
;
A,B
2 'polypeptide(L)'
;MGKIHLAVSERSPRVKRSPWQIQQAVLFALFLRELKTRLGGRWLGVFWVLLEPVAHIAVMTTLFSLAHRAAMPSIEYPVF
LITGLIPFFMFRGLVTRLMEAIDSNRGLFAYRQVKPIDTVIARAMLEISLQSIVYLIALGTLGWLGFHFLPVRALELAGV
SAVLIMLGASLGLFFAVVTNEIPQARAIVRISLLPLYFVSGVIFPVHTIPPQYLPLLQLNPVLHLIELSRASFFPQYRVL
QGINLAYPAGFALLSLFLALMLYRLRRHQLASVV
;
C,D
3 'polypeptide(L)'
;MGKIHMKLVSRLTAKRLQWALVYLPMLVATVYFLVFSADRYVSESVITVRQTSSNAPTGGMSGAALLLAGLTPASREDTC
YLQTYIHSMGLLQKLDQQLKLREHFGTPLRDPLFRLWGGTSQEWFLEYYRSRVEVLMDDICGLLTVRVQGFEPEFAQALN
RAILEESERFVNELSHRMAREQGQFAEAELERATARLQEAKRQLIAFQAKHKLLDPLAQAQATGTLTAELQAALTRQEAE
LRNALTYLNEDSYQVKALRSQINALRQQIDEERLRATAGKNGDRINAVAAEFHDLQLQVGFAEDAYKLALAAVESARIEA
TRKLKSLVVVEPPVLPEIAEYPRRWYNLATLLVVCCLIYGVVSLVVATIRDHQDGSGSGSHHHHHHHHHH
;
E,F,G,H,I,J,K,L
#
loop_
_chem_comp.id
_chem_comp.type
_chem_comp.name
_chem_comp.formula
KJ9 non-polymer '(2R,5S,8S)-2,5-dihydroxy-5,10-dioxo-8-[(undecanoyloxy)methyl]-4,6,9-trioxa-5lambda~5~-phosphahenicosan-1-yl 3-deoxy-alpha-L-altro-oct-2-ulopyranosidonic acid' 'C37 H69 O17 P'
#
# COMPACT_ATOMS: atom_id res chain seq x y z
N MET A 1 -36.12 -39.74 38.43
CA MET A 1 -34.95 -40.54 38.75
C MET A 1 -33.71 -39.71 38.43
N ILE A 2 -32.77 -39.68 39.37
CA ILE A 2 -31.48 -39.02 39.17
C ILE A 2 -30.38 -40.02 39.53
N GLU A 3 -29.46 -40.24 38.61
CA GLU A 3 -28.33 -41.13 38.84
C GLU A 3 -27.05 -40.44 38.39
N LEU A 4 -25.98 -40.65 39.16
CA LEU A 4 -24.68 -40.01 38.91
C LEU A 4 -23.64 -41.11 38.83
N ARG A 5 -22.88 -41.14 37.74
CA ARG A 5 -21.90 -42.20 37.50
C ARG A 5 -20.55 -41.60 37.16
N ASN A 6 -19.55 -41.89 37.99
CA ASN A 6 -18.13 -41.67 37.70
C ASN A 6 -17.81 -40.19 37.42
N LEU A 7 -18.42 -39.29 38.19
CA LEU A 7 -18.22 -37.86 37.95
C LEU A 7 -16.83 -37.43 38.40
N THR A 8 -16.14 -36.68 37.54
CA THR A 8 -14.84 -36.10 37.84
C THR A 8 -14.81 -34.68 37.32
N LYS A 9 -14.56 -33.72 38.22
CA LYS A 9 -14.58 -32.31 37.86
C LYS A 9 -13.42 -31.62 38.55
N TRP A 10 -12.61 -30.89 37.78
CA TRP A 10 -11.52 -30.09 38.30
C TRP A 10 -11.28 -28.91 37.37
N TYR A 11 -10.32 -28.06 37.76
CA TYR A 11 -9.90 -26.92 36.96
C TYR A 11 -8.40 -26.74 37.15
N PRO A 12 -7.65 -26.46 36.08
CA PRO A 12 -6.20 -26.32 36.22
C PRO A 12 -5.82 -25.06 36.98
N THR A 13 -4.87 -25.21 37.90
CA THR A 13 -4.32 -24.14 38.71
C THR A 13 -2.80 -24.17 38.59
N PRO A 14 -2.13 -23.03 38.85
CA PRO A 14 -0.66 -23.03 38.82
C PRO A 14 -0.01 -23.97 39.83
N HIS A 15 -0.69 -24.26 40.95
CA HIS A 15 -0.14 -25.14 41.97
C HIS A 15 -0.67 -26.57 41.83
N GLY A 16 -0.92 -27.01 40.61
CA GLY A 16 -1.41 -28.35 40.33
C GLY A 16 -2.88 -28.35 39.96
N ARG A 17 -3.42 -29.56 39.85
CA ARG A 17 -4.82 -29.75 39.48
C ARG A 17 -5.65 -29.84 40.75
N ARG A 18 -6.43 -28.80 41.02
CA ARG A 18 -7.31 -28.76 42.19
C ARG A 18 -8.54 -29.60 41.88
N TYR A 19 -8.50 -30.88 42.27
CA TYR A 19 -9.58 -31.79 41.97
C TYR A 19 -10.74 -31.56 42.94
N VAL A 20 -11.95 -31.44 42.39
CA VAL A 20 -13.16 -31.26 43.18
C VAL A 20 -13.95 -32.56 43.27
N PHE A 21 -14.32 -33.13 42.13
CA PHE A 21 -15.06 -34.39 42.09
C PHE A 21 -14.23 -35.46 41.42
N ARG A 22 -14.37 -36.69 41.92
CA ARG A 22 -13.57 -37.82 41.45
C ARG A 22 -14.38 -39.10 41.65
N ASN A 23 -14.99 -39.60 40.56
CA ASN A 23 -15.66 -40.90 40.50
C ASN A 23 -16.78 -41.00 41.53
N LEU A 24 -17.79 -40.16 41.32
CA LEU A 24 -18.95 -40.11 42.21
C LEU A 24 -20.06 -40.97 41.62
N ASN A 25 -20.54 -41.93 42.40
CA ASN A 25 -21.60 -42.83 41.94
C ASN A 25 -22.68 -42.87 43.00
N PHE A 26 -23.87 -42.38 42.65
CA PHE A 26 -24.93 -42.23 43.64
C PHE A 26 -26.27 -42.05 42.95
N ARG A 27 -27.32 -42.57 43.57
CA ARG A 27 -28.69 -42.43 43.09
C ARG A 27 -29.51 -41.59 44.07
N PHE A 28 -30.25 -40.60 43.53
CA PHE A 28 -31.06 -39.70 44.33
C PHE A 28 -32.47 -40.27 44.50
N PRO A 29 -33.11 -40.01 45.64
CA PRO A 29 -34.50 -40.45 45.83
C PRO A 29 -35.48 -39.54 45.10
N ASP A 30 -36.56 -40.13 44.63
CA ASP A 30 -37.53 -39.43 43.80
C ASP A 30 -38.73 -38.97 44.63
N ASP A 31 -39.41 -37.94 44.11
CA ASP A 31 -40.63 -37.37 44.68
C ASP A 31 -40.42 -36.85 46.09
N VAL A 32 -39.19 -36.47 46.44
CA VAL A 32 -38.87 -35.91 47.73
C VAL A 32 -37.97 -34.70 47.51
N SER A 33 -38.01 -33.78 48.47
CA SER A 33 -37.29 -32.52 48.34
C SER A 33 -35.86 -32.67 48.85
N ILE A 34 -34.91 -32.16 48.07
CA ILE A 34 -33.49 -32.33 48.34
C ILE A 34 -32.94 -31.03 48.89
N GLY A 35 -32.33 -31.10 50.06
CA GLY A 35 -31.56 -29.96 50.56
C GLY A 35 -30.08 -30.21 50.38
N LEU A 36 -29.48 -29.61 49.35
CA LEU A 36 -28.07 -29.81 49.05
C LEU A 36 -27.28 -28.75 49.80
N ILE A 37 -26.46 -29.19 50.75
CA ILE A 37 -25.72 -28.31 51.63
C ILE A 37 -24.35 -28.95 51.86
N GLY A 38 -23.31 -28.13 51.82
CA GLY A 38 -21.97 -28.62 52.08
C GLY A 38 -21.07 -27.49 52.51
N ARG A 39 -19.78 -27.79 52.56
CA ARG A 39 -18.79 -26.76 52.85
C ARG A 39 -18.73 -25.75 51.70
N ASN A 40 -18.53 -24.48 52.06
CA ASN A 40 -18.50 -23.42 51.07
C ASN A 40 -17.21 -23.49 50.28
N GLY A 41 -17.32 -23.61 48.96
CA GLY A 41 -16.17 -23.75 48.10
C GLY A 41 -15.68 -25.17 47.91
N ALA A 42 -16.26 -26.15 48.60
CA ALA A 42 -15.84 -27.53 48.47
C ALA A 42 -16.54 -28.27 47.34
N GLY A 43 -17.45 -27.62 46.62
CA GLY A 43 -18.06 -28.26 45.47
C GLY A 43 -19.57 -28.21 45.40
N LYS A 44 -20.20 -27.32 46.17
CA LYS A 44 -21.65 -27.19 46.11
C LYS A 44 -22.11 -26.62 44.76
N SER A 45 -21.50 -25.50 44.35
CA SER A 45 -21.96 -24.78 43.17
C SER A 45 -21.67 -25.54 41.89
N THR A 46 -20.50 -26.18 41.79
CA THR A 46 -20.19 -26.95 40.59
C THR A 46 -21.10 -28.17 40.48
N LEU A 47 -21.45 -28.78 41.62
CA LEU A 47 -22.43 -29.86 41.62
C LEU A 47 -23.79 -29.35 41.13
N MET A 48 -24.19 -28.17 41.59
CA MET A 48 -25.44 -27.58 41.13
C MET A 48 -25.45 -27.36 39.62
N ARG A 49 -24.37 -26.79 39.09
CA ARG A 49 -24.38 -26.46 37.67
C ARG A 49 -24.11 -27.66 36.76
N LEU A 50 -23.49 -28.73 37.27
CA LEU A 50 -23.46 -29.95 36.47
C LEU A 50 -24.79 -30.66 36.53
N LEU A 51 -25.52 -30.53 37.64
CA LEU A 51 -26.91 -30.98 37.66
C LEU A 51 -27.75 -30.14 36.71
N GLY A 52 -27.47 -28.84 36.62
CA GLY A 52 -28.14 -27.97 35.67
C GLY A 52 -27.62 -28.09 34.25
N GLY A 53 -26.54 -28.85 34.03
CA GLY A 53 -26.03 -29.07 32.70
C GLY A 53 -25.19 -27.94 32.12
N ILE A 54 -24.86 -26.93 32.93
CA ILE A 54 -24.05 -25.81 32.44
C ILE A 54 -22.67 -26.30 32.02
N GLU A 55 -22.03 -27.11 32.86
CA GLU A 55 -20.77 -27.76 32.51
C GLU A 55 -20.98 -29.26 32.56
N ALA A 56 -20.85 -29.91 31.40
CA ALA A 56 -20.94 -31.35 31.35
C ALA A 56 -19.74 -31.98 32.06
N PRO A 57 -19.93 -33.11 32.74
CA PRO A 57 -18.80 -33.73 33.44
C PRO A 57 -17.73 -34.21 32.48
N ASN A 58 -16.47 -34.00 32.88
CA ASN A 58 -15.34 -34.45 32.07
C ASN A 58 -15.28 -35.97 32.00
N GLU A 59 -15.58 -36.63 33.12
CA GLU A 59 -15.66 -38.08 33.18
C GLU A 59 -16.99 -38.47 33.81
N GLY A 60 -17.55 -39.58 33.35
CA GLY A 60 -18.84 -40.01 33.83
C GLY A 60 -19.96 -39.13 33.28
N GLU A 61 -21.16 -39.39 33.78
CA GLU A 61 -22.34 -38.65 33.33
C GLU A 61 -23.45 -38.79 34.37
N VAL A 62 -24.44 -37.91 34.23
CA VAL A 62 -25.67 -37.99 35.01
C VAL A 62 -26.79 -38.45 34.09
N VAL A 63 -27.70 -39.24 34.65
CA VAL A 63 -28.82 -39.80 33.92
C VAL A 63 -30.10 -39.42 34.65
N THR A 64 -31.07 -38.89 33.89
CA THR A 64 -32.33 -38.45 34.48
C THR A 64 -33.43 -38.58 33.45
N ASP A 65 -34.67 -38.63 33.96
CA ASP A 65 -35.86 -38.65 33.12
C ASP A 65 -36.81 -37.50 33.46
N VAL A 66 -36.37 -36.54 34.27
CA VAL A 66 -37.18 -35.41 34.66
C VAL A 66 -36.49 -34.14 34.19
N SER A 67 -37.18 -33.01 34.35
CA SER A 67 -36.68 -31.71 33.93
C SER A 67 -36.11 -30.97 35.13
N ILE A 68 -34.89 -30.47 34.99
CA ILE A 68 -34.20 -29.74 36.04
C ILE A 68 -33.93 -28.33 35.53
N SER A 69 -34.34 -27.32 36.31
CA SER A 69 -34.21 -25.94 35.89
C SER A 69 -32.77 -25.47 36.02
N TRP A 70 -32.44 -24.45 35.24
CA TRP A 70 -31.18 -23.75 35.42
C TRP A 70 -31.25 -22.93 36.72
N PRO A 71 -30.09 -22.59 37.32
CA PRO A 71 -30.10 -21.81 38.56
C PRO A 71 -30.84 -20.49 38.45
N VAL A 72 -31.80 -20.27 39.35
CA VAL A 72 -32.62 -19.07 39.33
C VAL A 72 -31.77 -17.88 39.76
N GLY A 73 -32.25 -16.67 39.48
CA GLY A 73 -31.45 -15.48 39.70
C GLY A 73 -30.22 -15.44 38.82
N LEU A 74 -30.31 -15.98 37.60
CA LEU A 74 -29.19 -16.02 36.67
C LEU A 74 -29.10 -14.71 35.89
N SER A 75 -28.69 -13.66 36.62
CA SER A 75 -28.61 -12.32 36.04
C SER A 75 -27.57 -12.27 34.93
N GLY A 76 -26.43 -12.93 35.14
CA GLY A 76 -25.41 -12.97 34.10
C GLY A 76 -25.77 -13.86 32.93
N GLY A 77 -26.81 -14.69 33.09
CA GLY A 77 -27.22 -15.55 32.00
C GLY A 77 -27.79 -14.79 30.82
N PHE A 78 -28.55 -13.74 31.08
CA PHE A 78 -29.13 -12.95 30.00
C PHE A 78 -28.11 -11.98 29.44
N GLN A 79 -28.22 -11.73 28.13
CA GLN A 79 -27.28 -10.87 27.44
C GLN A 79 -27.67 -9.40 27.61
N GLY A 80 -26.65 -8.55 27.75
CA GLY A 80 -26.85 -7.16 28.10
C GLY A 80 -27.54 -6.27 27.09
N SER A 81 -27.17 -6.37 25.82
CA SER A 81 -27.68 -5.42 24.82
C SER A 81 -29.15 -5.66 24.52
N LEU A 82 -29.61 -6.89 24.67
CA LEU A 82 -31.03 -7.18 24.50
C LEU A 82 -31.82 -6.62 25.67
N THR A 83 -33.10 -6.35 25.43
CA THR A 83 -33.99 -5.94 26.51
C THR A 83 -34.42 -7.18 27.30
N ALA A 84 -35.20 -6.95 28.36
CA ALA A 84 -35.78 -8.06 29.10
C ALA A 84 -36.74 -8.85 28.23
N ARG A 85 -37.55 -8.14 27.43
CA ARG A 85 -38.47 -8.81 26.52
C ARG A 85 -37.70 -9.64 25.49
N GLU A 86 -36.64 -9.09 24.92
CA GLU A 86 -35.88 -9.81 23.91
C GLU A 86 -35.18 -11.02 24.49
N ASN A 87 -34.66 -10.91 25.71
CA ASN A 87 -34.05 -12.05 26.38
C ASN A 87 -35.08 -13.14 26.65
N VAL A 88 -36.29 -12.74 27.06
CA VAL A 88 -37.36 -13.73 27.28
C VAL A 88 -37.72 -14.42 25.96
N LYS A 89 -37.85 -13.65 24.89
CA LYS A 89 -38.18 -14.20 23.58
C LYS A 89 -37.12 -15.20 23.12
N PHE A 90 -35.85 -14.84 23.35
CA PHE A 90 -34.74 -15.75 23.04
C PHE A 90 -34.82 -17.02 23.86
N VAL A 91 -35.19 -16.90 25.15
CA VAL A 91 -35.22 -18.07 26.01
C VAL A 91 -36.32 -19.03 25.60
N CYS A 92 -37.52 -18.51 25.29
CA CYS A 92 -38.57 -19.41 24.83
C CYS A 92 -38.29 -19.95 23.43
N ARG A 93 -37.59 -19.20 22.59
CA ARG A 93 -37.21 -19.74 21.29
C ARG A 93 -36.15 -20.84 21.44
N ILE A 94 -35.37 -20.81 22.51
CA ILE A 94 -34.43 -21.90 22.79
C ILE A 94 -35.17 -23.20 23.00
N TYR A 95 -36.28 -23.17 23.76
CA TYR A 95 -37.01 -24.38 24.07
C TYR A 95 -38.01 -24.77 22.99
N GLY A 96 -38.12 -23.98 21.92
CA GLY A 96 -38.93 -24.35 20.77
C GLY A 96 -40.42 -24.45 21.04
N THR A 97 -40.96 -23.58 21.87
CA THR A 97 -42.39 -23.58 22.13
C THR A 97 -43.14 -22.89 21.00
N SER A 98 -44.46 -23.05 21.02
CA SER A 98 -45.31 -22.47 19.98
C SER A 98 -45.38 -20.95 20.11
N HIS A 99 -45.90 -20.31 19.06
CA HIS A 99 -45.97 -18.86 19.04
C HIS A 99 -46.90 -18.31 20.13
N GLU A 100 -48.14 -18.81 20.17
CA GLU A 100 -49.12 -18.27 21.11
C GLU A 100 -48.79 -18.61 22.56
N ASP A 101 -48.24 -19.81 22.80
CA ASP A 101 -47.82 -20.17 24.14
C ASP A 101 -46.71 -19.25 24.63
N MET A 102 -45.74 -18.96 23.76
CA MET A 102 -44.63 -18.10 24.16
C MET A 102 -45.08 -16.65 24.33
N LEU A 103 -46.09 -16.24 23.56
CA LEU A 103 -46.74 -14.95 23.84
C LEU A 103 -47.36 -14.95 25.22
N ARG A 104 -48.01 -16.05 25.59
CA ARG A 104 -48.56 -16.16 26.95
C ARG A 104 -47.46 -16.05 28.00
N LYS A 105 -46.30 -16.66 27.72
CA LYS A 105 -45.20 -16.59 28.68
C LYS A 105 -44.64 -15.17 28.82
N VAL A 106 -44.51 -14.43 27.71
CA VAL A 106 -43.95 -13.09 27.85
C VAL A 106 -44.95 -12.17 28.54
N ARG A 107 -46.25 -12.34 28.26
CA ARG A 107 -47.25 -11.58 29.03
C ARG A 107 -47.21 -11.93 30.51
N PHE A 108 -47.01 -13.22 30.83
CA PHE A 108 -46.97 -13.61 32.24
C PHE A 108 -45.76 -13.00 32.94
N VAL A 109 -44.60 -13.01 32.29
CA VAL A 109 -43.40 -12.50 32.96
C VAL A 109 -43.44 -10.98 33.04
N GLU A 110 -44.08 -10.31 32.08
CA GLU A 110 -44.20 -8.85 32.20
C GLU A 110 -45.26 -8.48 33.23
N GLU A 111 -46.25 -9.33 33.46
CA GLU A 111 -47.20 -9.10 34.54
C GLU A 111 -46.53 -9.31 35.91
N PHE A 112 -45.66 -10.32 36.01
CA PHE A 112 -44.98 -10.58 37.28
C PHE A 112 -43.96 -9.49 37.57
N ALA A 113 -43.16 -9.10 36.57
CA ALA A 113 -42.05 -8.20 36.81
C ALA A 113 -42.52 -6.81 37.21
N GLU A 114 -43.58 -6.31 36.55
CA GLU A 114 -44.15 -4.98 36.77
C GLU A 114 -43.13 -3.86 36.58
N ILE A 115 -42.11 -4.09 35.76
CA ILE A 115 -41.09 -3.07 35.55
C ILE A 115 -41.66 -1.91 34.73
N GLY A 116 -42.39 -2.22 33.66
CA GLY A 116 -43.10 -1.20 32.90
C GLY A 116 -42.29 -0.53 31.82
N GLU A 117 -41.85 0.71 32.09
CA GLU A 117 -41.16 1.51 31.07
C GLU A 117 -39.80 0.90 30.73
N HIS A 118 -39.08 0.42 31.75
CA HIS A 118 -37.75 -0.13 31.52
C HIS A 118 -37.79 -1.57 31.01
N PHE A 119 -38.98 -2.15 30.83
CA PHE A 119 -39.08 -3.50 30.31
C PHE A 119 -38.65 -3.58 28.86
N ASP A 120 -38.74 -2.47 28.11
CA ASP A 120 -38.26 -2.39 26.74
C ASP A 120 -36.95 -1.60 26.66
N LEU A 121 -36.09 -1.77 27.65
CA LEU A 121 -34.81 -1.09 27.80
C LEU A 121 -33.72 -2.14 27.92
N PRO A 122 -32.57 -1.94 27.28
CA PRO A 122 -31.49 -2.93 27.41
C PRO A 122 -30.95 -3.00 28.83
N MET A 123 -30.51 -4.20 29.21
CA MET A 123 -30.32 -4.55 30.61
C MET A 123 -28.93 -4.23 31.14
N LYS A 124 -28.08 -3.56 30.36
CA LYS A 124 -26.84 -3.05 30.94
C LYS A 124 -27.09 -1.92 31.91
N THR A 125 -28.22 -1.22 31.76
CA THR A 125 -28.61 -0.15 32.66
C THR A 125 -29.49 -0.63 33.81
N TYR A 126 -29.79 -1.92 33.87
CA TYR A 126 -30.66 -2.45 34.92
C TYR A 126 -29.95 -2.46 36.26
N SER A 127 -30.74 -2.37 37.33
CA SER A 127 -30.24 -2.62 38.68
C SER A 127 -30.48 -4.08 39.03
N SER A 128 -29.81 -4.52 40.11
CA SER A 128 -29.79 -5.95 40.46
C SER A 128 -31.18 -6.47 40.78
N GLY A 129 -32.01 -5.65 41.42
CA GLY A 129 -33.35 -6.08 41.78
C GLY A 129 -34.21 -6.39 40.57
N MET A 130 -34.10 -5.56 39.52
CA MET A 130 -34.92 -5.77 38.33
C MET A 130 -34.53 -7.04 37.59
N ARG A 131 -33.22 -7.28 37.42
CA ARG A 131 -32.79 -8.50 36.74
C ARG A 131 -33.13 -9.74 37.56
N SER A 132 -33.01 -9.64 38.89
CA SER A 132 -33.44 -10.75 39.74
C SER A 132 -34.93 -10.99 39.61
N ARG A 133 -35.72 -9.92 39.50
CA ARG A 133 -37.17 -10.07 39.35
C ARG A 133 -37.54 -10.76 38.04
N VAL A 134 -36.92 -10.35 36.93
CA VAL A 134 -37.29 -10.98 35.67
C VAL A 134 -36.75 -12.41 35.63
N ALA A 135 -35.60 -12.67 36.27
CA ALA A 135 -35.10 -14.04 36.35
C ALA A 135 -36.06 -14.93 37.12
N PHE A 136 -36.58 -14.45 38.26
CA PHE A 136 -37.52 -15.24 39.04
C PHE A 136 -38.81 -15.46 38.26
N GLY A 137 -39.33 -14.41 37.62
CA GLY A 137 -40.55 -14.54 36.86
C GLY A 137 -40.41 -15.47 35.66
N LEU A 138 -39.24 -15.45 35.02
CA LEU A 138 -39.02 -16.32 33.88
C LEU A 138 -38.84 -17.77 34.32
N SER A 139 -38.16 -18.00 35.44
CA SER A 139 -37.99 -19.36 35.94
C SER A 139 -39.32 -19.94 36.40
N MET A 140 -40.20 -19.10 36.97
CA MET A 140 -41.51 -19.59 37.36
C MET A 140 -42.45 -19.78 36.17
N ALA A 141 -42.08 -19.27 34.99
CA ALA A 141 -42.94 -19.41 33.82
C ALA A 141 -43.00 -20.83 33.28
N PHE A 142 -41.87 -21.52 33.18
CA PHE A 142 -41.81 -22.86 32.61
C PHE A 142 -42.31 -23.88 33.63
N ASP A 143 -43.09 -24.84 33.14
CA ASP A 143 -43.49 -25.97 33.97
C ASP A 143 -42.36 -27.00 33.99
N PHE A 144 -41.83 -27.25 35.18
CA PHE A 144 -40.64 -28.07 35.31
C PHE A 144 -40.81 -29.05 36.46
N ASP A 145 -40.19 -30.22 36.33
CA ASP A 145 -40.30 -31.23 37.36
C ASP A 145 -39.48 -30.88 38.60
N TYR A 146 -38.37 -30.17 38.42
CA TYR A 146 -37.50 -29.81 39.54
C TYR A 146 -36.97 -28.40 39.32
N TYR A 147 -36.72 -27.70 40.42
CA TYR A 147 -36.28 -26.30 40.38
C TYR A 147 -35.02 -26.15 41.22
N LEU A 148 -34.11 -25.30 40.76
CA LEU A 148 -32.81 -25.10 41.40
C LEU A 148 -32.73 -23.66 41.92
N ILE A 149 -32.52 -23.52 43.23
CA ILE A 149 -32.47 -22.21 43.88
C ILE A 149 -31.10 -22.05 44.54
N ASP A 150 -30.36 -21.02 44.12
CA ASP A 150 -29.07 -20.71 44.73
C ASP A 150 -29.23 -19.56 45.73
N GLU A 151 -30.00 -19.83 46.78
CA GLU A 151 -30.27 -18.89 47.86
C GLU A 151 -30.82 -17.56 47.33
N ALA A 152 -31.76 -17.65 46.38
CA ALA A 152 -32.32 -16.48 45.73
C ALA A 152 -33.63 -16.03 46.38
N MET A 153 -33.97 -16.58 47.54
CA MET A 153 -35.24 -16.21 48.17
C MET A 153 -35.08 -15.01 49.11
N ALA A 154 -34.07 -15.05 49.98
CA ALA A 154 -33.92 -14.02 51.00
C ALA A 154 -33.52 -12.66 50.40
N VAL A 155 -32.98 -12.63 49.19
CA VAL A 155 -32.59 -11.37 48.57
C VAL A 155 -33.84 -10.60 48.13
N GLY A 156 -33.66 -9.31 47.93
CA GLY A 156 -34.75 -8.44 47.51
C GLY A 156 -35.49 -7.85 48.70
N ASP A 157 -36.41 -6.93 48.38
CA ASP A 157 -37.21 -6.28 49.41
C ASP A 157 -38.36 -7.18 49.82
N ALA A 158 -39.24 -6.65 50.67
CA ALA A 158 -40.27 -7.46 51.31
C ALA A 158 -41.38 -7.82 50.32
N GLN A 159 -41.77 -6.88 49.46
CA GLN A 159 -42.94 -7.07 48.61
C GLN A 159 -42.62 -8.06 47.48
N PHE A 160 -41.43 -7.93 46.88
CA PHE A 160 -40.98 -8.88 45.87
C PHE A 160 -40.83 -10.28 46.46
N ARG A 161 -40.27 -10.37 47.66
CA ARG A 161 -40.18 -11.66 48.34
C ARG A 161 -41.57 -12.23 48.63
N ALA A 162 -42.53 -11.34 48.92
CA ALA A 162 -43.89 -11.80 49.23
C ALA A 162 -44.54 -12.44 48.01
N LYS A 163 -44.52 -11.77 46.86
CA LYS A 163 -45.14 -12.39 45.69
C LYS A 163 -44.30 -13.54 45.17
N SER A 164 -42.98 -13.51 45.40
CA SER A 164 -42.14 -14.65 45.04
C SER A 164 -42.51 -15.89 45.83
N ARG A 165 -42.71 -15.75 47.14
CA ARG A 165 -43.20 -16.85 47.97
C ARG A 165 -44.60 -17.28 47.58
N ALA A 166 -45.45 -16.33 47.20
CA ALA A 166 -46.82 -16.66 46.77
C ALA A 166 -46.81 -17.53 45.53
N VAL A 167 -46.10 -17.11 44.49
CA VAL A 167 -46.06 -17.92 43.27
C VAL A 167 -45.28 -19.21 43.53
N PHE A 168 -44.35 -19.20 44.48
CA PHE A 168 -43.62 -20.42 44.82
C PHE A 168 -44.55 -21.46 45.41
N ASP A 169 -45.35 -21.08 46.42
CA ASP A 169 -46.31 -22.03 46.96
C ASP A 169 -47.41 -22.37 45.96
N SER A 170 -47.63 -21.51 44.96
CA SER A 170 -48.45 -21.92 43.83
C SER A 170 -47.77 -23.04 43.04
N ARG A 171 -46.44 -23.04 42.97
CA ARG A 171 -45.72 -24.08 42.22
C ARG A 171 -45.43 -25.34 43.02
N VAL A 172 -45.51 -25.30 44.36
CA VAL A 172 -45.36 -26.54 45.12
C VAL A 172 -46.57 -27.44 44.90
N GLY A 173 -46.37 -28.73 45.07
CA GLY A 173 -47.39 -29.74 44.81
C GLY A 173 -47.29 -30.36 43.44
N GLN A 174 -47.19 -29.52 42.41
CA GLN A 174 -46.96 -29.99 41.06
C GLN A 174 -45.48 -30.07 40.71
N ALA A 175 -44.60 -29.58 41.59
CA ALA A 175 -43.18 -29.51 41.29
C ALA A 175 -42.40 -29.57 42.59
N ASN A 176 -41.11 -29.84 42.47
CA ASN A 176 -40.24 -30.08 43.61
C ASN A 176 -38.99 -29.22 43.51
N MET A 177 -38.36 -28.98 44.66
CA MET A 177 -37.27 -28.02 44.78
C MET A 177 -35.96 -28.69 45.17
N ILE A 178 -34.86 -28.04 44.82
CA ILE A 178 -33.54 -28.32 45.36
C ILE A 178 -33.01 -27.01 45.93
N LEU A 179 -32.76 -26.99 47.24
CA LEU A 179 -32.40 -25.76 47.94
C LEU A 179 -30.90 -25.72 48.22
N VAL A 180 -30.26 -24.65 47.80
CA VAL A 180 -28.86 -24.37 48.11
C VAL A 180 -28.85 -23.05 48.89
N SER A 181 -28.92 -23.13 50.21
CA SER A 181 -29.06 -21.95 51.04
C SER A 181 -28.21 -22.08 52.31
N HIS A 182 -27.82 -20.94 52.86
CA HIS A 182 -27.09 -20.86 54.11
C HIS A 182 -27.99 -20.56 55.30
N ASN A 183 -29.31 -20.54 55.10
CA ASN A 183 -30.27 -20.33 56.17
C ASN A 183 -30.92 -21.67 56.49
N MET A 184 -30.61 -22.21 57.67
CA MET A 184 -31.06 -23.56 58.04
C MET A 184 -32.57 -23.68 58.08
N ASN A 185 -33.27 -22.59 58.41
CA ASN A 185 -34.73 -22.64 58.50
C ASN A 185 -35.36 -22.98 57.15
N ASP A 186 -34.71 -22.57 56.05
CA ASP A 186 -35.22 -22.91 54.73
C ASP A 186 -35.16 -24.41 54.46
N ILE A 187 -34.06 -25.07 54.85
CA ILE A 187 -33.99 -26.52 54.69
C ILE A 187 -34.94 -27.25 55.65
N LYS A 188 -35.14 -26.75 56.88
CA LYS A 188 -36.13 -27.41 57.71
C LYS A 188 -37.57 -27.09 57.30
N GLU A 189 -37.78 -26.08 56.46
CA GLU A 189 -39.13 -25.71 56.05
C GLU A 189 -39.55 -26.28 54.69
N TYR A 190 -38.63 -26.44 53.75
CA TYR A 190 -38.99 -26.81 52.39
C TYR A 190 -38.26 -28.04 51.85
N CYS A 191 -37.62 -28.83 52.71
CA CYS A 191 -36.90 -30.01 52.25
C CYS A 191 -37.31 -31.24 53.04
N ASP A 192 -37.28 -32.39 52.38
CA ASP A 192 -37.67 -33.68 52.96
C ASP A 192 -36.48 -34.51 53.40
N VAL A 193 -35.48 -34.67 52.52
CA VAL A 193 -34.24 -35.37 52.85
C VAL A 193 -33.08 -34.46 52.51
N VAL A 194 -31.92 -34.73 53.12
CA VAL A 194 -30.79 -33.82 53.05
C VAL A 194 -29.55 -34.58 52.62
N VAL A 195 -28.87 -34.07 51.60
CA VAL A 195 -27.57 -34.60 51.19
C VAL A 195 -26.49 -33.66 51.72
N LEU A 196 -25.32 -34.22 52.00
CA LEU A 196 -24.18 -33.46 52.51
C LEU A 196 -22.99 -33.78 51.62
N VAL A 197 -22.42 -32.74 50.99
CA VAL A 197 -21.30 -32.90 50.08
C VAL A 197 -20.05 -32.34 50.76
N ASP A 198 -19.21 -33.24 51.28
CA ASP A 198 -17.95 -32.88 51.89
C ASP A 198 -16.82 -33.61 51.17
N GLN A 199 -15.70 -32.92 50.98
CA GLN A 199 -14.42 -33.41 50.45
C GLN A 199 -14.53 -34.26 49.18
N GLY A 200 -15.60 -34.08 48.41
CA GLY A 200 -15.73 -34.81 47.16
C GLY A 200 -16.65 -36.01 47.22
N GLN A 201 -17.41 -36.15 48.29
CA GLN A 201 -18.38 -37.23 48.42
C GLN A 201 -19.65 -36.71 49.07
N ALA A 202 -20.77 -37.31 48.67
CA ALA A 202 -22.10 -36.92 49.12
C ALA A 202 -22.72 -38.03 49.93
N THR A 203 -23.25 -37.70 51.10
CA THR A 203 -23.89 -38.64 52.00
C THR A 203 -25.35 -38.24 52.19
N LEU A 204 -26.24 -39.22 52.10
CA LEU A 204 -27.68 -38.99 52.21
C LEU A 204 -28.14 -39.11 53.66
N TYR A 205 -29.19 -38.36 53.99
CA TYR A 205 -29.87 -38.47 55.29
C TYR A 205 -31.36 -38.36 55.02
N GLU A 206 -32.11 -39.40 55.39
CA GLU A 206 -33.56 -39.35 55.25
C GLU A 206 -34.17 -38.38 56.24
N ASP A 207 -33.45 -38.05 57.31
CA ASP A 207 -33.90 -37.07 58.29
C ASP A 207 -33.21 -35.74 58.02
N VAL A 208 -33.99 -34.67 57.87
CA VAL A 208 -33.43 -33.34 57.70
C VAL A 208 -32.67 -32.91 58.95
N GLU A 209 -33.24 -33.21 60.12
CA GLU A 209 -32.59 -32.85 61.39
C GLU A 209 -31.26 -33.58 61.54
N ALA A 210 -31.21 -34.86 61.17
CA ALA A 210 -29.95 -35.59 61.20
C ALA A 210 -28.94 -34.98 60.23
N GLY A 211 -29.40 -34.56 59.06
CA GLY A 211 -28.51 -33.95 58.08
C GLY A 211 -27.91 -32.63 58.58
N ILE A 212 -28.73 -31.76 59.15
CA ILE A 212 -28.22 -30.48 59.63
C ILE A 212 -27.36 -30.69 60.88
N ALA A 213 -27.69 -31.70 61.69
CA ALA A 213 -26.84 -32.03 62.83
C ALA A 213 -25.48 -32.52 62.38
N ALA A 214 -25.44 -33.34 61.32
CA ALA A 214 -24.16 -33.77 60.77
C ALA A 214 -23.43 -32.59 60.13
N TYR A 215 -24.16 -31.61 59.61
CA TYR A 215 -23.53 -30.39 59.09
C TYR A 215 -22.82 -29.63 60.20
N GLN A 216 -23.49 -29.40 61.34
CA GLN A 216 -22.83 -28.73 62.46
C GLN A 216 -21.69 -29.57 63.02
N GLY A 217 -21.84 -30.90 63.01
CA GLY A 217 -20.74 -31.76 63.44
C GLY A 217 -19.53 -31.66 62.54
N SER A 218 -19.74 -31.61 61.23
CA SER A 218 -18.63 -31.43 60.30
C SER A 218 -17.98 -30.05 60.46
N LEU A 219 -18.80 -29.02 60.72
CA LEU A 219 -18.25 -27.69 60.98
C LEU A 219 -17.41 -27.68 62.24
N LYS A 220 -17.87 -28.37 63.29
CA LYS A 220 -17.10 -28.46 64.52
C LYS A 220 -15.81 -29.24 64.32
N LYS A 221 -15.86 -30.29 63.50
CA LYS A 221 -14.65 -31.05 63.18
C LYS A 221 -13.64 -30.19 62.41
N ALA A 222 -14.13 -29.37 61.47
CA ALA A 222 -13.25 -28.47 60.74
C ALA A 222 -12.65 -27.42 61.67
N ALA A 223 -13.45 -26.90 62.60
CA ALA A 223 -12.94 -25.90 63.55
C ALA A 223 -12.06 -26.53 64.63
N ALA A 224 -12.11 -27.84 64.80
CA ALA A 224 -11.33 -28.52 65.83
C ALA A 224 -9.92 -28.89 65.39
N LYS A 225 -9.59 -28.69 64.11
CA LYS A 225 -8.24 -29.00 63.64
C LYS A 225 -7.26 -27.97 64.18
N PRO A 226 -6.15 -28.39 64.81
CA PRO A 226 -5.16 -27.47 65.36
C PRO A 226 -4.10 -27.07 64.34
N MET B 1 -11.63 23.38 59.88
CA MET B 1 -12.99 23.94 59.68
C MET B 1 -13.60 23.35 58.42
N ILE B 2 -14.91 23.09 58.42
CA ILE B 2 -15.60 22.54 57.21
C ILE B 2 -16.64 23.57 56.74
N GLU B 3 -16.50 24.06 55.50
CA GLU B 3 -17.46 25.07 54.97
C GLU B 3 -17.89 24.70 53.53
N LEU B 4 -19.14 24.27 53.36
CA LEU B 4 -19.67 23.98 51.99
C LEU B 4 -20.37 25.24 51.47
N ARG B 5 -20.29 25.53 50.17
CA ARG B 5 -20.85 26.83 49.69
C ARG B 5 -21.43 26.76 48.27
N ASN B 6 -22.72 27.05 48.12
CA ASN B 6 -23.35 27.18 46.80
C ASN B 6 -23.21 25.92 45.93
N LEU B 7 -23.15 24.75 46.58
CA LEU B 7 -23.09 23.51 45.81
C LEU B 7 -24.42 23.22 45.13
N THR B 8 -24.35 22.92 43.84
CA THR B 8 -25.50 22.50 43.05
C THR B 8 -25.08 21.28 42.25
N LYS B 9 -25.59 20.11 42.64
CA LYS B 9 -25.19 18.84 42.03
C LYS B 9 -26.32 18.33 41.15
N TRP B 10 -25.99 17.99 39.90
CA TRP B 10 -26.96 17.49 38.96
C TRP B 10 -26.38 16.30 38.21
N TYR B 11 -27.26 15.42 37.77
CA TYR B 11 -26.88 14.25 36.97
C TYR B 11 -27.76 14.16 35.74
N PRO B 12 -27.18 13.98 34.55
CA PRO B 12 -28.01 13.74 33.36
C PRO B 12 -28.70 12.39 33.41
N THR B 13 -30.01 12.40 33.22
CA THR B 13 -30.84 11.21 33.13
C THR B 13 -31.62 11.28 31.82
N PRO B 14 -32.18 10.17 31.35
CA PRO B 14 -33.08 10.24 30.20
C PRO B 14 -34.29 11.12 30.43
N HIS B 15 -34.67 11.36 31.68
CA HIS B 15 -35.74 12.31 32.01
C HIS B 15 -35.23 13.74 32.18
N GLY B 16 -34.03 14.04 31.67
CA GLY B 16 -33.51 15.39 31.72
C GLY B 16 -32.36 15.59 32.68
N ARG B 17 -32.48 16.56 33.59
CA ARG B 17 -31.47 16.84 34.58
C ARG B 17 -32.05 16.57 35.97
N ARG B 18 -31.40 15.71 36.74
CA ARG B 18 -31.82 15.40 38.10
C ARG B 18 -30.97 16.25 39.04
N TYR B 19 -31.62 17.20 39.70
CA TYR B 19 -30.96 18.04 40.70
C TYR B 19 -30.92 17.31 42.03
N VAL B 20 -29.73 17.14 42.59
CA VAL B 20 -29.56 16.49 43.87
C VAL B 20 -29.28 17.54 44.93
N PHE B 21 -28.46 18.53 44.58
CA PHE B 21 -28.13 19.63 45.46
C PHE B 21 -28.39 20.94 44.74
N ARG B 22 -28.69 21.99 45.51
CA ARG B 22 -28.95 23.31 44.91
C ARG B 22 -28.69 24.39 45.95
N ASN B 23 -27.50 25.01 45.85
CA ASN B 23 -27.18 26.29 46.51
C ASN B 23 -27.36 26.20 48.03
N LEU B 24 -26.53 25.37 48.65
CA LEU B 24 -26.56 25.15 50.09
C LEU B 24 -25.39 25.88 50.75
N ASN B 25 -25.65 26.50 51.88
CA ASN B 25 -24.64 27.27 52.61
C ASN B 25 -24.62 26.77 54.05
N PHE B 26 -23.53 26.12 54.45
CA PHE B 26 -23.52 25.53 55.80
C PHE B 26 -22.10 25.33 56.28
N ARG B 27 -21.88 25.54 57.57
CA ARG B 27 -20.60 25.26 58.21
C ARG B 27 -20.80 24.26 59.35
N PHE B 28 -19.81 23.35 59.52
CA PHE B 28 -19.81 22.23 60.46
C PHE B 28 -19.24 22.64 61.81
N PRO B 29 -19.65 21.98 62.89
CA PRO B 29 -18.99 22.20 64.19
C PRO B 29 -17.56 21.69 64.16
N ASP B 30 -16.72 22.32 64.98
CA ASP B 30 -15.29 22.10 64.95
C ASP B 30 -14.83 21.21 66.09
N ASP B 31 -13.78 20.43 65.83
CA ASP B 31 -13.09 19.60 66.82
C ASP B 31 -14.04 18.61 67.50
N VAL B 32 -14.91 17.99 66.71
CA VAL B 32 -15.94 17.12 67.25
C VAL B 32 -16.25 16.04 66.21
N SER B 33 -16.46 14.81 66.68
CA SER B 33 -16.87 13.72 65.81
C SER B 33 -18.29 13.95 65.32
N ILE B 34 -18.47 13.81 64.01
CA ILE B 34 -19.73 14.14 63.34
C ILE B 34 -20.27 12.86 62.70
N GLY B 35 -21.56 12.59 62.90
CA GLY B 35 -22.21 11.47 62.27
C GLY B 35 -23.21 11.92 61.21
N LEU B 36 -22.87 11.69 59.94
CA LEU B 36 -23.70 12.12 58.82
C LEU B 36 -24.70 11.03 58.50
N ILE B 37 -25.99 11.38 58.54
CA ILE B 37 -27.06 10.44 58.24
C ILE B 37 -28.04 11.11 57.27
N GLY B 38 -28.78 10.29 56.55
CA GLY B 38 -29.73 10.80 55.57
C GLY B 38 -30.36 9.66 54.81
N ARG B 39 -31.26 10.03 53.91
CA ARG B 39 -31.98 9.04 53.12
C ARG B 39 -31.10 8.52 51.99
N ASN B 40 -31.33 7.26 51.63
CA ASN B 40 -30.58 6.65 50.54
C ASN B 40 -31.07 7.21 49.20
N GLY B 41 -30.13 7.68 48.38
CA GLY B 41 -30.45 8.24 47.09
C GLY B 41 -30.92 9.68 47.14
N ALA B 42 -30.98 10.31 48.31
CA ALA B 42 -31.41 11.69 48.44
C ALA B 42 -30.27 12.67 48.61
N GLY B 43 -29.04 12.25 48.34
CA GLY B 43 -27.87 13.09 48.49
C GLY B 43 -26.82 12.59 49.45
N LYS B 44 -26.74 11.27 49.69
CA LYS B 44 -25.78 10.74 50.65
C LYS B 44 -24.43 10.51 49.99
N SER B 45 -24.40 9.65 48.97
CA SER B 45 -23.14 9.26 48.34
C SER B 45 -22.48 10.44 47.63
N THR B 46 -23.26 11.28 46.96
CA THR B 46 -22.69 12.43 46.28
C THR B 46 -22.09 13.42 47.28
N LEU B 47 -22.74 13.61 48.43
CA LEU B 47 -22.18 14.52 49.43
C LEU B 47 -20.90 13.96 50.03
N MET B 48 -20.88 12.67 50.36
CA MET B 48 -19.67 12.12 50.98
C MET B 48 -18.53 12.04 49.97
N ARG B 49 -18.86 11.90 48.68
CA ARG B 49 -17.85 11.96 47.63
C ARG B 49 -17.41 13.38 47.34
N LEU B 50 -18.24 14.37 47.65
CA LEU B 50 -17.90 15.77 47.36
C LEU B 50 -17.06 16.37 48.48
N LEU B 51 -17.39 16.04 49.74
CA LEU B 51 -16.68 16.63 50.87
C LEU B 51 -15.24 16.15 50.96
N GLY B 52 -14.92 14.98 50.41
CA GLY B 52 -13.54 14.55 50.34
C GLY B 52 -12.73 15.19 49.25
N GLY B 53 -13.36 15.97 48.38
CA GLY B 53 -12.69 16.58 47.26
C GLY B 53 -12.48 15.69 46.07
N ILE B 54 -12.95 14.44 46.13
CA ILE B 54 -12.71 13.51 45.03
C ILE B 54 -13.65 13.80 43.86
N GLU B 55 -14.72 14.53 44.11
CA GLU B 55 -15.59 15.04 43.05
C GLU B 55 -15.62 16.56 43.09
N ALA B 56 -15.20 17.20 42.00
CA ALA B 56 -15.30 18.65 41.91
C ALA B 56 -16.75 19.04 41.63
N PRO B 57 -17.36 19.88 42.46
CA PRO B 57 -18.76 20.26 42.24
C PRO B 57 -18.91 21.12 40.99
N ASN B 58 -20.07 20.97 40.35
CA ASN B 58 -20.37 21.78 39.16
C ASN B 58 -20.49 23.25 39.52
N GLU B 59 -21.15 23.56 40.63
CA GLU B 59 -21.30 24.92 41.12
C GLU B 59 -20.90 24.96 42.58
N GLY B 60 -20.36 26.09 43.01
CA GLY B 60 -19.96 26.26 44.40
C GLY B 60 -18.64 25.57 44.71
N GLU B 61 -18.33 25.53 46.00
CA GLU B 61 -17.08 24.96 46.47
C GLU B 61 -17.22 24.56 47.93
N VAL B 62 -16.18 23.90 48.43
CA VAL B 62 -16.02 23.62 49.85
C VAL B 62 -14.72 24.24 50.32
N VAL B 63 -14.70 24.68 51.57
CA VAL B 63 -13.57 25.37 52.16
C VAL B 63 -13.14 24.62 53.42
N THR B 64 -11.85 24.31 53.51
CA THR B 64 -11.33 23.66 54.69
C THR B 64 -9.87 24.04 54.87
N ASP B 65 -9.44 24.06 56.13
CA ASP B 65 -8.03 24.19 56.47
C ASP B 65 -7.46 22.90 57.04
N VAL B 66 -8.31 22.00 57.53
CA VAL B 66 -7.88 20.68 57.96
C VAL B 66 -7.97 19.76 56.76
N SER B 67 -7.29 18.62 56.86
CA SER B 67 -7.19 17.68 55.75
C SER B 67 -8.28 16.62 55.86
N ILE B 68 -9.02 16.43 54.77
CA ILE B 68 -10.15 15.49 54.72
C ILE B 68 -9.72 14.27 53.94
N SER B 69 -10.20 13.10 54.35
CA SER B 69 -9.77 11.85 53.76
C SER B 69 -10.71 11.39 52.66
N TRP B 70 -10.18 10.54 51.79
CA TRP B 70 -10.99 9.74 50.88
C TRP B 70 -11.55 8.55 51.63
N PRO B 71 -12.70 7.96 51.20
CA PRO B 71 -13.33 6.86 51.95
C PRO B 71 -12.28 5.83 52.40
N VAL B 72 -12.23 5.53 53.71
CA VAL B 72 -11.24 4.56 54.25
C VAL B 72 -11.65 3.14 53.84
N GLY B 73 -10.72 2.19 53.86
CA GLY B 73 -11.02 0.81 53.45
C GLY B 73 -11.70 0.77 52.10
N LEU B 74 -11.30 1.67 51.19
CA LEU B 74 -11.94 1.75 49.85
C LEU B 74 -11.18 0.85 48.87
N SER B 75 -11.88 -0.07 48.22
CA SER B 75 -11.23 -0.97 47.22
C SER B 75 -11.75 -0.64 45.81
N GLY B 76 -10.90 -0.80 44.79
CA GLY B 76 -11.30 -0.48 43.41
C GLY B 76 -10.58 0.74 42.89
N GLY B 77 -10.28 1.71 43.76
CA GLY B 77 -9.51 2.90 43.35
C GLY B 77 -8.12 2.49 42.87
N PHE B 78 -7.56 1.44 43.48
CA PHE B 78 -6.22 0.94 43.07
C PHE B 78 -6.30 0.26 41.70
N GLN B 79 -5.17 0.11 41.03
CA GLN B 79 -5.15 -0.59 39.70
C GLN B 79 -4.92 -2.08 39.94
N GLY B 80 -5.82 -2.92 39.41
CA GLY B 80 -5.69 -4.36 39.63
C GLY B 80 -4.48 -5.01 38.99
N SER B 81 -3.88 -4.36 37.99
CA SER B 81 -2.72 -4.94 37.33
C SER B 81 -1.52 -5.01 38.26
N LEU B 82 -1.34 -3.99 39.10
CA LEU B 82 -0.28 -4.04 40.09
C LEU B 82 -0.76 -4.82 41.31
N THR B 83 0.18 -5.34 42.08
CA THR B 83 -0.15 -6.03 43.31
C THR B 83 -0.31 -5.00 44.43
N ALA B 84 -0.44 -5.48 45.67
CA ALA B 84 -0.66 -4.56 46.79
C ALA B 84 0.54 -3.66 47.03
N ARG B 85 1.74 -4.21 46.87
CA ARG B 85 2.96 -3.45 47.15
C ARG B 85 3.04 -2.20 46.28
N GLU B 86 3.17 -2.38 44.96
CA GLU B 86 3.31 -1.25 44.05
C GLU B 86 2.10 -0.33 44.08
N ASN B 87 0.91 -0.86 44.39
CA ASN B 87 -0.25 -0.01 44.57
C ASN B 87 -0.04 0.96 45.71
N VAL B 88 0.35 0.46 46.90
CA VAL B 88 0.51 1.37 48.02
C VAL B 88 1.72 2.28 47.81
N LYS B 89 2.74 1.81 47.08
CA LYS B 89 3.86 2.66 46.69
C LYS B 89 3.37 3.83 45.85
N PHE B 90 2.46 3.56 44.90
CA PHE B 90 1.87 4.61 44.09
C PHE B 90 1.08 5.60 44.93
N VAL B 91 0.29 5.10 45.89
CA VAL B 91 -0.52 6.00 46.72
C VAL B 91 0.36 6.92 47.55
N CYS B 92 1.45 6.41 48.13
CA CYS B 92 2.29 7.31 48.91
C CYS B 92 3.17 8.15 48.00
N ARG B 93 3.33 7.75 46.73
CA ARG B 93 4.06 8.61 45.79
C ARG B 93 3.23 9.81 45.33
N ILE B 94 1.90 9.69 45.29
CA ILE B 94 1.10 10.88 44.99
C ILE B 94 1.29 11.94 46.07
N TYR B 95 1.36 11.53 47.33
CA TYR B 95 1.50 12.47 48.44
C TYR B 95 2.91 13.01 48.59
N GLY B 96 3.88 12.48 47.86
CA GLY B 96 5.23 13.02 47.89
C GLY B 96 5.96 12.85 49.21
N THR B 97 5.82 11.68 49.84
CA THR B 97 6.48 11.42 51.10
C THR B 97 7.96 11.12 50.90
N SER B 98 8.74 11.28 51.97
CA SER B 98 10.16 10.98 51.92
C SER B 98 10.37 9.46 51.85
N HIS B 99 11.59 9.08 51.45
CA HIS B 99 11.85 7.70 51.05
C HIS B 99 11.83 6.76 52.25
N GLU B 100 12.54 7.10 53.33
CA GLU B 100 12.57 6.23 54.50
C GLU B 100 11.20 6.16 55.17
N ASP B 101 10.46 7.28 55.17
CA ASP B 101 9.07 7.26 55.59
C ASP B 101 8.26 6.35 54.69
N MET B 102 8.59 6.31 53.40
CA MET B 102 7.82 5.51 52.44
C MET B 102 8.03 4.01 52.70
N LEU B 103 9.28 3.62 53.00
CA LEU B 103 9.52 2.26 53.47
C LEU B 103 8.79 1.97 54.77
N ARG B 104 8.70 2.95 55.67
CA ARG B 104 7.92 2.76 56.89
C ARG B 104 6.45 2.53 56.55
N LYS B 105 5.93 3.24 55.55
CA LYS B 105 4.51 3.08 55.19
C LYS B 105 4.23 1.69 54.65
N VAL B 106 5.08 1.20 53.75
CA VAL B 106 4.84 -0.12 53.19
C VAL B 106 5.05 -1.19 54.26
N ARG B 107 6.00 -0.98 55.19
CA ARG B 107 6.16 -1.90 56.31
C ARG B 107 4.90 -1.95 57.17
N PHE B 108 4.33 -0.78 57.48
CA PHE B 108 3.12 -0.76 58.30
C PHE B 108 1.97 -1.46 57.58
N VAL B 109 1.83 -1.23 56.27
CA VAL B 109 0.69 -1.84 55.59
C VAL B 109 0.88 -3.35 55.44
N GLU B 110 2.12 -3.79 55.21
CA GLU B 110 2.39 -5.26 55.08
C GLU B 110 2.13 -5.92 56.44
N GLU B 111 2.55 -5.28 57.52
CA GLU B 111 2.33 -5.81 58.87
C GLU B 111 0.84 -5.88 59.20
N PHE B 112 0.07 -4.89 58.75
CA PHE B 112 -1.38 -4.96 58.93
C PHE B 112 -2.00 -6.04 58.05
N ALA B 113 -1.43 -6.29 56.87
CA ALA B 113 -2.05 -7.21 55.92
C ALA B 113 -1.93 -8.66 56.36
N GLU B 114 -0.69 -9.14 56.49
CA GLU B 114 -0.39 -10.55 56.80
C GLU B 114 -1.04 -11.50 55.79
N ILE B 115 -0.64 -11.35 54.53
CA ILE B 115 -1.16 -12.18 53.45
C ILE B 115 -0.02 -13.01 52.87
N GLY B 116 1.19 -12.46 52.89
CA GLY B 116 2.36 -13.19 52.42
C GLY B 116 2.46 -13.31 50.91
N GLU B 117 2.34 -14.54 50.42
CA GLU B 117 2.55 -14.84 49.00
C GLU B 117 1.60 -14.04 48.11
N HIS B 118 0.32 -14.03 48.48
CA HIS B 118 -0.70 -13.34 47.71
C HIS B 118 -0.54 -11.83 47.81
N PHE B 119 0.34 -11.37 48.70
CA PHE B 119 0.70 -9.96 48.72
C PHE B 119 1.41 -9.54 47.43
N ASP B 120 2.11 -10.47 46.79
CA ASP B 120 2.81 -10.19 45.55
C ASP B 120 2.03 -10.66 44.32
N LEU B 121 0.74 -10.97 44.52
CA LEU B 121 -0.11 -11.50 43.42
C LEU B 121 -0.98 -10.37 42.84
N PRO B 122 -1.33 -10.40 41.53
CA PRO B 122 -2.22 -9.41 40.94
C PRO B 122 -3.50 -9.25 41.79
N MET B 123 -4.05 -8.03 41.85
CA MET B 123 -5.23 -7.77 42.71
C MET B 123 -6.52 -8.19 42.00
N LYS B 124 -6.52 -8.28 40.67
CA LYS B 124 -7.76 -8.60 39.96
C LYS B 124 -8.38 -9.87 40.48
N THR B 125 -7.56 -10.82 40.94
CA THR B 125 -8.04 -12.10 41.42
C THR B 125 -8.25 -12.14 42.93
N TYR B 126 -8.05 -11.02 43.62
CA TYR B 126 -8.28 -10.97 45.06
C TYR B 126 -9.76 -11.19 45.39
N SER B 127 -9.99 -11.89 46.49
CA SER B 127 -11.32 -11.90 47.08
C SER B 127 -11.59 -10.55 47.73
N SER B 128 -12.87 -10.27 47.99
CA SER B 128 -13.26 -8.96 48.50
C SER B 128 -12.64 -8.69 49.87
N GLY B 129 -12.47 -9.74 50.68
CA GLY B 129 -11.88 -9.56 52.00
C GLY B 129 -10.43 -9.12 51.94
N MET B 130 -9.64 -9.72 51.06
CA MET B 130 -8.21 -9.38 50.97
C MET B 130 -8.01 -7.96 50.48
N ARG B 131 -8.66 -7.60 49.37
CA ARG B 131 -8.52 -6.25 48.84
C ARG B 131 -9.09 -5.21 49.79
N SER B 132 -10.19 -5.55 50.46
CA SER B 132 -10.75 -4.65 51.47
C SER B 132 -9.77 -4.45 52.63
N ARG B 133 -9.13 -5.53 53.09
CA ARG B 133 -8.25 -5.39 54.26
C ARG B 133 -6.97 -4.64 53.91
N VAL B 134 -6.47 -4.78 52.68
CA VAL B 134 -5.32 -3.93 52.34
C VAL B 134 -5.78 -2.49 52.13
N ALA B 135 -7.03 -2.29 51.73
CA ALA B 135 -7.57 -0.93 51.68
C ALA B 135 -7.62 -0.30 53.07
N PHE B 136 -8.06 -1.07 54.08
CA PHE B 136 -7.99 -0.54 55.45
C PHE B 136 -6.56 -0.31 55.92
N GLY B 137 -5.63 -1.21 55.56
CA GLY B 137 -4.24 -0.99 55.92
C GLY B 137 -3.69 0.30 55.33
N LEU B 138 -3.99 0.54 54.06
CA LEU B 138 -3.60 1.79 53.41
C LEU B 138 -4.28 2.98 54.06
N SER B 139 -5.55 2.82 54.46
CA SER B 139 -6.30 3.94 55.02
C SER B 139 -5.76 4.35 56.39
N MET B 140 -5.54 3.39 57.29
CA MET B 140 -4.98 3.72 58.59
C MET B 140 -3.46 3.82 58.58
N ALA B 141 -2.82 3.65 57.42
CA ALA B 141 -1.38 3.90 57.34
C ALA B 141 -1.01 5.34 57.62
N PHE B 142 -1.81 6.28 57.09
CA PHE B 142 -1.53 7.73 57.26
C PHE B 142 -2.24 8.25 58.52
N ASP B 143 -2.16 9.56 58.76
CA ASP B 143 -2.83 10.17 59.94
C ASP B 143 -3.65 11.38 59.49
N PHE B 144 -4.75 11.15 58.77
CA PHE B 144 -5.60 12.25 58.25
C PHE B 144 -6.31 12.96 59.41
N ASP B 145 -6.39 14.30 59.36
CA ASP B 145 -7.11 15.06 60.40
C ASP B 145 -8.52 14.46 60.56
N TYR B 146 -9.03 13.80 59.51
CA TYR B 146 -10.36 13.22 59.55
C TYR B 146 -10.35 11.85 58.90
N TYR B 147 -11.21 10.97 59.42
CA TYR B 147 -11.42 9.65 58.84
C TYR B 147 -12.91 9.41 58.71
N LEU B 148 -13.34 8.97 57.54
CA LEU B 148 -14.76 8.70 57.29
C LEU B 148 -14.96 7.20 57.12
N ILE B 149 -16.12 6.71 57.55
CA ILE B 149 -16.44 5.28 57.51
C ILE B 149 -17.75 5.13 56.74
N ASP B 150 -17.70 4.40 55.61
CA ASP B 150 -18.91 4.10 54.85
C ASP B 150 -19.48 2.74 55.26
N GLU B 151 -19.79 2.63 56.56
CA GLU B 151 -20.27 1.40 57.19
C GLU B 151 -19.31 0.24 56.92
N ALA B 152 -18.02 0.50 57.12
CA ALA B 152 -16.96 -0.41 56.73
C ALA B 152 -16.30 -1.11 57.90
N MET B 153 -16.59 -0.71 59.15
CA MET B 153 -15.98 -1.35 60.31
C MET B 153 -16.44 -2.79 60.49
N ALA B 154 -17.58 -3.16 59.91
CA ALA B 154 -18.06 -4.54 59.95
C ALA B 154 -17.47 -5.41 58.86
N VAL B 155 -16.76 -4.82 57.89
CA VAL B 155 -16.11 -5.59 56.85
C VAL B 155 -14.86 -6.26 57.43
N GLY B 156 -14.63 -7.50 57.02
CA GLY B 156 -13.59 -8.32 57.61
C GLY B 156 -14.14 -9.22 58.71
N ASP B 157 -13.37 -10.26 59.01
CA ASP B 157 -13.79 -11.22 60.02
C ASP B 157 -13.69 -10.61 61.42
N ALA B 158 -14.16 -11.38 62.40
CA ALA B 158 -14.34 -10.86 63.75
C ALA B 158 -13.02 -10.47 64.40
N GLN B 159 -11.99 -11.29 64.23
CA GLN B 159 -10.68 -10.95 64.77
C GLN B 159 -10.08 -9.73 64.06
N PHE B 160 -10.22 -9.67 62.73
CA PHE B 160 -9.79 -8.47 62.01
C PHE B 160 -10.63 -7.26 62.40
N ARG B 161 -11.92 -7.46 62.70
CA ARG B 161 -12.74 -6.37 63.22
C ARG B 161 -12.19 -5.86 64.54
N ALA B 162 -11.78 -6.78 65.42
CA ALA B 162 -11.22 -6.39 66.71
C ALA B 162 -9.91 -5.63 66.56
N LYS B 163 -9.05 -6.05 65.62
CA LYS B 163 -7.81 -5.28 65.36
C LYS B 163 -8.18 -3.94 64.71
N SER B 164 -9.04 -4.00 63.68
CA SER B 164 -9.45 -2.75 62.97
C SER B 164 -10.17 -1.82 63.94
N ARG B 165 -10.94 -2.37 64.87
CA ARG B 165 -11.65 -1.53 65.87
C ARG B 165 -10.61 -0.74 66.67
N ALA B 166 -9.59 -1.42 67.20
CA ALA B 166 -8.52 -0.74 67.96
C ALA B 166 -7.85 0.32 67.07
N VAL B 167 -7.58 -0.01 65.80
CA VAL B 167 -6.86 0.96 64.94
C VAL B 167 -7.74 2.22 64.78
N PHE B 168 -9.04 2.06 64.56
CA PHE B 168 -9.89 3.26 64.32
C PHE B 168 -10.13 3.99 65.64
N ASP B 169 -9.98 3.29 66.77
CA ASP B 169 -10.09 3.96 68.10
C ASP B 169 -8.85 4.84 68.27
N SER B 170 -7.68 4.36 67.86
CA SER B 170 -6.48 5.23 67.90
C SER B 170 -6.69 6.37 66.91
N ARG B 171 -7.44 6.11 65.82
CA ARG B 171 -7.76 7.19 64.85
C ARG B 171 -8.60 8.25 65.56
N VAL B 172 -9.61 7.85 66.33
CA VAL B 172 -10.43 8.82 67.11
C VAL B 172 -9.48 9.59 68.04
N GLY B 173 -8.57 8.87 68.70
CA GLY B 173 -7.62 9.51 69.62
C GLY B 173 -6.80 10.59 68.96
N GLN B 174 -6.34 10.37 67.71
CA GLN B 174 -5.44 11.38 67.09
C GLN B 174 -6.18 12.27 66.07
N ALA B 175 -7.46 11.98 65.80
CA ALA B 175 -8.18 12.69 64.71
C ALA B 175 -9.69 12.61 64.94
N ASN B 176 -10.45 13.50 64.28
CA ASN B 176 -11.94 13.49 64.37
C ASN B 176 -12.51 12.26 63.67
N MET B 177 -13.82 12.26 63.35
CA MET B 177 -14.42 11.04 62.76
C MET B 177 -15.71 11.35 61.99
N ILE B 178 -15.96 10.62 60.89
CA ILE B 178 -17.21 10.75 60.12
C ILE B 178 -17.73 9.34 59.87
N LEU B 179 -19.06 9.16 59.93
CA LEU B 179 -19.61 7.78 59.81
C LEU B 179 -20.84 7.73 58.88
N VAL B 180 -20.72 7.02 57.75
CA VAL B 180 -21.90 6.79 56.87
C VAL B 180 -22.33 5.35 57.18
N SER B 181 -23.48 5.15 57.83
CA SER B 181 -23.83 3.80 58.28
C SER B 181 -25.33 3.70 58.46
N HIS B 182 -25.78 2.48 58.80
CA HIS B 182 -27.19 2.20 59.00
C HIS B 182 -27.47 1.52 60.34
N ASN B 183 -26.53 1.54 61.27
CA ASN B 183 -26.75 1.05 62.64
C ASN B 183 -26.58 2.25 63.57
N MET B 184 -27.65 2.55 64.33
CA MET B 184 -27.67 3.77 65.14
C MET B 184 -26.63 3.75 66.25
N ASN B 185 -26.28 2.56 66.75
CA ASN B 185 -25.35 2.47 67.87
C ASN B 185 -23.97 3.01 67.50
N ASP B 186 -23.61 2.92 66.23
CA ASP B 186 -22.32 3.45 65.78
C ASP B 186 -22.26 4.97 65.94
N ILE B 187 -23.32 5.67 65.51
CA ILE B 187 -23.35 7.12 65.71
C ILE B 187 -23.52 7.46 67.19
N LYS B 188 -24.19 6.58 67.95
CA LYS B 188 -24.33 6.81 69.39
C LYS B 188 -22.97 6.77 70.09
N GLU B 189 -22.12 5.82 69.74
CA GLU B 189 -20.85 5.67 70.43
C GLU B 189 -19.77 6.58 69.85
N TYR B 190 -19.59 6.57 68.53
CA TYR B 190 -18.40 7.14 67.91
C TYR B 190 -18.59 8.57 67.41
N CYS B 191 -19.77 9.16 67.56
CA CYS B 191 -20.01 10.53 67.15
C CYS B 191 -20.67 11.32 68.27
N ASP B 192 -20.49 12.64 68.21
CA ASP B 192 -21.05 13.54 69.22
C ASP B 192 -22.04 14.53 68.62
N VAL B 193 -21.98 14.79 67.31
CA VAL B 193 -22.93 15.67 66.64
C VAL B 193 -23.46 14.94 65.40
N VAL B 194 -24.58 15.42 64.90
CA VAL B 194 -25.29 14.77 63.80
C VAL B 194 -25.66 15.81 62.74
N VAL B 195 -25.43 15.48 61.47
CA VAL B 195 -25.97 16.24 60.36
C VAL B 195 -26.92 15.34 59.58
N LEU B 196 -28.12 15.85 59.32
CA LEU B 196 -29.16 15.11 58.62
C LEU B 196 -29.40 15.78 57.27
N VAL B 197 -29.24 15.01 56.20
CA VAL B 197 -29.42 15.51 54.84
C VAL B 197 -30.64 14.85 54.25
N ASP B 198 -31.66 15.66 53.95
CA ASP B 198 -32.91 15.15 53.39
C ASP B 198 -33.27 15.99 52.18
N GLN B 199 -33.44 15.32 51.03
CA GLN B 199 -34.05 15.87 49.82
C GLN B 199 -33.18 16.98 49.19
N GLY B 200 -32.09 17.35 49.86
CA GLY B 200 -31.18 18.36 49.37
C GLY B 200 -30.79 19.38 50.42
N GLN B 201 -31.43 19.34 51.59
CA GLN B 201 -31.16 20.29 52.65
C GLN B 201 -30.52 19.58 53.83
N ALA B 202 -29.62 20.30 54.51
CA ALA B 202 -28.84 19.78 55.62
C ALA B 202 -29.24 20.49 56.91
N THR B 203 -29.40 19.72 57.98
CA THR B 203 -29.73 20.23 59.30
C THR B 203 -28.70 19.72 60.30
N LEU B 204 -28.40 20.55 61.31
CA LEU B 204 -27.37 20.26 62.28
C LEU B 204 -27.99 20.07 63.66
N TYR B 205 -27.54 19.03 64.37
CA TYR B 205 -27.95 18.76 65.74
C TYR B 205 -26.71 18.54 66.58
N GLU B 206 -26.58 19.31 67.65
CA GLU B 206 -25.42 19.19 68.53
C GLU B 206 -25.54 18.02 69.51
N ASP B 207 -26.70 17.36 69.57
CA ASP B 207 -26.89 16.20 70.42
C ASP B 207 -27.23 15.00 69.54
N VAL B 208 -26.66 13.84 69.89
CA VAL B 208 -26.87 12.63 69.08
C VAL B 208 -28.31 12.16 69.17
N GLU B 209 -28.89 12.18 70.38
CA GLU B 209 -30.26 11.70 70.58
C GLU B 209 -31.25 12.54 69.80
N ALA B 210 -31.06 13.87 69.78
CA ALA B 210 -31.92 14.74 68.98
C ALA B 210 -31.77 14.44 67.50
N GLY B 211 -30.55 14.12 67.06
CA GLY B 211 -30.34 13.77 65.66
C GLY B 211 -31.04 12.49 65.26
N ILE B 212 -30.93 11.44 66.08
CA ILE B 212 -31.60 10.19 65.76
C ILE B 212 -33.11 10.32 65.90
N ALA B 213 -33.56 11.20 66.81
CA ALA B 213 -34.99 11.47 66.93
C ALA B 213 -35.52 12.17 65.69
N ALA B 214 -34.75 13.13 65.15
CA ALA B 214 -35.14 13.77 63.90
C ALA B 214 -35.10 12.79 62.74
N TYR B 215 -34.17 11.84 62.77
CA TYR B 215 -34.12 10.80 61.75
C TYR B 215 -35.37 9.91 61.80
N GLN B 216 -35.78 9.51 63.01
CA GLN B 216 -37.00 8.73 63.16
C GLN B 216 -38.23 9.53 62.74
N GLY B 217 -38.26 10.82 63.08
CA GLY B 217 -39.35 11.67 62.61
C GLY B 217 -39.38 11.79 61.11
N SER B 218 -38.21 11.85 60.47
CA SER B 218 -38.14 11.93 59.02
C SER B 218 -38.66 10.65 58.38
N LEU B 219 -38.29 9.49 58.91
CA LEU B 219 -38.77 8.24 58.30
C LEU B 219 -40.27 8.06 58.56
N LYS B 220 -40.75 8.50 59.72
CA LYS B 220 -42.18 8.46 59.98
C LYS B 220 -42.94 9.40 59.04
N LYS B 221 -42.41 10.59 58.77
CA LYS B 221 -43.04 11.51 57.84
C LYS B 221 -43.04 10.95 56.41
N ALA B 222 -41.95 10.28 56.02
CA ALA B 222 -41.89 9.67 54.69
C ALA B 222 -42.85 8.49 54.58
N ALA B 223 -42.99 7.70 55.64
CA ALA B 223 -43.93 6.58 55.64
C ALA B 223 -45.38 7.02 55.77
N ALA B 224 -45.62 8.22 56.29
CA ALA B 224 -46.97 8.74 56.42
C ALA B 224 -47.57 9.18 55.09
N LYS B 225 -46.74 9.38 54.07
CA LYS B 225 -47.25 9.80 52.77
C LYS B 225 -47.83 8.59 52.03
N PRO B 226 -49.10 8.64 51.62
CA PRO B 226 -49.74 7.52 50.92
C PRO B 226 -49.54 7.58 49.41
N VAL C 15 -41.77 -34.37 24.03
CA VAL C 15 -41.08 -35.07 22.96
C VAL C 15 -39.60 -35.21 23.32
N LYS C 16 -38.91 -36.15 22.66
CA LYS C 16 -37.49 -36.34 22.94
C LYS C 16 -36.65 -35.22 22.37
N ARG C 17 -37.06 -34.65 21.23
CA ARG C 17 -36.44 -33.47 20.62
C ARG C 17 -34.97 -33.71 20.31
N SER C 18 -34.77 -34.58 19.30
CA SER C 18 -33.49 -34.99 18.72
C SER C 18 -32.53 -33.81 18.51
N PRO C 19 -31.22 -34.03 18.65
CA PRO C 19 -30.26 -32.90 18.71
C PRO C 19 -30.29 -31.98 17.49
N TRP C 20 -30.68 -32.48 16.32
CA TRP C 20 -30.79 -31.62 15.15
C TRP C 20 -31.90 -30.58 15.33
N GLN C 21 -32.98 -30.95 16.02
CA GLN C 21 -34.06 -30.00 16.27
C GLN C 21 -33.62 -28.88 17.20
N ILE C 22 -32.98 -29.22 18.32
CA ILE C 22 -32.54 -28.17 19.23
C ILE C 22 -31.43 -27.35 18.62
N GLN C 23 -30.62 -27.96 17.75
CA GLN C 23 -29.61 -27.19 17.03
C GLN C 23 -30.27 -26.15 16.12
N GLN C 24 -31.33 -26.54 15.40
CA GLN C 24 -32.06 -25.57 14.59
C GLN C 24 -32.65 -24.46 15.46
N ALA C 25 -33.22 -24.84 16.60
CA ALA C 25 -33.89 -23.86 17.46
C ALA C 25 -32.89 -22.83 18.00
N VAL C 26 -31.75 -23.30 18.51
CA VAL C 26 -30.77 -22.37 19.07
C VAL C 26 -30.12 -21.55 17.96
N LEU C 27 -29.92 -22.13 16.77
CA LEU C 27 -29.38 -21.35 15.66
C LEU C 27 -30.34 -20.25 15.23
N PHE C 28 -31.63 -20.56 15.17
CA PHE C 28 -32.63 -19.58 14.75
C PHE C 28 -32.73 -18.45 15.75
N ALA C 29 -32.83 -18.79 17.05
CA ALA C 29 -32.92 -17.78 18.09
C ALA C 29 -31.67 -16.93 18.16
N LEU C 30 -30.51 -17.57 18.06
CA LEU C 30 -29.25 -16.83 18.11
C LEU C 30 -29.06 -15.97 16.88
N PHE C 31 -29.57 -16.39 15.73
CA PHE C 31 -29.53 -15.55 14.54
C PHE C 31 -30.36 -14.29 14.74
N LEU C 32 -31.55 -14.43 15.33
CA LEU C 32 -32.35 -13.25 15.66
C LEU C 32 -31.60 -12.33 16.62
N ARG C 33 -31.02 -12.91 17.67
CA ARG C 33 -30.29 -12.11 18.65
C ARG C 33 -29.12 -11.37 18.01
N GLU C 34 -28.43 -12.03 17.08
CA GLU C 34 -27.21 -11.45 16.54
C GLU C 34 -27.52 -10.46 15.42
N LEU C 35 -28.62 -10.67 14.70
CA LEU C 35 -29.07 -9.69 13.72
C LEU C 35 -29.57 -8.43 14.40
N LYS C 36 -30.14 -8.56 15.61
CA LYS C 36 -30.62 -7.39 16.32
C LYS C 36 -29.50 -6.41 16.65
N THR C 37 -28.26 -6.88 16.74
CA THR C 37 -27.13 -6.03 17.08
C THR C 37 -26.16 -5.78 15.94
N ARG C 38 -26.04 -6.71 14.99
CA ARG C 38 -25.11 -6.51 13.88
C ARG C 38 -25.59 -5.39 12.97
N LEU C 39 -26.87 -5.41 12.61
CA LEU C 39 -27.44 -4.32 11.84
C LEU C 39 -27.70 -3.09 12.68
N GLY C 40 -27.58 -3.20 14.01
CA GLY C 40 -27.75 -2.07 14.89
C GLY C 40 -29.19 -1.83 15.27
N GLY C 41 -29.42 -1.08 16.35
CA GLY C 41 -30.77 -0.70 16.69
C GLY C 41 -31.35 0.23 15.64
N ARG C 42 -32.64 0.03 15.35
CA ARG C 42 -33.44 0.77 14.37
C ARG C 42 -32.88 0.60 12.96
N TRP C 43 -32.08 -0.44 12.70
CA TRP C 43 -31.56 -0.79 11.38
C TRP C 43 -30.76 0.35 10.74
N LEU C 44 -29.94 1.01 11.56
CA LEU C 44 -29.11 2.09 11.04
C LEU C 44 -27.88 1.56 10.30
N GLY C 45 -27.50 0.30 10.54
CA GLY C 45 -26.28 -0.23 9.97
C GLY C 45 -26.39 -0.59 8.50
N VAL C 46 -27.60 -0.82 7.99
CA VAL C 46 -27.77 -1.22 6.60
C VAL C 46 -27.36 -0.08 5.67
N PHE C 47 -27.50 1.16 6.16
CA PHE C 47 -27.01 2.32 5.42
C PHE C 47 -25.52 2.21 5.15
N TRP C 48 -24.72 1.93 6.18
CA TRP C 48 -23.29 1.75 5.99
C TRP C 48 -22.99 0.48 5.19
N VAL C 49 -23.82 -0.55 5.33
CA VAL C 49 -23.59 -1.82 4.64
C VAL C 49 -23.64 -1.62 3.12
N LEU C 50 -24.65 -0.91 2.63
CA LEU C 50 -24.60 -0.60 1.19
C LEU C 50 -23.87 0.70 0.86
N LEU C 51 -23.40 1.46 1.85
CA LEU C 51 -22.61 2.65 1.53
C LEU C 51 -21.15 2.33 1.29
N GLU C 52 -20.61 1.34 2.01
CA GLU C 52 -19.18 1.04 1.90
C GLU C 52 -18.72 0.62 0.51
N PRO C 53 -19.38 -0.33 -0.19
CA PRO C 53 -18.92 -0.63 -1.56
C PRO C 53 -19.05 0.55 -2.51
N VAL C 54 -20.03 1.42 -2.31
CA VAL C 54 -20.19 2.59 -3.17
C VAL C 54 -19.00 3.52 -3.01
N ALA C 55 -18.59 3.76 -1.75
CA ALA C 55 -17.44 4.62 -1.49
C ALA C 55 -16.16 4.01 -2.05
N HIS C 56 -15.98 2.70 -1.86
CA HIS C 56 -14.81 2.02 -2.42
C HIS C 56 -14.77 2.16 -3.93
N ILE C 57 -15.90 1.93 -4.59
CA ILE C 57 -15.98 2.01 -6.04
C ILE C 57 -15.64 3.42 -6.51
N ALA C 58 -16.20 4.43 -5.86
CA ALA C 58 -15.97 5.81 -6.27
C ALA C 58 -14.51 6.20 -6.14
N VAL C 59 -13.90 5.91 -4.98
CA VAL C 59 -12.51 6.29 -4.75
C VAL C 59 -11.59 5.58 -5.75
N MET C 60 -11.77 4.27 -5.91
CA MET C 60 -10.90 3.54 -6.82
C MET C 60 -11.11 3.93 -8.28
N THR C 61 -12.35 4.25 -8.68
CA THR C 61 -12.55 4.58 -10.09
C THR C 61 -11.97 5.96 -10.42
N THR C 62 -12.20 6.97 -9.57
CA THR C 62 -11.59 8.27 -9.86
C THR C 62 -10.10 8.29 -9.56
N LEU C 63 -9.55 7.26 -8.94
CA LEU C 63 -8.11 7.16 -8.88
C LEU C 63 -7.49 6.45 -10.08
N PHE C 64 -8.10 5.37 -10.58
CA PHE C 64 -7.39 4.46 -11.48
C PHE C 64 -8.18 4.09 -12.74
N SER C 65 -9.17 4.90 -13.15
CA SER C 65 -9.98 4.52 -14.30
C SER C 65 -9.16 4.47 -15.58
N LEU C 66 -8.36 5.51 -15.84
CA LEU C 66 -7.58 5.54 -17.08
C LEU C 66 -6.48 4.47 -17.06
N ALA C 67 -5.88 4.24 -15.90
CA ALA C 67 -4.86 3.21 -15.80
C ALA C 67 -5.43 1.82 -16.08
N HIS C 68 -6.63 1.54 -15.54
CA HIS C 68 -7.23 0.24 -15.81
C HIS C 68 -7.68 0.13 -17.26
N ARG C 69 -8.14 1.24 -17.84
CA ARG C 69 -8.51 1.21 -19.26
C ARG C 69 -7.30 0.92 -20.14
N ALA C 70 -6.15 1.51 -19.80
CA ALA C 70 -4.94 1.24 -20.55
C ALA C 70 -4.42 -0.17 -20.29
N ALA C 71 -4.71 -0.74 -19.11
CA ALA C 71 -4.21 -2.06 -18.78
C ALA C 71 -4.91 -3.13 -19.61
N MET C 72 -6.23 -3.25 -19.44
CA MET C 72 -7.01 -4.20 -20.22
C MET C 72 -8.30 -3.55 -20.69
N PRO C 73 -8.44 -3.26 -21.99
CA PRO C 73 -9.62 -2.55 -22.47
C PRO C 73 -10.85 -3.41 -22.67
N SER C 74 -10.74 -4.73 -22.57
CA SER C 74 -11.88 -5.60 -22.81
C SER C 74 -12.89 -5.61 -21.67
N ILE C 75 -12.49 -5.21 -20.46
CA ILE C 75 -13.35 -5.23 -19.30
C ILE C 75 -13.45 -3.83 -18.74
N GLU C 76 -14.68 -3.34 -18.56
CA GLU C 76 -14.87 -2.04 -17.95
C GLU C 76 -14.61 -2.11 -16.45
N TYR C 77 -14.17 -0.99 -15.89
CA TYR C 77 -13.65 -0.98 -14.52
C TYR C 77 -14.67 -1.32 -13.44
N PRO C 78 -15.89 -0.76 -13.40
CA PRO C 78 -16.76 -1.02 -12.22
C PRO C 78 -17.13 -2.48 -12.01
N VAL C 79 -17.39 -3.25 -13.06
CA VAL C 79 -17.76 -4.65 -12.86
C VAL C 79 -16.54 -5.46 -12.40
N PHE C 80 -15.36 -5.16 -12.94
CA PHE C 80 -14.13 -5.78 -12.48
C PHE C 80 -13.85 -5.42 -11.03
N LEU C 81 -14.26 -4.23 -10.60
CA LEU C 81 -14.12 -3.85 -9.20
C LEU C 81 -15.09 -4.63 -8.32
N ILE C 82 -16.36 -4.72 -8.74
CA ILE C 82 -17.38 -5.38 -7.94
C ILE C 82 -17.06 -6.85 -7.74
N THR C 83 -16.68 -7.54 -8.82
CA THR C 83 -16.48 -8.98 -8.77
C THR C 83 -15.33 -9.40 -7.87
N GLY C 84 -14.39 -8.50 -7.59
CA GLY C 84 -13.33 -8.80 -6.66
C GLY C 84 -13.50 -8.10 -5.33
N LEU C 85 -14.44 -7.17 -5.27
CA LEU C 85 -14.66 -6.40 -4.05
C LEU C 85 -15.64 -7.09 -3.12
N ILE C 86 -16.83 -7.45 -3.63
CA ILE C 86 -17.85 -8.06 -2.78
C ILE C 86 -17.43 -9.41 -2.22
N PRO C 87 -16.83 -10.34 -2.99
CA PRO C 87 -16.30 -11.56 -2.34
C PRO C 87 -15.27 -11.29 -1.27
N PHE C 88 -14.39 -10.30 -1.47
CA PHE C 88 -13.43 -9.99 -0.43
C PHE C 88 -14.11 -9.37 0.78
N PHE C 89 -15.16 -8.57 0.58
CA PHE C 89 -15.89 -8.03 1.72
C PHE C 89 -16.56 -9.14 2.50
N MET C 90 -17.09 -10.14 1.81
CA MET C 90 -17.66 -11.30 2.50
C MET C 90 -16.59 -12.06 3.28
N PHE C 91 -15.41 -12.24 2.69
CA PHE C 91 -14.33 -12.93 3.37
C PHE C 91 -13.86 -12.16 4.60
N ARG C 92 -13.71 -10.84 4.47
CA ARG C 92 -13.27 -10.02 5.59
C ARG C 92 -14.31 -10.02 6.71
N GLY C 93 -15.59 -9.97 6.36
CA GLY C 93 -16.63 -10.12 7.37
C GLY C 93 -16.55 -11.46 8.06
N LEU C 94 -16.43 -12.54 7.28
CA LEU C 94 -16.34 -13.89 7.81
C LEU C 94 -15.08 -14.13 8.63
N VAL C 95 -14.09 -13.25 8.53
CA VAL C 95 -12.94 -13.37 9.44
C VAL C 95 -13.18 -12.53 10.69
N THR C 96 -13.34 -11.22 10.52
CA THR C 96 -13.34 -10.32 11.68
C THR C 96 -14.59 -10.50 12.53
N ARG C 97 -15.77 -10.54 11.91
CA ARG C 97 -17.00 -10.72 12.68
C ARG C 97 -17.01 -12.06 13.39
N LEU C 98 -16.49 -13.10 12.74
CA LEU C 98 -16.52 -14.44 13.29
C LEU C 98 -15.54 -14.60 14.44
N MET C 99 -14.39 -13.93 14.38
CA MET C 99 -13.34 -14.17 15.37
C MET C 99 -13.74 -13.71 16.76
N GLU C 100 -14.54 -12.64 16.86
CA GLU C 100 -14.97 -12.10 18.14
C GLU C 100 -16.33 -12.65 18.58
N ALA C 101 -16.66 -13.87 18.22
CA ALA C 101 -17.96 -14.46 18.52
C ALA C 101 -18.05 -15.03 19.92
N ILE C 102 -16.96 -15.04 20.67
CA ILE C 102 -16.94 -15.69 21.97
C ILE C 102 -17.26 -14.72 23.09
N ASP C 103 -16.58 -13.58 23.12
CA ASP C 103 -16.76 -12.64 24.23
C ASP C 103 -18.10 -11.94 24.16
N SER C 104 -18.68 -11.80 22.96
CA SER C 104 -19.95 -11.10 22.84
C SER C 104 -21.11 -11.87 23.44
N ASN C 105 -20.97 -13.19 23.60
CA ASN C 105 -22.03 -14.00 24.18
C ASN C 105 -21.51 -14.84 25.35
N ARG C 106 -20.48 -14.36 26.05
CA ARG C 106 -19.85 -15.14 27.10
C ARG C 106 -20.82 -15.43 28.24
N GLY C 107 -21.68 -14.47 28.57
CA GLY C 107 -22.68 -14.69 29.60
C GLY C 107 -23.81 -15.61 29.18
N LEU C 108 -23.90 -15.93 27.90
CA LEU C 108 -24.98 -16.77 27.40
C LEU C 108 -24.72 -18.26 27.61
N PHE C 109 -23.52 -18.65 28.04
CA PHE C 109 -23.13 -20.05 28.13
C PHE C 109 -23.59 -20.68 29.45
N ALA C 110 -24.90 -20.62 29.69
CA ALA C 110 -25.42 -21.19 30.92
C ALA C 110 -26.76 -21.90 30.74
N TYR C 111 -27.09 -22.34 29.53
CA TYR C 111 -28.38 -22.95 29.27
C TYR C 111 -28.29 -24.36 28.70
N ARG C 112 -27.08 -24.91 28.56
CA ARG C 112 -26.75 -26.29 28.19
C ARG C 112 -27.02 -26.60 26.72
N GLN C 113 -27.70 -25.71 25.98
CA GLN C 113 -27.84 -25.85 24.53
C GLN C 113 -27.21 -24.66 23.81
N VAL C 114 -26.20 -24.05 24.42
CA VAL C 114 -25.66 -22.78 23.94
C VAL C 114 -24.17 -22.90 23.66
N LYS C 115 -23.75 -24.04 23.12
CA LYS C 115 -22.34 -24.27 22.83
C LYS C 115 -21.81 -23.19 21.88
N PRO C 116 -20.55 -22.77 22.04
CA PRO C 116 -20.06 -21.62 21.26
C PRO C 116 -20.05 -21.81 19.75
N ILE C 117 -20.05 -23.06 19.29
CA ILE C 117 -20.11 -23.33 17.87
C ILE C 117 -21.42 -22.81 17.28
N ASP C 118 -22.47 -22.71 18.11
CA ASP C 118 -23.72 -22.10 17.64
C ASP C 118 -23.54 -20.62 17.38
N THR C 119 -22.79 -19.92 18.23
CA THR C 119 -22.50 -18.51 17.98
C THR C 119 -21.69 -18.35 16.71
N VAL C 120 -20.69 -19.22 16.51
CA VAL C 120 -19.87 -19.16 15.30
C VAL C 120 -20.72 -19.36 14.05
N ILE C 121 -21.59 -20.37 14.08
CA ILE C 121 -22.41 -20.69 12.91
C ILE C 121 -23.43 -19.58 12.66
N ALA C 122 -24.00 -19.02 13.72
CA ALA C 122 -24.98 -17.95 13.57
C ALA C 122 -24.36 -16.71 12.92
N ARG C 123 -23.18 -16.32 13.41
CA ARG C 123 -22.51 -15.16 12.82
C ARG C 123 -22.12 -15.43 11.36
N ALA C 124 -21.66 -16.65 11.08
CA ALA C 124 -21.29 -16.99 9.70
C ALA C 124 -22.47 -16.92 8.76
N MET C 125 -23.62 -17.47 9.19
CA MET C 125 -24.79 -17.46 8.32
C MET C 125 -25.35 -16.05 8.16
N LEU C 126 -25.26 -15.21 9.20
CA LEU C 126 -25.72 -13.83 9.07
C LEU C 126 -24.87 -13.05 8.08
N GLU C 127 -23.54 -13.20 8.16
CA GLU C 127 -22.67 -12.52 7.22
C GLU C 127 -22.89 -13.02 5.80
N ILE C 128 -23.07 -14.35 5.65
CA ILE C 128 -23.29 -14.94 4.33
C ILE C 128 -24.55 -14.35 3.70
N SER C 129 -25.64 -14.30 4.47
CA SER C 129 -26.90 -13.79 3.93
C SER C 129 -26.80 -12.32 3.57
N LEU C 130 -26.18 -11.52 4.45
CA LEU C 130 -26.09 -10.08 4.22
C LEU C 130 -25.27 -9.79 2.96
N GLN C 131 -24.11 -10.43 2.83
CA GLN C 131 -23.31 -10.19 1.64
C GLN C 131 -23.94 -10.80 0.39
N SER C 132 -24.76 -11.84 0.52
CA SER C 132 -25.48 -12.34 -0.64
C SER C 132 -26.50 -11.33 -1.16
N ILE C 133 -27.26 -10.69 -0.26
CA ILE C 133 -28.19 -9.66 -0.71
C ILE C 133 -27.44 -8.47 -1.29
N VAL C 134 -26.30 -8.11 -0.69
CA VAL C 134 -25.50 -6.99 -1.23
C VAL C 134 -24.99 -7.32 -2.62
N TYR C 135 -24.55 -8.57 -2.83
CA TYR C 135 -24.07 -8.98 -4.15
C TYR C 135 -25.19 -8.94 -5.18
N LEU C 136 -26.37 -9.44 -4.82
CA LEU C 136 -27.49 -9.43 -5.77
C LEU C 136 -27.90 -8.00 -6.12
N ILE C 137 -27.90 -7.11 -5.13
CA ILE C 137 -28.22 -5.71 -5.39
C ILE C 137 -27.17 -5.08 -6.29
N ALA C 138 -25.89 -5.43 -6.08
CA ALA C 138 -24.82 -4.88 -6.89
C ALA C 138 -24.93 -5.31 -8.35
N LEU C 139 -25.17 -6.59 -8.60
CA LEU C 139 -25.38 -7.03 -9.99
C LEU C 139 -26.64 -6.43 -10.59
N GLY C 140 -27.69 -6.25 -9.79
CA GLY C 140 -28.88 -5.59 -10.30
C GLY C 140 -28.62 -4.17 -10.75
N THR C 141 -27.88 -3.41 -9.93
CA THR C 141 -27.53 -2.04 -10.29
C THR C 141 -26.63 -2.00 -11.52
N LEU C 142 -25.65 -2.91 -11.59
CA LEU C 142 -24.75 -2.95 -12.74
C LEU C 142 -25.50 -3.27 -14.02
N GLY C 143 -26.48 -4.17 -13.95
CA GLY C 143 -27.34 -4.39 -15.09
C GLY C 143 -28.20 -3.19 -15.43
N TRP C 144 -28.66 -2.46 -14.41
CA TRP C 144 -29.47 -1.27 -14.63
C TRP C 144 -28.68 -0.13 -15.25
N LEU C 145 -27.36 -0.12 -15.13
CA LEU C 145 -26.55 0.93 -15.71
C LEU C 145 -25.92 0.53 -17.03
N GLY C 146 -26.32 -0.60 -17.60
CA GLY C 146 -25.87 -0.99 -18.92
C GLY C 146 -24.55 -1.73 -18.98
N PHE C 147 -23.97 -2.10 -17.83
CA PHE C 147 -22.74 -2.87 -17.82
C PHE C 147 -23.05 -4.35 -18.06
N HIS C 148 -21.99 -5.16 -18.06
CA HIS C 148 -22.12 -6.61 -18.20
C HIS C 148 -22.33 -7.20 -16.81
N PHE C 149 -23.42 -7.96 -16.63
CA PHE C 149 -23.80 -8.38 -15.29
C PHE C 149 -24.31 -9.82 -15.19
N LEU C 150 -24.14 -10.63 -16.23
CA LEU C 150 -24.49 -12.04 -16.16
C LEU C 150 -23.25 -12.89 -16.33
N PRO C 151 -22.93 -13.76 -15.38
CA PRO C 151 -21.78 -14.65 -15.56
C PRO C 151 -22.02 -15.66 -16.66
N VAL C 152 -20.93 -16.05 -17.33
CA VAL C 152 -21.04 -17.04 -18.39
C VAL C 152 -20.99 -18.46 -17.83
N ARG C 153 -20.25 -18.69 -16.75
CA ARG C 153 -20.14 -19.99 -16.10
C ARG C 153 -20.60 -19.81 -14.66
N ALA C 154 -21.91 -19.93 -14.42
CA ALA C 154 -22.46 -19.54 -13.13
C ALA C 154 -22.13 -20.54 -12.03
N LEU C 155 -22.24 -21.84 -12.32
CA LEU C 155 -22.05 -22.82 -11.25
C LEU C 155 -20.58 -22.96 -10.86
N GLU C 156 -19.66 -22.72 -11.80
CA GLU C 156 -18.25 -22.66 -11.43
C GLU C 156 -17.99 -21.48 -10.51
N LEU C 157 -18.62 -20.34 -10.78
CA LEU C 157 -18.53 -19.20 -9.89
C LEU C 157 -19.08 -19.54 -8.52
N ALA C 158 -20.20 -20.28 -8.48
CA ALA C 158 -20.77 -20.70 -7.20
C ALA C 158 -19.81 -21.62 -6.45
N GLY C 159 -19.12 -22.50 -7.17
CA GLY C 159 -18.16 -23.38 -6.52
C GLY C 159 -16.98 -22.64 -5.92
N VAL C 160 -16.42 -21.69 -6.67
CA VAL C 160 -15.32 -20.89 -6.13
C VAL C 160 -15.80 -20.04 -4.96
N SER C 161 -17.02 -19.50 -5.05
CA SER C 161 -17.56 -18.72 -3.94
C SER C 161 -17.75 -19.58 -2.70
N ALA C 162 -18.20 -20.82 -2.87
CA ALA C 162 -18.35 -21.73 -1.75
C ALA C 162 -17.00 -22.07 -1.13
N VAL C 163 -15.98 -22.27 -1.96
CA VAL C 163 -14.64 -22.56 -1.43
C VAL C 163 -14.13 -21.37 -0.62
N LEU C 164 -14.31 -20.16 -1.14
CA LEU C 164 -13.90 -18.96 -0.42
C LEU C 164 -14.65 -18.80 0.88
N ILE C 165 -15.96 -19.07 0.86
CA ILE C 165 -16.78 -18.95 2.05
C ILE C 165 -16.32 -19.92 3.12
N MET C 166 -16.05 -21.17 2.73
CA MET C 166 -15.68 -22.17 3.73
C MET C 166 -14.27 -21.92 4.25
N LEU C 167 -13.37 -21.41 3.41
CA LEU C 167 -12.05 -21.01 3.89
C LEU C 167 -12.14 -19.88 4.90
N GLY C 168 -12.96 -18.87 4.60
CA GLY C 168 -13.11 -17.76 5.54
C GLY C 168 -13.73 -18.17 6.85
N ALA C 169 -14.75 -19.04 6.78
CA ALA C 169 -15.39 -19.53 8.01
C ALA C 169 -14.42 -20.36 8.84
N SER C 170 -13.62 -21.20 8.19
CA SER C 170 -12.63 -21.99 8.90
C SER C 170 -11.59 -21.10 9.58
N LEU C 171 -11.10 -20.07 8.88
CA LEU C 171 -10.13 -19.16 9.47
C LEU C 171 -10.73 -18.40 10.64
N GLY C 172 -11.98 -17.97 10.51
CA GLY C 172 -12.64 -17.28 11.61
C GLY C 172 -12.82 -18.16 12.83
N LEU C 173 -13.22 -19.42 12.63
CA LEU C 173 -13.36 -20.34 13.75
C LEU C 173 -12.02 -20.62 14.40
N PHE C 174 -10.97 -20.79 13.59
CA PHE C 174 -9.64 -21.04 14.12
C PHE C 174 -9.16 -19.88 14.97
N PHE C 175 -9.35 -18.66 14.49
CA PHE C 175 -8.90 -17.50 15.27
C PHE C 175 -9.74 -17.31 16.53
N ALA C 176 -11.05 -17.58 16.44
CA ALA C 176 -11.90 -17.46 17.62
C ALA C 176 -11.52 -18.48 18.67
N VAL C 177 -11.13 -19.69 18.25
CA VAL C 177 -10.70 -20.70 19.21
C VAL C 177 -9.36 -20.32 19.81
N VAL C 178 -8.41 -19.88 18.98
CA VAL C 178 -7.05 -19.65 19.45
C VAL C 178 -6.99 -18.44 20.38
N THR C 179 -7.59 -17.33 19.98
CA THR C 179 -7.48 -16.09 20.76
C THR C 179 -8.68 -15.91 21.69
N ASN C 180 -8.92 -16.93 22.52
CA ASN C 180 -10.03 -16.85 23.51
C ASN C 180 -9.44 -16.36 24.84
N GLU C 181 -8.45 -17.10 25.36
CA GLU C 181 -7.77 -16.65 26.60
C GLU C 181 -7.09 -15.31 26.31
N ILE C 182 -6.60 -15.13 25.07
CA ILE C 182 -5.98 -13.83 24.67
C ILE C 182 -6.98 -13.04 23.84
N PRO C 183 -7.76 -12.11 24.44
CA PRO C 183 -8.72 -11.30 23.70
C PRO C 183 -8.05 -10.37 22.68
N GLN C 184 -6.71 -10.23 22.76
CA GLN C 184 -5.99 -9.29 21.87
C GLN C 184 -5.66 -9.98 20.53
N ALA C 185 -4.68 -9.44 19.79
CA ALA C 185 -4.30 -10.00 18.50
C ALA C 185 -5.44 -10.00 17.49
N ARG C 186 -6.64 -9.60 17.92
CA ARG C 186 -7.72 -9.35 16.97
C ARG C 186 -7.46 -8.07 16.18
N ALA C 187 -6.96 -7.04 16.86
CA ALA C 187 -6.54 -5.84 16.17
C ALA C 187 -5.43 -6.13 15.18
N ILE C 188 -4.47 -6.96 15.57
CA ILE C 188 -3.42 -7.36 14.64
C ILE C 188 -3.98 -8.17 13.48
N VAL C 189 -5.06 -8.93 13.72
CA VAL C 189 -5.70 -9.65 12.63
C VAL C 189 -6.28 -8.69 11.60
N ARG C 190 -6.95 -7.62 12.07
CA ARG C 190 -7.48 -6.63 11.13
C ARG C 190 -6.38 -5.87 10.41
N ILE C 191 -5.33 -5.49 11.15
CA ILE C 191 -4.19 -4.79 10.57
C ILE C 191 -3.51 -5.64 9.52
N SER C 192 -3.44 -6.96 9.74
CA SER C 192 -2.89 -7.83 8.71
C SER C 192 -3.88 -8.05 7.57
N LEU C 193 -5.19 -7.88 7.83
CA LEU C 193 -6.16 -8.06 6.77
C LEU C 193 -6.14 -6.91 5.77
N LEU C 194 -5.69 -5.73 6.20
CA LEU C 194 -5.62 -4.61 5.26
C LEU C 194 -4.66 -4.84 4.08
N PRO C 195 -3.40 -5.25 4.26
CA PRO C 195 -2.57 -5.52 3.08
C PRO C 195 -3.07 -6.68 2.26
N LEU C 196 -3.84 -7.60 2.86
CA LEU C 196 -4.49 -8.64 2.08
C LEU C 196 -5.48 -8.04 1.08
N TYR C 197 -6.18 -6.98 1.48
CA TYR C 197 -6.97 -6.21 0.54
C TYR C 197 -6.08 -5.57 -0.50
N PHE C 198 -4.94 -5.02 -0.08
CA PHE C 198 -4.13 -4.26 -1.03
C PHE C 198 -3.29 -5.12 -1.96
N VAL C 199 -3.22 -6.43 -1.75
CA VAL C 199 -2.33 -7.29 -2.53
C VAL C 199 -3.06 -8.34 -3.34
N SER C 200 -4.30 -8.67 -3.00
CA SER C 200 -5.01 -9.76 -3.66
C SER C 200 -5.57 -9.38 -5.02
N GLY C 201 -5.21 -8.23 -5.57
CA GLY C 201 -5.68 -7.83 -6.88
C GLY C 201 -7.17 -7.54 -6.93
N VAL C 202 -7.73 -6.94 -5.87
CA VAL C 202 -9.15 -6.59 -5.85
C VAL C 202 -9.41 -5.18 -6.35
N ILE C 203 -8.37 -4.38 -6.57
CA ILE C 203 -8.52 -3.02 -7.04
C ILE C 203 -7.93 -2.83 -8.42
N PHE C 204 -6.80 -3.49 -8.70
CA PHE C 204 -6.13 -3.42 -9.99
C PHE C 204 -5.85 -4.82 -10.49
N PRO C 205 -5.84 -5.03 -11.81
CA PRO C 205 -5.47 -6.35 -12.34
C PRO C 205 -4.05 -6.72 -11.97
N VAL C 206 -3.86 -8.01 -11.66
CA VAL C 206 -2.56 -8.50 -11.21
C VAL C 206 -1.62 -8.77 -12.37
N HIS C 207 -2.07 -8.59 -13.61
CA HIS C 207 -1.22 -8.87 -14.76
C HIS C 207 -0.04 -7.92 -14.86
N THR C 208 -0.21 -6.69 -14.38
CA THR C 208 0.83 -5.67 -14.47
C THR C 208 1.90 -5.81 -13.40
N ILE C 209 1.72 -6.72 -12.45
CA ILE C 209 2.73 -6.93 -11.40
C ILE C 209 4.00 -7.51 -12.02
N PRO C 210 5.17 -6.98 -11.71
CA PRO C 210 6.42 -7.53 -12.26
C PRO C 210 6.61 -8.98 -11.83
N PRO C 211 7.15 -9.82 -12.71
CA PRO C 211 7.19 -11.27 -12.43
C PRO C 211 8.04 -11.67 -11.25
N GLN C 212 9.04 -10.87 -10.86
CA GLN C 212 9.90 -11.26 -9.76
C GLN C 212 9.16 -11.24 -8.42
N TYR C 213 8.10 -10.46 -8.31
CA TYR C 213 7.23 -10.51 -7.15
C TYR C 213 6.12 -11.54 -7.29
N LEU C 214 5.97 -12.12 -8.49
CA LEU C 214 4.80 -12.95 -8.77
C LEU C 214 4.69 -14.21 -7.92
N PRO C 215 5.72 -15.08 -7.82
CA PRO C 215 5.50 -16.35 -7.08
C PRO C 215 5.18 -16.16 -5.60
N LEU C 216 5.81 -15.18 -4.95
CA LEU C 216 5.53 -14.91 -3.55
C LEU C 216 4.07 -14.50 -3.38
N LEU C 217 3.56 -13.66 -4.26
CA LEU C 217 2.15 -13.28 -4.22
C LEU C 217 1.23 -14.47 -4.47
N GLN C 218 1.72 -15.54 -5.08
CA GLN C 218 0.90 -16.73 -5.27
C GLN C 218 0.74 -17.53 -3.98
N LEU C 219 1.47 -17.18 -2.91
CA LEU C 219 1.25 -17.84 -1.63
C LEU C 219 -0.09 -17.49 -1.02
N ASN C 220 -0.66 -16.37 -1.42
CA ASN C 220 -1.96 -15.94 -0.88
C ASN C 220 -3.08 -16.69 -1.60
N PRO C 221 -3.87 -17.50 -0.88
CA PRO C 221 -4.95 -18.24 -1.56
C PRO C 221 -6.09 -17.35 -2.00
N VAL C 222 -6.26 -16.19 -1.36
CA VAL C 222 -7.34 -15.28 -1.73
C VAL C 222 -7.12 -14.74 -3.13
N LEU C 223 -5.86 -14.54 -3.53
CA LEU C 223 -5.57 -14.13 -4.90
C LEU C 223 -6.05 -15.18 -5.90
N HIS C 224 -5.78 -16.45 -5.61
CA HIS C 224 -6.25 -17.53 -6.48
C HIS C 224 -7.76 -17.55 -6.56
N LEU C 225 -8.44 -17.42 -5.41
CA LEU C 225 -9.90 -17.48 -5.41
C LEU C 225 -10.52 -16.30 -6.14
N ILE C 226 -9.93 -15.10 -5.97
CA ILE C 226 -10.44 -13.92 -6.66
C ILE C 226 -10.26 -14.07 -8.17
N GLU C 227 -9.09 -14.53 -8.59
CA GLU C 227 -8.85 -14.71 -10.03
C GLU C 227 -9.76 -15.78 -10.62
N LEU C 228 -10.00 -16.87 -9.89
CA LEU C 228 -10.87 -17.92 -10.40
C LEU C 228 -12.32 -17.46 -10.46
N SER C 229 -12.75 -16.65 -9.50
CA SER C 229 -14.11 -16.12 -9.54
C SER C 229 -14.26 -15.12 -10.68
N ARG C 230 -13.23 -14.33 -10.95
CA ARG C 230 -13.30 -13.39 -12.06
C ARG C 230 -13.30 -14.10 -13.41
N ALA C 231 -12.51 -15.19 -13.53
CA ALA C 231 -12.38 -15.87 -14.81
C ALA C 231 -13.69 -16.51 -15.24
N SER C 232 -14.41 -17.13 -14.30
CA SER C 232 -15.68 -17.75 -14.62
C SER C 232 -16.81 -16.74 -14.80
N PHE C 233 -16.57 -15.47 -14.49
CA PHE C 233 -17.58 -14.43 -14.66
C PHE C 233 -17.51 -13.82 -16.06
N PHE C 234 -16.37 -13.24 -16.40
CA PHE C 234 -16.22 -12.56 -17.68
C PHE C 234 -15.97 -13.57 -18.80
N PRO C 235 -16.35 -13.23 -20.04
CA PRO C 235 -15.94 -14.06 -21.18
C PRO C 235 -14.55 -13.65 -21.64
N GLN C 236 -13.71 -14.66 -21.87
CA GLN C 236 -12.33 -14.50 -22.35
C GLN C 236 -11.52 -13.60 -21.40
N TYR C 237 -11.33 -14.10 -20.19
CA TYR C 237 -10.47 -13.45 -19.19
C TYR C 237 -9.34 -14.41 -18.88
N ARG C 238 -8.12 -14.04 -19.25
CA ARG C 238 -6.97 -14.92 -19.08
C ARG C 238 -6.56 -15.00 -17.62
N VAL C 239 -5.92 -16.11 -17.25
CA VAL C 239 -5.40 -16.33 -15.91
C VAL C 239 -3.90 -16.59 -16.00
N LEU C 240 -3.19 -16.25 -14.95
CA LEU C 240 -1.75 -16.43 -14.93
C LEU C 240 -1.39 -17.89 -14.69
N GLN C 241 -0.17 -18.24 -15.07
CA GLN C 241 0.36 -19.55 -14.73
C GLN C 241 0.60 -19.64 -13.23
N GLY C 242 0.38 -20.84 -12.69
CA GLY C 242 0.57 -21.07 -11.27
C GLY C 242 -0.65 -20.81 -10.42
N ILE C 243 -1.73 -20.31 -11.00
CA ILE C 243 -2.98 -20.08 -10.26
C ILE C 243 -3.88 -21.27 -10.50
N ASN C 244 -4.33 -21.90 -9.42
CA ASN C 244 -5.15 -23.10 -9.51
C ASN C 244 -6.19 -23.08 -8.40
N LEU C 245 -7.07 -24.07 -8.43
CA LEU C 245 -8.05 -24.28 -7.38
C LEU C 245 -7.55 -25.22 -6.30
N ALA C 246 -6.60 -26.09 -6.63
CA ALA C 246 -6.13 -27.11 -5.69
C ALA C 246 -5.43 -26.48 -4.49
N TYR C 247 -4.61 -25.45 -4.72
CA TYR C 247 -3.91 -24.83 -3.58
C TYR C 247 -4.87 -24.14 -2.60
N PRO C 248 -5.80 -23.27 -3.01
CA PRO C 248 -6.74 -22.74 -2.02
C PRO C 248 -7.68 -23.79 -1.45
N ALA C 249 -8.05 -24.81 -2.23
CA ALA C 249 -8.90 -25.86 -1.69
C ALA C 249 -8.19 -26.64 -0.59
N GLY C 250 -6.92 -26.97 -0.80
CA GLY C 250 -6.15 -27.66 0.23
C GLY C 250 -5.91 -26.79 1.45
N PHE C 251 -5.63 -25.50 1.22
CA PHE C 251 -5.50 -24.56 2.34
C PHE C 251 -6.77 -24.53 3.17
N ALA C 252 -7.93 -24.43 2.50
CA ALA C 252 -9.20 -24.37 3.20
C ALA C 252 -9.50 -25.67 3.96
N LEU C 253 -9.23 -26.81 3.34
CA LEU C 253 -9.50 -28.09 4.00
C LEU C 253 -8.61 -28.28 5.22
N LEU C 254 -7.31 -27.98 5.09
CA LEU C 254 -6.41 -28.13 6.22
C LEU C 254 -6.76 -27.17 7.34
N SER C 255 -7.12 -25.93 6.99
CA SER C 255 -7.51 -24.96 8.00
C SER C 255 -8.78 -25.39 8.73
N LEU C 256 -9.75 -25.93 7.98
CA LEU C 256 -10.99 -26.40 8.60
C LEU C 256 -10.72 -27.57 9.55
N PHE C 257 -9.87 -28.50 9.14
CA PHE C 257 -9.53 -29.63 10.00
C PHE C 257 -8.82 -29.16 11.27
N LEU C 258 -7.86 -28.24 11.11
CA LEU C 258 -7.14 -27.72 12.27
C LEU C 258 -8.05 -26.97 13.21
N ALA C 259 -8.96 -26.15 12.67
CA ALA C 259 -9.88 -25.38 13.50
C ALA C 259 -10.83 -26.28 14.27
N LEU C 260 -11.38 -27.30 13.60
CA LEU C 260 -12.30 -28.20 14.28
C LEU C 260 -11.59 -29.01 15.35
N MET C 261 -10.35 -29.45 15.08
CA MET C 261 -9.60 -30.21 16.07
C MET C 261 -9.23 -29.36 17.27
N LEU C 262 -8.83 -28.11 17.04
CA LEU C 262 -8.51 -27.20 18.14
C LEU C 262 -9.75 -26.87 18.96
N TYR C 263 -10.91 -26.73 18.30
CA TYR C 263 -12.15 -26.53 19.04
C TYR C 263 -12.50 -27.75 19.88
N ARG C 264 -12.27 -28.95 19.34
CA ARG C 264 -12.57 -30.16 20.10
C ARG C 264 -11.65 -30.31 21.29
N LEU C 265 -10.39 -29.84 21.19
CA LEU C 265 -9.50 -29.92 22.34
C LEU C 265 -9.95 -29.01 23.48
N ARG C 266 -10.24 -27.75 23.18
CA ARG C 266 -10.55 -26.76 24.20
C ARG C 266 -12.03 -26.44 24.25
N ARG C 267 -12.89 -27.45 24.08
CA ARG C 267 -14.32 -27.23 24.09
C ARG C 267 -14.82 -26.77 25.47
N HIS C 268 -14.28 -27.36 26.54
CA HIS C 268 -14.74 -27.02 27.88
C HIS C 268 -14.23 -25.67 28.34
N GLN C 269 -13.07 -25.24 27.83
CA GLN C 269 -12.47 -23.99 28.28
C GLN C 269 -13.19 -22.75 27.75
N LEU C 270 -14.06 -22.90 26.76
CA LEU C 270 -14.82 -21.76 26.24
C LEU C 270 -16.15 -21.60 26.97
N ALA C 271 -16.10 -21.50 28.29
CA ALA C 271 -17.31 -21.34 29.09
C ALA C 271 -16.93 -20.68 30.41
N SER C 272 -17.48 -19.50 30.66
CA SER C 272 -17.21 -18.78 31.91
C SER C 272 -18.43 -17.97 32.33
N ARG D 17 1.55 22.84 49.67
CA ARG D 17 2.00 22.21 48.43
C ARG D 17 1.41 22.91 47.21
N SER D 18 2.29 23.41 46.35
CA SER D 18 1.85 24.06 45.13
C SER D 18 1.22 23.05 44.17
N PRO D 19 0.33 23.50 43.29
CA PRO D 19 -0.21 22.59 42.27
C PRO D 19 0.85 22.00 41.37
N TRP D 20 1.92 22.75 41.08
CA TRP D 20 2.97 22.23 40.22
C TRP D 20 3.68 21.04 40.87
N GLN D 21 3.96 21.11 42.17
CA GLN D 21 4.66 20.02 42.83
C GLN D 21 3.82 18.74 42.86
N ILE D 22 2.53 18.85 43.16
CA ILE D 22 1.69 17.67 43.15
C ILE D 22 1.50 17.17 41.73
N GLN D 23 1.58 18.06 40.74
CA GLN D 23 1.55 17.62 39.35
C GLN D 23 2.78 16.78 39.01
N GLN D 24 3.97 17.23 39.45
CA GLN D 24 5.17 16.40 39.25
C GLN D 24 5.03 15.05 39.94
N ALA D 25 4.47 15.05 41.16
CA ALA D 25 4.33 13.80 41.90
C ALA D 25 3.41 12.83 41.17
N VAL D 26 2.25 13.30 40.74
CA VAL D 26 1.29 12.40 40.08
C VAL D 26 1.82 11.95 38.73
N LEU D 27 2.52 12.83 38.01
CA LEU D 27 3.11 12.42 36.73
C LEU D 27 4.20 11.39 36.92
N PHE D 28 5.03 11.55 37.96
CA PHE D 28 6.08 10.58 38.25
C PHE D 28 5.47 9.22 38.56
N ALA D 29 4.45 9.19 39.43
CA ALA D 29 3.84 7.92 39.81
C ALA D 29 3.15 7.26 38.62
N LEU D 30 2.44 8.05 37.81
CA LEU D 30 1.75 7.48 36.66
C LEU D 30 2.74 7.00 35.60
N PHE D 31 3.86 7.70 35.44
CA PHE D 31 4.92 7.23 34.55
C PHE D 31 5.49 5.91 35.02
N LEU D 32 5.69 5.76 36.33
CA LEU D 32 6.19 4.50 36.86
C LEU D 32 5.22 3.36 36.58
N ARG D 33 3.93 3.58 36.85
CA ARG D 33 2.92 2.55 36.59
C ARG D 33 2.86 2.20 35.11
N GLU D 34 2.84 3.22 34.24
CA GLU D 34 2.64 2.94 32.82
C GLU D 34 3.88 2.35 32.18
N LEU D 35 5.07 2.66 32.70
CA LEU D 35 6.26 1.99 32.22
C LEU D 35 6.29 0.54 32.68
N LYS D 36 5.77 0.26 33.89
CA LYS D 36 5.68 -1.13 34.32
C LYS D 36 4.74 -1.93 33.44
N THR D 37 3.58 -1.37 33.08
CA THR D 37 2.63 -2.16 32.30
C THR D 37 2.87 -2.10 30.80
N ARG D 38 3.64 -1.13 30.31
CA ARG D 38 3.88 -1.04 28.87
C ARG D 38 4.75 -2.19 28.40
N LEU D 39 5.85 -2.43 29.10
CA LEU D 39 6.66 -3.61 28.84
C LEU D 39 6.07 -4.81 29.58
N GLY D 40 6.59 -5.99 29.27
CA GLY D 40 6.10 -7.20 29.88
C GLY D 40 6.50 -7.31 31.34
N GLY D 41 6.08 -8.42 31.95
CA GLY D 41 6.46 -8.69 33.32
C GLY D 41 7.95 -8.85 33.49
N ARG D 42 8.62 -9.38 32.48
CA ARG D 42 10.07 -9.52 32.47
C ARG D 42 10.68 -8.74 31.32
N TRP D 43 10.06 -7.60 31.00
CA TRP D 43 10.54 -6.65 29.99
C TRP D 43 10.68 -7.31 28.61
N LEU D 44 9.53 -7.75 28.10
CA LEU D 44 9.48 -8.32 26.76
C LEU D 44 9.16 -7.27 25.70
N GLY D 45 8.65 -6.10 26.10
CA GLY D 45 8.32 -5.08 25.13
C GLY D 45 9.52 -4.38 24.54
N VAL D 46 10.61 -4.29 25.32
CA VAL D 46 11.81 -3.61 24.83
C VAL D 46 12.41 -4.37 23.65
N PHE D 47 12.34 -5.70 23.69
CA PHE D 47 12.80 -6.50 22.56
C PHE D 47 11.95 -6.22 21.32
N TRP D 48 10.63 -6.07 21.50
CA TRP D 48 9.77 -5.82 20.36
C TRP D 48 9.99 -4.44 19.77
N VAL D 49 10.18 -3.42 20.62
CA VAL D 49 10.40 -2.08 20.10
C VAL D 49 11.80 -1.92 19.53
N LEU D 50 12.74 -2.79 19.90
CA LEU D 50 14.02 -2.80 19.22
C LEU D 50 13.97 -3.58 17.90
N LEU D 51 13.12 -4.60 17.82
CA LEU D 51 13.10 -5.47 16.66
C LEU D 51 12.21 -4.94 15.53
N GLU D 52 11.17 -4.17 15.87
CA GLU D 52 10.24 -3.71 14.84
C GLU D 52 10.90 -2.83 13.77
N PRO D 53 11.73 -1.81 14.11
CA PRO D 53 12.47 -1.14 13.03
C PRO D 53 13.40 -2.07 12.27
N VAL D 54 13.97 -3.07 12.93
CA VAL D 54 14.88 -3.99 12.25
C VAL D 54 14.13 -4.80 11.20
N ALA D 55 12.96 -5.32 11.56
CA ALA D 55 12.15 -6.08 10.61
C ALA D 55 11.66 -5.20 9.47
N HIS D 56 11.23 -3.97 9.79
CA HIS D 56 10.79 -3.05 8.75
C HIS D 56 11.92 -2.75 7.77
N ILE D 57 13.12 -2.50 8.29
CA ILE D 57 14.28 -2.23 7.43
C ILE D 57 14.61 -3.44 6.58
N ALA D 58 14.59 -4.63 7.17
CA ALA D 58 14.92 -5.84 6.43
C ALA D 58 13.98 -6.02 5.25
N VAL D 59 12.68 -5.93 5.50
CA VAL D 59 11.69 -6.09 4.43
C VAL D 59 11.86 -5.00 3.38
N MET D 60 12.05 -3.76 3.82
CA MET D 60 12.04 -2.65 2.87
C MET D 60 13.28 -2.65 1.98
N THR D 61 14.46 -2.90 2.54
CA THR D 61 15.65 -3.03 1.70
C THR D 61 15.54 -4.23 0.78
N THR D 62 15.17 -5.40 1.31
CA THR D 62 15.10 -6.58 0.45
C THR D 62 14.00 -6.49 -0.60
N LEU D 63 13.09 -5.53 -0.48
CA LEU D 63 12.06 -5.34 -1.50
C LEU D 63 12.31 -4.17 -2.45
N PHE D 64 13.07 -3.14 -2.05
CA PHE D 64 13.20 -1.97 -2.91
C PHE D 64 14.63 -1.40 -2.93
N SER D 65 15.66 -2.21 -2.68
CA SER D 65 17.02 -1.67 -2.62
C SER D 65 17.47 -1.14 -3.98
N LEU D 66 17.31 -1.95 -5.03
CA LEU D 66 17.73 -1.53 -6.36
C LEU D 66 16.91 -0.36 -6.85
N ALA D 67 15.60 -0.36 -6.56
CA ALA D 67 14.73 0.74 -6.98
C ALA D 67 15.14 2.04 -6.31
N HIS D 68 15.45 2.01 -5.02
CA HIS D 68 15.87 3.23 -4.36
C HIS D 68 17.26 3.67 -4.81
N ARG D 69 18.13 2.72 -5.15
CA ARG D 69 19.43 3.08 -5.73
C ARG D 69 19.23 3.80 -7.06
N ALA D 70 18.28 3.33 -7.87
CA ALA D 70 17.96 4.01 -9.12
C ALA D 70 17.25 5.34 -8.88
N ALA D 71 16.59 5.51 -7.74
CA ALA D 71 15.85 6.75 -7.47
C ALA D 71 16.79 7.95 -7.39
N MET D 72 17.69 7.96 -6.42
CA MET D 72 18.75 8.95 -6.37
C MET D 72 20.04 8.24 -5.99
N PRO D 73 21.13 8.48 -6.70
CA PRO D 73 22.42 7.86 -6.37
C PRO D 73 23.27 8.72 -5.43
N SER D 74 22.64 9.23 -4.37
CA SER D 74 23.36 10.06 -3.40
C SER D 74 23.04 9.75 -1.96
N ILE D 75 22.00 8.98 -1.67
CA ILE D 75 21.60 8.68 -0.30
C ILE D 75 21.43 7.17 -0.16
N GLU D 76 22.10 6.59 0.81
CA GLU D 76 21.96 5.16 1.07
C GLU D 76 20.56 4.84 1.57
N TYR D 77 20.07 3.65 1.20
CA TYR D 77 18.71 3.27 1.58
C TYR D 77 18.50 3.11 3.09
N PRO D 78 19.36 2.43 3.86
CA PRO D 78 19.05 2.26 5.29
C PRO D 78 18.98 3.56 6.09
N VAL D 79 19.84 4.54 5.80
CA VAL D 79 19.79 5.79 6.55
C VAL D 79 18.54 6.59 6.18
N PHE D 80 18.18 6.58 4.89
CA PHE D 80 16.93 7.18 4.45
C PHE D 80 15.73 6.54 5.15
N LEU D 81 15.74 5.21 5.23
CA LEU D 81 14.66 4.49 5.88
C LEU D 81 14.58 4.81 7.37
N ILE D 82 15.72 4.87 8.06
CA ILE D 82 15.73 5.17 9.49
C ILE D 82 15.20 6.58 9.74
N THR D 83 15.70 7.55 8.97
CA THR D 83 15.32 8.94 9.18
C THR D 83 13.85 9.17 8.85
N GLY D 84 13.29 8.42 7.90
CA GLY D 84 11.87 8.53 7.66
C GLY D 84 10.98 7.63 8.47
N LEU D 85 11.56 6.67 9.18
CA LEU D 85 10.79 5.64 9.88
C LEU D 85 10.68 5.90 11.38
N ILE D 86 11.79 6.22 12.05
CA ILE D 86 11.75 6.43 13.50
C ILE D 86 10.86 7.59 13.91
N PRO D 87 10.90 8.78 13.27
CA PRO D 87 9.88 9.79 13.58
C PRO D 87 8.46 9.32 13.31
N PHE D 88 8.23 8.52 12.26
CA PHE D 88 6.88 8.02 12.04
C PHE D 88 6.49 7.01 13.10
N PHE D 89 7.43 6.20 13.57
CA PHE D 89 7.13 5.27 14.65
C PHE D 89 6.74 6.03 15.91
N MET D 90 7.46 7.11 16.22
CA MET D 90 7.12 7.93 17.37
C MET D 90 5.74 8.58 17.21
N PHE D 91 5.45 9.09 16.02
CA PHE D 91 4.15 9.72 15.77
C PHE D 91 3.01 8.71 15.90
N ARG D 92 3.20 7.52 15.33
CA ARG D 92 2.17 6.49 15.40
C ARG D 92 1.95 6.02 16.82
N GLY D 93 3.04 5.85 17.58
CA GLY D 93 2.89 5.48 18.98
C GLY D 93 2.19 6.55 19.80
N LEU D 94 2.52 7.81 19.54
CA LEU D 94 1.87 8.91 20.25
C LEU D 94 0.39 8.97 19.92
N VAL D 95 0.03 8.73 18.66
CA VAL D 95 -1.39 8.78 18.29
C VAL D 95 -2.14 7.59 18.89
N THR D 96 -1.57 6.39 18.78
CA THR D 96 -2.35 5.19 19.08
C THR D 96 -2.29 4.78 20.55
N ARG D 97 -1.33 5.30 21.32
CA ARG D 97 -1.25 4.89 22.72
C ARG D 97 -1.87 5.92 23.66
N LEU D 98 -1.91 7.18 23.26
CA LEU D 98 -2.45 8.25 24.09
C LEU D 98 -3.94 8.12 24.32
N MET D 99 -4.65 7.46 23.41
CA MET D 99 -6.11 7.38 23.42
C MET D 99 -6.65 6.20 24.23
N GLU D 100 -5.81 5.24 24.57
CA GLU D 100 -6.20 4.19 25.49
C GLU D 100 -5.96 4.56 26.94
N ALA D 101 -5.39 5.74 27.19
CA ALA D 101 -5.05 6.12 28.56
C ALA D 101 -6.29 6.39 29.40
N ILE D 102 -7.40 6.73 28.77
CA ILE D 102 -8.63 6.99 29.51
C ILE D 102 -9.16 5.70 30.11
N ASP D 103 -9.26 4.64 29.29
CA ASP D 103 -9.89 3.41 29.75
C ASP D 103 -8.98 2.55 30.61
N SER D 104 -7.68 2.80 30.59
CA SER D 104 -6.77 1.98 31.40
C SER D 104 -6.87 2.31 32.88
N ASN D 105 -7.24 3.55 33.21
CA ASN D 105 -7.32 3.94 34.61
C ASN D 105 -8.70 4.50 34.98
N ARG D 106 -9.76 3.78 34.58
CA ARG D 106 -11.11 4.21 34.97
C ARG D 106 -11.29 4.18 36.49
N GLY D 107 -10.83 3.12 37.14
CA GLY D 107 -10.98 3.03 38.58
C GLY D 107 -10.00 3.86 39.37
N LEU D 108 -9.01 4.44 38.72
CA LEU D 108 -7.99 5.20 39.43
C LEU D 108 -8.46 6.62 39.75
N PHE D 109 -9.53 7.10 39.11
CA PHE D 109 -9.98 8.46 39.32
C PHE D 109 -10.77 8.59 40.62
N ALA D 110 -10.16 8.26 41.76
CA ALA D 110 -10.85 8.36 43.03
C ALA D 110 -9.95 8.88 44.14
N TYR D 111 -8.80 9.45 43.81
CA TYR D 111 -7.83 9.89 44.81
C TYR D 111 -7.63 11.40 44.80
N ARG D 112 -8.42 12.13 44.00
CA ARG D 112 -8.61 13.59 44.00
C ARG D 112 -7.34 14.37 43.65
N GLN D 113 -6.22 13.68 43.45
CA GLN D 113 -5.05 14.30 42.84
C GLN D 113 -4.75 13.74 41.46
N VAL D 114 -5.63 12.89 40.93
CA VAL D 114 -5.41 12.23 39.65
C VAL D 114 -6.46 12.72 38.67
N LYS D 115 -6.02 13.27 37.54
CA LYS D 115 -6.88 13.75 36.48
C LYS D 115 -6.52 13.04 35.18
N PRO D 116 -7.45 12.95 34.22
CA PRO D 116 -7.14 12.24 32.97
C PRO D 116 -5.97 12.83 32.19
N ILE D 117 -5.80 14.15 32.24
CA ILE D 117 -4.71 14.79 31.52
C ILE D 117 -3.35 14.36 32.07
N ASP D 118 -3.31 13.96 33.35
CA ASP D 118 -2.07 13.43 33.91
C ASP D 118 -1.69 12.10 33.27
N THR D 119 -2.68 11.23 33.06
CA THR D 119 -2.44 9.98 32.35
C THR D 119 -1.99 10.25 30.92
N VAL D 120 -2.61 11.24 30.28
CA VAL D 120 -2.23 11.63 28.92
C VAL D 120 -0.77 12.05 28.87
N ILE D 121 -0.35 12.94 29.77
CA ILE D 121 1.02 13.45 29.74
C ILE D 121 2.00 12.34 30.10
N ALA D 122 1.64 11.46 31.02
CA ALA D 122 2.54 10.36 31.39
C ALA D 122 2.77 9.42 30.21
N ARG D 123 1.70 9.05 29.50
CA ARG D 123 1.85 8.18 28.34
C ARG D 123 2.67 8.87 27.25
N ALA D 124 2.43 10.16 27.03
CA ALA D 124 3.16 10.89 25.99
C ALA D 124 4.65 10.95 26.32
N MET D 125 4.99 11.26 27.56
CA MET D 125 6.43 11.41 27.91
C MET D 125 7.13 10.06 27.73
N LEU D 126 6.48 8.97 28.13
CA LEU D 126 7.06 7.61 27.98
C LEU D 126 7.28 7.32 26.49
N GLU D 127 6.26 7.57 25.66
CA GLU D 127 6.36 7.34 24.21
C GLU D 127 7.56 8.13 23.66
N ILE D 128 7.74 9.36 24.15
CA ILE D 128 8.82 10.22 23.65
C ILE D 128 10.17 9.69 24.11
N SER D 129 10.29 9.32 25.39
CA SER D 129 11.56 8.82 25.91
C SER D 129 11.97 7.52 25.24
N LEU D 130 11.02 6.58 25.09
CA LEU D 130 11.34 5.30 24.47
C LEU D 130 11.77 5.46 23.02
N GLN D 131 11.04 6.28 22.26
CA GLN D 131 11.41 6.45 20.86
C GLN D 131 12.69 7.26 20.70
N SER D 132 13.00 8.17 21.63
CA SER D 132 14.28 8.87 21.57
C SER D 132 15.43 7.92 21.85
N ILE D 133 15.25 7.00 22.80
CA ILE D 133 16.28 5.97 23.05
C ILE D 133 16.48 5.12 21.81
N VAL D 134 15.38 4.71 21.16
CA VAL D 134 15.47 3.92 19.94
C VAL D 134 16.18 4.69 18.84
N TYR D 135 15.89 5.99 18.71
CA TYR D 135 16.53 6.81 17.70
C TYR D 135 18.04 6.92 17.93
N LEU D 136 18.45 7.14 19.19
CA LEU D 136 19.87 7.23 19.50
C LEU D 136 20.57 5.92 19.23
N ILE D 137 19.95 4.81 19.61
CA ILE D 137 20.56 3.49 19.38
C ILE D 137 20.67 3.22 17.88
N ALA D 138 19.64 3.57 17.12
CA ALA D 138 19.65 3.33 15.68
C ALA D 138 20.71 4.18 14.98
N LEU D 139 20.86 5.45 15.38
CA LEU D 139 21.92 6.26 14.81
C LEU D 139 23.29 5.72 15.18
N GLY D 140 23.43 5.19 16.40
CA GLY D 140 24.69 4.59 16.80
C GLY D 140 25.07 3.39 15.96
N THR D 141 24.12 2.47 15.75
CA THR D 141 24.46 1.29 14.96
C THR D 141 24.54 1.61 13.48
N LEU D 142 23.92 2.71 13.04
CA LEU D 142 24.07 3.13 11.65
C LEU D 142 25.46 3.70 11.40
N GLY D 143 25.96 4.52 12.33
CA GLY D 143 27.34 4.96 12.23
C GLY D 143 28.34 3.84 12.40
N TRP D 144 27.99 2.85 13.22
CA TRP D 144 28.88 1.70 13.44
C TRP D 144 29.02 0.85 12.18
N LEU D 145 28.04 0.89 11.29
CA LEU D 145 28.07 0.10 10.08
C LEU D 145 28.73 0.82 8.91
N GLY D 146 29.27 2.02 9.13
CA GLY D 146 29.91 2.77 8.08
C GLY D 146 29.01 3.65 7.25
N PHE D 147 27.78 3.89 7.69
CA PHE D 147 26.85 4.73 6.97
C PHE D 147 27.07 6.20 7.35
N HIS D 148 26.14 7.06 6.94
CA HIS D 148 26.17 8.47 7.28
C HIS D 148 25.20 8.69 8.43
N PHE D 149 25.70 9.23 9.54
CA PHE D 149 24.88 9.29 10.76
C PHE D 149 24.98 10.60 11.53
N LEU D 150 25.57 11.65 10.96
CA LEU D 150 25.58 12.95 11.61
C LEU D 150 24.69 13.91 10.84
N PRO D 151 23.66 14.49 11.47
CA PRO D 151 22.86 15.51 10.79
C PRO D 151 23.69 16.75 10.53
N VAL D 152 23.55 17.29 9.31
CA VAL D 152 24.31 18.48 8.95
C VAL D 152 23.80 19.70 9.71
N ARG D 153 22.48 19.84 9.84
CA ARG D 153 21.86 20.97 10.52
C ARG D 153 20.92 20.40 11.58
N ALA D 154 21.47 20.16 12.77
CA ALA D 154 20.71 19.44 13.80
C ALA D 154 19.65 20.30 14.47
N LEU D 155 19.81 21.62 14.48
CA LEU D 155 18.85 22.48 15.16
C LEU D 155 17.51 22.49 14.45
N GLU D 156 17.52 22.57 13.11
CA GLU D 156 16.27 22.47 12.36
C GLU D 156 15.65 21.09 12.50
N LEU D 157 16.48 20.05 12.62
CA LEU D 157 15.96 18.71 12.89
C LEU D 157 15.23 18.67 14.22
N ALA D 158 15.80 19.30 15.25
CA ALA D 158 15.14 19.35 16.55
C ALA D 158 13.84 20.13 16.48
N GLY D 159 13.83 21.24 15.72
CA GLY D 159 12.60 22.02 15.59
C GLY D 159 11.49 21.25 14.90
N VAL D 160 11.82 20.58 13.79
CA VAL D 160 10.81 19.80 13.07
C VAL D 160 10.34 18.61 13.92
N SER D 161 11.26 17.99 14.65
CA SER D 161 10.87 16.89 15.54
C SER D 161 9.95 17.38 16.65
N ALA D 162 10.20 18.57 17.19
CA ALA D 162 9.32 19.13 18.21
C ALA D 162 7.94 19.42 17.64
N VAL D 163 7.88 19.94 16.41
CA VAL D 163 6.58 20.19 15.78
C VAL D 163 5.83 18.89 15.58
N LEU D 164 6.52 17.84 15.12
CA LEU D 164 5.88 16.55 14.91
C LEU D 164 5.38 15.96 16.22
N ILE D 165 6.19 16.09 17.29
CA ILE D 165 5.81 15.58 18.61
C ILE D 165 4.55 16.28 19.10
N MET D 166 4.51 17.61 18.97
CA MET D 166 3.37 18.36 19.47
C MET D 166 2.12 18.04 18.66
N LEU D 167 2.25 17.88 17.34
CA LEU D 167 1.10 17.49 16.52
C LEU D 167 0.58 16.12 16.91
N GLY D 168 1.48 15.15 17.11
CA GLY D 168 1.06 13.81 17.48
C GLY D 168 0.39 13.76 18.84
N ALA D 169 0.96 14.45 19.83
CA ALA D 169 0.36 14.48 21.16
C ALA D 169 -1.00 15.18 21.14
N SER D 170 -1.13 16.25 20.38
CA SER D 170 -2.41 16.95 20.27
C SER D 170 -3.46 16.06 19.64
N LEU D 171 -3.12 15.35 18.57
CA LEU D 171 -4.08 14.45 17.94
C LEU D 171 -4.45 13.30 18.86
N GLY D 172 -3.48 12.79 19.62
CA GLY D 172 -3.78 11.73 20.57
C GLY D 172 -4.73 12.18 21.66
N LEU D 173 -4.51 13.38 22.20
CA LEU D 173 -5.44 13.91 23.21
C LEU D 173 -6.82 14.16 22.63
N PHE D 174 -6.87 14.67 21.39
CA PHE D 174 -8.15 14.93 20.74
C PHE D 174 -8.95 13.64 20.55
N PHE D 175 -8.28 12.57 20.11
CA PHE D 175 -8.97 11.31 19.94
C PHE D 175 -9.30 10.65 21.27
N ALA D 176 -8.50 10.91 22.31
CA ALA D 176 -8.84 10.40 23.64
C ALA D 176 -10.08 11.08 24.19
N VAL D 177 -10.23 12.37 23.94
CA VAL D 177 -11.38 13.10 24.47
C VAL D 177 -12.65 12.77 23.68
N VAL D 178 -12.56 12.78 22.35
CA VAL D 178 -13.75 12.57 21.52
C VAL D 178 -14.28 11.15 21.67
N THR D 179 -13.41 10.16 21.60
CA THR D 179 -13.82 8.76 21.65
C THR D 179 -13.75 8.16 23.04
N ASN D 180 -14.08 8.94 24.07
CA ASN D 180 -14.27 8.38 25.41
C ASN D 180 -15.39 7.34 25.37
N GLU D 181 -16.50 7.70 24.73
CA GLU D 181 -17.52 6.72 24.38
C GLU D 181 -17.12 6.03 23.07
N ILE D 182 -18.05 5.25 22.53
CA ILE D 182 -17.95 4.48 21.28
C ILE D 182 -16.55 3.91 21.04
N PRO D 183 -16.09 2.95 21.84
CA PRO D 183 -14.71 2.47 21.69
C PRO D 183 -14.41 1.80 20.35
N GLN D 184 -15.43 1.38 19.61
CA GLN D 184 -15.21 0.85 18.26
C GLN D 184 -14.46 1.83 17.39
N ALA D 185 -14.82 3.11 17.48
CA ALA D 185 -14.12 4.17 16.74
C ALA D 185 -12.64 4.21 17.08
N ARG D 186 -12.26 3.90 18.33
CA ARG D 186 -10.85 3.77 18.69
C ARG D 186 -10.14 2.83 17.73
N ALA D 187 -10.70 1.63 17.56
CA ALA D 187 -10.10 0.65 16.67
C ALA D 187 -9.93 1.22 15.28
N ILE D 188 -10.92 2.00 14.82
CA ILE D 188 -10.93 2.53 13.47
C ILE D 188 -9.68 3.34 13.20
N VAL D 189 -9.25 4.15 14.17
CA VAL D 189 -8.15 5.06 13.88
C VAL D 189 -6.86 4.27 13.65
N ARG D 190 -6.72 3.11 14.31
CA ARG D 190 -5.56 2.27 14.09
C ARG D 190 -5.53 1.75 12.66
N ILE D 191 -6.69 1.34 12.12
CA ILE D 191 -6.77 1.04 10.69
C ILE D 191 -6.33 2.23 9.84
N SER D 192 -6.79 3.45 10.18
CA SER D 192 -6.39 4.57 9.35
C SER D 192 -4.94 4.96 9.57
N LEU D 193 -4.26 4.35 10.56
CA LEU D 193 -2.84 4.61 10.72
C LEU D 193 -2.02 3.71 9.78
N LEU D 194 -2.66 2.77 9.10
CA LEU D 194 -1.92 1.93 8.15
C LEU D 194 -1.68 2.61 6.80
N PRO D 195 -2.68 3.20 6.11
CA PRO D 195 -2.34 3.90 4.86
C PRO D 195 -1.47 5.11 5.07
N LEU D 196 -1.54 5.74 6.24
CA LEU D 196 -0.69 6.90 6.54
C LEU D 196 0.78 6.54 6.47
N TYR D 197 1.11 5.27 6.78
CA TYR D 197 2.48 4.79 6.61
C TYR D 197 2.85 4.81 5.13
N PHE D 198 1.96 4.34 4.27
CA PHE D 198 2.29 4.08 2.88
C PHE D 198 2.23 5.33 2.00
N VAL D 199 1.86 6.49 2.54
CA VAL D 199 1.78 7.70 1.74
C VAL D 199 2.79 8.75 2.17
N SER D 200 3.15 8.83 3.44
CA SER D 200 3.91 9.97 3.95
C SER D 200 5.42 9.80 3.80
N GLY D 201 5.85 9.42 2.59
CA GLY D 201 7.26 9.44 2.22
C GLY D 201 8.17 8.59 3.08
N VAL D 202 7.63 7.57 3.75
CA VAL D 202 8.45 6.80 4.67
C VAL D 202 9.26 5.75 3.92
N ILE D 203 8.63 5.08 2.95
CA ILE D 203 9.25 3.95 2.26
C ILE D 203 10.13 4.42 1.11
N PHE D 204 9.53 5.10 0.15
CA PHE D 204 10.11 5.49 -1.11
C PHE D 204 10.18 7.01 -1.19
N PRO D 205 11.21 7.56 -1.85
CA PRO D 205 11.24 9.01 -2.06
C PRO D 205 10.05 9.47 -2.89
N VAL D 206 9.52 10.65 -2.51
CA VAL D 206 8.31 11.19 -3.13
C VAL D 206 8.57 11.85 -4.47
N HIS D 207 9.80 11.84 -4.96
CA HIS D 207 10.10 12.43 -6.26
C HIS D 207 9.71 11.51 -7.41
N THR D 208 9.33 10.27 -7.13
CA THR D 208 9.06 9.30 -8.19
C THR D 208 7.59 9.11 -8.50
N ILE D 209 6.70 9.53 -7.62
CA ILE D 209 5.26 9.42 -7.88
C ILE D 209 4.91 10.40 -9.00
N PRO D 210 3.93 10.08 -9.85
CA PRO D 210 3.54 11.00 -10.93
C PRO D 210 2.98 12.29 -10.36
N PRO D 211 3.27 13.43 -11.01
CA PRO D 211 3.07 14.72 -10.34
C PRO D 211 1.62 15.12 -10.11
N GLN D 212 0.67 14.63 -10.90
CA GLN D 212 -0.72 15.05 -10.70
C GLN D 212 -1.33 14.46 -9.44
N TYR D 213 -0.73 13.42 -8.86
CA TYR D 213 -1.12 12.93 -7.56
C TYR D 213 -0.51 13.74 -6.43
N LEU D 214 0.30 14.74 -6.76
CA LEU D 214 1.04 15.48 -5.73
C LEU D 214 0.13 16.23 -4.75
N PRO D 215 -0.71 17.20 -5.16
CA PRO D 215 -1.36 18.04 -4.14
C PRO D 215 -2.34 17.27 -3.26
N LEU D 216 -2.93 16.19 -3.76
CA LEU D 216 -3.76 15.34 -2.93
C LEU D 216 -2.95 14.69 -1.80
N LEU D 217 -1.64 14.53 -2.02
CA LEU D 217 -0.78 14.03 -0.97
C LEU D 217 -0.22 15.14 -0.09
N GLN D 218 -0.40 16.40 -0.49
CA GLN D 218 0.23 17.50 0.25
C GLN D 218 -0.62 18.05 1.38
N LEU D 219 -1.85 17.56 1.56
CA LEU D 219 -2.59 17.95 2.75
C LEU D 219 -2.19 17.14 3.97
N ASN D 220 -1.37 16.11 3.80
CA ASN D 220 -0.92 15.31 4.92
C ASN D 220 0.24 16.06 5.58
N PRO D 221 0.12 16.49 6.83
CA PRO D 221 1.23 17.24 7.45
C PRO D 221 2.43 16.37 7.76
N VAL D 222 2.22 15.07 7.99
CA VAL D 222 3.33 14.18 8.31
C VAL D 222 4.28 14.06 7.12
N LEU D 223 3.75 14.14 5.90
CA LEU D 223 4.63 14.14 4.72
C LEU D 223 5.56 15.35 4.73
N HIS D 224 5.02 16.52 5.02
CA HIS D 224 5.84 17.73 5.08
C HIS D 224 6.89 17.62 6.18
N LEU D 225 6.49 17.13 7.35
CA LEU D 225 7.42 17.03 8.47
C LEU D 225 8.53 16.03 8.19
N ILE D 226 8.18 14.89 7.60
CA ILE D 226 9.19 13.89 7.24
C ILE D 226 10.16 14.45 6.22
N GLU D 227 9.62 15.16 5.20
CA GLU D 227 10.48 15.73 4.18
C GLU D 227 11.43 16.77 4.75
N LEU D 228 10.95 17.63 5.65
CA LEU D 228 11.83 18.64 6.21
C LEU D 228 12.86 18.04 7.15
N SER D 229 12.48 17.01 7.91
CA SER D 229 13.46 16.33 8.76
C SER D 229 14.55 15.67 7.93
N ARG D 230 14.17 15.02 6.82
CA ARG D 230 15.16 14.42 5.94
C ARG D 230 16.04 15.48 5.29
N ALA D 231 15.44 16.61 4.91
CA ALA D 231 16.22 17.69 4.29
C ALA D 231 17.23 18.27 5.25
N SER D 232 16.83 18.47 6.51
CA SER D 232 17.78 18.96 7.51
C SER D 232 18.78 17.90 7.93
N PHE D 233 18.49 16.62 7.69
CA PHE D 233 19.42 15.56 8.05
C PHE D 233 20.54 15.44 7.02
N PHE D 234 20.18 15.16 5.77
CA PHE D 234 21.15 14.90 4.72
C PHE D 234 21.73 16.20 4.17
N PRO D 235 22.96 16.15 3.64
CA PRO D 235 23.49 17.32 2.92
C PRO D 235 23.05 17.30 1.47
N GLN D 236 22.55 18.43 0.98
CA GLN D 236 22.10 18.61 -0.40
C GLN D 236 20.99 17.62 -0.74
N TYR D 237 19.87 17.79 -0.06
CA TYR D 237 18.65 17.03 -0.30
C TYR D 237 17.59 17.95 -0.86
N ARG D 238 16.90 17.50 -1.91
CA ARG D 238 15.97 18.35 -2.66
C ARG D 238 14.54 18.14 -2.17
N VAL D 239 13.84 19.24 -1.92
CA VAL D 239 12.44 19.21 -1.53
C VAL D 239 11.62 19.75 -2.69
N LEU D 240 10.34 19.35 -2.72
CA LEU D 240 9.44 19.78 -3.78
C LEU D 240 8.82 21.14 -3.42
N GLN D 241 7.83 21.55 -4.19
CA GLN D 241 7.11 22.78 -3.91
C GLN D 241 5.99 22.53 -2.91
N GLY D 242 5.70 23.55 -2.12
CA GLY D 242 4.64 23.45 -1.12
C GLY D 242 4.93 22.46 -0.01
N ILE D 243 6.17 22.40 0.46
CA ILE D 243 6.53 21.50 1.56
C ILE D 243 6.92 22.41 2.72
N ASN D 244 6.24 23.54 2.83
CA ASN D 244 6.49 24.52 3.87
C ASN D 244 6.20 23.94 5.26
N LEU D 245 6.87 24.52 6.26
CA LEU D 245 6.62 24.16 7.66
C LEU D 245 5.39 24.87 8.22
N ALA D 246 4.91 25.92 7.55
CA ALA D 246 3.79 26.69 8.08
C ALA D 246 2.52 25.87 8.13
N TYR D 247 2.28 25.03 7.11
CA TYR D 247 1.09 24.18 7.13
C TYR D 247 1.10 23.16 8.26
N PRO D 248 2.15 22.37 8.50
CA PRO D 248 2.14 21.51 9.70
C PRO D 248 2.10 22.29 11.00
N ALA D 249 2.75 23.46 11.07
CA ALA D 249 2.71 24.24 12.31
C ALA D 249 1.29 24.70 12.61
N GLY D 250 0.58 25.19 11.59
CA GLY D 250 -0.80 25.61 11.79
C GLY D 250 -1.72 24.45 12.09
N PHE D 251 -1.51 23.31 11.42
CA PHE D 251 -2.31 22.12 11.70
C PHE D 251 -2.12 21.67 13.15
N ALA D 252 -0.88 21.65 13.63
CA ALA D 252 -0.61 21.25 15.00
C ALA D 252 -1.19 22.25 15.99
N LEU D 253 -1.09 23.54 15.71
CA LEU D 253 -1.63 24.54 16.63
C LEU D 253 -3.15 24.45 16.71
N LEU D 254 -3.81 24.32 15.57
CA LEU D 254 -5.27 24.21 15.55
C LEU D 254 -5.73 22.93 16.24
N SER D 255 -5.03 21.82 16.00
CA SER D 255 -5.38 20.56 16.64
C SER D 255 -5.21 20.65 18.15
N LEU D 256 -4.12 21.26 18.61
CA LEU D 256 -3.91 21.42 20.05
C LEU D 256 -4.98 22.31 20.66
N PHE D 257 -5.36 23.39 19.97
CA PHE D 257 -6.40 24.28 20.48
C PHE D 257 -7.73 23.55 20.62
N LEU D 258 -8.14 22.82 19.58
CA LEU D 258 -9.40 22.10 19.62
C LEU D 258 -9.37 20.99 20.67
N ALA D 259 -8.24 20.29 20.81
CA ALA D 259 -8.14 19.23 21.79
C ALA D 259 -8.24 19.76 23.20
N LEU D 260 -7.54 20.87 23.49
CA LEU D 260 -7.61 21.44 24.83
C LEU D 260 -8.99 21.99 25.13
N MET D 261 -9.64 22.60 24.14
CA MET D 261 -11.00 23.08 24.30
C MET D 261 -11.95 21.94 24.64
N LEU D 262 -11.89 20.85 23.86
CA LEU D 262 -12.79 19.73 24.07
C LEU D 262 -12.50 19.01 25.39
N TYR D 263 -11.24 18.98 25.81
CA TYR D 263 -10.94 18.40 27.11
C TYR D 263 -11.50 19.27 28.24
N ARG D 264 -11.39 20.59 28.09
CA ARG D 264 -11.92 21.48 29.12
C ARG D 264 -13.43 21.36 29.23
N LEU D 265 -14.11 21.43 28.09
CA LEU D 265 -15.60 21.36 28.09
C LEU D 265 -16.04 20.00 28.63
N ARG D 266 -15.55 18.91 28.03
CA ARG D 266 -15.92 17.56 28.46
C ARG D 266 -14.95 17.03 29.51
N ARG D 267 -14.86 17.76 30.62
CA ARG D 267 -13.94 17.34 31.68
C ARG D 267 -14.63 16.50 32.75
N HIS D 268 -15.81 16.92 33.21
CA HIS D 268 -16.42 16.30 34.38
C HIS D 268 -17.00 14.92 34.09
N GLN D 269 -17.31 14.61 32.83
CA GLN D 269 -17.89 13.31 32.53
C GLN D 269 -16.85 12.22 32.36
N LEU D 270 -15.56 12.53 32.54
CA LEU D 270 -14.51 11.51 32.57
C LEU D 270 -14.26 11.03 33.99
N ALA D 271 -15.33 10.59 34.65
CA ALA D 271 -15.26 10.09 36.02
C ALA D 271 -15.31 8.57 36.02
N SER D 272 -15.37 7.98 37.21
CA SER D 272 -15.39 6.53 37.36
C SER D 272 -16.71 5.93 36.87
N THR E 13 -46.83 15.07 11.25
CA THR E 13 -47.12 13.64 11.20
C THR E 13 -46.19 12.91 10.25
N ALA E 14 -46.49 11.65 9.97
CA ALA E 14 -45.71 10.84 9.04
C ALA E 14 -46.38 10.63 7.69
N LYS E 15 -47.69 10.89 7.60
CA LYS E 15 -48.38 10.71 6.32
C LYS E 15 -48.03 11.82 5.34
N ARG E 16 -47.62 12.99 5.84
CA ARG E 16 -47.24 14.08 4.96
C ARG E 16 -46.00 13.72 4.14
N LEU E 17 -45.01 13.09 4.77
CA LEU E 17 -43.86 12.59 4.04
C LEU E 17 -44.14 11.26 3.36
N GLN E 18 -45.21 10.57 3.76
CA GLN E 18 -45.61 9.36 3.06
C GLN E 18 -46.19 9.68 1.70
N TRP E 19 -47.02 10.70 1.61
CA TRP E 19 -47.72 11.02 0.36
C TRP E 19 -46.98 12.08 -0.44
N ALA E 20 -46.76 13.26 0.14
CA ALA E 20 -46.29 14.40 -0.64
C ALA E 20 -44.84 14.27 -1.10
N LEU E 21 -44.10 13.31 -0.57
CA LEU E 21 -42.69 13.18 -0.95
C LEU E 21 -42.52 12.32 -2.18
N VAL E 22 -43.16 11.15 -2.22
CA VAL E 22 -42.91 10.17 -3.26
C VAL E 22 -44.02 10.11 -4.30
N TYR E 23 -45.27 10.32 -3.89
CA TYR E 23 -46.39 10.12 -4.81
C TYR E 23 -46.43 11.20 -5.87
N LEU E 24 -46.48 12.47 -5.45
CA LEU E 24 -46.60 13.59 -6.38
C LEU E 24 -45.54 13.63 -7.48
N PRO E 25 -44.25 13.34 -7.23
CA PRO E 25 -43.34 13.15 -8.37
C PRO E 25 -43.74 12.03 -9.30
N MET E 26 -44.34 10.95 -8.78
CA MET E 26 -44.77 9.87 -9.67
C MET E 26 -45.95 10.28 -10.54
N LEU E 27 -46.92 11.00 -9.97
CA LEU E 27 -48.00 11.49 -10.83
C LEU E 27 -47.49 12.52 -11.84
N VAL E 28 -46.53 13.35 -11.44
CA VAL E 28 -45.96 14.33 -12.37
C VAL E 28 -45.25 13.63 -13.52
N ALA E 29 -44.43 12.62 -13.20
CA ALA E 29 -43.70 11.89 -14.24
C ALA E 29 -44.64 11.07 -15.10
N THR E 30 -45.74 10.56 -14.52
CA THR E 30 -46.70 9.80 -15.30
C THR E 30 -47.44 10.69 -16.28
N VAL E 31 -47.91 11.86 -15.83
CA VAL E 31 -48.61 12.77 -16.74
C VAL E 31 -47.66 13.48 -17.69
N TYR E 32 -46.35 13.43 -17.45
CA TYR E 32 -45.40 13.94 -18.44
C TYR E 32 -45.05 12.89 -19.47
N PHE E 33 -44.54 11.73 -19.03
CA PHE E 33 -43.94 10.78 -19.96
C PHE E 33 -44.98 10.07 -20.80
N LEU E 34 -46.17 9.83 -20.24
CA LEU E 34 -47.16 9.03 -20.96
C LEU E 34 -47.80 9.82 -22.10
N VAL E 35 -48.15 11.08 -21.85
CA VAL E 35 -48.93 11.88 -22.81
C VAL E 35 -48.17 13.13 -23.24
N PHE E 36 -47.53 13.83 -22.28
CA PHE E 36 -46.90 15.11 -22.60
C PHE E 36 -45.52 14.96 -23.22
N SER E 37 -44.92 13.77 -23.19
CA SER E 37 -43.59 13.59 -23.75
C SER E 37 -43.65 13.57 -25.28
N ALA E 38 -42.53 13.98 -25.89
CA ALA E 38 -42.40 14.00 -27.33
C ALA E 38 -41.31 13.02 -27.75
N ASP E 39 -41.60 12.19 -28.74
CA ASP E 39 -40.65 11.20 -29.20
C ASP E 39 -39.46 11.86 -29.88
N ARG E 40 -38.26 11.34 -29.60
CA ARG E 40 -37.02 11.91 -30.12
C ARG E 40 -36.23 10.79 -30.81
N TYR E 41 -36.27 10.78 -32.14
CA TYR E 41 -35.45 9.86 -32.91
C TYR E 41 -33.99 10.27 -32.83
N VAL E 42 -33.11 9.30 -33.05
CA VAL E 42 -31.66 9.54 -32.97
C VAL E 42 -30.97 8.78 -34.08
N SER E 43 -30.01 9.44 -34.72
CA SER E 43 -29.12 8.83 -35.70
C SER E 43 -27.71 8.76 -35.13
N GLU E 44 -26.92 7.83 -35.64
CA GLU E 44 -25.57 7.62 -35.15
C GLU E 44 -24.59 7.52 -36.32
N SER E 45 -23.35 7.88 -36.05
CA SER E 45 -22.30 7.81 -37.06
C SER E 45 -20.96 7.61 -36.36
N VAL E 46 -20.10 6.78 -36.93
CA VAL E 46 -18.80 6.47 -36.35
C VAL E 46 -17.73 6.83 -37.39
N ILE E 47 -16.85 7.77 -37.03
CA ILE E 47 -15.84 8.30 -37.95
C ILE E 47 -14.47 8.31 -37.29
N THR E 48 -13.47 8.63 -38.11
CA THR E 48 -12.08 8.86 -37.73
C THR E 48 -11.40 9.68 -38.82
N VAL E 49 -10.67 10.73 -38.44
CA VAL E 49 -9.91 11.53 -39.38
C VAL E 49 -8.52 10.93 -39.53
N ARG E 50 -8.11 10.71 -40.79
CA ARG E 50 -6.80 10.15 -41.09
C ARG E 50 -6.21 10.88 -42.29
N GLN E 51 -4.90 11.12 -42.22
CA GLN E 51 -4.22 11.80 -43.33
C GLN E 51 -4.13 10.87 -44.53
N THR E 52 -4.27 11.45 -45.72
CA THR E 52 -4.25 10.68 -46.97
C THR E 52 -2.84 10.32 -47.42
N SER E 53 -1.81 10.94 -46.85
CA SER E 53 -0.43 10.64 -47.24
C SER E 53 0.07 9.37 -46.58
N SER E 75 -2.30 11.12 -35.49
CA SER E 75 -3.42 11.85 -36.07
C SER E 75 -4.50 12.14 -35.01
N ARG E 76 -4.14 11.93 -33.75
CA ARG E 76 -5.07 12.19 -32.65
C ARG E 76 -5.32 13.67 -32.46
N GLU E 77 -4.39 14.52 -32.89
CA GLU E 77 -4.57 15.97 -32.77
C GLU E 77 -5.76 16.44 -33.60
N ASP E 78 -5.90 15.93 -34.81
CA ASP E 78 -7.05 16.27 -35.64
C ASP E 78 -8.34 15.72 -35.03
N THR E 79 -8.27 14.57 -34.36
CA THR E 79 -9.44 14.03 -33.69
C THR E 79 -9.89 14.93 -32.54
N CYS E 80 -8.94 15.43 -31.76
CA CYS E 80 -9.29 16.39 -30.70
C CYS E 80 -9.79 17.70 -31.29
N TYR E 81 -9.25 18.12 -32.43
CA TYR E 81 -9.75 19.31 -33.12
C TYR E 81 -11.22 19.11 -33.51
N LEU E 82 -11.54 17.93 -34.04
CA LEU E 82 -12.92 17.63 -34.39
C LEU E 82 -13.81 17.62 -33.15
N GLN E 83 -13.30 17.08 -32.04
CA GLN E 83 -14.08 17.02 -30.81
C GLN E 83 -14.41 18.42 -30.30
N THR E 84 -13.45 19.34 -30.34
CA THR E 84 -13.76 20.69 -29.86
C THR E 84 -14.46 21.53 -30.92
N TYR E 85 -14.45 21.11 -32.19
CA TYR E 85 -15.12 21.87 -33.23
C TYR E 85 -16.58 21.47 -33.40
N ILE E 86 -16.94 20.24 -33.07
CA ILE E 86 -18.34 19.80 -33.20
C ILE E 86 -19.23 20.57 -32.25
N HIS E 87 -18.79 20.76 -31.01
CA HIS E 87 -19.56 21.46 -29.98
C HIS E 87 -19.26 22.95 -29.94
N SER E 88 -18.86 23.54 -31.06
CA SER E 88 -18.38 24.91 -31.06
C SER E 88 -19.52 25.88 -31.38
N MET E 89 -19.18 27.16 -31.57
CA MET E 89 -20.14 28.21 -31.89
C MET E 89 -20.28 28.45 -33.38
N GLY E 90 -19.15 28.55 -34.10
CA GLY E 90 -19.22 28.85 -35.52
C GLY E 90 -19.93 27.76 -36.31
N LEU E 91 -19.69 26.50 -35.93
CA LEU E 91 -20.38 25.39 -36.58
C LEU E 91 -21.88 25.48 -36.35
N LEU E 92 -22.30 25.90 -35.17
CA LEU E 92 -23.72 26.08 -34.90
C LEU E 92 -24.32 27.16 -35.79
N GLN E 93 -23.59 28.24 -36.03
CA GLN E 93 -24.08 29.30 -36.91
C GLN E 93 -24.21 28.80 -38.35
N LYS E 94 -23.20 28.07 -38.84
CA LYS E 94 -23.30 27.54 -40.20
C LYS E 94 -24.43 26.53 -40.33
N LEU E 95 -24.63 25.69 -39.31
CA LEU E 95 -25.74 24.73 -39.35
C LEU E 95 -27.09 25.43 -39.27
N ASP E 96 -27.20 26.52 -38.50
CA ASP E 96 -28.45 27.26 -38.44
C ASP E 96 -28.74 27.95 -39.76
N GLN E 97 -27.70 28.41 -40.46
CA GLN E 97 -27.89 28.93 -41.80
C GLN E 97 -28.32 27.84 -42.77
N GLN E 98 -27.71 26.65 -42.67
CA GLN E 98 -27.95 25.60 -43.65
C GLN E 98 -29.31 24.95 -43.48
N LEU E 99 -29.68 24.60 -42.25
CA LEU E 99 -30.86 23.77 -42.01
C LEU E 99 -31.90 24.40 -41.10
N LYS E 100 -31.59 25.51 -40.44
CA LYS E 100 -32.53 26.23 -39.57
C LYS E 100 -33.07 25.34 -38.44
N LEU E 101 -32.15 24.92 -37.57
CA LEU E 101 -32.54 24.08 -36.44
C LEU E 101 -33.41 24.81 -35.44
N ARG E 102 -33.37 26.14 -35.41
CA ARG E 102 -34.19 26.90 -34.47
C ARG E 102 -35.67 26.70 -34.75
N GLU E 103 -36.04 26.61 -36.03
CA GLU E 103 -37.43 26.32 -36.38
C GLU E 103 -37.77 24.85 -36.10
N HIS E 104 -36.82 23.94 -36.34
CA HIS E 104 -37.11 22.53 -36.19
C HIS E 104 -37.26 22.12 -34.73
N PHE E 105 -36.52 22.74 -33.83
CA PHE E 105 -36.60 22.36 -32.42
C PHE E 105 -37.74 23.05 -31.70
N GLY E 106 -38.50 23.92 -32.38
CA GLY E 106 -39.67 24.55 -31.81
C GLY E 106 -40.99 23.96 -32.24
N THR E 107 -40.99 22.92 -33.08
CA THR E 107 -42.24 22.33 -33.53
C THR E 107 -43.10 21.69 -32.43
N PRO E 108 -42.58 20.86 -31.48
CA PRO E 108 -43.51 20.19 -30.55
C PRO E 108 -43.93 21.11 -29.41
N LEU E 109 -45.19 21.56 -29.45
CA LEU E 109 -45.71 22.37 -28.36
C LEU E 109 -46.15 21.53 -27.16
N ARG E 110 -46.36 20.23 -27.36
CA ARG E 110 -46.87 19.40 -26.28
C ARG E 110 -45.82 19.16 -25.20
N ASP E 111 -44.54 19.18 -25.55
CA ASP E 111 -43.49 18.96 -24.59
C ASP E 111 -42.96 20.31 -24.11
N PRO E 112 -43.16 20.69 -22.85
CA PRO E 112 -42.69 21.99 -22.40
C PRO E 112 -41.22 22.02 -21.99
N LEU E 113 -40.63 20.87 -21.69
CA LEU E 113 -39.26 20.85 -21.19
C LEU E 113 -38.23 20.72 -22.31
N PHE E 114 -38.38 19.71 -23.17
CA PHE E 114 -37.34 19.41 -24.15
C PHE E 114 -37.48 20.22 -25.43
N ARG E 115 -38.57 20.95 -25.61
CA ARG E 115 -38.68 21.83 -26.77
C ARG E 115 -37.79 23.06 -26.57
N LEU E 116 -37.43 23.69 -27.69
CA LEU E 116 -36.66 24.91 -27.67
C LEU E 116 -37.64 26.08 -27.60
N TRP E 117 -37.63 26.81 -26.49
CA TRP E 117 -38.53 27.93 -26.32
C TRP E 117 -38.18 29.05 -27.30
N GLY E 118 -39.21 29.71 -27.82
CA GLY E 118 -38.99 30.75 -28.81
C GLY E 118 -38.36 31.99 -28.20
N GLY E 119 -37.44 32.59 -28.95
CA GLY E 119 -36.80 33.83 -28.53
C GLY E 119 -35.92 33.68 -27.30
N THR E 120 -35.19 32.58 -27.20
CA THR E 120 -34.29 32.36 -26.09
C THR E 120 -32.90 32.96 -26.38
N SER E 121 -32.02 32.89 -25.39
CA SER E 121 -30.68 33.43 -25.54
C SER E 121 -29.84 32.54 -26.44
N GLN E 122 -28.78 33.13 -26.99
CA GLN E 122 -27.87 32.38 -27.84
C GLN E 122 -27.11 31.32 -27.05
N GLU E 123 -26.74 31.63 -25.81
CA GLU E 123 -26.01 30.67 -24.99
C GLU E 123 -26.88 29.47 -24.63
N TRP E 124 -28.15 29.69 -24.30
CA TRP E 124 -29.06 28.58 -24.07
C TRP E 124 -29.24 27.74 -25.33
N PHE E 125 -29.23 28.40 -26.50
CA PHE E 125 -29.26 27.67 -27.76
C PHE E 125 -28.01 26.80 -27.92
N LEU E 126 -26.86 27.31 -27.50
CA LEU E 126 -25.62 26.53 -27.55
C LEU E 126 -25.69 25.32 -26.65
N GLU E 127 -26.18 25.50 -25.41
CA GLU E 127 -26.30 24.36 -24.51
C GLU E 127 -27.33 23.36 -25.01
N TYR E 128 -28.41 23.84 -25.63
CA TYR E 128 -29.40 22.95 -26.21
C TYR E 128 -28.80 22.13 -27.35
N TYR E 129 -28.00 22.77 -28.21
CA TYR E 129 -27.36 22.05 -29.30
C TYR E 129 -26.34 21.06 -28.77
N ARG E 130 -25.60 21.41 -27.73
CA ARG E 130 -24.65 20.49 -27.13
C ARG E 130 -25.34 19.30 -26.48
N SER E 131 -26.53 19.53 -25.90
CA SER E 131 -27.30 18.42 -25.34
C SER E 131 -27.86 17.52 -26.43
N ARG E 132 -28.27 18.10 -27.56
CA ARG E 132 -28.91 17.32 -28.59
C ARG E 132 -27.93 16.57 -29.49
N VAL E 133 -26.64 16.91 -29.43
CA VAL E 133 -25.62 16.23 -30.23
C VAL E 133 -24.56 15.70 -29.26
N GLU E 134 -24.53 14.39 -29.10
CA GLU E 134 -23.61 13.74 -28.16
C GLU E 134 -22.44 13.15 -28.93
N VAL E 135 -21.23 13.50 -28.52
CA VAL E 135 -20.01 12.99 -29.16
C VAL E 135 -19.20 12.24 -28.12
N LEU E 136 -18.80 11.01 -28.46
CA LEU E 136 -18.03 10.18 -27.56
C LEU E 136 -16.69 9.80 -28.22
N MET E 137 -15.66 9.76 -27.38
CA MET E 137 -14.29 9.53 -27.77
C MET E 137 -13.88 8.16 -27.25
N ASP E 138 -13.40 7.29 -28.13
CA ASP E 138 -12.87 5.99 -27.73
C ASP E 138 -11.38 6.05 -28.07
N ASP E 139 -10.57 6.27 -27.04
CA ASP E 139 -9.15 6.59 -27.23
C ASP E 139 -8.25 5.36 -27.30
N ILE E 140 -8.80 4.15 -27.08
CA ILE E 140 -7.99 2.96 -27.24
C ILE E 140 -7.65 2.70 -28.70
N CYS E 141 -8.41 3.29 -29.63
CA CYS E 141 -8.10 3.21 -31.04
C CYS E 141 -8.38 4.51 -31.79
N GLY E 142 -8.82 5.56 -31.10
CA GLY E 142 -9.10 6.83 -31.76
C GLY E 142 -10.34 6.80 -32.62
N LEU E 143 -11.50 6.61 -32.02
CA LEU E 143 -12.76 6.54 -32.75
C LEU E 143 -13.70 7.62 -32.23
N LEU E 144 -14.30 8.38 -33.15
CA LEU E 144 -15.32 9.37 -32.83
C LEU E 144 -16.68 8.76 -33.11
N THR E 145 -17.61 8.88 -32.17
CA THR E 145 -18.98 8.50 -32.45
C THR E 145 -19.92 9.64 -32.11
N VAL E 146 -20.82 9.95 -33.02
CA VAL E 146 -21.73 11.08 -32.92
C VAL E 146 -23.16 10.57 -32.98
N ARG E 147 -23.95 10.91 -31.97
CA ARG E 147 -25.37 10.59 -31.94
C ARG E 147 -26.13 11.90 -31.93
N VAL E 148 -27.03 12.06 -32.90
CA VAL E 148 -27.78 13.29 -33.10
C VAL E 148 -29.26 12.99 -32.90
N GLN E 149 -29.90 13.73 -32.01
CA GLN E 149 -31.32 13.56 -31.75
C GLN E 149 -32.13 14.65 -32.44
N GLY E 150 -33.33 14.28 -32.86
CA GLY E 150 -34.25 15.19 -33.51
C GLY E 150 -35.63 14.59 -33.53
N PHE E 151 -36.62 15.43 -33.82
CA PHE E 151 -38.01 14.99 -33.83
C PHE E 151 -38.44 14.39 -35.16
N GLU E 152 -37.59 14.44 -36.19
CA GLU E 152 -37.84 13.80 -37.47
C GLU E 152 -36.63 12.97 -37.86
N PRO E 153 -36.83 11.79 -38.45
CA PRO E 153 -35.69 10.91 -38.72
C PRO E 153 -34.84 11.38 -39.89
N GLU E 154 -35.51 11.85 -40.94
CA GLU E 154 -34.79 12.40 -42.10
C GLU E 154 -34.03 13.65 -41.70
N PHE E 155 -34.61 14.48 -40.83
CA PHE E 155 -33.90 15.64 -40.34
C PHE E 155 -32.67 15.25 -39.53
N ALA E 156 -32.78 14.20 -38.71
CA ALA E 156 -31.64 13.74 -37.94
C ALA E 156 -30.53 13.23 -38.85
N GLN E 157 -30.89 12.46 -39.88
CA GLN E 157 -29.88 11.99 -40.82
C GLN E 157 -29.24 13.14 -41.58
N ALA E 158 -30.03 14.13 -42.00
CA ALA E 158 -29.50 15.28 -42.70
C ALA E 158 -28.57 16.09 -41.81
N LEU E 159 -28.93 16.25 -40.53
CA LEU E 159 -28.07 16.95 -39.58
C LEU E 159 -26.76 16.21 -39.39
N ASN E 160 -26.81 14.89 -39.27
CA ASN E 160 -25.59 14.10 -39.12
C ASN E 160 -24.70 14.22 -40.35
N ARG E 161 -25.30 14.13 -41.55
CA ARG E 161 -24.51 14.23 -42.77
C ARG E 161 -23.91 15.62 -42.92
N ALA E 162 -24.67 16.67 -42.58
CA ALA E 162 -24.14 18.02 -42.64
C ALA E 162 -23.00 18.23 -41.66
N ILE E 163 -23.12 17.64 -40.46
CA ILE E 163 -22.05 17.73 -39.48
C ILE E 163 -20.80 17.04 -40.00
N LEU E 164 -20.95 15.86 -40.61
CA LEU E 164 -19.80 15.15 -41.15
C LEU E 164 -19.14 15.94 -42.28
N GLU E 165 -19.95 16.49 -43.19
CA GLU E 165 -19.41 17.25 -44.32
C GLU E 165 -18.70 18.52 -43.85
N GLU E 166 -19.30 19.25 -42.91
CA GLU E 166 -18.69 20.48 -42.44
C GLU E 166 -17.43 20.21 -41.62
N SER E 167 -17.41 19.10 -40.86
CA SER E 167 -16.21 18.74 -40.12
C SER E 167 -15.07 18.37 -41.06
N GLU E 168 -15.37 17.63 -42.13
CA GLU E 168 -14.35 17.34 -43.13
C GLU E 168 -13.84 18.61 -43.80
N ARG E 169 -14.77 19.51 -44.15
CA ARG E 169 -14.39 20.77 -44.77
C ARG E 169 -13.48 21.58 -43.86
N PHE E 170 -13.79 21.62 -42.56
CA PHE E 170 -12.92 22.30 -41.61
C PHE E 170 -11.57 21.59 -41.46
N VAL E 171 -11.56 20.25 -41.55
CA VAL E 171 -10.31 19.50 -41.39
C VAL E 171 -9.33 19.85 -42.50
N ASN E 172 -9.79 19.85 -43.75
CA ASN E 172 -8.87 20.30 -44.80
C ASN E 172 -8.68 21.82 -44.82
N GLU E 173 -9.65 22.61 -44.36
CA GLU E 173 -9.49 24.06 -44.39
C GLU E 173 -8.43 24.52 -43.39
N LEU E 174 -8.28 23.80 -42.28
CA LEU E 174 -7.22 24.10 -41.33
C LEU E 174 -5.86 24.02 -41.98
N SER E 175 -5.59 22.91 -42.69
CA SER E 175 -4.31 22.75 -43.37
C SER E 175 -4.18 23.71 -44.55
N HIS E 176 -5.28 24.02 -45.24
CA HIS E 176 -5.23 24.98 -46.33
C HIS E 176 -4.84 26.38 -45.84
N ARG E 177 -5.42 26.81 -44.71
CA ARG E 177 -5.03 28.09 -44.14
C ARG E 177 -3.61 28.06 -43.58
N MET E 178 -3.19 26.90 -43.06
CA MET E 178 -1.82 26.77 -42.56
C MET E 178 -0.80 26.90 -43.68
N ALA E 179 -1.05 26.25 -44.82
CA ALA E 179 -0.10 26.21 -45.92
C ALA E 179 -0.36 27.28 -46.99
N ARG E 180 -1.36 28.13 -46.81
CA ARG E 180 -1.68 29.13 -47.83
C ARG E 180 -0.61 30.22 -47.89
N GLU E 181 -0.07 30.62 -46.73
CA GLU E 181 0.93 31.66 -46.69
C GLU E 181 2.31 31.12 -47.09
N LYS E 323 -6.68 18.62 -50.92
CA LYS E 323 -7.04 17.50 -50.06
C LYS E 323 -5.86 17.01 -49.25
N LEU E 324 -5.49 17.76 -48.22
CA LEU E 324 -4.37 17.37 -47.37
C LEU E 324 -4.74 16.26 -46.40
N LYS E 325 -5.99 16.23 -45.94
CA LYS E 325 -6.48 15.22 -45.03
C LYS E 325 -7.84 14.72 -45.47
N SER E 326 -8.25 13.58 -44.92
CA SER E 326 -9.52 12.96 -45.28
C SER E 326 -10.20 12.42 -44.03
N LEU E 327 -11.49 12.14 -44.18
CA LEU E 327 -12.31 11.60 -43.10
C LEU E 327 -12.68 10.16 -43.46
N VAL E 328 -12.38 9.23 -42.55
CA VAL E 328 -12.71 7.83 -42.73
C VAL E 328 -14.04 7.57 -42.04
N VAL E 329 -14.99 6.99 -42.77
CA VAL E 329 -16.35 6.79 -42.28
C VAL E 329 -16.51 5.30 -42.02
N VAL E 330 -16.39 4.90 -40.75
CA VAL E 330 -16.63 3.51 -40.38
C VAL E 330 -18.12 3.19 -40.47
N GLU E 331 -18.98 4.08 -39.97
CA GLU E 331 -20.40 3.83 -39.99
C GLU E 331 -21.10 5.13 -40.38
N PRO E 332 -21.67 5.22 -41.57
CA PRO E 332 -22.33 6.46 -42.01
C PRO E 332 -23.58 6.75 -41.20
N PRO E 333 -24.17 7.95 -41.34
CA PRO E 333 -25.44 8.22 -40.65
C PRO E 333 -26.54 7.28 -41.09
N VAL E 334 -27.38 6.91 -40.13
CA VAL E 334 -28.40 5.88 -40.32
C VAL E 334 -29.78 6.49 -40.07
N LEU E 335 -30.72 6.20 -40.95
CA LEU E 335 -32.10 6.63 -40.75
C LEU E 335 -32.73 5.82 -39.63
N PRO E 336 -33.19 6.45 -38.56
CA PRO E 336 -33.89 5.69 -37.51
C PRO E 336 -35.34 5.44 -37.88
N GLU E 337 -35.85 4.31 -37.40
CA GLU E 337 -37.22 3.92 -37.67
C GLU E 337 -38.15 4.11 -36.47
N ILE E 338 -37.63 3.95 -35.26
CA ILE E 338 -38.43 4.06 -34.05
C ILE E 338 -37.72 5.01 -33.09
N ALA E 339 -38.49 5.53 -32.13
CA ALA E 339 -37.97 6.50 -31.18
C ALA E 339 -37.19 5.77 -30.10
N GLU E 340 -35.86 5.87 -30.16
CA GLU E 340 -35.04 5.31 -29.09
C GLU E 340 -35.18 6.12 -27.80
N TYR E 341 -35.31 7.44 -27.94
CA TYR E 341 -35.42 8.34 -26.80
C TYR E 341 -36.81 8.98 -26.77
N PRO E 342 -37.38 9.22 -25.58
CA PRO E 342 -36.88 8.87 -24.25
C PRO E 342 -37.34 7.49 -23.81
N ARG E 343 -36.68 6.88 -22.82
CA ARG E 343 -37.10 5.60 -22.27
C ARG E 343 -38.04 5.91 -21.11
N ARG E 344 -39.34 5.83 -21.37
CA ARG E 344 -40.33 6.26 -20.37
C ARG E 344 -40.38 5.30 -19.20
N TRP E 345 -40.45 3.99 -19.46
CA TRP E 345 -40.56 3.02 -18.39
C TRP E 345 -39.28 2.94 -17.57
N TYR E 346 -38.13 3.03 -18.23
CA TYR E 346 -36.85 3.02 -17.53
C TYR E 346 -36.74 4.24 -16.61
N ASN E 347 -37.11 5.42 -17.12
CA ASN E 347 -37.04 6.64 -16.32
C ASN E 347 -37.99 6.58 -15.13
N LEU E 348 -39.20 6.06 -15.36
CA LEU E 348 -40.16 5.92 -14.27
C LEU E 348 -39.64 4.96 -13.20
N ALA E 349 -39.02 3.86 -13.62
CA ALA E 349 -38.51 2.88 -12.66
C ALA E 349 -37.36 3.45 -11.83
N THR E 350 -36.40 4.12 -12.48
CA THR E 350 -35.28 4.65 -11.68
C THR E 350 -35.73 5.80 -10.80
N LEU E 351 -36.71 6.59 -11.26
CA LEU E 351 -37.26 7.63 -10.40
C LEU E 351 -37.97 7.02 -9.20
N LEU E 352 -38.73 5.95 -9.44
CA LEU E 352 -39.44 5.27 -8.33
C LEU E 352 -38.41 4.78 -7.31
N VAL E 353 -37.35 4.12 -7.78
CA VAL E 353 -36.32 3.56 -6.86
C VAL E 353 -35.76 4.70 -6.00
N VAL E 354 -35.30 5.78 -6.64
CA VAL E 354 -34.66 6.89 -5.87
C VAL E 354 -35.68 7.50 -4.91
N CYS E 355 -36.93 7.67 -5.35
CA CYS E 355 -37.96 8.31 -4.48
C CYS E 355 -38.17 7.43 -3.24
N CYS E 356 -38.22 6.11 -3.42
CA CYS E 356 -38.38 5.18 -2.27
C CYS E 356 -37.16 5.29 -1.35
N LEU E 357 -35.95 5.26 -1.93
CA LEU E 357 -34.71 5.40 -1.12
C LEU E 357 -34.79 6.69 -0.31
N ILE E 358 -35.09 7.82 -0.96
CA ILE E 358 -35.21 9.09 -0.27
C ILE E 358 -36.21 8.99 0.87
N TYR E 359 -37.36 8.36 0.61
CA TYR E 359 -38.36 8.12 1.65
C TYR E 359 -37.78 7.29 2.79
N GLY E 360 -37.04 6.24 2.45
CA GLY E 360 -36.46 5.39 3.48
C GLY E 360 -35.49 6.15 4.38
N VAL E 361 -34.60 6.95 3.78
CA VAL E 361 -33.62 7.65 4.60
C VAL E 361 -34.27 8.75 5.43
N VAL E 362 -35.21 9.51 4.86
CA VAL E 362 -35.81 10.60 5.64
C VAL E 362 -36.70 10.02 6.74
N SER E 363 -37.39 8.90 6.47
CA SER E 363 -38.21 8.27 7.50
C SER E 363 -37.35 7.72 8.61
N LEU E 364 -36.20 7.11 8.28
CA LEU E 364 -35.33 6.56 9.30
C LEU E 364 -34.74 7.65 10.19
N VAL E 365 -34.29 8.76 9.61
CA VAL E 365 -33.75 9.82 10.45
C VAL E 365 -34.85 10.53 11.24
N VAL E 366 -36.06 10.66 10.66
CA VAL E 366 -37.11 11.37 11.39
C VAL E 366 -37.71 10.48 12.47
N ALA E 367 -37.52 9.16 12.36
CA ALA E 367 -37.95 8.28 13.44
C ALA E 367 -36.88 8.17 14.52
N THR E 368 -35.60 8.17 14.13
CA THR E 368 -34.53 8.04 15.11
C THR E 368 -34.21 9.34 15.82
N ILE E 369 -34.67 10.48 15.30
CA ILE E 369 -34.53 11.72 16.05
C ILE E 369 -35.42 11.72 17.27
N ARG E 370 -36.64 11.19 17.13
CA ARG E 370 -37.57 11.00 18.25
C ARG E 370 -36.97 10.17 19.38
N MET F 6 -49.47 -6.32 5.92
CA MET F 6 -48.78 -7.03 7.01
C MET F 6 -49.50 -8.32 7.36
N LYS F 7 -50.81 -8.35 7.12
CA LYS F 7 -51.59 -9.56 7.38
C LYS F 7 -51.27 -10.67 6.39
N LEU F 8 -50.73 -10.34 5.22
CA LEU F 8 -50.35 -11.34 4.24
C LEU F 8 -48.99 -11.97 4.53
N VAL F 9 -48.24 -11.42 5.49
CA VAL F 9 -46.95 -11.99 5.86
C VAL F 9 -47.13 -13.38 6.46
N SER F 10 -48.10 -13.52 7.37
CA SER F 10 -48.38 -14.82 7.99
C SER F 10 -48.93 -15.84 7.00
N ARG F 11 -49.46 -15.37 5.86
CA ARG F 11 -49.94 -16.29 4.84
C ARG F 11 -48.80 -17.08 4.20
N LEU F 12 -47.63 -16.46 4.05
CA LEU F 12 -46.49 -17.07 3.36
C LEU F 12 -45.87 -18.12 4.28
N THR F 13 -46.43 -19.33 4.23
CA THR F 13 -45.87 -20.44 4.97
C THR F 13 -44.69 -21.03 4.19
N ALA F 14 -44.03 -22.03 4.81
CA ALA F 14 -42.87 -22.64 4.18
C ALA F 14 -43.24 -23.38 2.90
N LYS F 15 -44.36 -24.12 2.93
CA LYS F 15 -44.80 -24.84 1.74
C LYS F 15 -45.17 -23.89 0.61
N ARG F 16 -45.73 -22.73 0.97
CA ARG F 16 -46.18 -21.73 -0.06
C ARG F 16 -45.00 -21.10 -0.80
N LEU F 17 -44.09 -20.43 -0.08
CA LEU F 17 -42.96 -19.71 -0.73
C LEU F 17 -42.16 -20.66 -1.63
N GLN F 18 -42.14 -21.95 -1.26
CA GLN F 18 -41.41 -22.96 -2.07
C GLN F 18 -42.06 -23.08 -3.45
N TRP F 19 -43.31 -23.53 -3.51
CA TRP F 19 -44.04 -23.59 -4.80
C TRP F 19 -43.87 -22.23 -5.50
N ALA F 20 -43.73 -21.16 -4.72
CA ALA F 20 -43.54 -19.80 -5.30
C ALA F 20 -42.25 -19.68 -6.14
N LEU F 21 -41.08 -19.73 -5.51
CA LEU F 21 -39.81 -19.50 -6.27
C LEU F 21 -38.89 -20.72 -6.21
N VAL F 22 -39.31 -21.81 -5.56
CA VAL F 22 -38.40 -22.98 -5.39
C VAL F 22 -38.69 -24.02 -6.47
N TYR F 23 -39.95 -24.41 -6.64
CA TYR F 23 -40.29 -25.48 -7.61
C TYR F 23 -40.79 -24.87 -8.93
N LEU F 24 -41.74 -23.94 -8.83
CA LEU F 24 -42.33 -23.33 -10.06
C LEU F 24 -41.21 -23.08 -11.08
N PRO F 25 -40.16 -22.30 -10.78
CA PRO F 25 -39.09 -21.98 -11.75
C PRO F 25 -38.52 -23.19 -12.47
N MET F 26 -38.27 -24.31 -11.79
CA MET F 26 -37.83 -25.48 -12.54
C MET F 26 -38.94 -26.09 -13.37
N LEU F 27 -40.20 -25.93 -12.98
CA LEU F 27 -41.29 -26.38 -13.85
C LEU F 27 -41.26 -25.64 -15.19
N VAL F 28 -41.21 -24.31 -15.14
CA VAL F 28 -41.21 -23.55 -16.40
C VAL F 28 -39.89 -23.75 -17.14
N ALA F 29 -38.78 -23.91 -16.42
CA ALA F 29 -37.49 -24.14 -17.07
C ALA F 29 -37.45 -25.49 -17.77
N THR F 30 -38.04 -26.52 -17.17
CA THR F 30 -38.06 -27.83 -17.79
C THR F 30 -38.99 -27.87 -18.99
N VAL F 31 -40.17 -27.23 -18.88
CA VAL F 31 -41.05 -27.20 -20.05
C VAL F 31 -40.62 -26.21 -21.12
N TYR F 32 -39.61 -25.37 -20.85
CA TYR F 32 -39.06 -24.55 -21.93
C TYR F 32 -37.81 -25.16 -22.53
N PHE F 33 -36.80 -25.45 -21.71
CA PHE F 33 -35.48 -25.83 -22.22
C PHE F 33 -35.47 -27.21 -22.88
N LEU F 34 -36.48 -28.03 -22.66
CA LEU F 34 -36.49 -29.38 -23.19
C LEU F 34 -37.41 -29.57 -24.38
N VAL F 35 -38.62 -28.99 -24.35
CA VAL F 35 -39.60 -29.19 -25.40
C VAL F 35 -39.97 -27.90 -26.13
N PHE F 36 -39.44 -26.75 -25.71
CA PHE F 36 -39.79 -25.49 -26.35
C PHE F 36 -38.61 -24.74 -26.92
N SER F 37 -37.38 -24.98 -26.45
CA SER F 37 -36.23 -24.24 -26.94
C SER F 37 -35.82 -24.74 -28.33
N ALA F 38 -35.00 -23.93 -28.99
CA ALA F 38 -34.51 -24.23 -30.33
C ALA F 38 -33.00 -24.25 -30.34
N ASP F 39 -32.43 -25.22 -31.05
CA ASP F 39 -30.98 -25.36 -31.12
C ASP F 39 -30.36 -24.22 -31.92
N ARG F 40 -29.13 -23.85 -31.54
CA ARG F 40 -28.41 -22.74 -32.17
C ARG F 40 -26.98 -23.20 -32.46
N TYR F 41 -26.73 -23.57 -33.72
CA TYR F 41 -25.40 -23.96 -34.13
C TYR F 41 -24.49 -22.73 -34.22
N VAL F 42 -23.22 -22.92 -33.90
CA VAL F 42 -22.24 -21.84 -33.82
C VAL F 42 -21.09 -22.14 -34.76
N SER F 43 -20.72 -21.16 -35.58
CA SER F 43 -19.53 -21.23 -36.42
C SER F 43 -18.52 -20.19 -35.96
N GLU F 44 -17.27 -20.62 -35.78
CA GLU F 44 -16.24 -19.78 -35.21
C GLU F 44 -15.10 -19.59 -36.21
N SER F 45 -14.63 -18.35 -36.33
CA SER F 45 -13.50 -18.01 -37.19
C SER F 45 -12.56 -17.08 -36.45
N VAL F 46 -11.29 -17.13 -36.81
CA VAL F 46 -10.26 -16.30 -36.18
C VAL F 46 -9.47 -15.60 -37.28
N ILE F 47 -9.39 -14.27 -37.20
CA ILE F 47 -8.79 -13.42 -38.22
C ILE F 47 -7.89 -12.38 -37.55
N THR F 48 -7.16 -11.64 -38.40
CA THR F 48 -6.33 -10.49 -38.06
C THR F 48 -5.94 -9.80 -39.37
N VAL F 49 -5.96 -8.47 -39.36
CA VAL F 49 -5.55 -7.67 -40.51
C VAL F 49 -4.11 -7.19 -40.30
N ARG F 50 -3.31 -7.22 -41.36
CA ARG F 50 -1.89 -6.95 -41.29
C ARG F 50 -1.54 -5.57 -41.82
N GLN F 51 -0.25 -5.29 -41.87
CA GLN F 51 0.28 -3.97 -42.21
C GLN F 51 0.71 -3.87 -43.67
N THR F 52 0.12 -4.67 -44.55
CA THR F 52 0.56 -4.76 -45.95
C THR F 52 0.40 -3.45 -46.70
N SER F 53 -0.42 -2.53 -46.21
CA SER F 53 -0.58 -1.22 -46.82
C SER F 53 0.49 -0.22 -46.40
N SER F 54 1.60 -0.69 -45.81
CA SER F 54 2.68 0.21 -45.45
C SER F 54 3.35 0.82 -46.67
N ASN F 55 3.53 0.03 -47.72
CA ASN F 55 4.14 0.52 -48.95
C ASN F 55 3.08 0.87 -49.99
N SER F 75 -0.52 -3.02 -35.50
CA SER F 75 -1.68 -2.66 -36.31
C SER F 75 -2.98 -3.08 -35.63
N ARG F 76 -3.03 -2.93 -34.30
CA ARG F 76 -4.23 -3.25 -33.56
C ARG F 76 -5.37 -2.29 -33.89
N GLU F 77 -5.02 -1.07 -34.30
CA GLU F 77 -6.04 -0.04 -34.56
C GLU F 77 -6.98 -0.46 -35.69
N ASP F 78 -6.44 -1.09 -36.75
CA ASP F 78 -7.30 -1.60 -37.80
C ASP F 78 -8.17 -2.75 -37.30
N THR F 79 -7.69 -3.53 -36.33
CA THR F 79 -8.51 -4.57 -35.76
C THR F 79 -9.68 -3.98 -34.97
N CYS F 80 -9.45 -2.87 -34.25
CA CYS F 80 -10.58 -2.23 -33.58
C CYS F 80 -11.51 -1.53 -34.55
N TYR F 81 -10.96 -1.00 -35.65
CA TYR F 81 -11.80 -0.54 -36.76
C TYR F 81 -12.74 -1.65 -37.21
N LEU F 82 -12.19 -2.85 -37.38
CA LEU F 82 -12.98 -3.99 -37.83
C LEU F 82 -13.99 -4.41 -36.78
N GLN F 83 -13.60 -4.32 -35.51
CA GLN F 83 -14.50 -4.65 -34.41
C GLN F 83 -15.70 -3.73 -34.39
N THR F 84 -15.49 -2.43 -34.63
CA THR F 84 -16.61 -1.50 -34.71
C THR F 84 -17.42 -1.71 -35.98
N TYR F 85 -16.76 -2.09 -37.08
CA TYR F 85 -17.46 -2.23 -38.35
C TYR F 85 -18.34 -3.47 -38.38
N ILE F 86 -17.96 -4.54 -37.68
CA ILE F 86 -18.74 -5.77 -37.72
C ILE F 86 -20.10 -5.55 -37.06
N HIS F 87 -20.12 -4.87 -35.92
CA HIS F 87 -21.35 -4.58 -35.20
C HIS F 87 -22.03 -3.32 -35.66
N SER F 88 -21.78 -2.89 -36.89
CA SER F 88 -22.35 -1.66 -37.43
C SER F 88 -23.72 -1.96 -38.02
N MET F 89 -24.29 -0.98 -38.72
CA MET F 89 -25.61 -1.10 -39.34
C MET F 89 -25.54 -1.29 -40.84
N GLY F 90 -24.65 -0.58 -41.54
CA GLY F 90 -24.55 -0.74 -42.97
C GLY F 90 -24.14 -2.15 -43.38
N LEU F 91 -23.25 -2.76 -42.60
CA LEU F 91 -22.92 -4.17 -42.83
C LEU F 91 -24.14 -5.04 -42.62
N LEU F 92 -24.97 -4.73 -41.64
CA LEU F 92 -26.19 -5.51 -41.41
C LEU F 92 -27.15 -5.34 -42.59
N GLN F 93 -27.26 -4.13 -43.14
CA GLN F 93 -28.10 -3.93 -44.32
C GLN F 93 -27.58 -4.71 -45.51
N LYS F 94 -26.26 -4.72 -45.72
CA LYS F 94 -25.67 -5.49 -46.80
C LYS F 94 -25.94 -6.98 -46.63
N LEU F 95 -25.77 -7.49 -45.41
CA LEU F 95 -26.00 -8.90 -45.17
C LEU F 95 -27.48 -9.26 -45.28
N ASP F 96 -28.38 -8.35 -44.91
CA ASP F 96 -29.80 -8.62 -45.03
C ASP F 96 -30.22 -8.63 -46.50
N GLN F 97 -29.61 -7.77 -47.31
CA GLN F 97 -29.88 -7.83 -48.75
C GLN F 97 -29.27 -9.07 -49.39
N GLN F 98 -28.14 -9.55 -48.85
CA GLN F 98 -27.44 -10.65 -49.48
C GLN F 98 -28.05 -12.01 -49.10
N LEU F 99 -28.13 -12.30 -47.81
CA LEU F 99 -28.52 -13.62 -47.33
C LEU F 99 -29.89 -13.67 -46.68
N LYS F 100 -30.57 -12.53 -46.55
CA LYS F 100 -31.93 -12.43 -46.03
C LYS F 100 -32.03 -12.99 -44.60
N LEU F 101 -31.35 -12.30 -43.69
CA LEU F 101 -31.31 -12.72 -42.29
C LEU F 101 -32.67 -12.62 -41.62
N ARG F 102 -33.47 -11.62 -42.00
CA ARG F 102 -34.72 -11.35 -41.30
C ARG F 102 -35.71 -12.48 -41.43
N GLU F 103 -35.83 -13.06 -42.62
CA GLU F 103 -36.73 -14.19 -42.80
C GLU F 103 -36.16 -15.46 -42.20
N HIS F 104 -34.83 -15.59 -42.14
CA HIS F 104 -34.24 -16.80 -41.58
C HIS F 104 -34.43 -16.85 -40.07
N PHE F 105 -34.24 -15.72 -39.38
CA PHE F 105 -34.27 -15.74 -37.92
C PHE F 105 -35.67 -15.89 -37.35
N GLY F 106 -36.71 -15.81 -38.17
CA GLY F 106 -38.05 -16.11 -37.75
C GLY F 106 -38.48 -17.55 -37.98
N THR F 107 -37.55 -18.42 -38.37
CA THR F 107 -37.90 -19.81 -38.67
C THR F 107 -38.42 -20.60 -37.45
N PRO F 108 -37.75 -20.61 -36.26
CA PRO F 108 -38.29 -21.44 -35.18
C PRO F 108 -39.49 -20.77 -34.50
N LEU F 109 -40.68 -21.29 -34.76
CA LEU F 109 -41.89 -20.75 -34.07
C LEU F 109 -42.00 -21.42 -32.69
N ARG F 110 -41.24 -22.49 -32.46
CA ARG F 110 -41.29 -23.22 -31.17
C ARG F 110 -40.78 -22.32 -30.04
N ASP F 111 -39.64 -21.64 -30.26
CA ASP F 111 -39.04 -20.79 -29.20
C ASP F 111 -39.17 -19.31 -29.59
N PRO F 112 -40.01 -18.51 -28.91
CA PRO F 112 -40.14 -17.09 -29.20
C PRO F 112 -38.96 -16.28 -28.61
N LEU F 113 -38.40 -16.75 -27.50
CA LEU F 113 -37.29 -16.01 -26.83
C LEU F 113 -36.09 -15.92 -27.76
N PHE F 114 -35.78 -17.00 -28.48
CA PHE F 114 -34.59 -17.01 -29.38
C PHE F 114 -35.02 -16.75 -30.82
N ARG F 115 -36.19 -16.14 -31.02
CA ARG F 115 -36.69 -15.94 -32.41
C ARG F 115 -36.86 -14.45 -32.72
N LEU F 116 -36.81 -14.08 -34.00
CA LEU F 116 -37.01 -12.70 -34.42
C LEU F 116 -38.45 -12.56 -34.90
N TRP F 117 -39.25 -11.81 -34.12
CA TRP F 117 -40.65 -11.64 -34.47
C TRP F 117 -40.80 -10.77 -35.71
N GLY F 118 -41.81 -11.09 -36.51
CA GLY F 118 -42.06 -10.32 -37.71
C GLY F 118 -42.61 -8.94 -37.40
N GLY F 119 -42.25 -7.98 -38.26
CA GLY F 119 -42.73 -6.62 -38.10
C GLY F 119 -42.04 -5.81 -37.04
N THR F 120 -40.95 -6.29 -36.47
CA THR F 120 -40.23 -5.53 -35.46
C THR F 120 -39.49 -4.36 -36.09
N SER F 121 -39.01 -3.46 -35.24
CA SER F 121 -38.31 -2.27 -35.69
C SER F 121 -36.92 -2.61 -36.19
N GLN F 122 -36.30 -1.63 -36.85
CA GLN F 122 -34.94 -1.81 -37.35
C GLN F 122 -33.93 -1.85 -36.20
N GLU F 123 -34.16 -1.05 -35.16
CA GLU F 123 -33.24 -1.02 -34.02
C GLU F 123 -33.26 -2.34 -33.25
N TRP F 124 -34.44 -2.94 -33.09
CA TRP F 124 -34.51 -4.24 -32.45
C TRP F 124 -33.82 -5.31 -33.29
N PHE F 125 -33.93 -5.20 -34.61
CA PHE F 125 -33.18 -6.10 -35.50
C PHE F 125 -31.69 -5.91 -35.32
N LEU F 126 -31.24 -4.67 -35.17
CA LEU F 126 -29.82 -4.40 -34.94
C LEU F 126 -29.34 -5.01 -33.64
N GLU F 127 -30.15 -4.87 -32.58
CA GLU F 127 -29.77 -5.45 -31.30
C GLU F 127 -29.76 -6.97 -31.35
N TYR F 128 -30.71 -7.56 -32.07
CA TYR F 128 -30.74 -9.02 -32.24
C TYR F 128 -29.51 -9.51 -32.99
N TYR F 129 -29.13 -8.81 -34.06
CA TYR F 129 -27.94 -9.20 -34.81
C TYR F 129 -26.68 -9.04 -33.98
N ARG F 130 -26.61 -7.96 -33.18
CA ARG F 130 -25.47 -7.78 -32.30
C ARG F 130 -25.41 -8.86 -31.22
N SER F 131 -26.57 -9.35 -30.79
CA SER F 131 -26.59 -10.45 -29.82
C SER F 131 -26.14 -11.75 -30.46
N ARG F 132 -26.51 -12.00 -31.72
CA ARG F 132 -26.20 -13.27 -32.35
C ARG F 132 -24.72 -13.37 -32.74
N VAL F 133 -24.16 -12.30 -33.28
CA VAL F 133 -22.77 -12.30 -33.70
C VAL F 133 -21.91 -11.77 -32.55
N GLU F 134 -20.97 -12.59 -32.08
CA GLU F 134 -20.13 -12.25 -30.95
C GLU F 134 -18.69 -12.10 -31.43
N VAL F 135 -18.09 -10.95 -31.15
CA VAL F 135 -16.75 -10.63 -31.57
C VAL F 135 -15.90 -10.33 -30.34
N LEU F 136 -14.79 -11.05 -30.21
CA LEU F 136 -13.88 -10.85 -29.09
C LEU F 136 -12.47 -10.58 -29.62
N MET F 137 -11.69 -9.86 -28.83
CA MET F 137 -10.34 -9.46 -29.21
C MET F 137 -9.34 -10.02 -28.20
N ASP F 138 -8.52 -10.97 -28.64
CA ASP F 138 -7.35 -11.40 -27.89
C ASP F 138 -6.38 -10.23 -27.81
N ASP F 139 -6.23 -9.67 -26.61
CA ASP F 139 -5.59 -8.37 -26.44
C ASP F 139 -4.09 -8.44 -26.15
N ILE F 140 -3.59 -9.61 -25.73
CA ILE F 140 -2.14 -9.74 -25.54
C ILE F 140 -1.41 -9.57 -26.86
N CYS F 141 -1.94 -10.16 -27.93
CA CYS F 141 -1.36 -9.94 -29.26
C CYS F 141 -2.43 -9.86 -30.35
N GLY F 142 -3.65 -9.43 -30.01
CA GLY F 142 -4.60 -8.94 -30.99
C GLY F 142 -5.13 -9.91 -32.03
N LEU F 143 -5.95 -10.87 -31.62
CA LEU F 143 -6.57 -11.83 -32.54
C LEU F 143 -8.08 -11.64 -32.49
N LEU F 144 -8.71 -11.43 -33.64
CA LEU F 144 -10.15 -11.16 -33.69
C LEU F 144 -10.88 -12.49 -33.89
N THR F 145 -11.66 -12.91 -32.90
CA THR F 145 -12.43 -14.14 -33.00
C THR F 145 -13.91 -13.81 -33.13
N VAL F 146 -14.56 -14.43 -34.10
CA VAL F 146 -15.95 -14.16 -34.45
C VAL F 146 -16.73 -15.46 -34.34
N ARG F 147 -17.80 -15.45 -33.55
CA ARG F 147 -18.69 -16.60 -33.42
C ARG F 147 -20.08 -16.18 -33.86
N VAL F 148 -20.65 -16.95 -34.79
CA VAL F 148 -21.93 -16.62 -35.40
C VAL F 148 -22.91 -17.74 -35.08
N GLN F 149 -24.09 -17.38 -34.60
CA GLN F 149 -25.14 -18.33 -34.27
C GLN F 149 -26.19 -18.37 -35.36
N GLY F 150 -26.65 -19.57 -35.67
CA GLY F 150 -27.71 -19.75 -36.64
C GLY F 150 -28.42 -21.06 -36.39
N PHE F 151 -29.69 -21.11 -36.78
CA PHE F 151 -30.48 -22.31 -36.51
C PHE F 151 -30.12 -23.48 -37.43
N GLU F 152 -29.37 -23.23 -38.50
CA GLU F 152 -28.84 -24.28 -39.34
C GLU F 152 -27.33 -24.10 -39.46
N PRO F 153 -26.56 -25.18 -39.42
CA PRO F 153 -25.09 -25.03 -39.44
C PRO F 153 -24.55 -24.44 -40.72
N GLU F 154 -25.11 -24.82 -41.87
CA GLU F 154 -24.64 -24.28 -43.15
C GLU F 154 -24.95 -22.79 -43.25
N PHE F 155 -26.06 -22.34 -42.69
CA PHE F 155 -26.37 -20.90 -42.71
C PHE F 155 -25.40 -20.14 -41.82
N ALA F 156 -25.02 -20.70 -40.67
CA ALA F 156 -24.04 -20.06 -39.81
C ALA F 156 -22.70 -19.94 -40.50
N GLN F 157 -22.27 -21.01 -41.18
CA GLN F 157 -21.01 -20.95 -41.93
C GLN F 157 -21.09 -19.93 -43.06
N ALA F 158 -22.22 -19.88 -43.77
CA ALA F 158 -22.38 -18.92 -44.86
C ALA F 158 -22.36 -17.49 -44.35
N LEU F 159 -23.02 -17.24 -43.22
CA LEU F 159 -23.01 -15.89 -42.66
C LEU F 159 -21.62 -15.50 -42.20
N ASN F 160 -20.87 -16.44 -41.62
CA ASN F 160 -19.50 -16.15 -41.22
C ASN F 160 -18.63 -15.84 -42.43
N ARG F 161 -18.78 -16.60 -43.51
CA ARG F 161 -17.99 -16.35 -44.72
C ARG F 161 -18.36 -15.01 -45.35
N ALA F 162 -19.65 -14.66 -45.35
CA ALA F 162 -20.06 -13.38 -45.89
C ALA F 162 -19.53 -12.22 -45.05
N ILE F 163 -19.53 -12.40 -43.72
CA ILE F 163 -18.95 -11.39 -42.83
C ILE F 163 -17.47 -11.20 -43.13
N LEU F 164 -16.75 -12.30 -43.33
CA LEU F 164 -15.32 -12.20 -43.63
C LEU F 164 -15.07 -11.54 -44.98
N GLU F 165 -15.88 -11.85 -46.00
CA GLU F 165 -15.63 -11.27 -47.31
C GLU F 165 -15.98 -9.78 -47.33
N GLU F 166 -17.06 -9.37 -46.63
CA GLU F 166 -17.35 -7.95 -46.52
C GLU F 166 -16.31 -7.24 -45.67
N SER F 167 -15.76 -7.95 -44.68
CA SER F 167 -14.66 -7.43 -43.88
C SER F 167 -13.44 -7.10 -44.75
N GLU F 168 -13.05 -8.04 -45.60
CA GLU F 168 -11.91 -7.82 -46.49
C GLU F 168 -12.20 -6.70 -47.47
N ARG F 169 -13.43 -6.65 -48.01
CA ARG F 169 -13.79 -5.59 -48.94
C ARG F 169 -13.72 -4.23 -48.29
N PHE F 170 -14.22 -4.10 -47.06
CA PHE F 170 -14.19 -2.81 -46.37
C PHE F 170 -12.77 -2.41 -46.02
N VAL F 171 -11.95 -3.35 -45.55
CA VAL F 171 -10.58 -2.98 -45.18
C VAL F 171 -9.74 -2.65 -46.40
N ASN F 172 -10.10 -3.20 -47.58
CA ASN F 172 -9.45 -2.76 -48.81
C ASN F 172 -9.95 -1.40 -49.25
N GLU F 173 -11.28 -1.19 -49.19
CA GLU F 173 -11.86 0.12 -49.57
C GLU F 173 -11.38 1.18 -48.58
N LEU F 174 -11.03 0.75 -47.36
CA LEU F 174 -10.55 1.69 -46.31
C LEU F 174 -9.37 2.49 -46.88
N SER F 175 -8.51 1.83 -47.67
CA SER F 175 -7.34 2.53 -48.28
C SER F 175 -7.68 2.98 -49.70
N HIS F 176 -8.38 2.13 -50.47
CA HIS F 176 -8.70 2.46 -51.85
C HIS F 176 -9.23 3.88 -51.97
N ARG F 177 -9.97 4.33 -50.96
CA ARG F 177 -10.54 5.67 -50.99
C ARG F 177 -9.45 6.74 -50.96
N MET F 178 -8.51 6.64 -50.01
CA MET F 178 -7.51 7.71 -49.94
C MET F 178 -6.48 7.57 -51.06
N ALA F 179 -6.28 6.34 -51.57
CA ALA F 179 -5.45 6.19 -52.77
C ALA F 179 -6.09 6.85 -53.98
N ARG F 180 -7.41 6.72 -54.15
CA ARG F 180 -8.09 7.36 -55.27
C ARG F 180 -8.13 8.87 -55.10
N GLU F 181 -8.35 9.34 -53.87
CA GLU F 181 -8.43 10.77 -53.62
C GLU F 181 -7.07 11.46 -53.75
N GLN F 182 -6.00 10.76 -53.42
CA GLN F 182 -4.64 11.33 -53.51
C GLN F 182 -4.18 11.45 -54.96
N ARG F 322 -4.96 -1.65 -56.60
CA ARG F 322 -4.04 -2.52 -55.88
C ARG F 322 -4.58 -2.83 -54.49
N LYS F 323 -4.47 -4.10 -54.08
CA LYS F 323 -4.89 -4.52 -52.75
C LYS F 323 -3.88 -4.01 -51.72
N LEU F 324 -4.23 -2.90 -51.05
CA LEU F 324 -3.31 -2.31 -50.09
C LEU F 324 -3.23 -3.15 -48.82
N LYS F 325 -4.35 -3.30 -48.12
CA LYS F 325 -4.40 -4.13 -46.93
C LYS F 325 -4.76 -5.57 -47.29
N SER F 326 -4.67 -6.45 -46.29
CA SER F 326 -5.00 -7.84 -46.48
C SER F 326 -5.56 -8.40 -45.18
N LEU F 327 -6.39 -9.44 -45.30
CA LEU F 327 -6.97 -10.11 -44.15
C LEU F 327 -6.34 -11.48 -44.01
N VAL F 328 -5.78 -11.75 -42.84
CA VAL F 328 -5.19 -13.05 -42.53
C VAL F 328 -6.25 -13.93 -41.89
N VAL F 329 -6.48 -15.09 -42.47
CA VAL F 329 -7.48 -16.02 -41.96
C VAL F 329 -6.78 -17.15 -41.20
N VAL F 330 -6.60 -16.98 -39.89
CA VAL F 330 -5.96 -18.01 -39.09
C VAL F 330 -6.83 -19.24 -39.00
N GLU F 331 -8.12 -19.06 -38.73
CA GLU F 331 -9.05 -20.17 -38.54
C GLU F 331 -10.25 -19.88 -39.41
N PRO F 332 -10.44 -20.58 -40.54
CA PRO F 332 -11.56 -20.29 -41.44
C PRO F 332 -12.89 -20.63 -40.80
N PRO F 333 -14.01 -20.12 -41.35
CA PRO F 333 -15.32 -20.45 -40.77
C PRO F 333 -15.63 -21.93 -40.88
N VAL F 334 -15.73 -22.59 -39.73
CA VAL F 334 -15.95 -24.03 -39.69
C VAL F 334 -17.44 -24.31 -39.79
N LEU F 335 -17.75 -25.54 -40.16
CA LEU F 335 -19.14 -25.99 -40.25
C LEU F 335 -19.47 -26.82 -39.03
N PRO F 336 -20.32 -26.37 -38.12
CA PRO F 336 -20.61 -27.14 -36.92
C PRO F 336 -21.45 -28.37 -37.22
N GLU F 337 -21.38 -29.33 -36.30
CA GLU F 337 -22.14 -30.56 -36.37
C GLU F 337 -23.30 -30.58 -35.38
N ILE F 338 -23.04 -30.26 -34.11
CA ILE F 338 -24.07 -30.19 -33.10
C ILE F 338 -24.12 -28.75 -32.57
N ALA F 339 -25.23 -28.44 -31.90
CA ALA F 339 -25.51 -27.07 -31.47
C ALA F 339 -24.92 -26.81 -30.09
N GLU F 340 -24.13 -25.73 -29.99
CA GLU F 340 -23.53 -25.39 -28.71
C GLU F 340 -24.56 -24.82 -27.75
N TYR F 341 -25.41 -23.91 -28.22
CA TYR F 341 -26.41 -23.27 -27.40
C TYR F 341 -27.81 -23.78 -27.75
N PRO F 342 -28.74 -23.81 -26.79
CA PRO F 342 -28.60 -23.46 -25.37
C PRO F 342 -28.04 -24.63 -24.56
N ARG F 343 -27.33 -24.32 -23.48
CA ARG F 343 -26.84 -25.36 -22.56
C ARG F 343 -27.99 -25.70 -21.61
N ARG F 344 -28.66 -26.81 -21.86
CA ARG F 344 -29.91 -27.10 -21.15
C ARG F 344 -29.64 -27.52 -19.71
N TRP F 345 -28.91 -28.62 -19.53
CA TRP F 345 -28.67 -29.14 -18.18
C TRP F 345 -27.81 -28.19 -17.35
N TYR F 346 -26.86 -27.50 -17.99
CA TYR F 346 -26.04 -26.54 -17.28
C TYR F 346 -26.89 -25.40 -16.74
N ASN F 347 -27.77 -24.84 -17.57
CA ASN F 347 -28.66 -23.78 -17.13
C ASN F 347 -29.61 -24.27 -16.06
N LEU F 348 -30.06 -25.52 -16.16
CA LEU F 348 -30.91 -26.09 -15.11
C LEU F 348 -30.16 -26.17 -13.77
N ALA F 349 -28.89 -26.56 -13.81
CA ALA F 349 -28.11 -26.66 -12.58
C ALA F 349 -27.88 -25.29 -11.94
N THR F 350 -27.47 -24.31 -12.74
CA THR F 350 -27.30 -22.96 -12.19
C THR F 350 -28.61 -22.38 -11.70
N LEU F 351 -29.71 -22.67 -12.40
CA LEU F 351 -31.01 -22.20 -11.98
C LEU F 351 -31.39 -22.81 -10.62
N LEU F 352 -31.13 -24.10 -10.44
CA LEU F 352 -31.35 -24.75 -9.15
C LEU F 352 -30.57 -24.06 -8.04
N VAL F 353 -29.30 -23.77 -8.31
CA VAL F 353 -28.45 -23.14 -7.30
C VAL F 353 -29.01 -21.77 -6.91
N VAL F 354 -29.34 -20.95 -7.91
CA VAL F 354 -29.82 -19.57 -7.61
C VAL F 354 -31.18 -19.64 -6.90
N CYS F 355 -32.12 -20.39 -7.45
CA CYS F 355 -33.50 -20.45 -6.85
C CYS F 355 -33.39 -20.90 -5.39
N CYS F 356 -32.47 -21.82 -5.09
CA CYS F 356 -32.27 -22.29 -3.69
C CYS F 356 -31.75 -21.12 -2.85
N LEU F 357 -30.61 -20.54 -3.25
CA LEU F 357 -30.01 -19.45 -2.48
C LEU F 357 -31.05 -18.36 -2.14
N ILE F 358 -31.86 -17.97 -3.14
CA ILE F 358 -32.80 -16.88 -2.87
C ILE F 358 -33.90 -17.38 -1.94
N TYR F 359 -34.28 -18.66 -2.04
CA TYR F 359 -35.27 -19.21 -1.13
C TYR F 359 -34.75 -19.22 0.30
N GLY F 360 -33.49 -19.60 0.50
CA GLY F 360 -32.92 -19.55 1.85
C GLY F 360 -32.87 -18.14 2.41
N VAL F 361 -32.43 -17.19 1.59
CA VAL F 361 -32.33 -15.80 2.05
C VAL F 361 -33.71 -15.23 2.38
N VAL F 362 -34.69 -15.49 1.51
CA VAL F 362 -36.02 -14.94 1.74
C VAL F 362 -36.72 -15.67 2.88
N SER F 363 -36.38 -16.95 3.13
CA SER F 363 -36.92 -17.63 4.29
C SER F 363 -36.38 -17.02 5.58
N LEU F 364 -35.09 -16.69 5.59
CA LEU F 364 -34.52 -16.01 6.76
C LEU F 364 -35.16 -14.64 6.97
N VAL F 365 -35.35 -13.87 5.89
CA VAL F 365 -35.90 -12.53 6.06
C VAL F 365 -37.37 -12.59 6.45
N VAL F 366 -38.12 -13.57 5.95
CA VAL F 366 -39.52 -13.67 6.35
C VAL F 366 -39.63 -14.18 7.78
N ALA F 367 -38.68 -15.01 8.23
CA ALA F 367 -38.68 -15.45 9.62
C ALA F 367 -38.42 -14.29 10.57
N THR F 368 -37.44 -13.43 10.24
CA THR F 368 -37.18 -12.32 11.16
C THR F 368 -38.26 -11.26 11.09
N ILE F 369 -38.88 -11.06 9.92
CA ILE F 369 -39.97 -10.08 9.87
C ILE F 369 -41.23 -10.63 10.51
N ARG F 370 -41.38 -11.96 10.59
CA ARG F 370 -42.49 -12.53 11.34
C ARG F 370 -42.25 -12.42 12.84
N ASP F 371 -41.01 -12.64 13.27
CA ASP F 371 -40.70 -12.51 14.69
C ASP F 371 -40.77 -11.06 15.16
N HIS F 372 -40.37 -10.11 14.31
CA HIS F 372 -40.34 -8.70 14.72
C HIS F 372 -41.75 -8.16 14.97
N GLN F 373 -42.70 -8.52 14.12
CA GLN F 373 -44.07 -8.03 14.27
C GLN F 373 -45.00 -9.14 14.75
N LEU G 12 -25.90 -43.58 12.07
CA LEU G 12 -24.73 -42.89 11.53
C LEU G 12 -23.50 -43.16 12.37
N THR G 13 -23.16 -44.44 12.54
CA THR G 13 -22.00 -44.81 13.33
C THR G 13 -20.72 -44.50 12.56
N ALA G 14 -19.59 -44.63 13.27
CA ALA G 14 -18.30 -44.36 12.67
C ALA G 14 -17.94 -45.38 11.59
N LYS G 15 -18.42 -46.62 11.74
CA LYS G 15 -18.15 -47.65 10.73
C LYS G 15 -18.76 -47.28 9.39
N ARG G 16 -20.00 -46.78 9.40
CA ARG G 16 -20.65 -46.36 8.16
C ARG G 16 -19.91 -45.22 7.50
N LEU G 17 -19.46 -44.24 8.30
CA LEU G 17 -18.72 -43.11 7.75
C LEU G 17 -17.39 -43.55 7.13
N GLN G 18 -16.66 -44.43 7.83
CA GLN G 18 -15.40 -44.92 7.30
C GLN G 18 -15.62 -45.73 6.02
N TRP G 19 -16.69 -46.54 5.98
CA TRP G 19 -16.94 -47.35 4.81
C TRP G 19 -17.37 -46.50 3.61
N ALA G 20 -18.15 -45.44 3.85
CA ALA G 20 -18.72 -44.65 2.78
C ALA G 20 -17.93 -43.40 2.45
N LEU G 21 -16.81 -43.14 3.12
CA LEU G 21 -16.05 -41.94 2.81
C LEU G 21 -14.59 -42.22 2.52
N VAL G 22 -14.04 -43.28 3.10
CA VAL G 22 -12.62 -43.62 2.95
C VAL G 22 -12.44 -44.88 2.13
N TYR G 23 -13.05 -46.00 2.55
CA TYR G 23 -12.73 -47.28 1.96
C TYR G 23 -13.31 -47.42 0.55
N LEU G 24 -14.57 -47.01 0.36
CA LEU G 24 -15.18 -47.12 -0.97
C LEU G 24 -14.50 -46.27 -2.05
N PRO G 25 -14.22 -44.96 -1.84
CA PRO G 25 -13.57 -44.22 -2.94
C PRO G 25 -12.16 -44.67 -3.22
N MET G 26 -11.41 -45.02 -2.17
CA MET G 26 -10.07 -45.56 -2.39
C MET G 26 -10.11 -46.90 -3.12
N LEU G 27 -11.10 -47.73 -2.80
CA LEU G 27 -11.26 -48.99 -3.53
C LEU G 27 -11.56 -48.75 -5.00
N VAL G 28 -12.45 -47.80 -5.29
CA VAL G 28 -12.79 -47.51 -6.68
C VAL G 28 -11.58 -46.97 -7.42
N ALA G 29 -10.84 -46.05 -6.80
CA ALA G 29 -9.65 -45.49 -7.42
C ALA G 29 -8.57 -46.54 -7.63
N THR G 30 -8.44 -47.47 -6.69
CA THR G 30 -7.43 -48.52 -6.81
C THR G 30 -7.76 -49.48 -7.95
N VAL G 31 -9.01 -49.96 -8.00
CA VAL G 31 -9.40 -50.83 -9.11
C VAL G 31 -9.52 -50.11 -10.44
N TYR G 32 -9.49 -48.77 -10.45
CA TYR G 32 -9.38 -48.08 -11.73
C TYR G 32 -7.92 -47.94 -12.14
N PHE G 33 -7.11 -47.29 -11.30
CA PHE G 33 -5.77 -46.90 -11.68
C PHE G 33 -4.80 -48.07 -11.83
N LEU G 34 -5.15 -49.26 -11.33
CA LEU G 34 -4.25 -50.40 -11.39
C LEU G 34 -4.57 -51.35 -12.52
N VAL G 35 -5.85 -51.72 -12.69
CA VAL G 35 -6.23 -52.75 -13.65
C VAL G 35 -7.07 -52.20 -14.80
N PHE G 36 -7.49 -50.95 -14.76
CA PHE G 36 -8.36 -50.40 -15.78
C PHE G 36 -7.77 -49.23 -16.55
N SER G 37 -6.86 -48.48 -15.96
CA SER G 37 -6.32 -47.29 -16.62
C SER G 37 -5.44 -47.68 -17.81
N ALA G 38 -5.36 -46.77 -18.77
CA ALA G 38 -4.56 -46.96 -19.97
C ALA G 38 -3.39 -45.99 -19.97
N ASP G 39 -2.21 -46.49 -20.29
CA ASP G 39 -1.02 -45.66 -20.30
C ASP G 39 -1.06 -44.65 -21.44
N ARG G 40 -0.49 -43.47 -21.20
CA ARG G 40 -0.46 -42.40 -22.17
C ARG G 40 0.96 -41.84 -22.24
N TYR G 41 1.59 -42.00 -23.40
CA TYR G 41 2.95 -41.52 -23.63
C TYR G 41 2.92 -40.09 -24.16
N VAL G 42 3.81 -39.25 -23.63
CA VAL G 42 3.94 -37.88 -24.09
C VAL G 42 5.21 -37.75 -24.90
N SER G 43 5.18 -36.86 -25.89
CA SER G 43 6.32 -36.62 -26.77
C SER G 43 6.45 -35.11 -26.95
N GLU G 44 7.30 -34.50 -26.13
CA GLU G 44 7.42 -33.06 -26.12
C GLU G 44 8.41 -32.58 -27.18
N SER G 45 8.24 -31.32 -27.58
CA SER G 45 9.14 -30.66 -28.50
C SER G 45 9.13 -29.17 -28.21
N VAL G 46 10.20 -28.49 -28.60
CA VAL G 46 10.35 -27.06 -28.35
C VAL G 46 10.70 -26.38 -29.66
N ILE G 47 9.89 -25.40 -30.06
CA ILE G 47 9.99 -24.77 -31.37
C ILE G 47 9.96 -23.26 -31.23
N THR G 48 10.39 -22.59 -32.31
CA THR G 48 10.34 -21.15 -32.47
C THR G 48 10.30 -20.87 -33.97
N VAL G 49 9.64 -19.77 -34.35
CA VAL G 49 9.55 -19.33 -35.74
C VAL G 49 10.29 -18.01 -35.89
N ARG G 50 11.14 -17.91 -36.90
CA ARG G 50 12.00 -16.74 -37.06
C ARG G 50 12.03 -16.31 -38.53
N GLN G 51 12.34 -15.03 -38.72
CA GLN G 51 12.55 -14.48 -40.05
C GLN G 51 13.96 -14.81 -40.54
N THR G 52 14.04 -15.23 -41.80
CA THR G 52 15.32 -15.57 -42.41
C THR G 52 15.92 -14.34 -43.07
N SER G 53 17.18 -14.05 -42.74
CA SER G 53 17.87 -12.90 -43.30
C SER G 53 18.33 -13.16 -44.72
N SER G 75 8.96 -11.34 -32.94
CA SER G 75 8.33 -12.50 -33.58
C SER G 75 7.18 -13.02 -32.73
N ARG G 76 6.63 -12.15 -31.88
CA ARG G 76 5.54 -12.57 -31.00
C ARG G 76 4.25 -12.81 -31.77
N GLU G 77 4.03 -12.07 -32.85
CA GLU G 77 2.80 -12.25 -33.62
C GLU G 77 2.76 -13.62 -34.28
N ASP G 78 3.88 -14.10 -34.80
CA ASP G 78 3.89 -15.42 -35.44
C ASP G 78 3.73 -16.53 -34.43
N THR G 79 4.28 -16.36 -33.22
CA THR G 79 4.09 -17.43 -32.24
C THR G 79 2.68 -17.41 -31.65
N CYS G 80 2.02 -16.25 -31.59
CA CYS G 80 0.58 -16.26 -31.31
C CYS G 80 -0.19 -16.96 -32.41
N TYR G 81 0.18 -16.71 -33.67
CA TYR G 81 -0.47 -17.38 -34.79
C TYR G 81 -0.32 -18.89 -34.67
N LEU G 82 0.87 -19.35 -34.32
CA LEU G 82 1.12 -20.77 -34.18
C LEU G 82 0.34 -21.36 -33.00
N GLN G 83 0.30 -20.63 -31.89
CA GLN G 83 -0.42 -21.10 -30.71
C GLN G 83 -1.90 -21.23 -30.97
N THR G 84 -2.47 -20.30 -31.75
CA THR G 84 -3.88 -20.41 -32.11
C THR G 84 -4.10 -21.52 -33.14
N TYR G 85 -3.20 -21.64 -34.12
CA TYR G 85 -3.40 -22.58 -35.21
C TYR G 85 -3.22 -24.03 -34.77
N ILE G 86 -2.45 -24.27 -33.70
CA ILE G 86 -2.26 -25.64 -33.24
C ILE G 86 -3.57 -26.21 -32.69
N HIS G 87 -4.32 -25.41 -31.93
CA HIS G 87 -5.61 -25.82 -31.41
C HIS G 87 -6.76 -25.55 -32.37
N SER G 88 -6.47 -25.30 -33.65
CA SER G 88 -7.49 -24.94 -34.61
C SER G 88 -8.26 -26.17 -35.07
N MET G 89 -9.24 -25.94 -35.95
CA MET G 89 -10.10 -27.00 -36.46
C MET G 89 -9.62 -27.54 -37.80
N GLY G 90 -9.13 -26.67 -38.68
CA GLY G 90 -8.60 -27.13 -39.96
C GLY G 90 -7.38 -28.01 -39.81
N LEU G 91 -6.54 -27.71 -38.81
CA LEU G 91 -5.41 -28.60 -38.50
C LEU G 91 -5.91 -29.97 -38.08
N LEU G 92 -7.00 -30.02 -37.32
CA LEU G 92 -7.60 -31.31 -36.98
C LEU G 92 -8.15 -32.03 -38.18
N GLN G 93 -8.77 -31.32 -39.12
CA GLN G 93 -9.25 -31.98 -40.33
C GLN G 93 -8.10 -32.59 -41.10
N LYS G 94 -7.01 -31.83 -41.26
CA LYS G 94 -5.84 -32.34 -41.96
C LYS G 94 -5.21 -33.52 -41.24
N LEU G 95 -5.07 -33.43 -39.91
CA LEU G 95 -4.42 -34.50 -39.16
C LEU G 95 -5.27 -35.75 -39.09
N ASP G 96 -6.60 -35.60 -39.01
CA ASP G 96 -7.48 -36.76 -39.02
C ASP G 96 -7.49 -37.42 -40.39
N GLN G 97 -7.36 -36.64 -41.46
CA GLN G 97 -7.20 -37.24 -42.77
C GLN G 97 -5.85 -37.94 -42.91
N GLN G 98 -4.82 -37.40 -42.26
CA GLN G 98 -3.47 -37.93 -42.45
C GLN G 98 -3.19 -39.17 -41.59
N LEU G 99 -3.24 -39.02 -40.27
CA LEU G 99 -2.73 -40.04 -39.37
C LEU G 99 -3.80 -40.86 -38.67
N LYS G 100 -5.08 -40.67 -39.01
CA LYS G 100 -6.19 -41.47 -38.50
C LYS G 100 -6.28 -41.39 -36.97
N LEU G 101 -6.56 -40.17 -36.49
CA LEU G 101 -6.58 -39.91 -35.05
C LEU G 101 -7.76 -40.59 -34.38
N ARG G 102 -8.94 -40.55 -35.01
CA ARG G 102 -10.16 -41.02 -34.35
C ARG G 102 -10.10 -42.51 -34.04
N GLU G 103 -9.66 -43.32 -35.00
CA GLU G 103 -9.61 -44.76 -34.78
C GLU G 103 -8.43 -45.15 -33.91
N HIS G 104 -7.40 -44.31 -33.83
CA HIS G 104 -6.34 -44.57 -32.87
C HIS G 104 -6.80 -44.33 -31.45
N PHE G 105 -7.46 -43.20 -31.20
CA PHE G 105 -7.85 -42.85 -29.84
C PHE G 105 -9.00 -43.69 -29.32
N GLY G 106 -9.67 -44.46 -30.17
CA GLY G 106 -10.68 -45.41 -29.74
C GLY G 106 -10.17 -46.79 -29.44
N THR G 107 -8.86 -47.04 -29.60
CA THR G 107 -8.32 -48.37 -29.37
C THR G 107 -8.44 -48.87 -27.92
N PRO G 108 -8.07 -48.10 -26.85
CA PRO G 108 -8.08 -48.71 -25.52
C PRO G 108 -9.50 -48.80 -24.97
N LEU G 109 -10.05 -50.01 -24.96
CA LEU G 109 -11.40 -50.22 -24.46
C LEU G 109 -11.45 -50.45 -22.96
N ARG G 110 -10.31 -50.76 -22.33
CA ARG G 110 -10.32 -51.02 -20.89
C ARG G 110 -10.59 -49.76 -20.10
N ASP G 111 -9.96 -48.65 -20.48
CA ASP G 111 -10.17 -47.38 -19.79
C ASP G 111 -11.33 -46.64 -20.43
N PRO G 112 -12.41 -46.36 -19.69
CA PRO G 112 -13.56 -45.67 -20.29
C PRO G 112 -13.53 -44.15 -20.20
N LEU G 113 -12.60 -43.57 -19.44
CA LEU G 113 -12.59 -42.13 -19.26
C LEU G 113 -11.76 -41.41 -20.32
N PHE G 114 -10.54 -41.87 -20.56
CA PHE G 114 -9.65 -41.20 -21.49
C PHE G 114 -9.74 -41.73 -22.91
N ARG G 115 -10.55 -42.76 -23.15
CA ARG G 115 -10.72 -43.22 -24.51
C ARG G 115 -11.73 -42.35 -25.26
N LEU G 116 -11.64 -42.37 -26.58
CA LEU G 116 -12.54 -41.60 -27.44
C LEU G 116 -13.67 -42.52 -27.89
N TRP G 117 -14.88 -42.27 -27.41
CA TRP G 117 -16.02 -43.09 -27.78
C TRP G 117 -16.38 -42.87 -29.23
N GLY G 118 -16.67 -43.97 -29.93
CA GLY G 118 -17.02 -43.88 -31.33
C GLY G 118 -18.37 -43.23 -31.54
N GLY G 119 -18.54 -42.59 -32.69
CA GLY G 119 -19.77 -41.91 -33.00
C GLY G 119 -20.00 -40.61 -32.27
N THR G 120 -18.97 -40.08 -31.60
CA THR G 120 -19.11 -38.85 -30.85
C THR G 120 -19.13 -37.65 -31.80
N SER G 121 -19.52 -36.50 -31.25
CA SER G 121 -19.68 -35.30 -32.06
C SER G 121 -18.32 -34.72 -32.43
N GLN G 122 -18.34 -33.82 -33.41
CA GLN G 122 -17.12 -33.16 -33.85
C GLN G 122 -16.56 -32.24 -32.78
N GLU G 123 -17.45 -31.54 -32.05
CA GLU G 123 -16.99 -30.64 -31.00
C GLU G 123 -16.34 -31.40 -29.86
N TRP G 124 -16.89 -32.56 -29.50
CA TRP G 124 -16.26 -33.40 -28.49
C TRP G 124 -14.89 -33.88 -28.96
N PHE G 125 -14.77 -34.20 -30.24
CA PHE G 125 -13.46 -34.59 -30.79
C PHE G 125 -12.46 -33.44 -30.70
N LEU G 126 -12.91 -32.22 -31.00
CA LEU G 126 -12.03 -31.06 -30.91
C LEU G 126 -11.59 -30.81 -29.48
N GLU G 127 -12.52 -30.92 -28.53
CA GLU G 127 -12.15 -30.73 -27.12
C GLU G 127 -11.22 -31.83 -26.63
N TYR G 128 -11.44 -33.06 -27.08
CA TYR G 128 -10.55 -34.16 -26.73
C TYR G 128 -9.15 -33.93 -27.26
N TYR G 129 -9.04 -33.45 -28.50
CA TYR G 129 -7.72 -33.14 -29.06
C TYR G 129 -7.06 -32.01 -28.30
N ARG G 130 -7.81 -30.96 -27.97
CA ARG G 130 -7.26 -29.85 -27.22
C ARG G 130 -6.78 -30.28 -25.84
N SER G 131 -7.47 -31.27 -25.25
CA SER G 131 -7.00 -31.82 -23.98
C SER G 131 -5.72 -32.65 -24.17
N ARG G 132 -5.63 -33.38 -25.29
CA ARG G 132 -4.50 -34.28 -25.47
C ARG G 132 -3.22 -33.53 -25.81
N VAL G 133 -3.29 -32.52 -26.65
CA VAL G 133 -2.12 -31.75 -27.07
C VAL G 133 -2.04 -30.50 -26.20
N GLU G 134 -0.95 -30.38 -25.45
CA GLU G 134 -0.78 -29.26 -24.52
C GLU G 134 0.31 -28.34 -25.04
N VAL G 135 0.00 -27.06 -25.15
CA VAL G 135 0.92 -26.06 -25.68
C VAL G 135 1.18 -25.03 -24.61
N LEU G 136 2.46 -24.81 -24.28
CA LEU G 136 2.84 -23.78 -23.32
C LEU G 136 3.78 -22.79 -23.99
N MET G 137 3.71 -21.55 -23.51
CA MET G 137 4.46 -20.44 -24.07
C MET G 137 5.44 -19.93 -23.04
N ASP G 138 6.71 -19.78 -23.44
CA ASP G 138 7.71 -19.09 -22.65
C ASP G 138 7.82 -17.69 -23.23
N ASP G 139 7.25 -16.71 -22.52
CA ASP G 139 7.19 -15.34 -23.01
C ASP G 139 8.53 -14.62 -22.92
N ILE G 140 9.39 -15.03 -21.99
CA ILE G 140 10.72 -14.44 -21.89
C ILE G 140 11.52 -14.73 -23.16
N CYS G 141 11.45 -15.97 -23.64
CA CYS G 141 12.10 -16.35 -24.88
C CYS G 141 11.15 -16.45 -26.06
N GLY G 142 9.84 -16.45 -25.83
CA GLY G 142 8.90 -16.68 -26.91
C GLY G 142 9.04 -18.07 -27.51
N LEU G 143 9.23 -19.08 -26.65
CA LEU G 143 9.43 -20.45 -27.11
C LEU G 143 8.16 -21.25 -26.91
N LEU G 144 7.76 -22.01 -27.94
CA LEU G 144 6.55 -22.81 -27.87
C LEU G 144 6.94 -24.25 -27.55
N THR G 145 6.49 -24.75 -26.41
CA THR G 145 6.70 -26.16 -26.07
C THR G 145 5.39 -26.91 -26.24
N VAL G 146 5.43 -27.96 -27.05
CA VAL G 146 4.25 -28.73 -27.41
C VAL G 146 4.45 -30.15 -26.91
N ARG G 147 3.57 -30.59 -26.02
CA ARG G 147 3.60 -31.95 -25.50
C ARG G 147 2.34 -32.66 -25.95
N VAL G 148 2.49 -33.63 -26.84
CA VAL G 148 1.36 -34.38 -27.37
C VAL G 148 1.32 -35.74 -26.68
N GLN G 149 0.11 -36.31 -26.61
CA GLN G 149 -0.13 -37.56 -25.93
C GLN G 149 -0.63 -38.60 -26.93
N GLY G 150 -0.28 -39.85 -26.67
CA GLY G 150 -0.75 -40.95 -27.51
C GLY G 150 -0.55 -42.26 -26.81
N PHE G 151 -1.37 -43.24 -27.18
CA PHE G 151 -1.30 -44.54 -26.53
C PHE G 151 -0.16 -45.40 -27.05
N GLU G 152 0.50 -44.99 -28.13
CA GLU G 152 1.72 -45.63 -28.61
C GLU G 152 2.78 -44.56 -28.78
N PRO G 153 4.00 -44.78 -28.31
CA PRO G 153 5.05 -43.75 -28.42
C PRO G 153 5.37 -43.35 -29.85
N GLU G 154 5.40 -44.32 -30.77
CA GLU G 154 5.67 -44.01 -32.17
C GLU G 154 4.56 -43.13 -32.75
N PHE G 155 3.31 -43.40 -32.37
CA PHE G 155 2.21 -42.58 -32.84
C PHE G 155 2.32 -41.16 -32.31
N ALA G 156 2.72 -41.00 -31.04
CA ALA G 156 2.87 -39.66 -30.47
C ALA G 156 3.99 -38.89 -31.19
N GLN G 157 5.11 -39.55 -31.46
CA GLN G 157 6.19 -38.89 -32.18
C GLN G 157 5.77 -38.52 -33.59
N ALA G 158 5.04 -39.41 -34.28
CA ALA G 158 4.57 -39.12 -35.62
C ALA G 158 3.59 -37.96 -35.63
N LEU G 159 2.71 -37.90 -34.63
CA LEU G 159 1.75 -36.81 -34.53
C LEU G 159 2.47 -35.49 -34.28
N ASN G 160 3.49 -35.49 -33.41
CA ASN G 160 4.25 -34.28 -33.16
C ASN G 160 4.99 -33.82 -34.41
N ARG G 161 5.58 -34.75 -35.16
CA ARG G 161 6.26 -34.40 -36.40
C ARG G 161 5.28 -33.82 -37.42
N ALA G 162 4.10 -34.41 -37.53
CA ALA G 162 3.08 -33.90 -38.44
C ALA G 162 2.63 -32.51 -38.04
N ILE G 163 2.47 -32.28 -36.73
CA ILE G 163 2.11 -30.95 -36.24
C ILE G 163 3.18 -29.93 -36.62
N LEU G 164 4.45 -30.29 -36.43
CA LEU G 164 5.54 -29.37 -36.76
C LEU G 164 5.57 -29.05 -38.25
N GLU G 165 5.46 -30.07 -39.10
CA GLU G 165 5.56 -29.81 -40.54
C GLU G 165 4.33 -29.05 -41.05
N GLU G 166 3.14 -29.34 -40.51
CA GLU G 166 1.96 -28.61 -40.93
C GLU G 166 2.01 -27.16 -40.45
N SER G 167 2.56 -26.94 -39.25
CA SER G 167 2.73 -25.59 -38.75
C SER G 167 3.69 -24.79 -39.61
N GLU G 168 4.81 -25.41 -40.01
CA GLU G 168 5.75 -24.72 -40.90
C GLU G 168 5.11 -24.41 -42.24
N ARG G 169 4.36 -25.37 -42.79
CA ARG G 169 3.70 -25.14 -44.08
C ARG G 169 2.66 -24.04 -43.98
N PHE G 170 1.93 -23.96 -42.87
CA PHE G 170 0.94 -22.90 -42.70
C PHE G 170 1.60 -21.54 -42.57
N VAL G 171 2.63 -21.43 -41.73
CA VAL G 171 3.30 -20.16 -41.54
C VAL G 171 4.08 -19.73 -42.79
N ASN G 172 4.35 -20.67 -43.70
CA ASN G 172 4.95 -20.30 -44.98
C ASN G 172 3.88 -19.85 -45.97
N GLU G 173 2.80 -20.61 -46.07
CA GLU G 173 1.76 -20.34 -47.06
C GLU G 173 1.02 -19.04 -46.74
N LEU G 174 0.94 -18.66 -45.47
CA LEU G 174 0.35 -17.37 -45.11
C LEU G 174 1.11 -16.22 -45.76
N SER G 175 2.43 -16.18 -45.56
CA SER G 175 3.25 -15.14 -46.17
C SER G 175 3.27 -15.25 -47.68
N HIS G 176 3.26 -16.49 -48.20
CA HIS G 176 3.23 -16.69 -49.65
C HIS G 176 1.99 -16.06 -50.27
N ARG G 177 0.82 -16.38 -49.72
CA ARG G 177 -0.43 -15.83 -50.25
C ARG G 177 -0.49 -14.31 -50.05
N MET G 178 -0.03 -13.81 -48.90
CA MET G 178 -0.07 -12.37 -48.66
C MET G 178 0.81 -11.62 -49.66
N ALA G 179 2.04 -12.11 -49.88
CA ALA G 179 2.94 -11.44 -50.81
C ALA G 179 2.45 -11.59 -52.25
N ARG G 180 1.89 -12.74 -52.60
CA ARG G 180 1.38 -12.94 -53.96
C ARG G 180 0.21 -12.03 -54.26
N GLU G 181 -0.69 -11.84 -53.29
CA GLU G 181 -1.82 -10.94 -53.51
C GLU G 181 -1.40 -9.48 -53.45
N GLN G 182 -0.41 -9.15 -52.62
CA GLN G 182 0.08 -7.77 -52.58
C GLN G 182 0.78 -7.38 -53.88
N GLY G 183 1.61 -8.28 -54.41
CA GLY G 183 2.33 -7.99 -55.64
C GLY G 183 1.47 -8.03 -56.88
N GLN G 184 0.33 -8.71 -56.82
CA GLN G 184 -0.56 -8.81 -57.97
C GLN G 184 -1.31 -7.49 -58.19
N LEU G 308 9.48 -0.26 -63.11
CA LEU G 308 8.46 -0.51 -64.11
C LEU G 308 7.62 -1.74 -63.74
N ALA G 309 6.65 -2.06 -64.60
CA ALA G 309 5.75 -3.18 -64.32
C ALA G 309 6.49 -4.51 -64.32
N LEU G 310 7.48 -4.67 -65.20
CA LEU G 310 8.22 -5.93 -65.27
C LEU G 310 9.01 -6.19 -63.99
N ALA G 311 9.65 -5.15 -63.45
CA ALA G 311 10.38 -5.29 -62.20
C ALA G 311 9.46 -5.63 -61.04
N ALA G 312 8.27 -5.02 -61.02
CA ALA G 312 7.29 -5.34 -59.98
C ALA G 312 6.81 -6.77 -60.09
N VAL G 313 6.60 -7.25 -61.33
CA VAL G 313 6.17 -8.63 -61.54
C VAL G 313 7.25 -9.60 -61.09
N GLU G 314 8.52 -9.30 -61.42
CA GLU G 314 9.62 -10.15 -60.98
C GLU G 314 9.75 -10.17 -59.47
N SER G 315 9.61 -9.00 -58.82
CA SER G 315 9.66 -8.93 -57.37
C SER G 315 8.52 -9.73 -56.75
N ALA G 316 7.32 -9.62 -57.33
CA ALA G 316 6.17 -10.36 -56.80
C ALA G 316 6.37 -11.87 -56.92
N ARG G 317 6.89 -12.34 -58.05
CA ARG G 317 7.04 -13.79 -58.21
C ARG G 317 8.19 -14.33 -57.36
N ILE G 318 9.29 -13.57 -57.22
CA ILE G 318 10.37 -14.06 -56.37
C ILE G 318 9.97 -13.99 -54.90
N GLU G 319 9.10 -13.05 -54.52
CA GLU G 319 8.58 -13.05 -53.16
C GLU G 319 7.60 -14.20 -52.94
N ALA G 320 6.82 -14.55 -53.96
CA ALA G 320 5.90 -15.67 -53.85
C ALA G 320 6.62 -17.01 -53.78
N THR G 321 7.80 -17.13 -54.38
CA THR G 321 8.54 -18.39 -54.33
C THR G 321 9.59 -18.45 -53.23
N ARG G 322 9.90 -17.32 -52.58
CA ARG G 322 10.94 -17.31 -51.56
C ARG G 322 10.43 -17.91 -50.26
N LYS G 323 11.31 -18.63 -49.58
CA LYS G 323 11.04 -19.18 -48.25
C LYS G 323 11.25 -18.05 -47.23
N LEU G 324 10.27 -17.16 -47.14
CA LEU G 324 10.41 -15.98 -46.29
C LEU G 324 10.47 -16.35 -44.82
N LYS G 325 9.61 -17.26 -44.38
CA LYS G 325 9.55 -17.66 -42.98
C LYS G 325 10.13 -19.05 -42.81
N SER G 326 10.61 -19.33 -41.60
CA SER G 326 11.14 -20.64 -41.29
C SER G 326 10.95 -20.91 -39.81
N LEU G 327 10.76 -22.18 -39.48
CA LEU G 327 10.56 -22.64 -38.12
C LEU G 327 11.79 -23.41 -37.70
N VAL G 328 12.42 -22.97 -36.61
CA VAL G 328 13.62 -23.61 -36.09
C VAL G 328 13.23 -24.50 -34.93
N VAL G 329 13.60 -25.78 -35.01
CA VAL G 329 13.26 -26.76 -33.98
C VAL G 329 14.40 -26.78 -32.97
N VAL G 330 14.17 -26.19 -31.81
CA VAL G 330 15.17 -26.20 -30.75
C VAL G 330 15.34 -27.61 -30.20
N GLU G 331 14.23 -28.27 -29.86
CA GLU G 331 14.29 -29.60 -29.25
C GLU G 331 13.31 -30.44 -30.06
N PRO G 332 13.81 -31.35 -30.90
CA PRO G 332 12.94 -32.07 -31.86
C PRO G 332 12.02 -33.05 -31.16
N PRO G 333 10.93 -33.48 -31.79
CA PRO G 333 10.00 -34.41 -31.14
C PRO G 333 10.65 -35.75 -30.81
N VAL G 334 10.73 -36.05 -29.52
CA VAL G 334 11.43 -37.22 -29.03
C VAL G 334 10.50 -38.43 -29.05
N LEU G 335 11.10 -39.61 -28.94
CA LEU G 335 10.35 -40.85 -28.88
C LEU G 335 10.38 -41.37 -27.45
N PRO G 336 9.27 -41.34 -26.73
CA PRO G 336 9.29 -41.77 -25.32
C PRO G 336 9.43 -43.27 -25.20
N GLU G 337 9.91 -43.69 -24.02
CA GLU G 337 10.08 -45.11 -23.71
C GLU G 337 8.99 -45.63 -22.78
N ILE G 338 8.72 -44.93 -21.69
CA ILE G 338 7.65 -45.29 -20.79
C ILE G 338 6.64 -44.14 -20.74
N ALA G 339 5.47 -44.43 -20.18
CA ALA G 339 4.40 -43.46 -20.10
C ALA G 339 4.42 -42.75 -18.76
N GLU G 340 4.39 -41.42 -18.79
CA GLU G 340 4.35 -40.63 -17.58
C GLU G 340 2.94 -40.33 -17.11
N TYR G 341 1.93 -40.78 -17.84
CA TYR G 341 0.54 -40.53 -17.49
C TYR G 341 -0.23 -41.84 -17.50
N PRO G 342 -1.16 -42.03 -16.56
CA PRO G 342 -1.46 -41.17 -15.41
C PRO G 342 -0.54 -41.46 -14.23
N ARG G 343 -0.26 -40.48 -13.38
CA ARG G 343 0.57 -40.70 -12.20
C ARG G 343 -0.28 -41.43 -11.16
N ARG G 344 -0.18 -42.76 -11.16
CA ARG G 344 -1.07 -43.58 -10.36
C ARG G 344 -0.84 -43.38 -8.87
N TRP G 345 0.41 -43.50 -8.42
CA TRP G 345 0.69 -43.51 -6.99
C TRP G 345 0.53 -42.12 -6.39
N TYR G 346 0.92 -41.08 -7.13
CA TYR G 346 0.72 -39.72 -6.65
C TYR G 346 -0.76 -39.40 -6.50
N ASN G 347 -1.57 -39.81 -7.48
CA ASN G 347 -3.02 -39.61 -7.39
C ASN G 347 -3.61 -40.39 -6.22
N LEU G 348 -3.15 -41.62 -6.01
CA LEU G 348 -3.67 -42.42 -4.91
C LEU G 348 -3.33 -41.81 -3.55
N ALA G 349 -2.09 -41.32 -3.40
CA ALA G 349 -1.71 -40.68 -2.14
C ALA G 349 -2.50 -39.40 -1.91
N THR G 350 -2.66 -38.59 -2.96
CA THR G 350 -3.44 -37.36 -2.83
C THR G 350 -4.88 -37.65 -2.45
N LEU G 351 -5.48 -38.66 -3.09
CA LEU G 351 -6.85 -39.05 -2.75
C LEU G 351 -6.95 -39.57 -1.33
N LEU G 352 -5.96 -40.35 -0.87
CA LEU G 352 -5.98 -40.85 0.49
C LEU G 352 -5.95 -39.72 1.49
N VAL G 353 -5.09 -38.72 1.26
CA VAL G 353 -5.03 -37.55 2.15
C VAL G 353 -6.36 -36.80 2.13
N VAL G 354 -6.94 -36.63 0.94
CA VAL G 354 -8.16 -35.83 0.81
C VAL G 354 -9.33 -36.50 1.53
N CYS G 355 -9.55 -37.79 1.30
CA CYS G 355 -10.65 -38.45 2.00
C CYS G 355 -10.37 -38.64 3.49
N CYS G 356 -9.10 -38.75 3.90
CA CYS G 356 -8.82 -38.78 5.33
C CYS G 356 -9.22 -37.47 5.99
N LEU G 357 -8.86 -36.34 5.37
CA LEU G 357 -9.24 -35.04 5.91
C LEU G 357 -10.75 -34.86 5.89
N ILE G 358 -11.41 -35.31 4.82
CA ILE G 358 -12.86 -35.17 4.71
C ILE G 358 -13.57 -35.98 5.77
N TYR G 359 -13.11 -37.23 5.99
CA TYR G 359 -13.71 -38.06 7.03
C TYR G 359 -13.48 -37.47 8.41
N GLY G 360 -12.29 -36.94 8.67
CA GLY G 360 -12.04 -36.30 9.95
C GLY G 360 -12.93 -35.10 10.18
N VAL G 361 -13.09 -34.26 9.16
CA VAL G 361 -13.92 -33.06 9.28
C VAL G 361 -15.38 -33.43 9.52
N VAL G 362 -15.89 -34.39 8.76
CA VAL G 362 -17.30 -34.75 8.93
C VAL G 362 -17.53 -35.48 10.25
N SER G 363 -16.54 -36.24 10.74
CA SER G 363 -16.69 -36.89 12.03
C SER G 363 -16.67 -35.87 13.16
N LEU G 364 -15.82 -34.85 13.05
CA LEU G 364 -15.81 -33.78 14.05
C LEU G 364 -17.14 -33.02 14.04
N VAL G 365 -17.68 -32.76 12.84
CA VAL G 365 -18.97 -32.08 12.74
C VAL G 365 -20.07 -32.93 13.36
N VAL G 366 -20.04 -34.25 13.12
CA VAL G 366 -21.05 -35.16 13.67
C VAL G 366 -20.97 -35.20 15.19
N ALA G 367 -19.75 -35.25 15.74
CA ALA G 367 -19.60 -35.18 17.18
C ALA G 367 -20.09 -33.86 17.75
N THR G 368 -19.84 -32.76 17.02
CA THR G 368 -20.25 -31.44 17.47
C THR G 368 -21.77 -31.32 17.54
N ILE G 369 -22.48 -31.80 16.52
CA ILE G 369 -23.93 -31.74 16.57
C ILE G 369 -24.47 -32.72 17.62
N ARG G 370 -23.84 -33.89 17.75
CA ARG G 370 -24.24 -34.86 18.76
C ARG G 370 -23.96 -34.39 20.18
N ASP G 371 -23.16 -33.33 20.36
CA ASP G 371 -22.88 -32.81 21.70
C ASP G 371 -24.15 -32.34 22.40
N HIS G 372 -25.10 -31.77 21.66
CA HIS G 372 -26.38 -31.36 22.24
C HIS G 372 -27.15 -32.59 22.70
N GLN G 373 -27.43 -32.68 23.99
CA GLN G 373 -28.05 -33.86 24.59
C GLN G 373 -29.18 -33.47 25.54
N ASP G 374 -30.07 -32.61 25.06
CA ASP G 374 -31.24 -32.23 25.86
C ASP G 374 -32.19 -33.41 26.04
N THR H 13 2.55 -45.42 22.43
CA THR H 13 1.33 -44.63 22.45
C THR H 13 1.61 -43.24 23.02
N ALA H 14 2.38 -43.18 24.10
CA ALA H 14 2.69 -41.93 24.76
C ALA H 14 4.17 -41.58 24.71
N LYS H 15 5.05 -42.50 25.12
CA LYS H 15 6.48 -42.26 25.11
C LYS H 15 7.17 -42.85 23.89
N ARG H 16 6.69 -43.99 23.38
CA ARG H 16 7.26 -44.59 22.19
C ARG H 16 6.91 -43.84 20.91
N LEU H 17 5.98 -42.88 20.98
CA LEU H 17 5.56 -42.16 19.78
C LEU H 17 6.69 -41.30 19.22
N GLN H 18 7.43 -40.61 20.09
CA GLN H 18 8.52 -39.77 19.62
C GLN H 18 9.72 -40.58 19.18
N TRP H 19 9.83 -41.82 19.65
CA TRP H 19 11.01 -42.66 19.31
C TRP H 19 10.86 -43.20 17.89
N ALA H 20 10.01 -42.57 17.07
CA ALA H 20 9.76 -43.08 15.71
C ALA H 20 9.84 -41.93 14.69
N LEU H 21 9.13 -40.82 14.93
CA LEU H 21 9.09 -39.71 13.96
C LEU H 21 10.30 -38.79 14.14
N VAL H 22 11.13 -38.97 15.15
CA VAL H 22 12.31 -38.04 15.22
C VAL H 22 13.63 -38.80 15.28
N TYR H 23 13.96 -39.38 16.43
CA TYR H 23 15.29 -40.03 16.62
C TYR H 23 15.59 -41.05 15.51
N LEU H 24 14.66 -41.99 15.25
CA LEU H 24 14.94 -43.06 14.25
C LEU H 24 15.19 -42.43 12.86
N PRO H 25 14.37 -41.47 12.40
CA PRO H 25 14.61 -40.80 11.12
C PRO H 25 16.00 -40.15 11.11
N MET H 26 16.33 -39.39 12.16
CA MET H 26 17.64 -38.69 12.18
C MET H 26 18.76 -39.72 12.08
N LEU H 27 18.58 -40.89 12.70
CA LEU H 27 19.60 -41.97 12.65
C LEU H 27 19.73 -42.53 11.23
N VAL H 28 18.61 -42.91 10.58
CA VAL H 28 18.72 -43.54 9.23
C VAL H 28 19.35 -42.54 8.26
N ALA H 29 19.79 -41.38 8.77
CA ALA H 29 20.33 -40.31 7.95
C ALA H 29 21.83 -40.16 8.14
N THR H 30 22.31 -40.19 9.40
CA THR H 30 23.74 -39.97 9.60
C THR H 30 24.54 -41.18 9.16
N VAL H 31 24.04 -42.41 9.37
CA VAL H 31 24.83 -43.56 8.95
C VAL H 31 24.85 -43.65 7.43
N TYR H 32 23.81 -43.15 6.77
CA TYR H 32 23.86 -43.12 5.31
C TYR H 32 24.79 -42.02 4.81
N PHE H 33 24.75 -40.84 5.44
CA PHE H 33 25.47 -39.69 4.91
C PHE H 33 26.97 -39.76 5.17
N LEU H 34 27.38 -40.23 6.35
CA LEU H 34 28.81 -40.27 6.66
C LEU H 34 29.45 -41.64 6.47
N VAL H 35 28.70 -42.65 6.03
CA VAL H 35 29.32 -43.93 5.76
C VAL H 35 28.96 -44.41 4.35
N PHE H 36 27.67 -44.42 4.03
CA PHE H 36 27.21 -44.95 2.76
C PHE H 36 27.40 -44.01 1.58
N SER H 37 27.45 -42.70 1.83
CA SER H 37 27.47 -41.73 0.74
C SER H 37 28.81 -41.73 0.01
N ALA H 38 28.75 -41.45 -1.29
CA ALA H 38 29.93 -41.28 -2.13
C ALA H 38 30.00 -39.86 -2.64
N ASP H 39 31.22 -39.36 -2.77
CA ASP H 39 31.46 -37.97 -3.13
C ASP H 39 31.05 -37.70 -4.57
N ARG H 40 30.64 -36.46 -4.83
CA ARG H 40 30.24 -36.00 -6.16
C ARG H 40 31.00 -34.73 -6.48
N TYR H 41 31.86 -34.78 -7.50
CA TYR H 41 32.74 -33.68 -7.86
C TYR H 41 32.04 -32.75 -8.85
N VAL H 42 32.35 -31.47 -8.77
CA VAL H 42 31.64 -30.43 -9.52
C VAL H 42 32.63 -29.71 -10.42
N SER H 43 32.26 -29.55 -11.68
CA SER H 43 33.04 -28.79 -12.65
C SER H 43 32.22 -27.59 -13.11
N GLU H 44 32.82 -26.40 -13.05
CA GLU H 44 32.10 -25.15 -13.27
C GLU H 44 32.69 -24.40 -14.46
N SER H 45 31.82 -23.88 -15.31
CA SER H 45 32.24 -23.06 -16.44
C SER H 45 31.27 -21.90 -16.62
N VAL H 46 31.76 -20.81 -17.19
CA VAL H 46 30.97 -19.61 -17.41
C VAL H 46 31.08 -19.22 -18.88
N ILE H 47 29.95 -19.22 -19.59
CA ILE H 47 29.90 -19.05 -21.03
C ILE H 47 28.93 -17.92 -21.38
N THR H 48 29.03 -17.45 -22.63
CA THR H 48 28.10 -16.51 -23.25
C THR H 48 28.30 -16.50 -24.75
N VAL H 49 27.23 -16.68 -25.52
CA VAL H 49 27.33 -16.65 -26.97
C VAL H 49 27.34 -15.19 -27.43
N ARG H 50 27.83 -14.96 -28.65
CA ARG H 50 27.97 -13.60 -29.15
C ARG H 50 27.92 -13.58 -30.67
N GLN H 51 27.23 -12.59 -31.22
CA GLN H 51 27.19 -12.40 -32.67
C GLN H 51 28.53 -11.84 -33.12
N THR H 52 29.09 -12.44 -34.17
CA THR H 52 30.42 -12.04 -34.63
C THR H 52 30.35 -10.79 -35.49
N SER H 53 31.43 -10.00 -35.45
CA SER H 53 31.55 -8.73 -36.16
C SER H 53 30.40 -7.77 -35.86
N ALA H 74 19.29 -7.77 -28.76
CA ALA H 74 20.30 -8.26 -27.84
C ALA H 74 20.66 -9.71 -28.16
N SER H 75 21.63 -10.24 -27.42
CA SER H 75 22.08 -11.61 -27.58
C SER H 75 21.53 -12.55 -26.52
N ARG H 76 20.61 -12.07 -25.67
CA ARG H 76 20.10 -12.89 -24.58
C ARG H 76 19.22 -14.03 -25.07
N GLU H 77 18.53 -13.84 -26.20
CA GLU H 77 17.63 -14.88 -26.68
C GLU H 77 18.38 -16.13 -27.09
N ASP H 78 19.59 -15.97 -27.66
CA ASP H 78 20.39 -17.15 -27.98
C ASP H 78 20.92 -17.82 -26.73
N THR H 79 21.21 -17.04 -25.68
CA THR H 79 21.61 -17.63 -24.41
C THR H 79 20.48 -18.46 -23.81
N CYS H 80 19.23 -18.01 -23.94
CA CYS H 80 18.15 -18.81 -23.38
C CYS H 80 17.78 -19.98 -24.29
N TYR H 81 17.99 -19.86 -25.61
CA TYR H 81 18.02 -21.03 -26.48
C TYR H 81 19.01 -22.05 -25.96
N LEU H 82 20.19 -21.59 -25.55
CA LEU H 82 21.22 -22.49 -25.05
C LEU H 82 20.80 -23.10 -23.72
N GLN H 83 20.13 -22.32 -22.86
CA GLN H 83 19.63 -22.85 -21.60
C GLN H 83 18.63 -23.97 -21.84
N THR H 84 17.74 -23.79 -22.81
CA THR H 84 16.80 -24.86 -23.17
C THR H 84 17.55 -26.06 -23.75
N TYR H 85 18.55 -25.82 -24.59
CA TYR H 85 19.21 -26.92 -25.28
C TYR H 85 20.11 -27.74 -24.37
N ILE H 86 20.65 -27.14 -23.31
CA ILE H 86 21.53 -27.90 -22.43
C ILE H 86 20.75 -28.97 -21.67
N HIS H 87 19.58 -28.61 -21.14
CA HIS H 87 18.73 -29.57 -20.46
C HIS H 87 17.85 -30.37 -21.41
N SER H 88 18.08 -30.25 -22.71
CA SER H 88 17.23 -30.92 -23.69
C SER H 88 17.54 -32.42 -23.73
N MET H 89 16.89 -33.11 -24.64
CA MET H 89 17.01 -34.57 -24.74
C MET H 89 17.98 -35.02 -25.82
N GLY H 90 18.01 -34.35 -26.97
CA GLY H 90 18.93 -34.75 -28.03
C GLY H 90 20.38 -34.58 -27.62
N LEU H 91 20.66 -33.54 -26.82
CA LEU H 91 22.01 -33.37 -26.28
C LEU H 91 22.38 -34.53 -25.37
N LEU H 92 21.43 -35.03 -24.59
CA LEU H 92 21.71 -36.19 -23.75
C LEU H 92 22.02 -37.42 -24.59
N GLN H 93 21.32 -37.60 -25.71
CA GLN H 93 21.61 -38.70 -26.62
C GLN H 93 23.01 -38.58 -27.20
N LYS H 94 23.39 -37.37 -27.63
CA LYS H 94 24.73 -37.17 -28.15
C LYS H 94 25.80 -37.42 -27.10
N LEU H 95 25.57 -36.95 -25.87
CA LEU H 95 26.55 -37.16 -24.81
C LEU H 95 26.63 -38.62 -24.40
N ASP H 96 25.53 -39.36 -24.45
CA ASP H 96 25.58 -40.78 -24.14
C ASP H 96 26.30 -41.55 -25.23
N GLN H 97 26.12 -41.15 -26.49
CA GLN H 97 26.86 -41.80 -27.56
C GLN H 97 28.35 -41.44 -27.51
N GLN H 98 28.69 -40.28 -26.95
CA GLN H 98 30.08 -39.82 -26.93
C GLN H 98 30.85 -40.36 -25.72
N LEU H 99 30.36 -40.08 -24.51
CA LEU H 99 31.09 -40.37 -23.29
C LEU H 99 30.51 -41.52 -22.47
N LYS H 100 29.31 -41.99 -22.80
CA LYS H 100 28.66 -43.14 -22.16
C LYS H 100 28.48 -42.92 -20.65
N LEU H 101 27.66 -41.92 -20.33
CA LEU H 101 27.38 -41.60 -18.94
C LEU H 101 26.56 -42.67 -18.23
N ARG H 102 25.89 -43.54 -18.99
CA ARG H 102 24.99 -44.52 -18.38
C ARG H 102 25.73 -45.47 -17.45
N GLU H 103 26.86 -46.01 -17.91
CA GLU H 103 27.63 -46.90 -17.05
C GLU H 103 28.45 -46.13 -16.03
N HIS H 104 28.83 -44.89 -16.32
CA HIS H 104 29.60 -44.11 -15.36
C HIS H 104 28.77 -43.75 -14.13
N PHE H 105 27.52 -43.35 -14.34
CA PHE H 105 26.68 -42.94 -13.22
C PHE H 105 26.22 -44.12 -12.38
N GLY H 106 26.42 -45.35 -12.84
CA GLY H 106 26.12 -46.53 -12.06
C GLY H 106 27.31 -47.18 -11.38
N THR H 107 28.51 -46.60 -11.49
CA THR H 107 29.68 -47.19 -10.86
C THR H 107 29.63 -47.27 -9.33
N PRO H 108 29.26 -46.22 -8.55
CA PRO H 108 29.32 -46.37 -7.09
C PRO H 108 28.13 -47.14 -6.54
N LEU H 109 28.39 -48.36 -6.06
CA LEU H 109 27.33 -49.20 -5.54
C LEU H 109 26.95 -48.86 -4.11
N ARG H 110 27.73 -48.01 -3.44
CA ARG H 110 27.47 -47.71 -2.03
C ARG H 110 26.29 -46.77 -1.81
N ASP H 111 25.82 -46.09 -2.85
CA ASP H 111 24.66 -45.21 -2.74
C ASP H 111 23.47 -45.80 -3.49
N PRO H 112 22.54 -46.47 -2.81
CA PRO H 112 21.31 -46.91 -3.49
C PRO H 112 20.47 -45.76 -4.01
N LEU H 113 20.50 -44.60 -3.35
CA LEU H 113 19.62 -43.50 -3.72
C LEU H 113 20.24 -42.51 -4.70
N PHE H 114 21.57 -42.44 -4.78
CA PHE H 114 22.21 -41.45 -5.63
C PHE H 114 22.78 -42.02 -6.92
N ARG H 115 23.03 -43.32 -6.97
CA ARG H 115 23.52 -43.92 -8.21
C ARG H 115 22.39 -44.01 -9.23
N LEU H 116 22.77 -44.26 -10.47
CA LEU H 116 21.83 -44.50 -11.56
C LEU H 116 21.67 -46.01 -11.71
N TRP H 117 20.51 -46.52 -11.29
CA TRP H 117 20.28 -47.96 -11.34
C TRP H 117 20.20 -48.45 -12.78
N GLY H 118 20.61 -49.69 -12.99
CA GLY H 118 20.57 -50.25 -14.33
C GLY H 118 19.16 -50.59 -14.76
N GLY H 119 18.91 -50.45 -16.06
CA GLY H 119 17.63 -50.80 -16.62
C GLY H 119 16.51 -49.82 -16.36
N THR H 120 16.82 -48.64 -15.82
CA THR H 120 15.77 -47.66 -15.57
C THR H 120 15.30 -47.02 -16.88
N SER H 121 14.20 -46.29 -16.78
CA SER H 121 13.55 -45.72 -17.95
C SER H 121 14.39 -44.60 -18.55
N GLN H 122 14.10 -44.30 -19.82
CA GLN H 122 14.76 -43.20 -20.51
C GLN H 122 14.40 -41.86 -19.89
N GLU H 123 13.13 -41.69 -19.50
CA GLU H 123 12.70 -40.44 -18.87
C GLU H 123 13.35 -40.25 -17.52
N TRP H 124 13.52 -41.33 -16.76
CA TRP H 124 14.25 -41.23 -15.49
C TRP H 124 15.70 -40.87 -15.72
N PHE H 125 16.30 -41.37 -16.81
CA PHE H 125 17.66 -40.97 -17.17
C PHE H 125 17.72 -39.47 -17.49
N LEU H 126 16.72 -38.96 -18.20
CA LEU H 126 16.68 -37.53 -18.50
C LEU H 126 16.54 -36.71 -17.23
N GLU H 127 15.70 -37.16 -16.30
CA GLU H 127 15.54 -36.46 -15.04
C GLU H 127 16.83 -36.49 -14.22
N TYR H 128 17.52 -37.62 -14.23
CA TYR H 128 18.80 -37.72 -13.52
C TYR H 128 19.83 -36.76 -14.10
N TYR H 129 19.91 -36.70 -15.43
CA TYR H 129 20.87 -35.79 -16.06
C TYR H 129 20.49 -34.34 -15.81
N ARG H 130 19.20 -34.03 -15.78
CA ARG H 130 18.76 -32.68 -15.45
C ARG H 130 19.13 -32.33 -14.01
N SER H 131 19.05 -33.31 -13.11
CA SER H 131 19.44 -33.06 -11.72
C SER H 131 20.94 -32.85 -11.58
N ARG H 132 21.74 -33.60 -12.33
CA ARG H 132 23.19 -33.52 -12.17
C ARG H 132 23.75 -32.24 -12.78
N VAL H 133 23.25 -31.84 -13.94
CA VAL H 133 23.74 -30.64 -14.62
C VAL H 133 22.90 -29.45 -14.17
N GLU H 134 23.56 -28.43 -13.63
CA GLU H 134 22.89 -27.24 -13.12
C GLU H 134 23.24 -26.05 -14.00
N VAL H 135 22.22 -25.34 -14.47
CA VAL H 135 22.38 -24.21 -15.37
C VAL H 135 21.77 -22.98 -14.73
N LEU H 136 22.56 -21.92 -14.60
CA LEU H 136 22.11 -20.64 -14.08
C LEU H 136 22.39 -19.55 -15.12
N MET H 137 21.54 -18.53 -15.14
CA MET H 137 21.81 -17.35 -15.97
C MET H 137 21.74 -16.11 -15.10
N ASP H 138 22.75 -15.25 -15.21
CA ASP H 138 22.72 -13.95 -14.58
C ASP H 138 22.28 -12.99 -15.69
N ASP H 139 21.18 -12.27 -15.45
CA ASP H 139 20.48 -11.55 -16.51
C ASP H 139 20.94 -10.11 -16.66
N ILE H 140 21.53 -9.52 -15.60
CA ILE H 140 22.02 -8.15 -15.71
C ILE H 140 23.21 -8.06 -16.65
N CYS H 141 23.84 -9.20 -16.94
CA CYS H 141 24.96 -9.29 -17.87
C CYS H 141 24.68 -10.39 -18.89
N GLY H 142 23.88 -11.37 -18.50
CA GLY H 142 23.55 -12.47 -19.38
C GLY H 142 24.67 -13.47 -19.52
N LEU H 143 25.19 -13.96 -18.39
CA LEU H 143 26.22 -14.99 -18.40
C LEU H 143 25.64 -16.30 -17.90
N LEU H 144 25.97 -17.40 -18.59
CA LEU H 144 25.51 -18.73 -18.23
C LEU H 144 26.56 -19.42 -17.39
N THR H 145 26.14 -19.94 -16.24
CA THR H 145 27.01 -20.71 -15.37
C THR H 145 26.55 -22.16 -15.40
N VAL H 146 27.42 -23.05 -15.86
CA VAL H 146 27.14 -24.47 -15.97
C VAL H 146 27.98 -25.20 -14.93
N ARG H 147 27.31 -25.90 -14.02
CA ARG H 147 27.97 -26.67 -12.97
C ARG H 147 27.53 -28.12 -13.12
N VAL H 148 28.43 -28.98 -13.56
CA VAL H 148 28.13 -30.37 -13.79
C VAL H 148 28.68 -31.21 -12.66
N GLN H 149 28.03 -32.33 -12.40
CA GLN H 149 28.38 -33.23 -11.31
C GLN H 149 28.84 -34.57 -11.85
N GLY H 150 29.74 -35.20 -11.13
CA GLY H 150 30.26 -36.50 -11.51
C GLY H 150 30.82 -37.22 -10.31
N PHE H 151 31.48 -38.33 -10.59
CA PHE H 151 32.16 -39.11 -9.55
C PHE H 151 33.67 -39.10 -9.71
N GLU H 152 34.19 -38.54 -10.80
CA GLU H 152 35.61 -38.34 -11.05
C GLU H 152 35.83 -36.91 -11.52
N PRO H 153 36.98 -36.31 -11.22
CA PRO H 153 37.20 -34.93 -11.68
C PRO H 153 37.42 -34.86 -13.17
N GLU H 154 38.19 -35.79 -13.72
CA GLU H 154 38.46 -35.81 -15.15
C GLU H 154 37.19 -36.02 -15.95
N PHE H 155 36.31 -36.90 -15.47
CA PHE H 155 35.04 -37.12 -16.15
C PHE H 155 34.17 -35.88 -16.12
N ALA H 156 34.13 -35.18 -14.98
CA ALA H 156 33.34 -33.96 -14.90
C ALA H 156 33.86 -32.89 -15.84
N GLN H 157 35.18 -32.72 -15.89
CA GLN H 157 35.76 -31.73 -16.80
C GLN H 157 35.52 -32.10 -18.25
N ALA H 158 35.66 -33.39 -18.60
CA ALA H 158 35.42 -33.83 -19.96
C ALA H 158 33.96 -33.66 -20.35
N LEU H 159 33.05 -33.94 -19.42
CA LEU H 159 31.63 -33.72 -19.68
C LEU H 159 31.33 -32.25 -19.92
N ASN H 160 31.92 -31.37 -19.10
CA ASN H 160 31.70 -29.93 -19.27
C ASN H 160 32.23 -29.46 -20.62
N ARG H 161 33.42 -29.93 -21.01
CA ARG H 161 33.95 -29.60 -22.33
C ARG H 161 33.07 -30.16 -23.44
N ALA H 162 32.46 -31.32 -23.21
CA ALA H 162 31.58 -31.91 -24.22
C ALA H 162 30.34 -31.05 -24.44
N ILE H 163 29.71 -30.59 -23.36
CA ILE H 163 28.56 -29.68 -23.52
C ILE H 163 29.01 -28.39 -24.17
N LEU H 164 30.20 -27.89 -23.82
CA LEU H 164 30.69 -26.65 -24.44
C LEU H 164 30.84 -26.79 -25.95
N GLU H 165 31.51 -27.86 -26.39
CA GLU H 165 31.73 -28.08 -27.82
C GLU H 165 30.42 -28.35 -28.55
N GLU H 166 29.54 -29.15 -27.95
CA GLU H 166 28.27 -29.47 -28.60
C GLU H 166 27.40 -28.23 -28.73
N SER H 167 27.39 -27.36 -27.72
CA SER H 167 26.64 -26.11 -27.80
C SER H 167 27.21 -25.20 -28.87
N GLU H 168 28.54 -25.09 -28.94
CA GLU H 168 29.16 -24.23 -29.94
C GLU H 168 28.87 -24.72 -31.36
N ARG H 169 28.83 -26.04 -31.54
CA ARG H 169 28.44 -26.59 -32.83
C ARG H 169 26.95 -26.41 -33.10
N PHE H 170 26.12 -26.50 -32.05
CA PHE H 170 24.67 -26.46 -32.23
C PHE H 170 24.19 -25.08 -32.65
N VAL H 171 24.77 -24.02 -32.08
CA VAL H 171 24.32 -22.67 -32.47
C VAL H 171 24.65 -22.41 -33.94
N ASN H 172 25.85 -22.84 -34.38
CA ASN H 172 26.23 -22.68 -35.77
C ASN H 172 25.34 -23.50 -36.69
N GLU H 173 25.02 -24.73 -36.29
CA GLU H 173 24.14 -25.57 -37.11
C GLU H 173 22.74 -24.97 -37.21
N LEU H 174 22.24 -24.42 -36.10
CA LEU H 174 20.94 -23.77 -36.10
C LEU H 174 20.93 -22.55 -37.03
N SER H 175 22.01 -21.77 -37.03
CA SER H 175 22.07 -20.62 -37.92
C SER H 175 22.22 -21.04 -39.38
N HIS H 176 22.95 -22.13 -39.64
CA HIS H 176 23.16 -22.58 -41.01
C HIS H 176 21.96 -23.31 -41.59
N ARG H 177 21.07 -23.83 -40.73
CA ARG H 177 19.83 -24.40 -41.23
C ARG H 177 18.96 -23.35 -41.91
N MET H 178 19.00 -22.11 -41.42
CA MET H 178 18.29 -21.01 -42.07
C MET H 178 18.94 -20.57 -43.36
N ALA H 179 20.18 -20.97 -43.61
CA ALA H 179 20.89 -20.55 -44.82
C ALA H 179 20.91 -21.61 -45.91
N ARG H 180 20.87 -22.89 -45.54
CA ARG H 180 20.86 -23.93 -46.57
C ARG H 180 19.57 -23.92 -47.37
N GLU H 181 18.45 -23.54 -46.75
CA GLU H 181 17.20 -23.39 -47.50
C GLU H 181 17.29 -22.24 -48.50
N GLN H 182 17.94 -21.14 -48.11
CA GLN H 182 18.17 -20.03 -49.04
C GLN H 182 19.09 -20.46 -50.18
N GLY H 183 20.08 -21.30 -49.87
CA GLY H 183 20.93 -21.85 -50.92
C GLY H 183 20.16 -22.71 -51.90
N GLN H 184 19.25 -23.55 -51.38
CA GLN H 184 18.41 -24.36 -52.25
C GLN H 184 17.49 -23.49 -53.11
N PHE H 185 16.92 -22.43 -52.52
CA PHE H 185 16.08 -21.51 -53.29
C PHE H 185 16.88 -20.82 -54.38
N ALA H 186 18.12 -20.42 -54.07
CA ALA H 186 18.96 -19.77 -55.07
C ALA H 186 19.36 -20.75 -56.18
N GLU H 187 19.59 -22.02 -55.82
CA GLU H 187 19.86 -23.02 -56.84
C GLU H 187 18.66 -23.26 -57.74
N ALA H 188 17.46 -23.24 -57.16
CA ALA H 188 16.25 -23.36 -57.96
C ALA H 188 16.07 -22.17 -58.89
N GLU H 189 16.38 -20.96 -58.39
CA GLU H 189 16.30 -19.77 -59.23
C GLU H 189 17.36 -19.78 -60.32
N LEU H 190 18.50 -20.42 -60.07
CA LEU H 190 19.56 -20.50 -61.07
C LEU H 190 19.16 -21.37 -62.25
N GLU H 191 18.28 -22.35 -62.03
CA GLU H 191 17.85 -23.25 -63.10
C GLU H 191 17.04 -22.53 -64.17
N ALA H 302 16.96 -10.25 -68.80
CA ALA H 302 17.87 -11.03 -69.63
C ALA H 302 19.08 -11.50 -68.81
N GLU H 303 20.25 -10.91 -69.11
CA GLU H 303 21.47 -11.29 -68.41
C GLU H 303 21.52 -10.73 -67.00
N ASP H 304 20.74 -9.69 -66.70
CA ASP H 304 20.66 -9.17 -65.34
C ASP H 304 20.04 -10.20 -64.40
N ALA H 305 19.13 -11.03 -64.92
CA ALA H 305 18.60 -12.14 -64.15
C ALA H 305 19.70 -13.13 -63.80
N TYR H 306 20.60 -13.41 -64.76
CA TYR H 306 21.75 -14.27 -64.49
C TYR H 306 22.66 -13.64 -63.44
N LYS H 307 22.87 -12.32 -63.53
CA LYS H 307 23.71 -11.63 -62.55
C LYS H 307 23.13 -11.73 -61.13
N LEU H 308 21.83 -11.49 -60.99
CA LEU H 308 21.24 -11.55 -59.66
C LEU H 308 21.17 -12.97 -59.14
N ALA H 309 20.94 -13.95 -60.03
CA ALA H 309 20.93 -15.35 -59.64
C ALA H 309 22.30 -15.81 -59.16
N LEU H 310 23.37 -15.39 -59.82
CA LEU H 310 24.72 -15.68 -59.35
C LEU H 310 25.09 -14.96 -58.07
N ALA H 311 24.70 -13.69 -57.93
CA ALA H 311 25.01 -12.95 -56.71
C ALA H 311 24.28 -13.55 -55.50
N ALA H 312 23.00 -13.91 -55.67
CA ALA H 312 22.25 -14.49 -54.56
C ALA H 312 22.81 -15.85 -54.16
N VAL H 313 23.18 -16.68 -55.14
CA VAL H 313 23.70 -18.01 -54.80
C VAL H 313 25.09 -17.90 -54.18
N GLU H 314 25.89 -16.91 -54.58
CA GLU H 314 27.18 -16.72 -53.94
C GLU H 314 27.02 -16.20 -52.51
N SER H 315 26.05 -15.31 -52.30
CA SER H 315 25.76 -14.84 -50.94
C SER H 315 25.28 -15.98 -50.06
N ALA H 316 24.42 -16.85 -50.60
CA ALA H 316 23.96 -18.01 -49.84
C ALA H 316 25.10 -18.98 -49.54
N ARG H 317 26.01 -19.17 -50.50
CA ARG H 317 27.14 -20.06 -50.28
C ARG H 317 28.07 -19.52 -49.20
N ILE H 318 28.37 -18.22 -49.24
CA ILE H 318 29.26 -17.65 -48.23
C ILE H 318 28.56 -17.51 -46.88
N GLU H 319 27.22 -17.49 -46.87
CA GLU H 319 26.49 -17.50 -45.60
C GLU H 319 26.48 -18.89 -44.99
N ALA H 320 26.39 -19.93 -45.82
CA ALA H 320 26.26 -21.29 -45.29
C ALA H 320 27.56 -21.81 -44.72
N THR H 321 28.70 -21.35 -45.23
CA THR H 321 30.00 -21.86 -44.80
C THR H 321 30.67 -20.98 -43.76
N ARG H 322 30.04 -19.89 -43.33
CA ARG H 322 30.62 -18.98 -42.37
C ARG H 322 30.09 -19.26 -40.97
N LYS H 323 30.95 -19.11 -39.98
CA LYS H 323 30.54 -19.26 -38.58
C LYS H 323 29.83 -17.96 -38.19
N LEU H 324 28.50 -17.97 -38.26
CA LEU H 324 27.71 -16.78 -37.94
C LEU H 324 27.61 -16.55 -36.44
N LYS H 325 27.49 -17.61 -35.65
CA LYS H 325 27.36 -17.51 -34.20
C LYS H 325 28.60 -18.11 -33.56
N SER H 326 29.27 -17.33 -32.72
CA SER H 326 30.47 -17.76 -32.03
C SER H 326 30.25 -17.70 -30.52
N LEU H 327 30.69 -18.73 -29.83
CA LEU H 327 30.55 -18.82 -28.38
C LEU H 327 31.88 -18.51 -27.72
N VAL H 328 31.87 -17.53 -26.81
CA VAL H 328 33.07 -17.14 -26.08
C VAL H 328 32.94 -17.62 -24.65
N VAL H 329 34.05 -18.10 -24.10
CA VAL H 329 34.07 -18.73 -22.79
C VAL H 329 34.79 -17.78 -21.83
N VAL H 330 34.05 -17.20 -20.89
CA VAL H 330 34.67 -16.34 -19.89
C VAL H 330 35.49 -17.18 -18.92
N GLU H 331 34.92 -18.28 -18.44
CA GLU H 331 35.62 -19.19 -17.53
C GLU H 331 35.58 -20.60 -18.10
N PRO H 332 36.71 -21.17 -18.51
CA PRO H 332 36.72 -22.52 -19.04
C PRO H 332 36.42 -23.54 -17.96
N PRO H 333 36.01 -24.76 -18.32
CA PRO H 333 35.76 -25.79 -17.31
C PRO H 333 37.00 -26.08 -16.48
N VAL H 334 36.81 -26.24 -15.19
CA VAL H 334 37.91 -26.41 -14.25
C VAL H 334 37.93 -27.86 -13.78
N LEU H 335 39.09 -28.26 -13.25
CA LEU H 335 39.27 -29.60 -12.74
C LEU H 335 39.16 -29.57 -11.22
N PRO H 336 38.12 -30.13 -10.62
CA PRO H 336 37.98 -30.08 -9.16
C PRO H 336 38.98 -31.00 -8.47
N GLU H 337 39.10 -30.79 -7.17
CA GLU H 337 39.94 -31.63 -6.32
C GLU H 337 39.16 -32.37 -5.24
N ILE H 338 38.20 -31.69 -4.61
CA ILE H 338 37.35 -32.30 -3.59
C ILE H 338 35.90 -32.04 -3.96
N ALA H 339 35.02 -32.83 -3.35
CA ALA H 339 33.58 -32.70 -3.57
C ALA H 339 32.99 -31.61 -2.67
N GLU H 340 31.88 -31.04 -3.12
CA GLU H 340 31.18 -30.04 -2.31
C GLU H 340 29.69 -30.34 -2.17
N TYR H 341 29.07 -30.88 -3.22
CA TYR H 341 27.62 -31.07 -3.22
C TYR H 341 27.08 -32.15 -2.29
N PRO H 342 27.83 -33.21 -1.94
CA PRO H 342 27.39 -34.02 -0.80
C PRO H 342 27.53 -33.25 0.51
N ARG H 343 26.63 -32.30 0.74
CA ARG H 343 26.64 -31.47 1.93
C ARG H 343 25.95 -32.23 3.05
N ARG H 344 26.75 -32.81 3.94
CA ARG H 344 26.21 -33.69 4.98
C ARG H 344 25.37 -32.92 5.99
N TRP H 345 25.90 -31.80 6.48
CA TRP H 345 25.26 -31.10 7.60
C TRP H 345 24.03 -30.30 7.19
N TYR H 346 23.89 -29.97 5.90
CA TYR H 346 22.81 -29.10 5.48
C TYR H 346 21.46 -29.83 5.48
N ASN H 347 21.42 -31.05 4.97
CA ASN H 347 20.16 -31.78 4.90
C ASN H 347 19.70 -32.29 6.26
N LEU H 348 20.63 -32.47 7.20
CA LEU H 348 20.27 -32.94 8.53
C LEU H 348 19.38 -31.94 9.26
N ALA H 349 19.67 -30.65 9.10
CA ALA H 349 18.84 -29.63 9.72
C ALA H 349 17.43 -29.61 9.14
N THR H 350 17.31 -29.76 7.81
CA THR H 350 16.00 -29.81 7.19
C THR H 350 15.22 -31.03 7.63
N LEU H 351 15.90 -32.18 7.74
CA LEU H 351 15.25 -33.39 8.23
C LEU H 351 14.81 -33.23 9.68
N LEU H 352 15.64 -32.57 10.50
CA LEU H 352 15.27 -32.29 11.88
C LEU H 352 14.01 -31.43 11.95
N VAL H 353 13.96 -30.38 11.12
CA VAL H 353 12.82 -29.47 11.15
C VAL H 353 11.54 -30.18 10.71
N VAL H 354 11.62 -30.95 9.62
CA VAL H 354 10.41 -31.62 9.13
C VAL H 354 9.99 -32.74 10.08
N CYS H 355 10.95 -33.41 10.73
CA CYS H 355 10.60 -34.45 11.70
C CYS H 355 9.94 -33.84 12.93
N CYS H 356 10.43 -32.68 13.39
CA CYS H 356 9.80 -32.01 14.52
C CYS H 356 8.39 -31.56 14.16
N LEU H 357 8.20 -31.04 12.94
CA LEU H 357 6.86 -30.63 12.52
C LEU H 357 5.90 -31.82 12.45
N ILE H 358 6.36 -32.94 11.89
CA ILE H 358 5.53 -34.14 11.80
C ILE H 358 5.21 -34.68 13.19
N TYR H 359 6.19 -34.66 14.09
CA TYR H 359 5.98 -35.09 15.47
C TYR H 359 4.91 -34.22 16.14
N GLY H 360 5.00 -32.90 15.96
CA GLY H 360 4.04 -32.02 16.59
C GLY H 360 2.62 -32.24 16.08
N VAL H 361 2.46 -32.33 14.75
CA VAL H 361 1.12 -32.48 14.19
C VAL H 361 0.55 -33.86 14.53
N VAL H 362 1.40 -34.90 14.53
CA VAL H 362 0.92 -36.24 14.85
C VAL H 362 0.58 -36.35 16.33
N SER H 363 1.32 -35.65 17.20
CA SER H 363 0.98 -35.65 18.62
C SER H 363 -0.34 -34.93 18.84
N LEU H 364 -0.59 -33.86 18.09
CA LEU H 364 -1.83 -33.12 18.28
C LEU H 364 -3.04 -33.94 17.81
N VAL H 365 -2.92 -34.64 16.66
CA VAL H 365 -4.07 -35.44 16.22
C VAL H 365 -4.24 -36.67 17.11
N VAL H 366 -3.15 -37.22 17.65
CA VAL H 366 -3.27 -38.34 18.59
C VAL H 366 -3.97 -37.87 19.87
N ALA H 367 -3.67 -36.66 20.34
CA ALA H 367 -4.38 -36.11 21.48
C ALA H 367 -5.85 -35.90 21.17
N THR H 368 -6.15 -35.46 19.94
CA THR H 368 -7.55 -35.33 19.51
C THR H 368 -8.27 -36.67 19.59
N ILE H 369 -7.70 -37.72 19.01
CA ILE H 369 -8.36 -39.01 18.96
C ILE H 369 -8.37 -39.69 20.32
N ARG H 370 -7.49 -39.29 21.24
CA ARG H 370 -7.53 -39.80 22.60
C ARG H 370 -8.64 -39.12 23.40
N ASP H 371 -8.84 -37.82 23.17
CA ASP H 371 -9.94 -37.14 23.85
C ASP H 371 -11.30 -37.57 23.31
N HIS H 372 -11.34 -38.08 22.08
CA HIS H 372 -12.59 -38.59 21.51
C HIS H 372 -12.88 -39.96 22.11
N THR I 13 24.30 -22.07 39.26
CA THR I 13 25.46 -22.03 38.37
C THR I 13 25.34 -20.88 37.38
N ALA I 14 24.64 -19.82 37.79
CA ALA I 14 24.44 -18.67 36.90
C ALA I 14 25.75 -17.98 36.58
N LYS I 15 26.64 -17.86 37.56
CA LYS I 15 27.93 -17.22 37.32
C LYS I 15 28.80 -18.06 36.40
N ARG I 16 28.75 -19.39 36.52
CA ARG I 16 29.58 -20.24 35.68
C ARG I 16 29.12 -20.22 34.23
N LEU I 17 27.79 -20.28 34.01
CA LEU I 17 27.28 -20.16 32.64
C LEU I 17 27.52 -18.77 32.10
N GLN I 18 27.46 -17.75 32.94
CA GLN I 18 27.83 -16.39 32.54
C GLN I 18 29.28 -16.34 32.07
N TRP I 19 30.18 -16.98 32.84
CA TRP I 19 31.60 -17.07 32.55
C TRP I 19 31.81 -17.64 31.17
N ALA I 20 31.40 -18.91 31.02
CA ALA I 20 31.57 -19.64 29.77
C ALA I 20 30.75 -19.04 28.63
N LEU I 21 29.80 -18.16 28.93
CA LEU I 21 29.01 -17.51 27.89
C LEU I 21 29.78 -16.35 27.27
N VAL I 22 30.21 -15.38 28.08
CA VAL I 22 30.73 -14.13 27.55
C VAL I 22 32.22 -13.93 27.83
N TYR I 23 32.71 -14.22 29.04
CA TYR I 23 34.04 -13.70 29.35
C TYR I 23 35.17 -14.52 28.72
N LEU I 24 35.10 -15.85 28.76
CA LEU I 24 36.09 -16.63 28.02
C LEU I 24 36.13 -16.36 26.52
N PRO I 25 35.00 -16.23 25.80
CA PRO I 25 35.11 -15.80 24.39
C PRO I 25 35.78 -14.45 24.23
N MET I 26 35.48 -13.50 25.10
CA MET I 26 36.22 -12.24 25.12
C MET I 26 37.69 -12.45 25.41
N LEU I 27 38.02 -13.38 26.31
CA LEU I 27 39.42 -13.60 26.65
C LEU I 27 40.20 -14.11 25.44
N VAL I 28 39.67 -15.12 24.75
CA VAL I 28 40.39 -15.68 23.61
C VAL I 28 40.43 -14.68 22.46
N ALA I 29 39.33 -13.94 22.25
CA ALA I 29 39.31 -12.92 21.21
C ALA I 29 40.33 -11.82 21.47
N THR I 30 40.46 -11.39 22.73
CA THR I 30 41.40 -10.34 23.07
C THR I 30 42.84 -10.80 22.90
N VAL I 31 43.17 -12.02 23.35
CA VAL I 31 44.56 -12.44 23.22
C VAL I 31 44.88 -12.68 21.74
N TYR I 32 43.91 -13.15 20.96
CA TYR I 32 44.12 -13.32 19.53
C TYR I 32 44.38 -11.99 18.85
N PHE I 33 43.51 -11.01 19.07
CA PHE I 33 43.59 -9.77 18.29
C PHE I 33 44.76 -8.90 18.75
N LEU I 34 45.05 -8.90 20.06
CA LEU I 34 46.12 -8.03 20.54
C LEU I 34 47.51 -8.58 20.26
N VAL I 35 47.68 -9.91 20.21
CA VAL I 35 49.02 -10.48 20.09
C VAL I 35 49.09 -11.43 18.90
N PHE I 36 48.16 -12.38 18.82
CA PHE I 36 48.27 -13.44 17.82
C PHE I 36 47.91 -12.98 16.41
N SER I 37 47.21 -11.85 16.26
CA SER I 37 46.76 -11.42 14.95
C SER I 37 47.93 -10.97 14.09
N ALA I 38 47.77 -11.12 12.78
CA ALA I 38 48.75 -10.68 11.80
C ALA I 38 48.14 -9.58 10.96
N ASP I 39 48.83 -8.43 10.89
CA ASP I 39 48.31 -7.28 10.17
C ASP I 39 48.44 -7.47 8.67
N ARG I 40 47.43 -6.99 7.93
CA ARG I 40 47.37 -7.15 6.48
C ARG I 40 47.22 -5.79 5.83
N TYR I 41 48.04 -5.54 4.81
CA TYR I 41 48.01 -4.29 4.06
C TYR I 41 47.05 -4.42 2.89
N VAL I 42 46.50 -3.28 2.46
CA VAL I 42 45.51 -3.25 1.40
C VAL I 42 45.89 -2.21 0.36
N SER I 43 45.92 -2.60 -0.90
CA SER I 43 46.14 -1.70 -2.02
C SER I 43 44.89 -1.68 -2.88
N GLU I 44 44.44 -0.48 -3.25
CA GLU I 44 43.20 -0.33 -3.99
C GLU I 44 43.47 0.37 -5.32
N SER I 45 42.59 0.10 -6.29
CA SER I 45 42.67 0.72 -7.60
C SER I 45 41.27 0.81 -8.19
N VAL I 46 41.08 1.78 -9.08
CA VAL I 46 39.79 2.03 -9.72
C VAL I 46 40.00 2.07 -11.23
N ILE I 47 39.34 1.16 -11.95
CA ILE I 47 39.51 1.00 -13.38
C ILE I 47 38.13 1.01 -14.05
N THR I 48 38.15 1.08 -15.39
CA THR I 48 36.96 1.01 -16.22
C THR I 48 37.35 0.74 -17.67
N VAL I 49 36.72 -0.24 -18.31
CA VAL I 49 37.00 -0.52 -19.72
C VAL I 49 36.22 0.44 -20.60
N ARG I 50 36.93 1.09 -21.53
CA ARG I 50 36.33 1.99 -22.49
C ARG I 50 36.70 1.56 -23.90
N GLN I 51 35.72 1.62 -24.80
CA GLN I 51 35.94 1.25 -26.19
C GLN I 51 36.93 2.19 -26.86
N THR I 52 37.82 1.63 -27.69
CA THR I 52 38.82 2.44 -28.37
C THR I 52 38.23 3.16 -29.58
N SER I 53 37.70 2.40 -30.53
CA SER I 53 37.11 2.91 -31.78
C SER I 53 38.07 3.82 -32.55
N SER I 75 28.95 -0.57 -22.87
CA SER I 75 30.33 -0.74 -22.41
C SER I 75 30.35 -1.46 -21.06
N ARG I 76 29.19 -1.59 -20.43
CA ARG I 76 29.10 -2.26 -19.13
C ARG I 76 29.33 -3.75 -19.25
N GLU I 77 29.12 -4.34 -20.43
CA GLU I 77 29.25 -5.78 -20.61
C GLU I 77 30.67 -6.24 -20.33
N ASP I 78 31.67 -5.47 -20.76
CA ASP I 78 33.05 -5.81 -20.44
C ASP I 78 33.33 -5.69 -18.96
N THR I 79 32.67 -4.75 -18.28
CA THR I 79 32.85 -4.62 -16.84
C THR I 79 32.29 -5.84 -16.10
N CYS I 80 31.13 -6.34 -16.52
CA CYS I 80 30.63 -7.56 -15.88
C CYS I 80 31.47 -8.78 -16.25
N TYR I 81 31.99 -8.81 -17.49
CA TYR I 81 32.95 -9.85 -17.84
C TYR I 81 34.15 -9.84 -16.91
N LEU I 82 34.65 -8.65 -16.58
CA LEU I 82 35.78 -8.53 -15.68
C LEU I 82 35.40 -8.92 -14.26
N GLN I 83 34.19 -8.56 -13.84
CA GLN I 83 33.70 -8.95 -12.53
C GLN I 83 33.69 -10.47 -12.37
N THR I 84 33.29 -11.17 -13.42
CA THR I 84 33.35 -12.63 -13.39
C THR I 84 34.79 -13.13 -13.46
N TYR I 85 35.63 -12.46 -14.26
CA TYR I 85 36.96 -12.98 -14.56
C TYR I 85 37.94 -12.83 -13.40
N ILE I 86 37.75 -11.81 -12.55
CA ILE I 86 38.69 -11.58 -11.46
C ILE I 86 38.70 -12.77 -10.49
N HIS I 87 37.52 -13.31 -10.20
CA HIS I 87 37.39 -14.43 -9.28
C HIS I 87 37.45 -15.78 -9.96
N SER I 88 37.95 -15.84 -11.19
CA SER I 88 37.99 -17.10 -11.94
C SER I 88 39.13 -17.98 -11.47
N MET I 89 39.00 -19.28 -11.73
CA MET I 89 40.07 -20.22 -11.42
C MET I 89 41.24 -20.06 -12.37
N GLY I 90 40.98 -19.71 -13.64
CA GLY I 90 42.07 -19.55 -14.59
C GLY I 90 43.00 -18.41 -14.22
N LEU I 91 42.42 -17.26 -13.85
CA LEU I 91 43.22 -16.13 -13.42
C LEU I 91 43.99 -16.46 -12.15
N LEU I 92 43.36 -17.19 -11.23
CA LEU I 92 44.04 -17.58 -10.00
C LEU I 92 45.21 -18.50 -10.28
N GLN I 93 45.05 -19.45 -11.20
CA GLN I 93 46.15 -20.32 -11.58
C GLN I 93 47.28 -19.54 -12.22
N LYS I 94 46.95 -18.59 -13.10
CA LYS I 94 47.98 -17.77 -13.72
C LYS I 94 48.74 -16.94 -12.69
N LEU I 95 48.02 -16.32 -11.76
CA LEU I 95 48.67 -15.50 -10.75
C LEU I 95 49.48 -16.34 -9.77
N ASP I 96 49.02 -17.55 -9.45
CA ASP I 96 49.76 -18.41 -8.55
C ASP I 96 51.03 -18.93 -9.22
N GLN I 97 50.97 -19.18 -10.52
CA GLN I 97 52.17 -19.59 -11.23
C GLN I 97 53.15 -18.42 -11.38
N GLN I 98 52.63 -17.20 -11.49
CA GLN I 98 53.52 -16.05 -11.70
C GLN I 98 54.12 -15.55 -10.40
N LEU I 99 53.29 -15.10 -9.47
CA LEU I 99 53.74 -14.41 -8.26
C LEU I 99 53.88 -15.31 -7.04
N LYS I 100 53.66 -16.62 -7.20
CA LYS I 100 53.71 -17.60 -6.10
C LYS I 100 52.80 -17.18 -4.95
N LEU I 101 51.49 -17.16 -5.24
CA LEU I 101 50.51 -16.74 -4.24
C LEU I 101 50.43 -17.70 -3.07
N ARG I 102 50.57 -19.00 -3.34
CA ARG I 102 50.31 -20.02 -2.32
C ARG I 102 51.30 -19.94 -1.18
N GLU I 103 52.58 -19.71 -1.50
CA GLU I 103 53.60 -19.65 -0.44
C GLU I 103 53.54 -18.34 0.34
N HIS I 104 53.10 -17.25 -0.30
CA HIS I 104 53.09 -15.95 0.37
C HIS I 104 52.10 -15.92 1.52
N PHE I 105 50.90 -16.47 1.31
CA PHE I 105 49.88 -16.43 2.36
C PHE I 105 50.17 -17.41 3.49
N GLY I 106 51.12 -18.33 3.32
CA GLY I 106 51.54 -19.21 4.38
C GLY I 106 52.72 -18.71 5.18
N THR I 107 53.26 -17.53 4.84
CA THR I 107 54.41 -17.00 5.57
C THR I 107 54.16 -16.67 7.04
N PRO I 108 53.06 -15.96 7.46
CA PRO I 108 52.95 -15.63 8.89
C PRO I 108 52.43 -16.80 9.71
N LEU I 109 53.33 -17.42 10.47
CA LEU I 109 52.93 -18.55 11.32
C LEU I 109 52.28 -18.11 12.62
N ARG I 110 52.33 -16.80 12.94
CA ARG I 110 51.78 -16.34 14.21
C ARG I 110 50.26 -16.45 14.23
N ASP I 111 49.60 -16.14 13.12
CA ASP I 111 48.14 -16.16 13.07
C ASP I 111 47.69 -17.45 12.42
N PRO I 112 46.99 -18.34 13.13
CA PRO I 112 46.53 -19.57 12.49
C PRO I 112 45.25 -19.43 11.70
N LEU I 113 44.46 -18.39 11.92
CA LEU I 113 43.14 -18.31 11.30
C LEU I 113 43.23 -17.78 9.88
N PHE I 114 43.98 -16.70 9.67
CA PHE I 114 44.02 -16.01 8.39
C PHE I 114 45.15 -16.49 7.50
N ARG I 115 45.88 -17.53 7.91
CA ARG I 115 47.01 -18.04 7.14
C ARG I 115 46.56 -19.23 6.31
N LEU I 116 46.92 -19.24 5.04
CA LEU I 116 46.74 -20.42 4.21
C LEU I 116 47.63 -21.55 4.71
N TRP I 117 47.02 -22.64 5.12
CA TRP I 117 47.79 -23.78 5.60
C TRP I 117 48.42 -24.52 4.44
N GLY I 118 49.43 -25.35 4.75
CA GLY I 118 50.09 -26.13 3.73
C GLY I 118 49.27 -27.33 3.31
N GLY I 119 49.27 -27.58 2.00
CA GLY I 119 48.56 -28.74 1.48
C GLY I 119 47.06 -28.65 1.51
N THR I 120 46.50 -27.45 1.55
CA THR I 120 45.06 -27.30 1.56
C THR I 120 44.47 -27.65 0.19
N SER I 121 43.15 -27.86 0.18
CA SER I 121 42.47 -28.20 -1.05
C SER I 121 42.44 -27.00 -2.00
N GLN I 122 42.30 -27.30 -3.29
CA GLN I 122 42.31 -26.25 -4.31
C GLN I 122 41.09 -25.35 -4.19
N GLU I 123 39.92 -25.92 -3.87
CA GLU I 123 38.71 -25.12 -3.75
C GLU I 123 38.80 -24.17 -2.55
N TRP I 124 39.41 -24.63 -1.46
CA TRP I 124 39.63 -23.74 -0.32
C TRP I 124 40.59 -22.61 -0.69
N PHE I 125 41.58 -22.91 -1.54
CA PHE I 125 42.48 -21.88 -2.02
C PHE I 125 41.73 -20.85 -2.86
N LEU I 126 40.81 -21.31 -3.70
CA LEU I 126 39.97 -20.40 -4.47
C LEU I 126 39.13 -19.52 -3.55
N GLU I 127 38.54 -20.11 -2.52
CA GLU I 127 37.70 -19.33 -1.61
C GLU I 127 38.53 -18.32 -0.84
N TYR I 128 39.74 -18.71 -0.44
CA TYR I 128 40.64 -17.81 0.26
C TYR I 128 41.06 -16.63 -0.62
N TYR I 129 41.37 -16.92 -1.90
CA TYR I 129 41.73 -15.84 -2.82
C TYR I 129 40.54 -14.92 -3.08
N ARG I 130 39.34 -15.49 -3.21
CA ARG I 130 38.15 -14.68 -3.40
C ARG I 130 37.84 -13.82 -2.18
N SER I 131 38.16 -14.32 -0.99
CA SER I 131 38.00 -13.51 0.21
C SER I 131 39.06 -12.41 0.29
N ARG I 132 40.26 -12.67 -0.20
CA ARG I 132 41.32 -11.67 -0.11
C ARG I 132 41.09 -10.52 -1.08
N VAL I 133 40.72 -10.82 -2.31
CA VAL I 133 40.53 -9.81 -3.34
C VAL I 133 39.06 -9.41 -3.36
N GLU I 134 38.80 -8.13 -3.13
CA GLU I 134 37.44 -7.59 -3.10
C GLU I 134 37.21 -6.73 -4.33
N VAL I 135 36.13 -7.01 -5.05
CA VAL I 135 35.77 -6.25 -6.24
C VAL I 135 34.39 -5.62 -6.03
N LEU I 136 34.29 -4.34 -6.36
CA LEU I 136 33.06 -3.58 -6.20
C LEU I 136 32.73 -2.87 -7.50
N MET I 137 31.43 -2.73 -7.77
CA MET I 137 30.94 -2.10 -8.97
C MET I 137 30.13 -0.85 -8.62
N ASP I 138 30.48 0.27 -9.24
CA ASP I 138 29.67 1.48 -9.17
C ASP I 138 28.86 1.43 -10.47
N ASP I 139 27.59 1.04 -10.34
CA ASP I 139 26.75 0.71 -11.49
C ASP I 139 26.05 1.91 -12.10
N ILE I 140 25.99 3.06 -11.41
CA ILE I 140 25.32 4.21 -12.01
C ILE I 140 26.14 4.75 -13.17
N CYS I 141 27.46 4.54 -13.15
CA CYS I 141 28.31 4.86 -14.30
C CYS I 141 29.44 3.85 -14.47
N GLY I 142 29.36 2.69 -13.82
CA GLY I 142 30.23 1.56 -14.12
C GLY I 142 31.71 1.73 -13.87
N LEU I 143 32.11 1.76 -12.60
CA LEU I 143 33.51 1.81 -12.23
C LEU I 143 33.86 0.59 -11.39
N LEU I 144 34.94 -0.10 -11.75
CA LEU I 144 35.43 -1.25 -10.99
C LEU I 144 36.41 -0.77 -9.94
N THR I 145 36.18 -1.18 -8.70
CA THR I 145 37.11 -0.91 -7.60
C THR I 145 37.65 -2.24 -7.10
N VAL I 146 38.97 -2.40 -7.14
CA VAL I 146 39.63 -3.63 -6.76
C VAL I 146 40.52 -3.34 -5.56
N ARG I 147 40.31 -4.09 -4.48
CA ARG I 147 41.10 -3.97 -3.26
C ARG I 147 41.76 -5.31 -2.99
N VAL I 148 43.09 -5.30 -2.82
CA VAL I 148 43.88 -6.50 -2.65
C VAL I 148 44.57 -6.44 -1.30
N GLN I 149 44.43 -7.50 -0.51
CA GLN I 149 45.09 -7.62 0.78
C GLN I 149 46.34 -8.47 0.66
N GLY I 150 47.27 -8.23 1.57
CA GLY I 150 48.51 -8.98 1.61
C GLY I 150 49.18 -8.80 2.95
N PHE I 151 50.40 -9.32 3.05
CA PHE I 151 51.19 -9.16 4.25
C PHE I 151 52.41 -8.26 4.05
N GLU I 152 52.73 -7.91 2.80
CA GLU I 152 53.73 -6.93 2.45
C GLU I 152 53.11 -5.92 1.51
N PRO I 153 53.51 -4.65 1.58
CA PRO I 153 52.83 -3.65 0.75
C PRO I 153 53.20 -3.74 -0.72
N GLU I 154 54.49 -3.96 -1.01
CA GLU I 154 54.92 -4.11 -2.39
C GLU I 154 54.30 -5.34 -3.03
N PHE I 155 54.09 -6.41 -2.26
CA PHE I 155 53.42 -7.59 -2.78
C PHE I 155 51.99 -7.28 -3.17
N ALA I 156 51.27 -6.52 -2.35
CA ALA I 156 49.89 -6.15 -2.68
C ALA I 156 49.84 -5.26 -3.91
N GLN I 157 50.76 -4.30 -4.02
CA GLN I 157 50.79 -3.45 -5.20
C GLN I 157 51.11 -4.25 -6.46
N ALA I 158 52.07 -5.18 -6.36
CA ALA I 158 52.43 -6.02 -7.50
C ALA I 158 51.27 -6.92 -7.91
N LEU I 159 50.54 -7.46 -6.92
CA LEU I 159 49.38 -8.28 -7.23
C LEU I 159 48.30 -7.49 -7.93
N ASN I 160 48.06 -6.24 -7.48
CA ASN I 160 47.08 -5.39 -8.14
C ASN I 160 47.49 -5.06 -9.57
N ARG I 161 48.77 -4.74 -9.77
CA ARG I 161 49.26 -4.45 -11.12
C ARG I 161 49.16 -5.66 -12.03
N ALA I 162 49.48 -6.84 -11.50
CA ALA I 162 49.37 -8.07 -12.29
C ALA I 162 47.92 -8.35 -12.64
N ILE I 163 47.00 -8.11 -11.71
CA ILE I 163 45.58 -8.30 -11.98
C ILE I 163 45.12 -7.37 -13.10
N LEU I 164 45.54 -6.11 -13.04
CA LEU I 164 45.15 -5.15 -14.08
C LEU I 164 45.71 -5.54 -15.44
N GLU I 165 46.99 -5.93 -15.48
CA GLU I 165 47.62 -6.31 -16.73
C GLU I 165 46.98 -7.55 -17.33
N GLU I 166 46.73 -8.57 -16.50
CA GLU I 166 46.10 -9.79 -16.99
C GLU I 166 44.66 -9.53 -17.41
N SER I 167 43.97 -8.58 -16.78
CA SER I 167 42.61 -8.26 -17.19
C SER I 167 42.58 -7.63 -18.57
N GLU I 168 43.48 -6.66 -18.80
CA GLU I 168 43.57 -6.04 -20.11
C GLU I 168 43.96 -7.07 -21.18
N ARG I 169 44.91 -7.93 -20.86
CA ARG I 169 45.29 -8.99 -21.78
C ARG I 169 44.13 -9.95 -22.04
N PHE I 170 43.31 -10.22 -21.02
CA PHE I 170 42.19 -11.12 -21.17
C PHE I 170 41.16 -10.57 -22.13
N VAL I 171 40.74 -9.31 -21.95
CA VAL I 171 39.73 -8.76 -22.86
C VAL I 171 40.30 -8.59 -24.26
N ASN I 172 41.59 -8.24 -24.36
CA ASN I 172 42.23 -8.09 -25.67
C ASN I 172 42.27 -9.42 -26.41
N GLU I 173 42.68 -10.49 -25.72
CA GLU I 173 42.74 -11.80 -26.34
C GLU I 173 41.35 -12.37 -26.60
N LEU I 174 40.36 -11.96 -25.80
CA LEU I 174 38.98 -12.35 -26.07
C LEU I 174 38.53 -11.80 -27.42
N SER I 175 38.77 -10.51 -27.65
CA SER I 175 38.40 -9.92 -28.95
C SER I 175 39.22 -10.52 -30.08
N HIS I 176 40.51 -10.79 -29.83
CA HIS I 176 41.36 -11.37 -30.86
C HIS I 176 40.91 -12.78 -31.24
N ARG I 177 40.55 -13.61 -30.26
CA ARG I 177 40.01 -14.93 -30.55
C ARG I 177 38.65 -14.84 -31.23
N MET I 178 37.87 -13.80 -30.91
CA MET I 178 36.62 -13.57 -31.61
C MET I 178 36.84 -13.29 -33.09
N ALA I 179 37.85 -12.48 -33.41
CA ALA I 179 38.15 -12.18 -34.80
C ALA I 179 38.91 -13.30 -35.52
N ARG I 180 39.56 -14.19 -34.77
CA ARG I 180 40.36 -15.24 -35.41
C ARG I 180 39.49 -16.24 -36.17
N GLU I 181 38.23 -16.40 -35.78
CA GLU I 181 37.34 -17.28 -36.54
C GLU I 181 37.08 -16.73 -37.93
N GLN I 182 36.80 -15.43 -38.04
CA GLN I 182 36.64 -14.82 -39.35
C GLN I 182 37.94 -14.85 -40.13
N GLY I 183 39.07 -14.66 -39.45
CA GLY I 183 40.36 -14.77 -40.13
C GLY I 183 40.59 -16.15 -40.72
N GLN I 184 40.30 -17.19 -39.95
CA GLN I 184 40.45 -18.57 -40.44
C GLN I 184 39.48 -18.86 -41.58
N PHE I 185 38.24 -18.36 -41.47
CA PHE I 185 37.28 -18.56 -42.55
C PHE I 185 37.73 -17.89 -43.84
N ALA I 186 38.27 -16.67 -43.74
CA ALA I 186 38.78 -15.98 -44.92
C ALA I 186 39.98 -16.70 -45.52
N GLU I 187 40.89 -17.19 -44.67
CA GLU I 187 42.05 -17.91 -45.18
C GLU I 187 41.67 -19.26 -45.78
N ALA I 188 40.56 -19.84 -45.32
CA ALA I 188 40.08 -21.09 -45.92
C ALA I 188 39.38 -20.83 -47.25
N GLU I 189 38.63 -19.73 -47.34
CA GLU I 189 37.93 -19.42 -48.58
C GLU I 189 38.89 -18.93 -49.66
N LEU I 190 40.02 -18.33 -49.26
CA LEU I 190 41.01 -17.92 -50.25
C LEU I 190 41.66 -19.12 -50.95
N GLU I 191 41.76 -20.24 -50.25
CA GLU I 191 42.35 -21.45 -50.83
C GLU I 191 41.41 -22.08 -51.84
N GLU I 303 39.04 -14.24 -60.18
CA GLU I 303 38.50 -13.06 -60.84
C GLU I 303 38.19 -11.97 -59.83
N ASP I 304 37.01 -11.35 -59.96
CA ASP I 304 36.61 -10.30 -59.04
C ASP I 304 36.42 -10.84 -57.63
N ALA I 305 35.80 -12.01 -57.50
CA ALA I 305 35.60 -12.63 -56.20
C ALA I 305 36.93 -12.99 -55.55
N TYR I 306 37.96 -13.30 -56.35
CA TYR I 306 39.25 -13.65 -55.78
C TYR I 306 39.92 -12.44 -55.11
N LYS I 307 39.93 -11.28 -55.78
CA LYS I 307 40.56 -10.14 -55.11
C LYS I 307 39.66 -9.60 -54.01
N LEU I 308 38.34 -9.79 -54.12
CA LEU I 308 37.46 -9.46 -53.01
C LEU I 308 37.77 -10.33 -51.78
N ALA I 309 38.03 -11.62 -52.01
CA ALA I 309 38.41 -12.50 -50.91
C ALA I 309 39.78 -12.15 -50.36
N LEU I 310 40.70 -11.70 -51.22
CA LEU I 310 42.00 -11.22 -50.75
C LEU I 310 41.85 -9.99 -49.86
N ALA I 311 40.98 -9.06 -50.26
CA ALA I 311 40.71 -7.89 -49.44
C ALA I 311 40.04 -8.28 -48.13
N ALA I 312 39.17 -9.30 -48.16
CA ALA I 312 38.56 -9.81 -46.94
C ALA I 312 39.60 -10.41 -46.01
N VAL I 313 40.58 -11.12 -46.58
CA VAL I 313 41.68 -11.68 -45.78
C VAL I 313 42.49 -10.57 -45.14
N GLU I 314 42.80 -9.53 -45.91
CA GLU I 314 43.55 -8.39 -45.36
C GLU I 314 42.77 -7.68 -44.25
N SER I 315 41.45 -7.51 -44.45
CA SER I 315 40.63 -6.88 -43.43
C SER I 315 40.55 -7.74 -42.17
N ALA I 316 40.45 -9.06 -42.34
CA ALA I 316 40.43 -9.96 -41.20
C ALA I 316 41.74 -9.91 -40.41
N ARG I 317 42.86 -9.85 -41.12
CA ARG I 317 44.16 -9.71 -40.46
C ARG I 317 44.23 -8.37 -39.71
N ILE I 318 43.75 -7.30 -40.35
CA ILE I 318 43.76 -5.99 -39.70
C ILE I 318 42.90 -5.98 -38.44
N GLU I 319 41.73 -6.62 -38.49
CA GLU I 319 40.88 -6.70 -37.31
C GLU I 319 41.50 -7.58 -36.23
N ALA I 320 42.18 -8.66 -36.63
CA ALA I 320 42.76 -9.56 -35.65
C ALA I 320 43.97 -8.93 -34.95
N THR I 321 44.73 -8.10 -35.66
CA THR I 321 45.89 -7.45 -35.05
C THR I 321 45.56 -6.12 -34.40
N ARG I 322 44.33 -5.63 -34.54
CA ARG I 322 43.96 -4.36 -33.94
C ARG I 322 43.80 -4.51 -32.43
N LYS I 323 43.72 -3.37 -31.75
CA LYS I 323 43.61 -3.32 -30.29
C LYS I 323 42.27 -2.67 -29.98
N LEU I 324 41.20 -3.47 -30.00
CA LEU I 324 39.86 -2.91 -29.90
C LEU I 324 39.49 -2.53 -28.48
N LYS I 325 39.93 -3.30 -27.49
CA LYS I 325 39.56 -3.06 -26.10
C LYS I 325 40.69 -2.31 -25.39
N SER I 326 40.31 -1.31 -24.61
CA SER I 326 41.25 -0.54 -23.81
C SER I 326 40.74 -0.43 -22.39
N LEU I 327 41.66 -0.46 -21.43
CA LEU I 327 41.33 -0.39 -20.01
C LEU I 327 41.99 0.86 -19.44
N VAL I 328 41.19 1.89 -19.19
CA VAL I 328 41.70 3.12 -18.60
C VAL I 328 41.64 3.00 -17.08
N VAL I 329 42.64 3.56 -16.41
CA VAL I 329 42.73 3.50 -14.97
C VAL I 329 42.43 4.88 -14.41
N VAL I 330 41.32 5.00 -13.69
CA VAL I 330 41.02 6.25 -13.00
C VAL I 330 41.98 6.44 -11.83
N GLU I 331 42.20 5.39 -11.05
CA GLU I 331 43.07 5.46 -9.88
C GLU I 331 44.03 4.27 -9.96
N PRO I 332 45.30 4.49 -10.29
CA PRO I 332 46.26 3.36 -10.38
C PRO I 332 46.49 2.74 -9.01
N PRO I 333 46.92 1.48 -8.96
CA PRO I 333 47.15 0.83 -7.67
C PRO I 333 48.20 1.54 -6.84
N VAL I 334 47.92 1.67 -5.54
CA VAL I 334 48.71 2.51 -4.65
C VAL I 334 49.55 1.62 -3.74
N LEU I 335 50.49 2.25 -3.04
CA LEU I 335 51.37 1.55 -2.12
C LEU I 335 50.90 1.79 -0.70
N PRO I 336 50.36 0.79 -0.01
CA PRO I 336 49.92 1.01 1.38
C PRO I 336 51.11 1.22 2.31
N GLU I 337 50.83 1.92 3.41
CA GLU I 337 51.84 2.19 4.43
C GLU I 337 51.48 1.62 5.79
N ILE I 338 50.21 1.69 6.18
CA ILE I 338 49.75 1.18 7.47
C ILE I 338 48.64 0.17 7.21
N ALA I 339 48.58 -0.85 8.07
CA ALA I 339 47.58 -1.89 7.92
C ALA I 339 46.21 -1.37 8.32
N GLU I 340 45.28 -1.32 7.37
CA GLU I 340 43.91 -0.93 7.70
C GLU I 340 43.19 -2.07 8.41
N TYR I 341 43.39 -3.30 7.96
CA TYR I 341 42.89 -4.50 8.57
C TYR I 341 43.90 -5.07 9.55
N PRO I 342 43.47 -5.85 10.56
CA PRO I 342 42.12 -6.33 10.87
C PRO I 342 41.31 -5.47 11.82
N ARG I 343 41.71 -4.22 12.08
CA ARG I 343 41.05 -3.24 12.96
C ARG I 343 40.57 -3.87 14.27
N ARG I 344 41.54 -4.29 15.10
CA ARG I 344 41.26 -5.17 16.22
C ARG I 344 40.33 -4.54 17.25
N TRP I 345 40.52 -3.25 17.54
CA TRP I 345 39.69 -2.59 18.54
C TRP I 345 38.24 -2.53 18.11
N TYR I 346 37.99 -2.22 16.83
CA TYR I 346 36.63 -2.21 16.30
C TYR I 346 36.01 -3.60 16.36
N ASN I 347 36.80 -4.63 16.07
CA ASN I 347 36.28 -6.00 16.11
C ASN I 347 35.92 -6.40 17.53
N LEU I 348 36.74 -6.04 18.52
CA LEU I 348 36.41 -6.34 19.90
C LEU I 348 35.16 -5.59 20.36
N ALA I 349 35.06 -4.31 19.98
CA ALA I 349 33.91 -3.52 20.37
C ALA I 349 32.62 -4.05 19.74
N THR I 350 32.69 -4.46 18.47
CA THR I 350 31.51 -5.01 17.81
C THR I 350 31.22 -6.43 18.24
N LEU I 351 32.19 -7.13 18.84
CA LEU I 351 31.91 -8.43 19.43
C LEU I 351 31.20 -8.29 20.77
N LEU I 352 31.55 -7.24 21.53
CA LEU I 352 30.98 -7.07 22.87
C LEU I 352 29.47 -6.96 22.84
N VAL I 353 28.93 -6.20 21.89
CA VAL I 353 27.49 -6.03 21.78
C VAL I 353 26.82 -7.36 21.45
N VAL I 354 27.43 -8.15 20.57
CA VAL I 354 26.85 -9.43 20.18
C VAL I 354 26.82 -10.41 21.36
N CYS I 355 27.93 -10.51 22.11
CA CYS I 355 27.88 -11.41 23.28
C CYS I 355 26.94 -10.90 24.36
N CYS I 356 26.83 -9.58 24.54
CA CYS I 356 25.85 -9.05 25.48
C CYS I 356 24.43 -9.40 25.07
N LEU I 357 24.13 -9.31 23.78
CA LEU I 357 22.78 -9.62 23.30
C LEU I 357 22.48 -11.12 23.42
N ILE I 358 23.47 -11.97 23.14
CA ILE I 358 23.27 -13.41 23.30
C ILE I 358 23.02 -13.75 24.77
N TYR I 359 23.78 -13.13 25.68
CA TYR I 359 23.55 -13.32 27.10
C TYR I 359 22.15 -12.86 27.50
N GLY I 360 21.71 -11.71 26.98
CA GLY I 360 20.38 -11.23 27.33
C GLY I 360 19.28 -12.16 26.83
N VAL I 361 19.42 -12.65 25.60
CA VAL I 361 18.42 -13.55 25.04
C VAL I 361 18.33 -14.84 25.86
N VAL I 362 19.48 -15.46 26.14
CA VAL I 362 19.44 -16.73 26.85
C VAL I 362 19.06 -16.53 28.32
N SER I 363 19.37 -15.36 28.90
CA SER I 363 19.02 -15.10 30.29
C SER I 363 17.51 -14.89 30.44
N LEU I 364 16.89 -14.13 29.54
CA LEU I 364 15.44 -14.01 29.59
C LEU I 364 14.76 -15.32 29.23
N VAL I 365 15.37 -16.15 28.37
CA VAL I 365 14.79 -17.45 28.06
C VAL I 365 14.77 -18.34 29.30
N VAL I 366 15.90 -18.43 30.01
CA VAL I 366 15.94 -19.28 31.19
C VAL I 366 15.17 -18.66 32.36
N ALA I 367 14.97 -17.35 32.36
CA ALA I 367 14.11 -16.75 33.38
C ALA I 367 12.64 -17.07 33.11
N THR I 368 12.20 -16.96 31.86
CA THR I 368 10.83 -17.30 31.51
C THR I 368 10.56 -18.79 31.67
N ILE I 369 11.59 -19.62 31.50
CA ILE I 369 11.43 -21.05 31.77
C ILE I 369 11.16 -21.28 33.26
N ARG I 370 11.89 -20.58 34.13
CA ARG I 370 11.67 -20.68 35.56
C ARG I 370 10.33 -20.07 35.98
N MET J 6 23.27 -1.13 42.10
CA MET J 6 22.62 -1.24 43.41
C MET J 6 23.01 -0.06 44.29
N LYS J 7 24.02 -0.26 45.13
CA LYS J 7 24.53 0.82 45.98
C LYS J 7 25.15 1.92 45.14
N LEU J 8 25.87 1.55 44.08
CA LEU J 8 26.46 2.54 43.19
C LEU J 8 25.40 3.34 42.44
N VAL J 9 24.22 2.75 42.21
CA VAL J 9 23.12 3.48 41.59
C VAL J 9 22.64 4.60 42.51
N SER J 10 22.50 4.31 43.80
CA SER J 10 22.08 5.33 44.77
C SER J 10 23.21 6.28 45.13
N ARG J 11 24.44 6.02 44.71
CA ARG J 11 25.57 6.86 45.05
C ARG J 11 25.69 8.06 44.11
N LEU J 12 24.60 8.81 43.95
CA LEU J 12 24.58 10.01 43.15
C LEU J 12 23.37 10.84 43.55
N THR J 13 23.18 11.95 42.83
CA THR J 13 22.05 12.84 43.07
C THR J 13 21.77 13.61 41.79
N ALA J 14 20.67 14.36 41.79
CA ALA J 14 20.27 15.12 40.61
C ALA J 14 21.31 16.18 40.27
N LYS J 15 21.85 16.87 41.28
CA LYS J 15 22.90 17.87 41.03
C LYS J 15 24.15 17.21 40.48
N ARG J 16 24.51 16.03 41.00
CA ARG J 16 25.69 15.33 40.50
C ARG J 16 25.50 14.90 39.04
N LEU J 17 24.30 14.41 38.70
CA LEU J 17 24.02 14.04 37.32
C LEU J 17 24.04 15.26 36.40
N GLN J 18 23.50 16.38 36.88
CA GLN J 18 23.52 17.61 36.10
C GLN J 18 24.94 18.08 35.84
N TRP J 19 25.80 18.00 36.86
CA TRP J 19 27.19 18.37 36.67
C TRP J 19 27.92 17.38 35.77
N ALA J 20 27.51 16.11 35.78
CA ALA J 20 28.17 15.12 34.96
C ALA J 20 27.79 15.24 33.49
N LEU J 21 26.55 15.63 33.18
CA LEU J 21 26.06 15.55 31.82
C LEU J 21 25.61 16.86 31.18
N VAL J 22 25.64 17.98 31.90
CA VAL J 22 25.17 19.22 31.29
C VAL J 22 26.26 20.29 31.27
N TYR J 23 26.69 20.76 32.44
CA TYR J 23 27.56 21.93 32.46
C TYR J 23 29.01 21.61 32.08
N LEU J 24 29.50 20.41 32.41
CA LEU J 24 30.87 20.06 32.04
C LEU J 24 31.08 20.00 30.52
N PRO J 25 30.21 19.38 29.70
CA PRO J 25 30.38 19.52 28.25
C PRO J 25 30.29 20.96 27.77
N MET J 26 29.47 21.77 28.44
CA MET J 26 29.38 23.21 28.08
C MET J 26 30.76 23.84 28.32
N LEU J 27 31.35 23.60 29.50
CA LEU J 27 32.64 24.20 29.81
C LEU J 27 33.69 23.80 28.78
N VAL J 28 33.77 22.52 28.44
CA VAL J 28 34.80 22.10 27.50
C VAL J 28 34.51 22.65 26.10
N ALA J 29 33.23 22.71 25.71
CA ALA J 29 32.89 23.24 24.40
C ALA J 29 33.10 24.74 24.30
N THR J 30 32.82 25.48 25.38
CA THR J 30 33.01 26.93 25.36
C THR J 30 34.49 27.29 25.36
N VAL J 31 35.30 26.59 26.16
CA VAL J 31 36.74 26.85 26.11
C VAL J 31 37.40 26.26 24.87
N TYR J 32 36.70 25.42 24.11
CA TYR J 32 37.26 25.02 22.82
C TYR J 32 36.87 26.01 21.71
N PHE J 33 35.57 26.19 21.49
CA PHE J 33 35.11 26.90 20.30
C PHE J 33 35.49 28.38 20.33
N LEU J 34 35.39 29.03 21.49
CA LEU J 34 35.68 30.45 21.57
C LEU J 34 37.15 30.74 21.86
N VAL J 35 37.93 29.75 22.27
CA VAL J 35 39.33 29.99 22.63
C VAL J 35 40.26 29.14 21.77
N PHE J 36 40.10 27.82 21.84
CA PHE J 36 41.06 26.89 21.27
C PHE J 36 40.80 26.54 19.81
N SER J 37 39.69 26.98 19.24
CA SER J 37 39.37 26.62 17.87
C SER J 37 40.18 27.43 16.88
N ALA J 38 40.12 27.04 15.61
CA ALA J 38 40.81 27.72 14.54
C ALA J 38 39.87 27.93 13.37
N ASP J 39 40.06 29.05 12.67
CA ASP J 39 39.21 29.39 11.54
C ASP J 39 39.50 28.49 10.34
N ARG J 40 38.49 28.30 9.50
CA ARG J 40 38.61 27.45 8.30
C ARG J 40 37.85 28.12 7.16
N TYR J 41 38.55 28.91 6.35
CA TYR J 41 37.98 29.49 5.15
C TYR J 41 37.66 28.41 4.12
N VAL J 42 36.67 28.68 3.28
CA VAL J 42 36.28 27.76 2.23
C VAL J 42 36.26 28.47 0.89
N SER J 43 36.52 27.71 -0.16
CA SER J 43 36.47 28.21 -1.53
C SER J 43 35.62 27.28 -2.37
N GLU J 44 34.71 27.85 -3.16
CA GLU J 44 33.66 27.09 -3.82
C GLU J 44 33.74 27.29 -5.33
N SER J 45 33.59 26.19 -6.07
CA SER J 45 33.57 26.23 -7.53
C SER J 45 32.53 25.24 -8.04
N VAL J 46 32.07 25.46 -9.27
CA VAL J 46 31.19 24.53 -9.96
C VAL J 46 31.77 24.26 -11.34
N ILE J 47 31.91 22.98 -11.69
CA ILE J 47 32.49 22.56 -12.96
C ILE J 47 31.63 21.47 -13.57
N THR J 48 31.82 21.30 -14.88
CA THR J 48 31.15 20.27 -15.67
C THR J 48 31.89 20.14 -16.99
N VAL J 49 32.26 18.92 -17.37
CA VAL J 49 32.96 18.71 -18.63
C VAL J 49 31.95 18.59 -19.77
N ARG J 50 32.45 18.74 -21.00
CA ARG J 50 31.58 18.70 -22.16
C ARG J 50 32.42 18.37 -23.38
N GLN J 51 31.85 17.57 -24.29
CA GLN J 51 32.50 17.26 -25.56
C GLN J 51 32.67 18.52 -26.39
N THR J 52 33.85 18.66 -26.99
CA THR J 52 34.14 19.80 -27.85
C THR J 52 33.56 19.59 -29.24
N SER J 53 33.29 20.71 -29.92
CA SER J 53 32.76 20.74 -31.28
C SER J 53 31.45 19.96 -31.42
N SER J 75 26.05 12.95 -20.77
CA SER J 75 27.50 12.79 -20.69
C SER J 75 27.98 12.90 -19.24
N ARG J 76 27.30 12.20 -18.34
CA ARG J 76 27.66 12.20 -16.93
C ARG J 76 28.75 11.20 -16.59
N GLU J 77 29.24 10.44 -17.57
CA GLU J 77 30.27 9.44 -17.30
C GLU J 77 31.57 10.10 -16.86
N ASP J 78 32.06 11.06 -17.65
CA ASP J 78 33.29 11.75 -17.29
C ASP J 78 33.14 12.55 -16.01
N THR J 79 31.91 12.94 -15.68
CA THR J 79 31.64 13.52 -14.38
C THR J 79 31.91 12.53 -13.25
N CYS J 80 31.53 11.27 -13.43
CA CYS J 80 31.88 10.23 -12.45
C CYS J 80 33.38 10.02 -12.37
N TYR J 81 34.05 9.99 -13.53
CA TYR J 81 35.51 9.90 -13.53
C TYR J 81 36.12 11.02 -12.73
N LEU J 82 35.59 12.23 -12.89
CA LEU J 82 36.10 13.39 -12.17
C LEU J 82 35.85 13.27 -10.68
N GLN J 83 34.64 12.84 -10.31
CA GLN J 83 34.27 12.75 -8.89
C GLN J 83 35.12 11.72 -8.18
N THR J 84 35.42 10.60 -8.84
CA THR J 84 36.36 9.64 -8.26
C THR J 84 37.78 10.19 -8.24
N TYR J 85 38.16 10.98 -9.25
CA TYR J 85 39.54 11.43 -9.35
C TYR J 85 39.88 12.53 -8.34
N ILE J 86 38.89 13.33 -7.93
CA ILE J 86 39.16 14.38 -6.95
C ILE J 86 39.57 13.78 -5.61
N HIS J 87 38.87 12.75 -5.17
CA HIS J 87 39.18 12.06 -3.94
C HIS J 87 40.16 10.91 -4.15
N SER J 88 40.90 10.91 -5.24
CA SER J 88 41.86 9.86 -5.52
C SER J 88 43.12 10.05 -4.68
N MET J 89 44.07 9.14 -4.85
CA MET J 89 45.33 9.21 -4.12
C MET J 89 46.45 9.84 -4.93
N GLY J 90 46.51 9.53 -6.24
CA GLY J 90 47.55 10.13 -7.07
C GLY J 90 47.43 11.64 -7.18
N LEU J 91 46.19 12.13 -7.23
CA LEU J 91 45.98 13.58 -7.20
C LEU J 91 46.48 14.18 -5.89
N LEU J 92 46.31 13.44 -4.78
CA LEU J 92 46.83 13.91 -3.51
C LEU J 92 48.35 13.97 -3.53
N GLN J 93 49.00 12.98 -4.14
CA GLN J 93 50.45 13.01 -4.25
C GLN J 93 50.93 14.19 -5.10
N LYS J 94 50.23 14.46 -6.21
CA LYS J 94 50.58 15.59 -7.05
C LYS J 94 50.39 16.91 -6.30
N LEU J 95 49.31 17.04 -5.55
CA LEU J 95 49.05 18.27 -4.82
C LEU J 95 50.04 18.46 -3.68
N ASP J 96 50.43 17.37 -3.01
CA ASP J 96 51.44 17.47 -1.96
C ASP J 96 52.80 17.84 -2.54
N GLN J 97 53.13 17.32 -3.72
CA GLN J 97 54.36 17.74 -4.38
C GLN J 97 54.30 19.21 -4.78
N GLN J 98 53.14 19.68 -5.24
CA GLN J 98 53.03 21.03 -5.77
C GLN J 98 52.99 22.08 -4.66
N LEU J 99 52.00 21.99 -3.77
CA LEU J 99 51.72 23.06 -2.81
C LEU J 99 52.07 22.71 -1.38
N LYS J 100 52.53 21.49 -1.10
CA LYS J 100 52.98 21.05 0.22
C LYS J 100 51.86 21.19 1.26
N LEU J 101 50.80 20.41 1.05
CA LEU J 101 49.64 20.45 1.93
C LEU J 101 49.96 19.95 3.33
N ARG J 102 50.94 19.05 3.46
CA ARG J 102 51.19 18.42 4.76
C ARG J 102 51.70 19.42 5.79
N GLU J 103 52.59 20.32 5.38
CA GLU J 103 53.09 21.32 6.32
C GLU J 103 52.08 22.44 6.57
N HIS J 104 51.21 22.71 5.59
CA HIS J 104 50.24 23.78 5.75
C HIS J 104 49.18 23.41 6.79
N PHE J 105 48.69 22.18 6.75
CA PHE J 105 47.60 21.77 7.64
C PHE J 105 48.04 21.55 9.07
N GLY J 106 49.33 21.57 9.35
CA GLY J 106 49.84 21.49 10.70
C GLY J 106 50.18 22.82 11.33
N THR J 107 49.98 23.91 10.58
CA THR J 107 50.33 25.26 11.09
C THR J 107 49.46 25.63 12.31
N PRO J 108 48.14 25.33 12.34
CA PRO J 108 47.28 25.76 13.45
C PRO J 108 47.39 24.83 14.67
N LEU J 109 48.47 24.98 15.46
CA LEU J 109 48.59 24.19 16.71
C LEU J 109 47.44 24.57 17.64
N ARG J 110 47.11 25.86 17.71
CA ARG J 110 45.96 26.32 18.54
C ARG J 110 44.88 25.25 18.55
N ASP J 111 44.53 24.72 17.38
CA ASP J 111 43.51 23.64 17.30
C ASP J 111 44.23 22.30 17.11
N PRO J 112 44.37 21.47 18.16
CA PRO J 112 45.12 20.21 18.06
C PRO J 112 44.31 19.14 17.30
N LEU J 113 42.99 19.34 17.18
CA LEU J 113 42.13 18.33 16.52
C LEU J 113 42.15 18.55 15.01
N PHE J 114 41.46 19.59 14.53
CA PHE J 114 41.38 19.87 13.11
C PHE J 114 42.75 20.12 12.48
N ARG J 115 43.82 20.07 13.26
CA ARG J 115 45.16 20.15 12.70
C ARG J 115 45.62 18.77 12.24
N LEU J 116 46.62 18.76 11.37
CA LEU J 116 47.21 17.53 10.87
C LEU J 116 48.51 17.28 11.63
N TRP J 117 48.50 16.26 12.48
CA TRP J 117 49.67 15.93 13.28
C TRP J 117 50.79 15.40 12.39
N GLY J 118 52.01 15.87 12.65
CA GLY J 118 53.15 15.45 11.84
C GLY J 118 53.50 14.01 12.08
N GLY J 119 54.08 13.38 11.05
CA GLY J 119 54.48 12.00 11.14
C GLY J 119 53.36 10.98 11.03
N THR J 120 52.15 11.41 10.66
CA THR J 120 51.04 10.48 10.54
C THR J 120 51.19 9.61 9.30
N SER J 121 50.43 8.53 9.27
CA SER J 121 50.48 7.59 8.16
C SER J 121 49.82 8.18 6.93
N GLN J 122 50.04 7.52 5.79
CA GLN J 122 49.52 8.01 4.52
C GLN J 122 48.00 7.89 4.46
N GLU J 123 47.45 6.83 5.04
CA GLU J 123 46.00 6.61 5.01
C GLU J 123 45.27 7.68 5.80
N TRP J 124 45.79 8.06 6.96
CA TRP J 124 45.16 9.12 7.74
C TRP J 124 45.28 10.47 7.02
N PHE J 125 46.39 10.70 6.31
CA PHE J 125 46.52 11.90 5.50
C PHE J 125 45.48 11.92 4.39
N LEU J 126 45.24 10.77 3.74
CA LEU J 126 44.24 10.70 2.69
C LEU J 126 42.84 10.93 3.25
N GLU J 127 42.56 10.37 4.43
CA GLU J 127 41.26 10.61 5.06
C GLU J 127 41.08 12.06 5.44
N TYR J 128 42.14 12.70 5.94
CA TYR J 128 42.07 14.13 6.27
C TYR J 128 41.81 14.96 5.02
N TYR J 129 42.50 14.65 3.91
CA TYR J 129 42.29 15.40 2.68
C TYR J 129 40.87 15.20 2.16
N ARG J 130 40.36 13.97 2.24
CA ARG J 130 38.98 13.70 1.83
C ARG J 130 37.98 14.43 2.70
N SER J 131 38.29 14.59 4.00
CA SER J 131 37.42 15.35 4.87
C SER J 131 37.49 16.85 4.59
N ARG J 132 38.61 17.33 4.07
CA ARG J 132 38.73 18.76 3.82
C ARG J 132 38.00 19.18 2.54
N VAL J 133 38.40 18.65 1.39
CA VAL J 133 37.70 18.99 0.16
C VAL J 133 36.46 18.12 0.01
N GLU J 134 35.34 18.78 -0.27
CA GLU J 134 34.06 18.09 -0.39
C GLU J 134 33.50 18.33 -1.77
N VAL J 135 33.09 17.26 -2.44
CA VAL J 135 32.52 17.32 -3.78
C VAL J 135 31.08 16.85 -3.71
N LEU J 136 30.19 17.60 -4.34
CA LEU J 136 28.78 17.26 -4.35
C LEU J 136 28.24 17.31 -5.77
N MET J 137 27.24 16.47 -6.02
CA MET J 137 26.57 16.37 -7.30
C MET J 137 25.08 16.60 -7.15
N ASP J 138 24.50 17.22 -8.16
CA ASP J 138 23.05 17.34 -8.30
C ASP J 138 22.62 16.63 -9.57
N ASP J 139 21.66 15.72 -9.44
CA ASP J 139 21.32 14.82 -10.54
C ASP J 139 20.53 15.53 -11.63
N ILE J 140 19.78 16.58 -11.27
CA ILE J 140 18.91 17.22 -12.24
C ILE J 140 19.72 18.00 -13.28
N CYS J 141 20.79 18.67 -12.83
CA CYS J 141 21.60 19.48 -13.73
C CYS J 141 22.93 18.84 -14.10
N GLY J 142 23.45 17.93 -13.27
CA GLY J 142 24.71 17.29 -13.58
C GLY J 142 25.94 18.11 -13.28
N LEU J 143 25.81 19.18 -12.50
CA LEU J 143 26.97 19.99 -12.15
C LEU J 143 27.71 19.42 -10.95
N LEU J 144 29.02 19.66 -10.92
CA LEU J 144 29.88 19.16 -9.85
C LEU J 144 30.40 20.35 -9.06
N THR J 145 30.01 20.45 -7.79
CA THR J 145 30.46 21.54 -6.96
C THR J 145 31.54 21.08 -5.99
N VAL J 146 32.59 21.89 -5.86
CA VAL J 146 33.75 21.58 -5.05
C VAL J 146 33.93 22.68 -4.01
N ARG J 147 34.01 22.29 -2.74
CA ARG J 147 34.25 23.23 -1.65
C ARG J 147 35.51 22.78 -0.92
N VAL J 148 36.51 23.65 -0.86
CA VAL J 148 37.82 23.33 -0.31
C VAL J 148 38.04 24.15 0.95
N GLN J 149 38.46 23.49 2.02
CA GLN J 149 38.71 24.14 3.30
C GLN J 149 40.20 24.37 3.48
N GLY J 150 40.56 25.58 3.90
CA GLY J 150 41.94 25.89 4.22
C GLY J 150 41.99 26.90 5.34
N PHE J 151 43.15 26.95 6.00
CA PHE J 151 43.35 27.91 7.09
C PHE J 151 43.70 29.31 6.59
N GLU J 152 43.94 29.47 5.30
CA GLU J 152 44.18 30.77 4.68
C GLU J 152 43.30 30.89 3.45
N PRO J 153 42.84 32.10 3.13
CA PRO J 153 41.95 32.23 1.96
C PRO J 153 42.68 32.08 0.64
N GLU J 154 43.86 32.68 0.52
CA GLU J 154 44.65 32.55 -0.71
C GLU J 154 45.07 31.11 -0.92
N PHE J 155 45.40 30.40 0.15
CA PHE J 155 45.75 28.98 0.04
C PHE J 155 44.58 28.16 -0.45
N ALA J 156 43.38 28.45 0.06
CA ALA J 156 42.19 27.71 -0.38
C ALA J 156 41.90 27.97 -1.85
N GLN J 157 42.01 29.23 -2.28
CA GLN J 157 41.80 29.55 -3.69
C GLN J 157 42.83 28.87 -4.58
N ALA J 158 44.10 28.88 -4.15
CA ALA J 158 45.16 28.23 -4.91
C ALA J 158 44.95 26.72 -4.99
N LEU J 159 44.50 26.12 -3.89
CA LEU J 159 44.24 24.68 -3.89
C LEU J 159 43.08 24.34 -4.83
N ASN J 160 42.03 25.15 -4.83
CA ASN J 160 40.91 24.92 -5.73
C ASN J 160 41.35 25.06 -7.20
N ARG J 161 42.15 26.08 -7.50
CA ARG J 161 42.63 26.26 -8.86
C ARG J 161 43.54 25.12 -9.30
N ALA J 162 44.41 24.66 -8.39
CA ALA J 162 45.27 23.52 -8.70
C ALA J 162 44.47 22.26 -8.95
N ILE J 163 43.43 22.04 -8.16
CA ILE J 163 42.55 20.90 -8.36
C ILE J 163 41.88 20.97 -9.73
N LEU J 164 41.40 22.17 -10.11
CA LEU J 164 40.73 22.32 -11.40
C LEU J 164 41.69 22.09 -12.57
N GLU J 165 42.91 22.62 -12.50
CA GLU J 165 43.82 22.47 -13.63
C GLU J 165 44.34 21.04 -13.72
N GLU J 166 44.60 20.39 -12.59
CA GLU J 166 44.97 18.97 -12.62
C GLU J 166 43.81 18.12 -13.12
N SER J 167 42.58 18.53 -12.84
CA SER J 167 41.40 17.83 -13.34
C SER J 167 41.34 17.88 -14.86
N GLU J 168 41.48 19.09 -15.42
CA GLU J 168 41.46 19.25 -16.87
C GLU J 168 42.61 18.48 -17.52
N ARG J 169 43.79 18.54 -16.90
CA ARG J 169 44.94 17.79 -17.42
C ARG J 169 44.67 16.29 -17.40
N PHE J 170 44.01 15.79 -16.35
CA PHE J 170 43.71 14.36 -16.27
C PHE J 170 42.76 13.93 -17.37
N VAL J 171 41.70 14.71 -17.62
CA VAL J 171 40.75 14.34 -18.68
C VAL J 171 41.42 14.36 -20.04
N ASN J 172 42.19 15.43 -20.32
CA ASN J 172 42.89 15.52 -21.59
C ASN J 172 43.91 14.40 -21.75
N GLU J 173 44.58 14.03 -20.66
CA GLU J 173 45.56 12.96 -20.71
C GLU J 173 44.91 11.60 -20.93
N LEU J 174 43.69 11.39 -20.40
CA LEU J 174 42.97 10.16 -20.68
C LEU J 174 42.64 10.05 -22.17
N SER J 175 42.12 11.15 -22.75
CA SER J 175 41.80 11.14 -24.17
C SER J 175 43.06 10.93 -25.02
N HIS J 176 44.15 11.61 -24.65
CA HIS J 176 45.40 11.48 -25.38
C HIS J 176 45.99 10.08 -25.21
N ARG J 177 45.79 9.44 -24.07
CA ARG J 177 46.28 8.08 -23.87
C ARG J 177 45.54 7.10 -24.76
N MET J 178 44.21 7.25 -24.86
CA MET J 178 43.46 6.39 -25.78
C MET J 178 43.90 6.59 -27.22
N ALA J 179 44.05 7.85 -27.63
CA ALA J 179 44.48 8.11 -29.01
C ALA J 179 45.92 7.67 -29.25
N ARG J 180 46.78 7.75 -28.24
CA ARG J 180 48.17 7.31 -28.39
C ARG J 180 48.26 5.80 -28.48
N GLU J 181 47.39 5.08 -27.75
CA GLU J 181 47.32 3.63 -27.93
C GLU J 181 46.86 3.29 -29.34
N GLN J 182 45.87 4.02 -29.85
CA GLN J 182 45.41 3.79 -31.22
C GLN J 182 46.54 4.04 -32.23
N GLY J 183 47.33 5.10 -32.01
CA GLY J 183 48.47 5.35 -32.87
C GLY J 183 49.55 4.30 -32.74
N GLN J 184 49.76 3.79 -31.52
CA GLN J 184 50.77 2.76 -31.27
C GLN J 184 50.38 1.46 -31.94
N PHE J 185 49.08 1.23 -32.15
CA PHE J 185 48.65 0.09 -32.95
C PHE J 185 49.21 0.18 -34.36
N ALA J 186 49.18 1.35 -34.97
CA ALA J 186 49.71 1.54 -36.32
C ALA J 186 51.14 2.04 -36.28
N ALA J 311 48.98 6.91 -43.85
CA ALA J 311 47.54 7.05 -44.07
C ALA J 311 46.82 7.41 -42.76
N ALA J 312 46.53 6.38 -41.96
CA ALA J 312 45.84 6.59 -40.69
C ALA J 312 46.78 7.10 -39.60
N VAL J 313 48.09 7.11 -39.84
CA VAL J 313 49.04 7.58 -38.84
C VAL J 313 48.85 9.07 -38.57
N GLU J 314 48.62 9.85 -39.63
CA GLU J 314 48.38 11.28 -39.44
C GLU J 314 47.08 11.53 -38.67
N SER J 315 46.03 10.74 -38.95
CA SER J 315 44.79 10.88 -38.21
C SER J 315 44.97 10.51 -36.74
N ALA J 316 45.76 9.47 -36.47
CA ALA J 316 46.05 9.09 -35.09
C ALA J 316 46.84 10.18 -34.37
N ARG J 317 47.81 10.79 -35.06
CA ARG J 317 48.57 11.88 -34.46
C ARG J 317 47.68 13.09 -34.18
N ILE J 318 46.76 13.39 -35.10
CA ILE J 318 45.81 14.49 -34.88
C ILE J 318 44.93 14.20 -33.68
N GLU J 319 44.44 12.97 -33.57
CA GLU J 319 43.61 12.58 -32.43
C GLU J 319 44.40 12.66 -31.12
N ALA J 320 45.69 12.30 -31.16
CA ALA J 320 46.52 12.41 -29.97
C ALA J 320 46.72 13.86 -29.56
N THR J 321 46.91 14.75 -30.53
CA THR J 321 47.13 16.15 -30.21
C THR J 321 45.84 16.87 -29.82
N ARG J 322 44.70 16.45 -30.37
CA ARG J 322 43.46 17.19 -30.18
C ARG J 322 42.87 16.92 -28.79
N LYS J 323 42.58 17.99 -28.06
CA LYS J 323 41.91 17.91 -26.77
C LYS J 323 40.41 17.73 -27.04
N LEU J 324 39.99 16.48 -27.16
CA LEU J 324 38.59 16.19 -27.49
C LEU J 324 37.66 16.58 -26.35
N LYS J 325 38.04 16.30 -25.11
CA LYS J 325 37.25 16.63 -23.94
C LYS J 325 37.86 17.83 -23.24
N SER J 326 37.04 18.84 -22.97
CA SER J 326 37.49 20.05 -22.30
C SER J 326 36.56 20.37 -21.14
N LEU J 327 37.14 20.96 -20.10
CA LEU J 327 36.41 21.34 -18.90
C LEU J 327 36.08 22.82 -18.96
N VAL J 328 34.83 23.16 -18.69
CA VAL J 328 34.36 24.54 -18.68
C VAL J 328 33.95 24.90 -17.26
N VAL J 329 34.41 26.05 -16.79
CA VAL J 329 34.22 26.48 -15.41
C VAL J 329 33.05 27.45 -15.35
N VAL J 330 31.97 27.05 -14.68
CA VAL J 330 30.82 27.93 -14.55
C VAL J 330 31.13 29.08 -13.60
N GLU J 331 31.73 28.78 -12.45
CA GLU J 331 32.14 29.79 -11.48
C GLU J 331 33.59 29.55 -11.11
N PRO J 332 34.48 30.52 -11.30
CA PRO J 332 35.89 30.34 -10.94
C PRO J 332 36.05 30.22 -9.43
N PRO J 333 37.15 29.62 -8.97
CA PRO J 333 37.37 29.48 -7.52
C PRO J 333 37.42 30.82 -6.83
N VAL J 334 36.57 30.99 -5.82
CA VAL J 334 36.38 32.28 -5.19
C VAL J 334 37.40 32.49 -4.09
N LEU J 335 37.56 33.74 -3.68
CA LEU J 335 38.46 34.09 -2.60
C LEU J 335 37.65 34.47 -1.37
N PRO J 336 37.66 33.66 -0.32
CA PRO J 336 36.86 33.97 0.87
C PRO J 336 37.42 35.16 1.64
N GLU J 337 36.56 35.76 2.44
CA GLU J 337 36.91 36.88 3.30
C GLU J 337 36.90 36.53 4.77
N ILE J 338 35.89 35.81 5.24
CA ILE J 338 35.81 35.37 6.63
C ILE J 338 35.64 33.86 6.64
N ALA J 339 35.90 33.26 7.80
CA ALA J 339 35.63 31.85 8.01
C ALA J 339 34.14 31.64 8.19
N GLU J 340 33.65 30.51 7.69
CA GLU J 340 32.24 30.19 7.78
C GLU J 340 31.94 28.80 8.31
N TYR J 341 32.88 27.86 8.27
CA TYR J 341 32.54 26.51 8.69
C TYR J 341 32.56 26.30 10.21
N PRO J 342 33.59 26.76 10.97
CA PRO J 342 33.52 26.53 12.43
C PRO J 342 32.47 27.39 13.10
N ARG J 343 31.20 27.05 12.91
CA ARG J 343 30.11 27.79 13.53
C ARG J 343 30.08 27.49 15.02
N ARG J 344 30.46 28.47 15.84
CA ARG J 344 30.58 28.23 17.27
C ARG J 344 29.22 28.21 17.96
N TRP J 345 28.43 29.28 17.76
CA TRP J 345 27.18 29.43 18.50
C TRP J 345 26.15 28.38 18.10
N TYR J 346 26.07 28.05 16.81
CA TYR J 346 25.12 27.04 16.37
C TYR J 346 25.48 25.67 16.94
N ASN J 347 26.78 25.35 16.97
CA ASN J 347 27.23 24.10 17.57
C ASN J 347 26.92 24.07 19.05
N LEU J 348 27.12 25.19 19.75
CA LEU J 348 26.78 25.25 21.16
C LEU J 348 25.29 25.04 21.39
N ALA J 349 24.45 25.59 20.51
CA ALA J 349 23.01 25.46 20.65
C ALA J 349 22.55 24.02 20.44
N THR J 350 23.03 23.38 19.37
CA THR J 350 22.60 21.99 19.15
C THR J 350 23.18 21.08 20.23
N LEU J 351 24.36 21.42 20.76
CA LEU J 351 24.87 20.70 21.91
C LEU J 351 23.95 20.88 23.11
N LEU J 352 23.42 22.08 23.31
CA LEU J 352 22.51 22.33 24.44
C LEU J 352 21.27 21.48 24.34
N VAL J 353 20.69 21.40 23.14
CA VAL J 353 19.53 20.55 22.93
C VAL J 353 19.88 19.09 23.20
N VAL J 354 21.05 18.65 22.73
CA VAL J 354 21.43 17.24 22.85
C VAL J 354 21.64 16.86 24.31
N CYS J 355 22.41 17.67 25.06
CA CYS J 355 22.64 17.33 26.47
C CYS J 355 21.37 17.47 27.31
N CYS J 356 20.49 18.43 27.00
CA CYS J 356 19.23 18.48 27.72
C CYS J 356 18.42 17.21 27.51
N LEU J 357 18.38 16.71 26.27
CA LEU J 357 17.62 15.50 25.98
C LEU J 357 18.21 14.28 26.70
N ILE J 358 19.53 14.10 26.60
CA ILE J 358 20.10 12.89 27.19
C ILE J 358 20.05 12.97 28.71
N TYR J 359 20.20 14.17 29.28
CA TYR J 359 20.05 14.32 30.72
C TYR J 359 18.65 13.96 31.18
N GLY J 360 17.62 14.40 30.46
CA GLY J 360 16.26 14.04 30.84
C GLY J 360 16.01 12.55 30.76
N VAL J 361 16.48 11.92 29.67
CA VAL J 361 16.26 10.48 29.50
C VAL J 361 17.00 9.69 30.57
N VAL J 362 18.26 10.05 30.85
CA VAL J 362 19.04 9.30 31.82
C VAL J 362 18.52 9.55 33.23
N SER J 363 17.98 10.74 33.51
CA SER J 363 17.38 10.99 34.82
C SER J 363 16.14 10.13 35.01
N LEU J 364 15.31 10.02 33.98
CA LEU J 364 14.12 9.18 34.08
C LEU J 364 14.49 7.71 34.29
N VAL J 365 15.47 7.22 33.52
CA VAL J 365 15.81 5.80 33.63
C VAL J 365 16.51 5.51 34.95
N VAL J 366 17.35 6.43 35.46
CA VAL J 366 18.00 6.19 36.73
C VAL J 366 17.00 6.28 37.87
N ALA J 367 15.98 7.14 37.76
CA ALA J 367 14.95 7.19 38.78
C ALA J 367 14.12 5.91 38.79
N THR J 368 13.79 5.39 37.61
CA THR J 368 13.00 4.17 37.59
C THR J 368 13.82 2.95 38.03
N ILE J 369 15.13 2.95 37.79
CA ILE J 369 15.90 1.80 38.28
C ILE J 369 16.16 1.93 39.78
N ARG J 370 16.22 3.16 40.30
CA ARG J 370 16.28 3.34 41.76
C ARG J 370 14.99 2.87 42.42
N ASP J 371 13.84 3.18 41.81
CA ASP J 371 12.57 2.74 42.37
C ASP J 371 12.43 1.22 42.28
N HIS J 372 12.84 0.63 41.17
CA HIS J 372 12.69 -0.82 41.02
C HIS J 372 13.66 -1.58 41.91
N GLN J 373 14.85 -1.03 42.17
CA GLN J 373 15.82 -1.71 43.02
C GLN J 373 15.44 -1.70 44.49
N ASP J 374 14.43 -0.93 44.88
CA ASP J 374 13.98 -0.93 46.26
C ASP J 374 12.73 -1.80 46.37
N VAL K 9 2.14 30.30 39.99
CA VAL K 9 0.86 30.70 39.42
C VAL K 9 0.46 32.09 39.89
N SER K 10 1.19 32.60 40.88
CA SER K 10 0.91 33.93 41.40
C SER K 10 1.19 35.00 40.34
N ARG K 11 2.27 34.85 39.59
CA ARG K 11 2.60 35.80 38.53
C ARG K 11 1.78 35.57 37.26
N LEU K 12 1.05 34.46 37.16
CA LEU K 12 0.35 34.10 35.93
C LEU K 12 -1.11 34.55 36.02
N THR K 13 -1.29 35.87 35.90
CA THR K 13 -2.62 36.45 35.81
C THR K 13 -3.03 36.61 34.35
N ALA K 14 -4.35 36.71 34.13
CA ALA K 14 -4.87 36.81 32.77
C ALA K 14 -4.41 38.08 32.08
N LYS K 15 -4.41 39.20 32.81
CA LYS K 15 -3.97 40.46 32.24
C LYS K 15 -2.49 40.43 31.88
N ARG K 16 -1.66 39.82 32.73
CA ARG K 16 -0.24 39.71 32.44
C ARG K 16 0.00 38.81 31.24
N LEU K 17 -0.73 37.71 31.12
CA LEU K 17 -0.60 36.84 29.95
C LEU K 17 -1.02 37.56 28.68
N GLN K 18 -2.11 38.33 28.74
CA GLN K 18 -2.54 39.08 27.58
C GLN K 18 -1.52 40.15 27.18
N TRP K 19 -0.90 40.79 28.17
CA TRP K 19 0.10 41.81 27.87
C TRP K 19 1.37 41.19 27.31
N ALA K 20 1.75 40.01 27.79
CA ALA K 20 3.01 39.40 27.40
C ALA K 20 2.90 38.52 26.16
N LEU K 21 1.69 38.20 25.70
CA LEU K 21 1.53 37.32 24.55
C LEU K 21 0.82 37.95 23.37
N VAL K 22 -0.14 38.83 23.59
CA VAL K 22 -0.97 39.38 22.53
C VAL K 22 -0.68 40.86 22.28
N TYR K 23 -0.57 41.64 23.36
CA TYR K 23 -0.46 43.08 23.20
C TYR K 23 0.94 43.51 22.76
N LEU K 24 1.96 43.09 23.51
CA LEU K 24 3.33 43.49 23.20
C LEU K 24 3.82 43.03 21.83
N PRO K 25 3.64 41.76 21.39
CA PRO K 25 4.12 41.40 20.04
C PRO K 25 3.46 42.19 18.93
N MET K 26 2.13 42.43 19.00
CA MET K 26 1.51 43.26 17.98
C MET K 26 1.92 44.72 18.08
N LEU K 27 2.18 45.22 19.28
CA LEU K 27 2.69 46.59 19.38
C LEU K 27 4.04 46.72 18.70
N VAL K 28 4.94 45.76 18.94
CA VAL K 28 6.25 45.79 18.33
C VAL K 28 6.14 45.64 16.81
N ALA K 29 5.30 44.71 16.35
CA ALA K 29 5.15 44.47 14.92
C ALA K 29 4.53 45.68 14.21
N THR K 30 3.52 46.30 14.82
CA THR K 30 2.91 47.49 14.23
C THR K 30 3.90 48.64 14.19
N VAL K 31 4.69 48.81 15.25
CA VAL K 31 5.68 49.88 15.30
C VAL K 31 6.72 49.68 14.21
N TYR K 32 7.18 48.44 14.00
CA TYR K 32 8.18 48.19 12.98
C TYR K 32 7.60 48.34 11.57
N PHE K 33 6.43 47.75 11.33
CA PHE K 33 5.91 47.68 9.97
C PHE K 33 5.35 49.02 9.49
N LEU K 34 4.63 49.74 10.35
CA LEU K 34 3.98 50.96 9.91
C LEU K 34 4.88 52.19 9.98
N VAL K 35 6.03 52.10 10.66
CA VAL K 35 6.93 53.24 10.78
C VAL K 35 8.30 52.89 10.23
N PHE K 36 8.90 51.82 10.76
CA PHE K 36 10.31 51.53 10.54
C PHE K 36 10.58 50.71 9.28
N SER K 37 9.55 50.21 8.61
CA SER K 37 9.77 49.34 7.47
C SER K 37 10.21 50.16 6.25
N ALA K 38 10.69 49.45 5.24
CA ALA K 38 11.14 50.06 4.00
C ALA K 38 10.45 49.38 2.82
N ASP K 39 10.01 50.17 1.86
CA ASP K 39 9.37 49.63 0.68
C ASP K 39 10.39 48.90 -0.20
N ARG K 40 9.99 47.75 -0.73
CA ARG K 40 10.86 46.90 -1.54
C ARG K 40 10.16 46.61 -2.86
N TYR K 41 10.47 47.41 -3.87
CA TYR K 41 9.92 47.22 -5.20
C TYR K 41 10.54 45.98 -5.85
N VAL K 42 9.81 45.39 -6.80
CA VAL K 42 10.24 44.16 -7.46
C VAL K 42 10.01 44.29 -8.96
N SER K 43 11.02 43.90 -9.74
CA SER K 43 10.93 43.83 -11.19
C SER K 43 11.06 42.39 -11.62
N GLU K 44 10.14 41.93 -12.48
CA GLU K 44 10.04 40.53 -12.84
C GLU K 44 10.24 40.36 -14.33
N SER K 45 11.04 39.36 -14.71
CA SER K 45 11.28 39.02 -16.11
C SER K 45 11.19 37.51 -16.26
N VAL K 46 10.86 37.07 -17.48
CA VAL K 46 10.72 35.65 -17.77
C VAL K 46 11.49 35.35 -19.04
N ILE K 47 12.49 34.47 -18.95
CA ILE K 47 13.41 34.18 -20.04
C ILE K 47 13.55 32.68 -20.22
N THR K 48 14.06 32.30 -21.39
CA THR K 48 14.39 30.91 -21.71
C THR K 48 15.34 30.91 -22.91
N VAL K 49 16.45 30.19 -22.78
CA VAL K 49 17.45 30.11 -23.83
C VAL K 49 17.01 29.10 -24.88
N ARG K 50 17.20 29.43 -26.15
CA ARG K 50 16.87 28.54 -27.26
C ARG K 50 18.10 28.36 -28.14
N GLN K 51 18.09 27.25 -28.89
CA GLN K 51 19.27 26.83 -29.64
C GLN K 51 19.67 27.84 -30.71
N THR K 52 18.69 28.37 -31.44
CA THR K 52 18.90 29.34 -32.53
C THR K 52 19.85 28.79 -33.59
N SER K 53 19.66 27.51 -33.94
CA SER K 53 20.43 26.81 -34.97
C SER K 53 21.94 26.85 -34.71
N SER K 75 19.48 23.48 -24.47
CA SER K 75 18.10 23.53 -24.01
C SER K 75 18.01 23.56 -22.49
N ARG K 76 17.74 22.40 -21.88
CA ARG K 76 17.65 22.33 -20.43
C ARG K 76 19.01 22.56 -19.77
N GLU K 77 20.09 22.14 -20.42
CA GLU K 77 21.42 22.32 -19.83
C GLU K 77 21.80 23.78 -19.74
N ASP K 78 21.41 24.60 -20.72
CA ASP K 78 21.79 26.01 -20.70
C ASP K 78 21.05 26.76 -19.60
N THR K 79 19.75 26.53 -19.46
CA THR K 79 19.02 27.17 -18.36
C THR K 79 19.39 26.56 -17.01
N CYS K 80 19.94 25.35 -16.99
CA CYS K 80 20.47 24.82 -15.73
C CYS K 80 21.74 25.57 -15.33
N TYR K 81 22.61 25.84 -16.32
CA TYR K 81 23.77 26.71 -16.09
C TYR K 81 23.34 28.09 -15.65
N LEU K 82 22.24 28.60 -16.23
CA LEU K 82 21.61 29.83 -15.77
C LEU K 82 21.24 29.76 -14.28
N GLN K 83 20.53 28.71 -13.89
CA GLN K 83 20.04 28.61 -12.52
C GLN K 83 21.20 28.51 -11.52
N THR K 84 22.32 27.91 -11.94
CA THR K 84 23.48 27.88 -11.06
C THR K 84 24.39 29.10 -11.20
N TYR K 85 24.19 29.93 -12.22
CA TYR K 85 25.06 31.07 -12.48
C TYR K 85 24.50 32.40 -11.99
N ILE K 86 23.17 32.50 -11.86
CA ILE K 86 22.57 33.76 -11.40
C ILE K 86 23.04 34.08 -9.98
N HIS K 87 23.14 33.07 -9.13
CA HIS K 87 23.53 33.25 -7.74
C HIS K 87 25.04 33.08 -7.51
N SER K 88 25.86 33.43 -8.49
CA SER K 88 27.29 33.17 -8.42
C SER K 88 28.07 34.37 -7.88
N MET K 89 29.34 34.12 -7.54
CA MET K 89 30.23 35.19 -7.10
C MET K 89 30.68 36.07 -8.25
N GLY K 90 30.96 35.48 -9.41
CA GLY K 90 31.48 36.27 -10.51
C GLY K 90 30.47 37.28 -11.02
N LEU K 91 29.23 36.83 -11.22
CA LEU K 91 28.17 37.73 -11.65
C LEU K 91 27.90 38.81 -10.61
N LEU K 92 27.94 38.44 -9.33
CA LEU K 92 27.74 39.41 -8.26
C LEU K 92 28.84 40.46 -8.24
N GLN K 93 30.09 40.04 -8.45
CA GLN K 93 31.20 40.99 -8.47
C GLN K 93 31.09 41.95 -9.65
N LYS K 94 30.76 41.43 -10.84
CA LYS K 94 30.57 42.31 -11.98
C LYS K 94 29.41 43.28 -11.77
N LEU K 95 28.30 42.78 -11.20
CA LEU K 95 27.15 43.64 -10.95
C LEU K 95 27.46 44.71 -9.91
N ASP K 96 28.22 44.36 -8.86
CA ASP K 96 28.56 45.33 -7.83
C ASP K 96 29.52 46.38 -8.37
N GLN K 97 30.46 45.97 -9.23
CA GLN K 97 31.36 46.95 -9.84
C GLN K 97 30.60 47.86 -10.81
N GLN K 98 29.62 47.32 -11.53
CA GLN K 98 28.98 48.07 -12.60
C GLN K 98 27.85 48.97 -12.10
N LEU K 99 27.08 48.51 -11.09
CA LEU K 99 25.86 49.19 -10.70
C LEU K 99 25.85 49.66 -9.25
N LYS K 100 26.95 49.48 -8.50
CA LYS K 100 27.09 49.95 -7.12
C LYS K 100 25.99 49.38 -6.22
N LEU K 101 26.02 48.05 -6.06
CA LEU K 101 24.99 47.37 -5.26
C LEU K 101 25.07 47.75 -3.79
N ARG K 102 26.28 47.80 -3.23
CA ARG K 102 26.43 48.06 -1.80
C ARG K 102 25.99 49.47 -1.44
N GLU K 103 26.23 50.44 -2.33
CA GLU K 103 25.78 51.80 -2.07
C GLU K 103 24.26 51.90 -2.09
N HIS K 104 23.61 51.18 -2.99
CA HIS K 104 22.15 51.25 -3.08
C HIS K 104 21.51 50.54 -1.89
N PHE K 105 21.98 49.33 -1.57
CA PHE K 105 21.29 48.51 -0.59
C PHE K 105 21.48 48.99 0.85
N GLY K 106 22.37 49.94 1.09
CA GLY K 106 22.56 50.53 2.40
C GLY K 106 21.89 51.87 2.60
N THR K 107 21.08 52.33 1.64
CA THR K 107 20.44 53.63 1.75
C THR K 107 19.43 53.75 2.90
N PRO K 108 18.43 52.84 3.08
CA PRO K 108 17.39 53.14 4.08
C PRO K 108 17.85 52.86 5.50
N LEU K 109 18.14 53.90 6.27
CA LEU K 109 18.61 53.72 7.63
C LEU K 109 17.47 53.31 8.56
N ARG K 110 16.23 53.66 8.23
CA ARG K 110 15.11 53.42 9.13
C ARG K 110 14.79 51.93 9.29
N ASP K 111 15.20 51.09 8.34
CA ASP K 111 14.90 49.66 8.40
C ASP K 111 16.15 48.91 8.83
N PRO K 112 16.24 48.43 10.06
CA PRO K 112 17.43 47.69 10.50
C PRO K 112 17.44 46.23 10.12
N LEU K 113 16.36 45.72 9.54
CA LEU K 113 16.25 44.30 9.22
C LEU K 113 16.68 44.00 7.79
N PHE K 114 16.03 44.63 6.82
CA PHE K 114 16.24 44.31 5.42
C PHE K 114 17.30 45.17 4.74
N ARG K 115 17.92 46.09 5.45
CA ARG K 115 19.01 46.87 4.87
C ARG K 115 20.33 46.13 5.02
N LEU K 116 21.25 46.43 4.12
CA LEU K 116 22.58 45.84 4.15
C LEU K 116 23.47 46.73 5.01
N TRP K 117 23.90 46.21 6.16
CA TRP K 117 24.71 47.00 7.07
C TRP K 117 26.09 47.26 6.50
N GLY K 118 26.64 48.43 6.80
CA GLY K 118 27.95 48.78 6.33
C GLY K 118 29.04 47.94 6.99
N GLY K 119 30.10 47.70 6.23
CA GLY K 119 31.21 46.90 6.73
C GLY K 119 30.95 45.42 6.79
N THR K 120 29.86 44.93 6.21
CA THR K 120 29.58 43.51 6.21
C THR K 120 30.53 42.77 5.28
N SER K 121 30.66 41.47 5.53
CA SER K 121 31.60 40.64 4.80
C SER K 121 31.06 40.34 3.40
N GLN K 122 31.92 39.73 2.59
CA GLN K 122 31.54 39.33 1.24
C GLN K 122 30.50 38.21 1.27
N GLU K 123 30.61 37.29 2.23
CA GLU K 123 29.67 36.18 2.31
C GLU K 123 28.27 36.66 2.70
N TRP K 124 28.18 37.60 3.64
CA TRP K 124 26.88 38.17 3.99
C TRP K 124 26.30 38.95 2.82
N PHE K 125 27.16 39.62 2.06
CA PHE K 125 26.71 40.30 0.84
C PHE K 125 26.14 39.31 -0.16
N LEU K 126 26.80 38.16 -0.33
CA LEU K 126 26.29 37.13 -1.22
C LEU K 126 24.95 36.59 -0.75
N GLU K 127 24.82 36.34 0.55
CA GLU K 127 23.56 35.82 1.08
C GLU K 127 22.43 36.82 0.92
N TYR K 128 22.73 38.11 1.16
CA TYR K 128 21.73 39.15 0.99
C TYR K 128 21.31 39.27 -0.48
N TYR K 129 22.27 39.19 -1.39
CA TYR K 129 21.96 39.24 -2.81
C TYR K 129 21.12 38.05 -3.24
N ARG K 130 21.44 36.86 -2.72
CA ARG K 130 20.66 35.68 -3.04
C ARG K 130 19.26 35.76 -2.47
N SER K 131 19.10 36.43 -1.33
CA SER K 131 17.77 36.64 -0.78
C SER K 131 16.97 37.63 -1.62
N ARG K 132 17.62 38.68 -2.11
CA ARG K 132 16.90 39.72 -2.84
C ARG K 132 16.47 39.25 -4.22
N VAL K 133 17.36 38.60 -4.95
CA VAL K 133 17.06 38.12 -6.29
C VAL K 133 16.53 36.68 -6.16
N GLU K 134 15.31 36.45 -6.64
CA GLU K 134 14.69 35.15 -6.55
C GLU K 134 14.51 34.59 -7.97
N VAL K 135 14.96 33.37 -8.17
CA VAL K 135 14.87 32.70 -9.47
C VAL K 135 14.00 31.46 -9.32
N LEU K 136 13.00 31.36 -10.17
CA LEU K 136 12.06 30.24 -10.16
C LEU K 136 12.23 29.43 -11.43
N MET K 137 12.33 28.11 -11.26
CA MET K 137 12.41 27.16 -12.35
C MET K 137 11.24 26.19 -12.27
N ASP K 138 10.66 25.91 -13.43
CA ASP K 138 9.54 24.98 -13.56
C ASP K 138 9.92 23.83 -14.50
N ASP K 139 9.25 22.69 -14.29
CA ASP K 139 9.64 21.47 -14.96
C ASP K 139 9.08 21.39 -16.38
N ILE K 140 7.75 21.38 -16.51
CA ILE K 140 7.14 21.14 -17.81
C ILE K 140 7.34 22.33 -18.74
N CYS K 141 7.24 23.55 -18.20
CA CYS K 141 7.33 24.74 -19.04
C CYS K 141 8.77 25.01 -19.48
N GLY K 142 9.73 24.85 -18.58
CA GLY K 142 11.09 25.24 -18.87
C GLY K 142 11.28 26.73 -19.00
N LEU K 143 10.62 27.50 -18.14
CA LEU K 143 10.70 28.96 -18.16
C LEU K 143 11.39 29.43 -16.88
N LEU K 144 12.34 30.34 -17.03
CA LEU K 144 13.09 30.88 -15.90
C LEU K 144 12.51 32.24 -15.52
N THR K 145 12.08 32.38 -14.27
CA THR K 145 11.48 33.61 -13.77
C THR K 145 12.45 34.29 -12.82
N VAL K 146 12.83 35.52 -13.12
CA VAL K 146 13.76 36.28 -12.29
C VAL K 146 13.00 37.45 -11.69
N ARG K 147 12.96 37.51 -10.37
CA ARG K 147 12.32 38.60 -9.64
C ARG K 147 13.39 39.30 -8.81
N VAL K 148 13.66 40.56 -9.13
CA VAL K 148 14.74 41.33 -8.52
C VAL K 148 14.13 42.38 -7.62
N GLN K 149 14.58 42.43 -6.37
CA GLN K 149 14.10 43.40 -5.40
C GLN K 149 15.05 44.58 -5.31
N GLY K 150 14.48 45.74 -5.01
CA GLY K 150 15.26 46.95 -4.85
C GLY K 150 14.43 48.08 -4.28
N PHE K 151 15.07 49.02 -3.60
CA PHE K 151 14.33 50.11 -2.96
C PHE K 151 13.90 51.20 -3.94
N GLU K 152 14.39 51.16 -5.18
CA GLU K 152 13.98 52.06 -6.24
C GLU K 152 13.52 51.25 -7.44
N PRO K 153 12.49 51.71 -8.17
CA PRO K 153 11.99 50.90 -9.28
C PRO K 153 12.90 50.91 -10.49
N GLU K 154 13.45 52.07 -10.83
CA GLU K 154 14.39 52.15 -11.95
C GLU K 154 15.64 51.34 -11.66
N PHE K 155 16.08 51.32 -10.40
CA PHE K 155 17.24 50.50 -10.04
C PHE K 155 16.94 49.01 -10.21
N ALA K 156 15.74 48.58 -9.83
CA ALA K 156 15.37 47.17 -10.00
C ALA K 156 15.31 46.81 -11.47
N GLN K 157 14.74 47.68 -12.30
CA GLN K 157 14.69 47.43 -13.74
C GLN K 157 16.09 47.38 -14.33
N ALA K 158 16.96 48.30 -13.91
CA ALA K 158 18.33 48.32 -14.41
C ALA K 158 19.11 47.08 -13.99
N LEU K 159 18.90 46.63 -12.74
CA LEU K 159 19.56 45.42 -12.27
C LEU K 159 19.09 44.19 -13.05
N ASN K 160 17.79 44.11 -13.33
CA ASN K 160 17.28 42.99 -14.11
C ASN K 160 17.84 43.02 -15.54
N ARG K 161 17.91 44.20 -16.15
CA ARG K 161 18.47 44.32 -17.49
C ARG K 161 19.95 43.94 -17.50
N ALA K 162 20.69 44.38 -16.48
CA ALA K 162 22.10 44.02 -16.38
C ALA K 162 22.28 42.53 -16.21
N ILE K 163 21.41 41.89 -15.42
CA ILE K 163 21.47 40.45 -15.24
C ILE K 163 21.24 39.74 -16.57
N LEU K 164 20.24 40.19 -17.33
CA LEU K 164 19.94 39.54 -18.61
C LEU K 164 21.08 39.70 -19.61
N GLU K 165 21.62 40.93 -19.73
CA GLU K 165 22.67 41.16 -20.72
C GLU K 165 23.97 40.47 -20.32
N GLU K 166 24.30 40.44 -19.02
CA GLU K 166 25.50 39.74 -18.58
C GLU K 166 25.34 38.24 -18.73
N SER K 167 24.13 37.71 -18.56
CA SER K 167 23.93 36.28 -18.76
C SER K 167 24.08 35.89 -20.23
N GLU K 168 23.52 36.70 -21.14
CA GLU K 168 23.71 36.44 -22.56
C GLU K 168 25.19 36.52 -22.93
N ARG K 169 25.89 37.52 -22.39
CA ARG K 169 27.33 37.64 -22.63
C ARG K 169 28.09 36.44 -22.09
N PHE K 170 27.71 35.95 -20.91
CA PHE K 170 28.38 34.80 -20.31
C PHE K 170 28.19 33.53 -21.14
N VAL K 171 26.96 33.27 -21.57
CA VAL K 171 26.69 32.07 -22.36
C VAL K 171 27.42 32.14 -23.70
N ASN K 172 27.38 33.32 -24.35
CA ASN K 172 28.10 33.48 -25.60
C ASN K 172 29.60 33.35 -25.40
N GLU K 173 30.12 33.86 -24.28
CA GLU K 173 31.56 33.76 -24.00
C GLU K 173 31.96 32.31 -23.78
N LEU K 174 31.13 31.53 -23.11
CA LEU K 174 31.40 30.11 -22.93
C LEU K 174 31.47 29.39 -24.26
N SER K 175 30.44 29.57 -25.09
CA SER K 175 30.38 28.88 -26.37
C SER K 175 31.49 29.33 -27.31
N HIS K 176 31.88 30.60 -27.23
CA HIS K 176 32.98 31.10 -28.04
C HIS K 176 34.31 30.60 -27.52
N ARG K 177 34.47 30.50 -26.20
CA ARG K 177 35.76 30.11 -25.63
C ARG K 177 36.08 28.66 -25.93
N MET K 178 35.07 27.79 -25.92
CA MET K 178 35.32 26.38 -26.25
C MET K 178 35.88 26.24 -27.67
N ALA K 179 35.19 26.81 -28.65
CA ALA K 179 35.65 26.75 -30.04
C ALA K 179 36.93 27.55 -30.24
N ARG K 180 37.13 28.61 -29.45
CA ARG K 180 38.34 29.41 -29.58
C ARG K 180 39.57 28.62 -29.15
N GLU K 181 39.48 27.88 -28.05
CA GLU K 181 40.58 27.00 -27.65
C GLU K 181 40.79 25.88 -28.66
N GLN K 182 39.69 25.25 -29.10
CA GLN K 182 39.81 24.14 -30.04
C GLN K 182 40.34 24.60 -31.40
N GLY K 183 40.18 25.87 -31.74
CA GLY K 183 40.70 26.40 -32.99
C GLY K 183 42.10 26.97 -32.85
N GLN K 184 42.42 27.50 -31.67
CA GLN K 184 43.78 27.96 -31.40
C GLN K 184 44.74 26.79 -31.42
N PHE K 185 44.32 25.64 -30.88
CA PHE K 185 45.15 24.44 -30.97
C PHE K 185 45.43 24.08 -32.42
N ALA K 186 44.39 24.11 -33.26
CA ALA K 186 44.58 23.76 -34.67
C ALA K 186 45.48 24.77 -35.38
N GLU K 187 45.27 26.06 -35.14
CA GLU K 187 46.06 27.09 -35.81
C GLU K 187 47.52 27.04 -35.37
N ALA K 188 47.79 26.61 -34.14
CA ALA K 188 49.16 26.41 -33.72
C ALA K 188 49.71 25.04 -34.08
N GLU K 189 48.85 24.11 -34.53
CA GLU K 189 49.26 22.73 -34.76
C GLU K 189 49.63 22.46 -36.21
N LEU K 190 48.67 22.66 -37.13
CA LEU K 190 48.87 22.23 -38.51
C LEU K 190 49.73 23.18 -39.33
N GLU K 191 50.05 24.36 -38.81
CA GLU K 191 50.85 25.32 -39.56
C GLU K 191 52.35 25.04 -39.46
N ARG K 192 52.75 24.02 -38.71
CA ARG K 192 54.16 23.65 -38.62
C ARG K 192 54.55 22.72 -39.76
N ASP K 304 49.34 18.31 -49.68
CA ASP K 304 47.96 17.92 -49.95
C ASP K 304 47.10 18.04 -48.69
N ALA K 305 47.71 17.75 -47.55
CA ALA K 305 47.00 17.85 -46.27
C ALA K 305 46.77 19.29 -45.85
N TYR K 306 47.44 20.25 -46.47
CA TYR K 306 47.26 21.65 -46.10
C TYR K 306 45.88 22.16 -46.50
N LYS K 307 45.28 21.59 -47.55
CA LYS K 307 43.93 21.99 -47.95
C LYS K 307 42.91 21.63 -46.87
N LEU K 308 42.92 20.38 -46.41
CA LEU K 308 42.01 19.99 -45.33
C LEU K 308 42.39 20.66 -44.01
N ALA K 309 43.67 20.99 -43.83
CA ALA K 309 44.09 21.72 -42.65
C ALA K 309 43.47 23.12 -42.62
N LEU K 310 43.56 23.85 -43.73
CA LEU K 310 42.95 25.18 -43.78
C LEU K 310 41.43 25.11 -43.77
N ALA K 311 40.85 24.02 -44.31
CA ALA K 311 39.41 23.84 -44.20
C ALA K 311 38.97 23.66 -42.75
N ALA K 312 39.72 22.87 -41.99
CA ALA K 312 39.45 22.69 -40.57
C ALA K 312 39.62 24.00 -39.81
N VAL K 313 40.65 24.76 -40.17
CA VAL K 313 40.91 26.07 -39.50
C VAL K 313 39.73 27.01 -39.79
N GLU K 314 39.25 27.05 -41.04
CA GLU K 314 38.08 27.89 -41.38
C GLU K 314 36.89 27.46 -40.54
N SER K 315 36.60 26.15 -40.51
CA SER K 315 35.48 25.63 -39.67
C SER K 315 35.68 26.12 -38.23
N ALA K 316 36.92 26.13 -37.76
CA ALA K 316 37.21 26.55 -36.40
C ALA K 316 36.88 28.03 -36.19
N ARG K 317 37.35 28.90 -37.11
CA ARG K 317 37.05 30.32 -36.93
C ARG K 317 35.57 30.61 -37.14
N ILE K 318 34.94 29.93 -38.10
CA ILE K 318 33.52 30.20 -38.36
C ILE K 318 32.63 29.64 -37.26
N GLU K 319 33.13 28.70 -36.46
CA GLU K 319 32.39 28.27 -35.29
C GLU K 319 32.68 29.12 -34.06
N ALA K 320 33.91 29.66 -33.96
CA ALA K 320 34.26 30.52 -32.84
C ALA K 320 33.79 31.95 -33.00
N THR K 321 33.40 32.37 -34.21
CA THR K 321 32.95 33.73 -34.46
C THR K 321 31.44 33.86 -34.55
N ARG K 322 30.75 32.82 -35.05
CA ARG K 322 29.30 32.87 -35.17
C ARG K 322 28.66 32.82 -33.79
N LYS K 323 27.59 33.59 -33.62
CA LYS K 323 26.82 33.53 -32.38
C LYS K 323 26.03 32.24 -32.35
N LEU K 324 26.63 31.20 -31.75
CA LEU K 324 26.02 29.88 -31.78
C LEU K 324 24.76 29.79 -30.94
N LYS K 325 24.63 30.65 -29.93
CA LYS K 325 23.57 30.54 -28.95
C LYS K 325 22.97 31.92 -28.72
N SER K 326 21.68 31.96 -28.43
CA SER K 326 21.02 33.22 -28.11
C SER K 326 19.89 32.98 -27.13
N LEU K 327 19.52 34.03 -26.41
CA LEU K 327 18.51 33.96 -25.36
C LEU K 327 17.33 34.83 -25.76
N VAL K 328 16.13 34.24 -25.76
CA VAL K 328 14.91 34.97 -26.03
C VAL K 328 14.28 35.39 -24.71
N VAL K 329 13.52 36.48 -24.75
CA VAL K 329 12.91 37.05 -23.55
C VAL K 329 11.40 37.01 -23.74
N VAL K 330 10.74 36.08 -23.04
CA VAL K 330 9.29 35.98 -23.13
C VAL K 330 8.64 37.20 -22.49
N GLU K 331 9.08 37.57 -21.29
CA GLU K 331 8.58 38.75 -20.60
C GLU K 331 9.75 39.64 -20.26
N PRO K 332 9.87 40.82 -20.87
CA PRO K 332 10.97 41.75 -20.54
C PRO K 332 10.83 42.29 -19.14
N PRO K 333 11.93 42.71 -18.52
CA PRO K 333 11.85 43.32 -17.19
C PRO K 333 11.03 44.61 -17.24
N VAL K 334 10.27 44.85 -16.18
CA VAL K 334 9.28 45.92 -16.17
C VAL K 334 9.55 46.84 -14.99
N LEU K 335 9.04 48.07 -15.10
CA LEU K 335 9.19 49.07 -14.06
C LEU K 335 8.00 48.97 -13.10
N PRO K 336 8.21 48.63 -11.84
CA PRO K 336 7.08 48.54 -10.90
C PRO K 336 6.58 49.92 -10.50
N GLU K 337 5.41 49.93 -9.88
CA GLU K 337 4.77 51.15 -9.42
C GLU K 337 4.85 51.34 -7.92
N ILE K 338 4.36 50.37 -7.14
CA ILE K 338 4.42 50.41 -5.69
C ILE K 338 5.09 49.14 -5.18
N ALA K 339 5.43 49.15 -3.90
CA ALA K 339 5.97 47.96 -3.25
C ALA K 339 4.87 46.92 -3.07
N GLU K 340 5.26 45.65 -3.17
CA GLU K 340 4.32 44.56 -2.98
C GLU K 340 4.81 43.49 -2.00
N TYR K 341 6.08 43.47 -1.65
CA TYR K 341 6.57 42.43 -0.76
C TYR K 341 6.29 42.69 0.72
N PRO K 342 6.48 43.93 1.26
CA PRO K 342 6.06 44.14 2.66
C PRO K 342 4.55 44.19 2.80
N ARG K 343 3.89 43.03 2.69
CA ARG K 343 2.43 42.93 2.81
C ARG K 343 2.07 43.07 4.29
N ARG K 344 2.04 44.32 4.75
CA ARG K 344 1.98 44.61 6.18
C ARG K 344 0.70 44.06 6.82
N TRP K 345 -0.44 44.24 6.18
CA TRP K 345 -1.69 43.76 6.74
C TRP K 345 -1.74 42.24 6.79
N TYR K 346 -1.13 41.58 5.81
CA TYR K 346 -1.07 40.12 5.81
C TYR K 346 -0.32 39.60 7.03
N ASN K 347 0.89 40.12 7.28
CA ASN K 347 1.65 39.67 8.43
C ASN K 347 1.00 40.09 9.74
N LEU K 348 0.36 41.26 9.78
CA LEU K 348 -0.32 41.68 11.00
C LEU K 348 -1.50 40.75 11.32
N ALA K 349 -2.29 40.37 10.32
CA ALA K 349 -3.40 39.45 10.55
C ALA K 349 -2.90 38.07 10.95
N THR K 350 -1.84 37.59 10.28
CA THR K 350 -1.27 36.28 10.61
C THR K 350 -0.73 36.27 12.04
N LEU K 351 -0.05 37.35 12.43
CA LEU K 351 0.48 37.44 13.79
C LEU K 351 -0.64 37.51 14.81
N LEU K 352 -1.72 38.26 14.50
CA LEU K 352 -2.90 38.26 15.38
C LEU K 352 -3.42 36.86 15.61
N VAL K 353 -3.63 36.11 14.52
CA VAL K 353 -4.09 34.70 14.65
C VAL K 353 -3.19 33.99 15.67
N VAL K 354 -1.87 33.98 15.44
CA VAL K 354 -0.93 33.27 16.35
C VAL K 354 -1.08 33.83 17.76
N CYS K 355 -1.16 35.16 17.89
CA CYS K 355 -1.23 35.79 19.25
C CYS K 355 -2.42 35.20 20.01
N CYS K 356 -3.59 35.14 19.38
CA CYS K 356 -4.81 34.63 20.07
C CYS K 356 -4.68 33.12 20.33
N LEU K 357 -4.16 32.37 19.34
CA LEU K 357 -4.06 30.89 19.49
C LEU K 357 -3.09 30.56 20.63
N ILE K 358 -1.84 31.03 20.52
CA ILE K 358 -0.84 30.73 21.54
C ILE K 358 -1.34 31.14 22.92
N TYR K 359 -1.98 32.30 23.02
CA TYR K 359 -2.53 32.74 24.30
C TYR K 359 -3.60 31.80 24.80
N GLY K 360 -4.47 31.33 23.90
CA GLY K 360 -5.49 30.36 24.31
C GLY K 360 -4.89 29.06 24.77
N VAL K 361 -3.87 28.57 24.07
CA VAL K 361 -3.23 27.32 24.47
C VAL K 361 -2.55 27.47 25.83
N VAL K 362 -1.86 28.59 26.06
CA VAL K 362 -1.17 28.80 27.33
C VAL K 362 -2.17 28.97 28.46
N SER K 363 -3.27 29.68 28.21
CA SER K 363 -4.30 29.84 29.23
C SER K 363 -4.94 28.50 29.58
N LEU K 364 -5.22 27.68 28.57
CA LEU K 364 -5.76 26.35 28.82
C LEU K 364 -4.77 25.50 29.62
N VAL K 365 -3.49 25.60 29.29
CA VAL K 365 -2.47 24.81 29.97
C VAL K 365 -2.35 25.22 31.43
N VAL K 366 -2.32 26.52 31.71
CA VAL K 366 -2.18 26.95 33.10
C VAL K 366 -3.46 26.68 33.89
N ALA K 367 -4.63 26.75 33.25
CA ALA K 367 -5.86 26.37 33.92
C ALA K 367 -5.86 24.89 34.27
N THR K 368 -5.38 24.05 33.35
CA THR K 368 -5.24 22.62 33.62
C THR K 368 -4.25 22.38 34.76
N ILE K 369 -3.15 23.13 34.77
CA ILE K 369 -2.13 22.95 35.80
C ILE K 369 -2.68 23.31 37.17
N ARG K 370 -3.35 24.47 37.26
CA ARG K 370 -3.87 24.93 38.57
C ARG K 370 -5.26 24.33 38.81
N ASP K 371 -5.69 23.42 37.93
CA ASP K 371 -7.03 22.79 38.06
C ASP K 371 -7.07 21.92 39.32
N HIS K 372 -5.96 21.28 39.68
CA HIS K 372 -5.95 20.34 40.83
C HIS K 372 -5.18 20.93 42.02
N GLN K 373 -5.72 20.74 43.24
CA GLN K 373 -5.02 21.20 44.44
C GLN K 373 -5.61 20.45 45.63
N ASP K 374 -5.14 20.78 46.83
CA ASP K 374 -5.66 20.18 48.05
C ASP K 374 -5.71 21.20 49.19
N THR L 13 -26.84 35.41 26.07
CA THR L 13 -26.23 35.55 24.74
C THR L 13 -26.27 34.23 23.98
N ALA L 14 -27.42 33.92 23.39
CA ALA L 14 -27.57 32.71 22.60
C ALA L 14 -28.34 32.91 21.31
N LYS L 15 -28.81 34.13 21.02
CA LYS L 15 -29.59 34.38 19.82
C LYS L 15 -28.96 35.54 19.05
N ARG L 16 -28.35 36.48 19.78
CA ARG L 16 -27.78 37.66 19.16
C ARG L 16 -26.60 37.33 18.26
N LEU L 17 -25.86 36.26 18.57
CA LEU L 17 -24.74 35.86 17.73
C LEU L 17 -25.21 35.42 16.35
N GLN L 18 -26.32 34.68 16.28
CA GLN L 18 -26.85 34.24 15.00
C GLN L 18 -27.31 35.43 14.16
N TRP L 19 -27.88 36.44 14.81
CA TRP L 19 -28.43 37.60 14.07
C TRP L 19 -27.38 38.23 13.15
N ALA L 20 -26.28 38.76 13.72
CA ALA L 20 -25.29 39.48 12.88
C ALA L 20 -24.28 38.52 12.24
N LEU L 21 -24.04 37.35 12.84
CA LEU L 21 -22.99 36.44 12.31
C LEU L 21 -23.36 35.97 10.90
N VAL L 22 -24.61 35.54 10.69
CA VAL L 22 -24.99 34.96 9.37
C VAL L 22 -26.15 35.75 8.77
N TYR L 23 -27.28 35.83 9.48
CA TYR L 23 -28.48 36.52 8.92
C TYR L 23 -28.08 37.80 8.18
N LEU L 24 -27.33 38.69 8.84
CA LEU L 24 -27.02 39.97 8.20
C LEU L 24 -26.03 39.88 7.04
N PRO L 25 -24.91 39.13 7.12
CA PRO L 25 -24.09 38.96 5.91
C PRO L 25 -24.84 38.31 4.75
N MET L 26 -25.71 37.34 5.03
CA MET L 26 -26.54 36.76 3.97
C MET L 26 -27.44 37.81 3.35
N LEU L 27 -28.10 38.62 4.17
CA LEU L 27 -29.04 39.61 3.66
C LEU L 27 -28.32 40.65 2.79
N VAL L 28 -27.17 41.14 3.26
CA VAL L 28 -26.43 42.11 2.45
C VAL L 28 -25.91 41.46 1.17
N ALA L 29 -25.55 40.17 1.24
CA ALA L 29 -25.10 39.47 0.04
C ALA L 29 -26.21 39.36 -1.00
N THR L 30 -27.44 39.02 -0.57
CA THR L 30 -28.53 38.94 -1.54
C THR L 30 -28.90 40.30 -2.12
N VAL L 31 -28.94 41.36 -1.29
CA VAL L 31 -29.34 42.64 -1.88
C VAL L 31 -28.27 43.14 -2.85
N TYR L 32 -26.98 42.90 -2.52
CA TYR L 32 -25.92 43.27 -3.45
C TYR L 32 -26.00 42.44 -4.74
N PHE L 33 -26.23 41.12 -4.62
CA PHE L 33 -26.15 40.26 -5.78
C PHE L 33 -27.34 40.45 -6.71
N LEU L 34 -28.53 40.69 -6.15
CA LEU L 34 -29.72 40.81 -6.98
C LEU L 34 -29.91 42.21 -7.56
N VAL L 35 -29.31 43.23 -6.97
CA VAL L 35 -29.50 44.62 -7.37
C VAL L 35 -28.18 45.27 -7.79
N PHE L 36 -27.19 45.24 -6.91
CA PHE L 36 -25.98 46.04 -7.10
C PHE L 36 -25.05 45.47 -8.16
N SER L 37 -25.20 44.20 -8.52
CA SER L 37 -24.29 43.60 -9.49
C SER L 37 -24.58 44.09 -10.91
N ALA L 38 -23.59 43.92 -11.78
CA ALA L 38 -23.72 44.26 -13.19
C ALA L 38 -23.31 43.07 -14.05
N ASP L 39 -23.79 43.08 -15.29
CA ASP L 39 -23.54 41.98 -16.21
C ASP L 39 -22.07 41.91 -16.62
N ARG L 40 -21.60 40.69 -16.84
CA ARG L 40 -20.24 40.44 -17.29
C ARG L 40 -20.28 39.38 -18.40
N TYR L 41 -20.26 39.83 -19.64
CA TYR L 41 -20.30 38.93 -20.79
C TYR L 41 -18.91 38.35 -21.06
N VAL L 42 -18.88 37.07 -21.42
CA VAL L 42 -17.65 36.33 -21.60
C VAL L 42 -17.53 35.89 -23.05
N SER L 43 -16.41 36.21 -23.68
CA SER L 43 -16.09 35.74 -25.02
C SER L 43 -15.09 34.60 -24.92
N GLU L 44 -15.35 33.52 -25.65
CA GLU L 44 -14.56 32.29 -25.57
C GLU L 44 -13.90 32.02 -26.91
N SER L 45 -12.61 31.65 -26.86
CA SER L 45 -11.86 31.28 -28.05
C SER L 45 -11.04 30.04 -27.76
N VAL L 46 -10.79 29.25 -28.80
CA VAL L 46 -9.99 28.03 -28.69
C VAL L 46 -8.95 28.05 -29.80
N ILE L 47 -7.66 28.00 -29.41
CA ILE L 47 -6.55 28.17 -30.33
C ILE L 47 -5.50 27.09 -30.11
N THR L 48 -4.60 26.97 -31.09
CA THR L 48 -3.40 26.13 -30.99
C THR L 48 -2.44 26.57 -32.08
N VAL L 49 -1.22 26.92 -31.71
CA VAL L 49 -0.22 27.40 -32.67
C VAL L 49 0.34 26.21 -33.43
N ARG L 50 0.61 26.42 -34.73
CA ARG L 50 1.11 25.36 -35.60
C ARG L 50 2.28 25.88 -36.43
N GLN L 51 3.25 25.00 -36.68
CA GLN L 51 4.39 25.33 -37.51
C GLN L 51 4.03 25.17 -38.99
N THR L 52 4.34 26.18 -39.79
CA THR L 52 3.99 26.14 -41.21
C THR L 52 4.81 25.09 -41.96
N SER L 53 6.12 25.05 -41.72
CA SER L 53 6.98 24.09 -42.41
C SER L 53 7.06 22.78 -41.65
N SER L 75 5.95 21.19 -30.04
CA SER L 75 4.89 22.16 -30.31
C SER L 75 4.28 22.69 -29.01
N ARG L 76 4.43 21.91 -27.94
CA ARG L 76 3.88 22.32 -26.65
C ARG L 76 4.62 23.53 -26.08
N GLU L 77 5.88 23.73 -26.47
CA GLU L 77 6.64 24.86 -25.95
C GLU L 77 6.11 26.19 -26.48
N ASP L 78 5.60 26.21 -27.71
CA ASP L 78 5.12 27.48 -28.26
C ASP L 78 3.81 27.90 -27.62
N THR L 79 2.88 26.97 -27.44
CA THR L 79 1.65 27.30 -26.72
C THR L 79 1.93 27.55 -25.24
N CYS L 80 2.99 26.96 -24.69
CA CYS L 80 3.39 27.30 -23.32
C CYS L 80 3.88 28.75 -23.23
N TYR L 81 4.70 29.18 -24.20
CA TYR L 81 5.10 30.58 -24.29
C TYR L 81 3.87 31.48 -24.40
N LEU L 82 2.90 31.09 -25.22
CA LEU L 82 1.67 31.88 -25.34
C LEU L 82 0.93 31.94 -24.01
N GLN L 83 0.83 30.80 -23.30
CA GLN L 83 0.11 30.74 -22.03
C GLN L 83 0.75 31.66 -20.99
N THR L 84 2.07 31.72 -20.98
CA THR L 84 2.74 32.69 -20.12
C THR L 84 2.50 34.12 -20.62
N TYR L 85 2.44 34.31 -21.93
CA TYR L 85 2.39 35.65 -22.50
C TYR L 85 1.03 36.32 -22.32
N ILE L 86 -0.06 35.55 -22.21
CA ILE L 86 -1.37 36.17 -22.01
C ILE L 86 -1.42 36.91 -20.68
N HIS L 87 -0.88 36.31 -19.62
CA HIS L 87 -0.88 36.91 -18.31
C HIS L 87 0.32 37.82 -18.07
N SER L 88 1.01 38.23 -19.13
CA SER L 88 2.19 39.07 -19.01
C SER L 88 1.77 40.53 -18.78
N MET L 89 2.74 41.43 -18.77
CA MET L 89 2.48 42.85 -18.54
C MET L 89 2.63 43.69 -19.80
N GLY L 90 3.63 43.40 -20.63
CA GLY L 90 3.80 44.16 -21.86
C GLY L 90 2.62 44.01 -22.80
N LEU L 91 2.04 42.82 -22.86
CA LEU L 91 0.79 42.63 -23.60
C LEU L 91 -0.32 43.48 -23.01
N LEU L 92 -0.38 43.58 -21.68
CA LEU L 92 -1.39 44.41 -21.03
C LEU L 92 -1.17 45.89 -21.37
N GLN L 93 0.08 46.33 -21.43
CA GLN L 93 0.37 47.71 -21.79
C GLN L 93 -0.03 47.99 -23.24
N LYS L 94 0.26 47.05 -24.16
CA LYS L 94 -0.15 47.23 -25.54
C LYS L 94 -1.67 47.28 -25.68
N LEU L 95 -2.36 46.42 -24.94
CA LEU L 95 -3.83 46.43 -24.98
C LEU L 95 -4.38 47.71 -24.38
N ASP L 96 -3.76 48.23 -23.32
CA ASP L 96 -4.21 49.48 -22.73
C ASP L 96 -4.00 50.65 -23.68
N GLN L 97 -2.90 50.63 -24.44
CA GLN L 97 -2.67 51.66 -25.44
C GLN L 97 -3.67 51.55 -26.59
N GLN L 98 -4.00 50.32 -26.99
CA GLN L 98 -4.84 50.13 -28.18
C GLN L 98 -6.33 50.27 -27.87
N LEU L 99 -6.87 49.39 -27.03
CA LEU L 99 -8.30 49.34 -26.77
C LEU L 99 -8.75 50.19 -25.59
N LYS L 100 -7.81 50.76 -24.82
CA LYS L 100 -8.10 51.65 -23.69
C LYS L 100 -8.97 50.94 -22.64
N LEU L 101 -8.37 49.91 -22.03
CA LEU L 101 -9.07 49.12 -21.02
C LEU L 101 -9.29 49.88 -19.72
N ARG L 102 -8.58 50.99 -19.49
CA ARG L 102 -8.64 51.66 -18.20
C ARG L 102 -10.02 52.27 -17.96
N GLU L 103 -10.56 52.97 -18.95
CA GLU L 103 -11.82 53.68 -18.75
C GLU L 103 -13.02 52.74 -18.75
N HIS L 104 -12.95 51.61 -19.45
CA HIS L 104 -14.10 50.73 -19.53
C HIS L 104 -14.36 50.00 -18.22
N PHE L 105 -13.30 49.50 -17.57
CA PHE L 105 -13.49 48.72 -16.36
C PHE L 105 -13.93 49.58 -15.18
N GLY L 106 -13.90 50.90 -15.30
CA GLY L 106 -14.43 51.79 -14.30
C GLY L 106 -15.81 52.33 -14.58
N THR L 107 -16.38 52.04 -15.75
CA THR L 107 -17.73 52.51 -16.06
C THR L 107 -18.84 51.97 -15.16
N PRO L 108 -18.90 50.66 -14.77
CA PRO L 108 -20.04 50.21 -13.95
C PRO L 108 -19.98 50.72 -12.53
N LEU L 109 -20.48 51.93 -12.30
CA LEU L 109 -20.42 52.58 -10.99
C LEU L 109 -21.26 51.86 -9.94
N ARG L 110 -22.16 50.96 -10.34
CA ARG L 110 -23.00 50.26 -9.38
C ARG L 110 -22.18 49.30 -8.52
N ASP L 111 -21.24 48.59 -9.12
CA ASP L 111 -20.36 47.68 -8.37
C ASP L 111 -19.18 48.44 -7.80
N PRO L 112 -18.98 48.45 -6.49
CA PRO L 112 -17.76 49.05 -5.94
C PRO L 112 -16.59 48.08 -5.93
N LEU L 113 -16.87 46.78 -5.89
CA LEU L 113 -15.81 45.78 -5.79
C LEU L 113 -15.55 45.03 -7.09
N PHE L 114 -16.49 45.05 -8.03
CA PHE L 114 -16.32 44.36 -9.30
C PHE L 114 -15.89 45.30 -10.43
N ARG L 115 -15.61 46.56 -10.12
CA ARG L 115 -15.12 47.52 -11.08
C ARG L 115 -13.70 47.95 -10.72
N LEU L 116 -12.98 48.46 -11.71
CA LEU L 116 -11.65 48.98 -11.49
C LEU L 116 -11.76 50.40 -10.93
N TRP L 117 -11.19 50.62 -9.75
CA TRP L 117 -11.23 51.93 -9.13
C TRP L 117 -10.42 52.93 -9.93
N GLY L 118 -10.90 54.17 -9.97
CA GLY L 118 -10.21 55.21 -10.72
C GLY L 118 -8.89 55.57 -10.07
N GLY L 119 -7.83 55.63 -10.88
CA GLY L 119 -6.52 56.00 -10.38
C GLY L 119 -5.92 55.00 -9.42
N THR L 120 -6.03 53.72 -9.75
CA THR L 120 -5.50 52.66 -8.90
C THR L 120 -4.02 52.42 -9.24
N SER L 121 -3.46 51.35 -8.69
CA SER L 121 -2.07 51.00 -8.93
C SER L 121 -1.92 50.17 -10.20
N GLN L 122 -0.69 50.12 -10.70
CA GLN L 122 -0.41 49.29 -11.87
C GLN L 122 -0.43 47.81 -11.52
N GLU L 123 0.05 47.46 -10.32
CA GLU L 123 0.03 46.06 -9.89
C GLU L 123 -1.39 45.56 -9.68
N TRP L 124 -2.24 46.40 -9.08
CA TRP L 124 -3.65 46.04 -8.92
C TRP L 124 -4.33 45.93 -10.27
N PHE L 125 -3.97 46.79 -11.23
CA PHE L 125 -4.51 46.70 -12.57
C PHE L 125 -4.09 45.40 -13.24
N LEU L 126 -2.84 44.99 -13.06
CA LEU L 126 -2.37 43.72 -13.62
C LEU L 126 -3.09 42.54 -13.00
N GLU L 127 -3.30 42.57 -11.67
CA GLU L 127 -4.03 41.50 -11.01
C GLU L 127 -5.48 41.46 -11.48
N TYR L 128 -6.10 42.63 -11.69
CA TYR L 128 -7.45 42.71 -12.20
C TYR L 128 -7.54 42.12 -13.60
N TYR L 129 -6.57 42.44 -14.47
CA TYR L 129 -6.56 41.89 -15.81
C TYR L 129 -6.35 40.38 -15.79
N ARG L 130 -5.49 39.89 -14.91
CA ARG L 130 -5.27 38.45 -14.79
C ARG L 130 -6.51 37.75 -14.26
N SER L 131 -7.27 38.40 -13.38
CA SER L 131 -8.50 37.79 -12.87
C SER L 131 -9.63 37.84 -13.89
N ARG L 132 -9.68 38.86 -14.74
CA ARG L 132 -10.75 38.99 -15.71
C ARG L 132 -10.50 38.22 -17.00
N VAL L 133 -9.32 37.65 -17.18
CA VAL L 133 -8.99 36.84 -18.36
C VAL L 133 -8.55 35.47 -17.86
N GLU L 134 -9.26 34.43 -18.27
CA GLU L 134 -9.01 33.07 -17.82
C GLU L 134 -8.48 32.26 -18.99
N VAL L 135 -7.36 31.55 -18.75
CA VAL L 135 -6.71 30.75 -19.79
C VAL L 135 -6.57 29.32 -19.25
N LEU L 136 -7.12 28.36 -19.98
CA LEU L 136 -6.98 26.95 -19.63
C LEU L 136 -6.33 26.18 -20.76
N MET L 137 -5.65 25.11 -20.38
CA MET L 137 -4.90 24.25 -21.30
C MET L 137 -5.43 22.84 -21.24
N ASP L 138 -5.69 22.25 -22.40
CA ASP L 138 -5.98 20.83 -22.51
C ASP L 138 -4.73 20.17 -23.10
N ASP L 139 -3.96 19.51 -22.23
CA ASP L 139 -2.68 18.92 -22.67
C ASP L 139 -2.91 17.68 -23.51
N ILE L 140 -3.90 16.86 -23.13
CA ILE L 140 -4.21 15.66 -23.92
C ILE L 140 -4.73 16.06 -25.30
N CYS L 141 -5.59 17.06 -25.36
CA CYS L 141 -6.05 17.59 -26.64
C CYS L 141 -5.10 18.65 -27.19
N GLY L 142 -4.25 19.23 -26.35
CA GLY L 142 -3.29 20.22 -26.79
C GLY L 142 -3.90 21.50 -27.32
N LEU L 143 -4.89 22.04 -26.62
CA LEU L 143 -5.58 23.25 -27.07
C LEU L 143 -5.65 24.26 -25.94
N LEU L 144 -5.56 25.55 -26.28
CA LEU L 144 -5.61 26.64 -25.32
C LEU L 144 -6.94 27.35 -25.48
N THR L 145 -7.73 27.39 -24.40
CA THR L 145 -9.00 28.10 -24.40
C THR L 145 -8.89 29.37 -23.57
N VAL L 146 -9.41 30.46 -24.11
CA VAL L 146 -9.33 31.78 -23.50
C VAL L 146 -10.75 32.30 -23.30
N ARG L 147 -11.08 32.67 -22.07
CA ARG L 147 -12.37 33.29 -21.75
C ARG L 147 -12.11 34.67 -21.19
N VAL L 148 -12.56 35.70 -21.89
CA VAL L 148 -12.31 37.09 -21.54
C VAL L 148 -13.63 37.74 -21.15
N GLN L 149 -13.64 38.43 -20.01
CA GLN L 149 -14.83 39.08 -19.49
C GLN L 149 -14.84 40.55 -19.85
N GLY L 150 -16.03 41.08 -20.07
CA GLY L 150 -16.20 42.49 -20.36
C GLY L 150 -17.62 42.91 -20.08
N PHE L 151 -17.78 44.20 -19.80
CA PHE L 151 -19.07 44.76 -19.44
C PHE L 151 -19.93 45.09 -20.64
N GLU L 152 -19.41 44.93 -21.86
CA GLU L 152 -20.17 45.11 -23.08
C GLU L 152 -19.98 43.88 -23.97
N PRO L 153 -21.02 43.48 -24.71
CA PRO L 153 -20.87 42.28 -25.56
C PRO L 153 -19.84 42.42 -26.66
N GLU L 154 -19.70 43.61 -27.24
CA GLU L 154 -18.75 43.79 -28.33
C GLU L 154 -17.32 43.91 -27.83
N PHE L 155 -17.13 44.45 -26.62
CA PHE L 155 -15.78 44.66 -26.12
C PHE L 155 -15.08 43.33 -25.86
N ALA L 156 -15.82 42.35 -25.35
CA ALA L 156 -15.20 41.05 -25.08
C ALA L 156 -14.68 40.41 -26.36
N GLN L 157 -15.47 40.45 -27.43
CA GLN L 157 -15.04 39.91 -28.72
C GLN L 157 -13.87 40.71 -29.29
N ALA L 158 -13.93 42.05 -29.21
CA ALA L 158 -12.85 42.87 -29.73
C ALA L 158 -11.55 42.64 -28.96
N LEU L 159 -11.64 42.53 -27.64
CA LEU L 159 -10.48 42.27 -26.81
C LEU L 159 -9.88 40.89 -27.10
N ASN L 160 -10.75 39.89 -27.29
CA ASN L 160 -10.25 38.55 -27.61
C ASN L 160 -9.53 38.55 -28.96
N ARG L 161 -10.09 39.25 -29.95
CA ARG L 161 -9.41 39.38 -31.23
C ARG L 161 -8.10 40.13 -31.10
N ALA L 162 -8.05 41.13 -30.20
CA ALA L 162 -6.80 41.86 -29.97
C ALA L 162 -5.73 40.96 -29.36
N ILE L 163 -6.10 40.12 -28.40
CA ILE L 163 -5.15 39.17 -27.82
C ILE L 163 -4.68 38.18 -28.88
N LEU L 164 -5.60 37.74 -29.75
CA LEU L 164 -5.22 36.83 -30.83
C LEU L 164 -4.19 37.46 -31.76
N GLU L 165 -4.46 38.68 -32.22
CA GLU L 165 -3.54 39.36 -33.14
C GLU L 165 -2.20 39.63 -32.46
N GLU L 166 -2.22 40.04 -31.20
CA GLU L 166 -0.98 40.34 -30.50
C GLU L 166 -0.17 39.09 -30.23
N SER L 167 -0.83 37.96 -29.96
CA SER L 167 -0.11 36.71 -29.76
C SER L 167 0.51 36.21 -31.06
N GLU L 168 -0.23 36.34 -32.17
CA GLU L 168 0.33 35.96 -33.47
C GLU L 168 1.54 36.81 -33.81
N ARG L 169 1.43 38.13 -33.64
CA ARG L 169 2.58 38.99 -33.92
C ARG L 169 3.70 38.77 -32.92
N PHE L 170 3.37 38.31 -31.70
CA PHE L 170 4.41 38.05 -30.70
C PHE L 170 5.25 36.84 -31.08
N VAL L 171 4.61 35.73 -31.45
CA VAL L 171 5.39 34.56 -31.85
C VAL L 171 6.13 34.84 -33.15
N ASN L 172 5.52 35.62 -34.06
CA ASN L 172 6.19 35.99 -35.30
C ASN L 172 7.44 36.82 -35.03
N GLU L 173 7.33 37.82 -34.16
CA GLU L 173 8.48 38.66 -33.83
C GLU L 173 9.51 37.91 -33.02
N LEU L 174 9.08 36.94 -32.22
CA LEU L 174 10.05 36.11 -31.49
C LEU L 174 10.89 35.28 -32.45
N SER L 175 10.25 34.67 -33.47
CA SER L 175 11.00 33.95 -34.47
C SER L 175 11.90 34.87 -35.28
N HIS L 176 11.41 36.08 -35.58
CA HIS L 176 12.22 37.04 -36.33
C HIS L 176 13.44 37.48 -35.53
N ARG L 177 13.28 37.73 -34.23
CA ARG L 177 14.41 38.08 -33.39
C ARG L 177 15.35 36.91 -33.21
N MET L 178 14.82 35.68 -33.21
CA MET L 178 15.67 34.50 -33.16
C MET L 178 16.55 34.39 -34.41
N ALA L 179 15.99 34.70 -35.58
CA ALA L 179 16.76 34.65 -36.81
C ALA L 179 17.59 35.89 -37.07
N ARG L 180 17.32 37.00 -36.37
CA ARG L 180 18.00 38.26 -36.65
C ARG L 180 19.49 38.21 -36.33
N GLU L 181 19.88 37.50 -35.27
CA GLU L 181 21.30 37.44 -34.91
C GLU L 181 22.12 36.74 -35.99
N GLN L 182 21.64 35.61 -36.51
CA GLN L 182 22.36 34.94 -37.59
C GLN L 182 22.19 35.67 -38.91
N GLY L 183 21.13 36.44 -39.09
CA GLY L 183 21.02 37.28 -40.27
C GLY L 183 22.04 38.40 -40.27
N GLN L 184 22.26 39.03 -39.12
CA GLN L 184 23.18 40.16 -39.02
C GLN L 184 24.62 39.72 -38.81
N PHE L 185 24.86 38.46 -38.44
CA PHE L 185 26.22 37.98 -38.26
C PHE L 185 26.99 37.99 -39.57
N ALA L 186 26.36 37.53 -40.64
CA ALA L 186 27.03 37.46 -41.94
C ALA L 186 26.22 38.18 -43.02
N TYR L 306 33.51 32.39 -51.27
CA TYR L 306 33.14 33.79 -51.08
C TYR L 306 31.75 34.07 -51.65
N LYS L 307 31.55 33.69 -52.93
CA LYS L 307 30.26 33.88 -53.56
C LYS L 307 29.20 32.96 -52.97
N LEU L 308 29.59 31.74 -52.57
CA LEU L 308 28.63 30.83 -51.95
C LEU L 308 28.24 31.30 -50.55
N ALA L 309 29.16 31.95 -49.84
CA ALA L 309 28.82 32.53 -48.54
C ALA L 309 27.79 33.65 -48.69
N LEU L 310 27.97 34.52 -49.69
CA LEU L 310 26.99 35.57 -49.92
C LEU L 310 25.67 35.00 -50.42
N ALA L 311 25.71 33.91 -51.19
CA ALA L 311 24.47 33.25 -51.60
C ALA L 311 23.74 32.67 -50.39
N ALA L 312 24.48 32.09 -49.45
CA ALA L 312 23.87 31.59 -48.21
C ALA L 312 23.30 32.73 -47.39
N VAL L 313 23.99 33.88 -47.36
CA VAL L 313 23.48 35.05 -46.66
C VAL L 313 22.17 35.53 -47.28
N GLU L 314 22.11 35.55 -48.61
CA GLU L 314 20.89 35.94 -49.30
C GLU L 314 19.77 34.94 -49.03
N SER L 315 20.09 33.65 -49.02
CA SER L 315 19.08 32.63 -48.75
C SER L 315 18.64 32.63 -47.29
N ALA L 316 19.44 33.17 -46.38
CA ALA L 316 19.10 33.19 -44.97
C ALA L 316 18.51 34.51 -44.51
N ARG L 317 18.62 35.59 -45.31
CA ARG L 317 18.05 36.87 -44.91
C ARG L 317 16.52 36.84 -44.91
N ILE L 318 15.91 35.93 -45.68
CA ILE L 318 14.45 35.84 -45.71
C ILE L 318 13.87 35.15 -44.50
N GLU L 319 14.71 34.62 -43.61
CA GLU L 319 14.23 34.03 -42.37
C GLU L 319 13.63 35.07 -41.44
N ALA L 320 14.09 36.32 -41.53
CA ALA L 320 13.56 37.40 -40.71
C ALA L 320 12.21 37.91 -41.20
N THR L 321 11.77 37.50 -42.38
CA THR L 321 10.47 37.92 -42.91
C THR L 321 9.54 36.78 -43.24
N ARG L 322 10.02 35.54 -43.29
CA ARG L 322 9.14 34.40 -43.52
C ARG L 322 8.29 34.13 -42.30
N LYS L 323 7.07 33.66 -42.53
CA LYS L 323 6.10 33.45 -41.44
C LYS L 323 6.17 31.97 -41.07
N LEU L 324 7.21 31.62 -40.31
CA LEU L 324 7.49 30.21 -40.03
C LEU L 324 6.44 29.60 -39.11
N LYS L 325 5.99 30.35 -38.11
CA LYS L 325 5.02 29.86 -37.15
C LYS L 325 3.72 30.66 -37.28
N SER L 326 2.60 29.94 -37.34
CA SER L 326 1.31 30.56 -37.54
C SER L 326 0.36 30.14 -36.42
N LEU L 327 -0.52 31.06 -36.03
CA LEU L 327 -1.51 30.80 -35.02
C LEU L 327 -2.77 30.24 -35.69
N VAL L 328 -3.06 28.97 -35.44
CA VAL L 328 -4.25 28.33 -35.97
C VAL L 328 -5.36 28.47 -34.94
N VAL L 329 -6.50 28.99 -35.36
CA VAL L 329 -7.65 29.21 -34.49
C VAL L 329 -8.69 28.14 -34.79
N VAL L 330 -9.12 27.44 -33.75
CA VAL L 330 -10.18 26.45 -33.90
C VAL L 330 -11.55 27.07 -33.68
N GLU L 331 -11.70 27.82 -32.60
CA GLU L 331 -12.95 28.53 -32.31
C GLU L 331 -12.65 30.02 -32.19
N PRO L 332 -13.10 30.84 -33.13
CA PRO L 332 -12.84 32.28 -33.06
C PRO L 332 -13.64 32.94 -31.95
N PRO L 333 -13.31 34.18 -31.58
CA PRO L 333 -14.09 34.86 -30.54
C PRO L 333 -15.55 35.02 -30.93
N VAL L 334 -16.43 34.93 -29.93
CA VAL L 334 -17.86 34.92 -30.14
C VAL L 334 -18.45 36.23 -29.63
N LEU L 335 -19.72 36.45 -29.93
CA LEU L 335 -20.47 37.63 -29.50
C LEU L 335 -21.60 37.18 -28.59
N PRO L 336 -21.39 37.18 -27.28
CA PRO L 336 -22.44 36.73 -26.37
C PRO L 336 -23.52 37.79 -26.19
N GLU L 337 -24.64 37.36 -25.62
CA GLU L 337 -25.74 38.27 -25.34
C GLU L 337 -26.35 38.10 -23.95
N ILE L 338 -25.97 37.07 -23.21
CA ILE L 338 -26.38 36.89 -21.82
C ILE L 338 -25.13 36.70 -20.97
N ALA L 339 -25.06 37.42 -19.85
CA ALA L 339 -23.88 37.38 -19.01
C ALA L 339 -23.79 36.05 -18.27
N GLU L 340 -22.62 35.44 -18.31
CA GLU L 340 -22.37 34.20 -17.58
C GLU L 340 -22.15 34.48 -16.09
N TYR L 341 -21.51 35.60 -15.77
CA TYR L 341 -21.11 35.98 -14.43
C TYR L 341 -21.94 37.17 -13.94
N PRO L 342 -22.15 37.30 -12.62
CA PRO L 342 -21.71 36.44 -11.52
C PRO L 342 -22.63 35.25 -11.27
N ARG L 343 -22.09 34.16 -10.74
CA ARG L 343 -22.89 33.00 -10.36
C ARG L 343 -23.32 33.20 -8.91
N ARG L 344 -24.49 33.82 -8.74
CA ARG L 344 -24.93 34.26 -7.42
C ARG L 344 -25.17 33.10 -6.47
N TRP L 345 -25.78 32.02 -6.96
CA TRP L 345 -26.24 30.95 -6.08
C TRP L 345 -25.08 30.15 -5.49
N TYR L 346 -24.04 29.88 -6.29
CA TYR L 346 -22.92 29.10 -5.80
C TYR L 346 -22.11 29.88 -4.75
N ASN L 347 -21.89 31.18 -5.00
CA ASN L 347 -21.26 32.02 -3.99
C ASN L 347 -22.12 32.13 -2.74
N LEU L 348 -23.44 32.18 -2.91
CA LEU L 348 -24.34 32.20 -1.77
C LEU L 348 -24.17 30.94 -0.92
N ALA L 349 -24.14 29.77 -1.56
CA ALA L 349 -23.97 28.51 -0.84
C ALA L 349 -22.60 28.44 -0.15
N THR L 350 -21.58 28.98 -0.80
CA THR L 350 -20.27 29.08 -0.16
C THR L 350 -20.33 29.94 1.10
N LEU L 351 -21.08 31.05 1.03
CA LEU L 351 -21.29 31.87 2.23
C LEU L 351 -22.05 31.12 3.30
N LEU L 352 -23.00 30.26 2.90
CA LEU L 352 -23.73 29.43 3.88
C LEU L 352 -22.72 28.54 4.61
N VAL L 353 -21.83 27.87 3.87
CA VAL L 353 -20.88 26.94 4.48
C VAL L 353 -19.90 27.67 5.39
N VAL L 354 -19.34 28.78 4.91
CA VAL L 354 -18.35 29.51 5.69
C VAL L 354 -18.98 30.12 6.94
N CYS L 355 -20.16 30.73 6.81
CA CYS L 355 -20.82 31.33 7.96
C CYS L 355 -21.20 30.29 8.99
N CYS L 356 -21.67 29.11 8.55
CA CYS L 356 -21.97 28.04 9.49
C CYS L 356 -20.72 27.59 10.22
N LEU L 357 -19.60 27.48 9.51
CA LEU L 357 -18.35 27.06 10.15
C LEU L 357 -17.89 28.07 11.21
N ILE L 358 -17.91 29.36 10.86
CA ILE L 358 -17.49 30.38 11.82
C ILE L 358 -18.45 30.44 13.00
N TYR L 359 -19.76 30.31 12.76
CA TYR L 359 -20.72 30.32 13.85
C TYR L 359 -20.50 29.15 14.79
N GLY L 360 -20.25 27.95 14.23
CA GLY L 360 -19.99 26.80 15.07
C GLY L 360 -18.74 26.95 15.91
N VAL L 361 -17.65 27.42 15.31
CA VAL L 361 -16.41 27.52 16.07
C VAL L 361 -16.50 28.63 17.12
N VAL L 362 -17.18 29.74 16.82
CA VAL L 362 -17.29 30.79 17.83
C VAL L 362 -18.27 30.38 18.93
N SER L 363 -19.29 29.57 18.60
CA SER L 363 -20.17 29.05 19.63
C SER L 363 -19.42 28.09 20.56
N LEU L 364 -18.54 27.27 19.99
CA LEU L 364 -17.72 26.39 20.81
C LEU L 364 -16.79 27.19 21.71
N VAL L 365 -16.17 28.24 21.17
CA VAL L 365 -15.26 29.07 21.96
C VAL L 365 -16.01 29.76 23.10
N VAL L 366 -17.19 30.31 22.82
CA VAL L 366 -17.96 30.99 23.84
C VAL L 366 -18.45 30.01 24.92
N ALA L 367 -18.93 28.83 24.49
CA ALA L 367 -19.38 27.84 25.46
C ALA L 367 -18.24 27.33 26.32
N THR L 368 -17.03 27.27 25.77
CA THR L 368 -15.87 26.87 26.57
C THR L 368 -15.48 27.97 27.56
N ILE L 369 -15.45 29.22 27.10
CA ILE L 369 -15.04 30.32 27.97
C ILE L 369 -16.13 30.69 28.97
N ARG L 370 -17.34 30.16 28.82
CA ARG L 370 -18.44 30.54 29.68
C ARG L 370 -18.23 30.09 31.13
N ASP L 371 -17.80 28.85 31.34
CA ASP L 371 -17.65 28.36 32.70
C ASP L 371 -16.34 28.78 33.35
N HIS L 372 -15.46 29.46 32.61
CA HIS L 372 -14.22 29.98 33.17
C HIS L 372 -14.55 31.21 34.03
C48 KJ9 M . -17.78 2.26 12.41
C46 KJ9 M . -18.96 2.67 13.17
C45 KJ9 M . -19.50 1.60 13.96
C42 KJ9 M . -20.79 -0.41 13.50
C41 KJ9 M . -19.48 0.27 13.25
C39 KJ9 M . -18.77 -1.74 14.04
C37 KJ9 M . -17.81 -2.58 13.38
C36 KJ9 M . -17.74 -2.35 11.91
O31 KJ9 M . -14.74 -0.78 9.88
C11 KJ9 M . -10.75 -3.54 7.30
C12 KJ9 M . -11.67 -3.61 8.66
C15 KJ9 M . -12.62 -1.37 8.92
C16 KJ9 M . -13.08 -0.55 7.62
C18 KJ9 M . -11.80 1.58 7.55
C20 KJ9 M . -11.78 2.78 6.48
C21 KJ9 M . -10.59 3.81 6.74
C22 KJ9 M . -10.95 5.29 6.33
C23 KJ9 M . -9.80 6.32 6.63
C24 KJ9 M . -8.74 6.38 5.50
C25 KJ9 M . -7.94 7.70 5.59
C26 KJ9 M . -6.55 7.63 4.91
C01 KJ9 M . -10.44 2.85 0.92
C02 KJ9 M . -9.20 3.56 1.47
C03 KJ9 M . -7.96 2.65 1.54
C04 KJ9 M . -8.38 1.15 1.52
C05 KJ9 M . -8.77 0.63 2.92
C06 KJ9 M . -9.73 -0.59 2.80
C07 KJ9 M . -10.29 -0.97 4.19
C08 KJ9 M . -9.77 -2.38 4.62
C09 KJ9 M . -10.92 -3.40 4.69
C10 KJ9 M . -11.66 -3.26 6.06
C27 KJ9 M . -5.50 8.52 5.62
C28 KJ9 M . -4.93 9.60 4.68
C29 KJ9 M . -4.43 10.84 5.44
C30 KJ9 M . -13.38 -0.91 10.22
C50 KJ9 M . -18.12 1.15 11.43
C51 KJ9 M . -18.36 1.79 9.97
C52 KJ9 M . -17.54 3.04 9.73
O13 KJ9 M . -11.37 -4.33 9.56
O14 KJ9 M . -12.86 -2.80 8.70
O17 KJ9 M . -11.91 0.17 7.09
O19 KJ9 M . -11.71 1.81 8.70
O33 KJ9 M . -16.76 -2.18 9.12
O34 KJ9 M . -14.97 -3.31 10.40
O35 KJ9 M . -16.55 -1.68 11.63
O38 KJ9 M . -18.16 -3.92 13.61
O40 KJ9 M . -18.50 -0.41 13.73
O43 KJ9 M . -21.36 -1.06 12.57
O44 KJ9 M . -21.35 -0.33 14.63
O47 KJ9 M . -19.96 3.15 12.28
O49 KJ9 M . -16.82 1.79 13.29
O53 KJ9 M . -16.98 2.95 8.43
O54 KJ9 M . -19.69 2.13 9.87
OA0 KJ9 M . -19.28 0.40 11.80
P32 KJ9 M . -15.76 -2.03 10.24
#